data_7TCA
#
_entry.id   7TCA
#
_cell.length_a   1.00
_cell.length_b   1.00
_cell.length_c   1.00
_cell.angle_alpha   90.00
_cell.angle_beta   90.00
_cell.angle_gamma   90.00
#
_symmetry.space_group_name_H-M   'P 1'
#
loop_
_entity.id
_entity.type
_entity.pdbx_description
1 polymer 'Spike glycoprotein'
2 polymer 'Heavy chain of antibody A19-46.1'
3 polymer 'Light chain of antibody A19-46.1'
4 branched 2-acetamido-2-deoxy-beta-D-glucopyranose-(1-4)-2-acetamido-2-deoxy-beta-D-glucopyranose
5 non-polymer 2-acetamido-2-deoxy-beta-D-glucopyranose
#
loop_
_entity_poly.entity_id
_entity_poly.type
_entity_poly.pdbx_seq_one_letter_code
_entity_poly.pdbx_strand_id
1 'polypeptide(L)'
;QCVNLTTRTQLPPAYTNSFTRGVYYPDKVFRSSVLHSTQDLFLPFFSNVTWFHVISGTNGTKRFDNPVLPFNDGVYFASI
EKSNIIRGWIFGTTLDSKTQSLLIVNNATNVVIKVCEFQFCNDPFLDHKNNKSWMESEFRVYSSANNCTFEYVSQPFLMD
LEGKQGNFKNLREFVFKNIDGYFKIYSKHTPIIVREPEDLPQGFSALEPLVDLPIGINITRFQTLLALHRSYLTPGDSSS
GWTAGAAAYYVGYLQPRTFLLKYNENGTITDAVDCALDPLSETKCTLKSFTVEKGIYQTSNFRVQPTESIVRFPNITNLC
PFDEVFNATRFASVYAWNRKRISNCVADYSVLYNLAPFFTFKCYGVSPTKLNDLCFTNVYADSFVIRGDEVRQIAPGQTG
NIADYNYKLPDDFTGCVIAWNSNKLDSKVSGNYNYLYRLFRKSNLKPFERDISTEIYQAGNKPCNGVAGFNCYFPLRSYS
FRPTYGVGHQPYRVVVLSFELLHAPATVCGPKKSTNLVKNKCVNFNFNGLKGTGVLTESNKKFLPFQQFGRDIADTTDAV
RDPQTLEILDITPCSFGGVSVITPGTNTSNQVAVLYQGVNCTEVPVAIHADQLTPTWRVYSTGSNVFQTRAGCLIGAEYV
NNSYECDIPIGAGICASYQTQTKSHGSASSVASQSIIAYTMSLGAENSVAYSNNSIAIPTNFTISVTTEILPVSMTKTSV
DCTMYICGDSTECSNLLLQYGSFCTQLKRALTGIAVEQDKNTQEVFAQVKQIYKTPPIKYFGGFNFSQILPDPSKPSKRS
FIEDLLFNKVTLADAGFIKQYGDCLGDIAARDLICAQKFKGLTVLPPLLTDEMIAQYTSALLAGTITSGWTFGAGAALQI
PFAMQMAYRFNGIGVTQNVLYENQKLIANQFNSAIGKIQDSLSSTASALGKLQDVVNHNAQALNTLVKQLSSKFGAISSV
LNDIFSRLDPPEAEVQIDRLITGRLQSLQTYVTQQLIRAAEIRASANLAATKMSECVLGQSKRVDFCGKGYHLMSFPQSA
PHGVVFLHVTYVPAQEKNFTTAPAICHDGKAHFPREGVFVSNGTHWFVTQRNFYEPQIITTDNTFVSGNCDVVIGIVNNT
VYDPLQPELDSFKEELDKYFKNHTSPDVDLGDISGINASVVNIQKEIDRLNEVAKNLNESLIDLQELGKYEQGSGYIPEA
PRDGQAYVRKDGEWVLLSTFLGRSLEVLFQGPGHHHHHHHHSAWSHPQFEKGGGSGGGGSGGSAWSHPQFEK
;
A,B,C
2 'polypeptide(L)'
;QVQLVESGGGVVQPGRSLRLSCAASGFTLSSYGMHWVRQAPGKGLEWVAVISYDGSNKYYVDSVKGRFTISRDNSKNTLY
LQMNSLRAEDTAVYYCARGWAYWELLPDYYYGMDVWGQGTTVTVSSASTKGPSVFPLAPSSKSTSGGTAALGCLVKDYFP
EPVTVSWNSGALTSGVHTFPAVLQSSGLYSLSSVVTVPSSSLGTQTYICNVNHKPSNTKVDKKVEPKSCDK
;
D,H
3 'polypeptide(L)'
;QTVVTQEPSFSVSPGGTVTLTCGLSSGSVSTAYFPSWYQQTPGQAPRTLIYGTNTRSSGVPDRFSGSILGNKAALTITGA
QADDESDYYCVLYMGRGIVVFGGGTKLTVLGQPKAAPSVTLFPPSSEELQANKATLVCLISDFYPGAVTVAWKADSSPVK
AGVETTTPSKQSNNKYAASSYLSLTPEQWKSHRSYSCQVTHEGSTVEKTVAPTECS
;
E,L
#
loop_
_chem_comp.id
_chem_comp.type
_chem_comp.name
_chem_comp.formula
NAG D-saccharide, beta linking 2-acetamido-2-deoxy-beta-D-glucopyranose 'C8 H15 N O6'
#
# COMPACT_ATOMS: atom_id res chain seq x y z
N GLN A 1 21.51 -59.55 -6.95
CA GLN A 1 22.18 -58.50 -7.71
C GLN A 1 21.18 -57.96 -8.73
N CYS A 2 21.52 -58.00 -10.02
CA CYS A 2 20.59 -57.67 -11.08
C CYS A 2 21.08 -58.31 -12.37
N VAL A 3 20.13 -58.78 -13.18
CA VAL A 3 20.44 -59.50 -14.41
C VAL A 3 19.69 -58.81 -15.55
N ASN A 4 20.37 -58.69 -16.70
CA ASN A 4 19.75 -58.07 -17.87
C ASN A 4 18.76 -59.03 -18.53
N LEU A 5 17.56 -58.54 -18.79
CA LEU A 5 16.52 -59.34 -19.42
C LEU A 5 16.83 -59.57 -20.89
N THR A 6 16.45 -60.74 -21.40
CA THR A 6 16.64 -61.06 -22.81
C THR A 6 15.34 -61.59 -23.41
N THR A 7 15.41 -62.04 -24.67
CA THR A 7 14.23 -62.47 -25.43
C THR A 7 13.21 -61.34 -25.53
N ARG A 8 13.62 -60.28 -26.22
CA ARG A 8 12.76 -59.12 -26.40
C ARG A 8 11.55 -59.47 -27.25
N THR A 9 10.41 -58.88 -26.92
CA THR A 9 9.14 -59.21 -27.55
C THR A 9 8.39 -57.93 -27.91
N GLN A 10 7.81 -57.90 -29.10
CA GLN A 10 7.07 -56.73 -29.59
C GLN A 10 5.67 -57.16 -29.99
N LEU A 11 4.67 -56.53 -29.38
CA LEU A 11 3.27 -56.70 -29.70
C LEU A 11 2.63 -55.34 -29.88
N PRO A 12 1.53 -55.24 -30.62
CA PRO A 12 0.89 -53.95 -30.82
C PRO A 12 0.37 -53.37 -29.51
N PRO A 13 0.66 -52.11 -29.23
CA PRO A 13 0.10 -51.46 -28.04
C PRO A 13 -1.35 -51.09 -28.24
N ALA A 14 -2.26 -52.03 -27.97
CA ALA A 14 -3.67 -51.84 -28.23
C ALA A 14 -4.21 -50.60 -27.52
N TYR A 15 -5.36 -50.11 -27.99
CA TYR A 15 -5.97 -48.91 -27.47
C TYR A 15 -7.40 -49.18 -27.05
N THR A 16 -7.87 -48.42 -26.07
CA THR A 16 -9.26 -48.49 -25.64
C THR A 16 -9.67 -47.12 -25.11
N ASN A 17 -10.98 -46.93 -24.99
CA ASN A 17 -11.55 -45.62 -24.70
C ASN A 17 -11.98 -45.54 -23.23
N SER A 18 -11.48 -44.54 -22.52
CA SER A 18 -11.90 -44.30 -21.15
C SER A 18 -13.31 -43.74 -21.13
N PHE A 19 -14.08 -44.08 -20.09
CA PHE A 19 -15.47 -43.66 -19.94
C PHE A 19 -15.65 -43.00 -18.59
N THR A 20 -15.36 -41.71 -18.52
CA THR A 20 -15.56 -40.88 -17.33
C THR A 20 -14.94 -41.54 -16.09
N ARG A 21 -13.62 -41.70 -16.13
CA ARG A 21 -12.89 -42.29 -15.02
C ARG A 21 -11.73 -41.38 -14.64
N GLY A 22 -11.27 -41.54 -13.40
CA GLY A 22 -10.13 -40.78 -12.92
C GLY A 22 -10.47 -39.39 -12.43
N VAL A 23 -11.36 -39.30 -11.45
CA VAL A 23 -11.71 -38.04 -10.81
C VAL A 23 -11.32 -38.13 -9.34
N TYR A 24 -10.53 -37.18 -8.87
CA TYR A 24 -10.01 -37.18 -7.51
C TYR A 24 -10.26 -35.83 -6.85
N TYR A 25 -10.43 -35.85 -5.53
CA TYR A 25 -10.66 -34.64 -4.76
C TYR A 25 -9.50 -33.68 -4.92
N PRO A 26 -9.71 -32.52 -5.55
CA PRO A 26 -8.58 -31.61 -5.79
C PRO A 26 -8.04 -31.00 -4.51
N ASP A 27 -8.92 -30.58 -3.61
CA ASP A 27 -8.53 -29.85 -2.42
C ASP A 27 -9.02 -30.58 -1.17
N LYS A 28 -8.26 -30.43 -0.09
CA LYS A 28 -8.57 -31.10 1.17
C LYS A 28 -9.54 -30.26 2.00
N VAL A 29 -10.70 -29.99 1.41
CA VAL A 29 -11.75 -29.22 2.06
C VAL A 29 -13.08 -29.96 1.89
N PHE A 30 -14.03 -29.61 2.74
CA PHE A 30 -15.34 -30.24 2.77
C PHE A 30 -16.39 -29.27 2.24
N ARG A 31 -17.23 -29.77 1.34
CA ARG A 31 -18.39 -29.05 0.86
C ARG A 31 -19.59 -29.98 0.84
N SER A 32 -20.77 -29.42 0.60
CA SER A 32 -21.99 -30.21 0.58
C SER A 32 -23.07 -29.44 -0.16
N SER A 33 -23.78 -30.14 -1.05
CA SER A 33 -24.92 -29.58 -1.79
C SER A 33 -24.53 -28.31 -2.55
N VAL A 34 -23.35 -28.33 -3.16
CA VAL A 34 -22.86 -27.20 -3.95
C VAL A 34 -22.20 -27.75 -5.21
N LEU A 35 -22.43 -27.05 -6.33
CA LEU A 35 -21.82 -27.43 -7.61
C LEU A 35 -20.59 -26.55 -7.82
N HIS A 36 -19.49 -26.98 -7.22
CA HIS A 36 -18.24 -26.23 -7.29
C HIS A 36 -17.57 -26.42 -8.65
N SER A 37 -16.82 -25.40 -9.07
CA SER A 37 -16.07 -25.44 -10.32
C SER A 37 -14.58 -25.33 -10.01
N THR A 38 -13.78 -26.13 -10.70
CA THR A 38 -12.35 -26.19 -10.47
C THR A 38 -11.60 -26.14 -11.79
N GLN A 39 -10.27 -26.08 -11.70
CA GLN A 39 -9.40 -26.12 -12.86
C GLN A 39 -8.05 -26.65 -12.41
N ASP A 40 -7.70 -27.85 -12.84
CA ASP A 40 -6.48 -28.51 -12.39
C ASP A 40 -6.13 -29.60 -13.39
N LEU A 41 -5.16 -30.45 -13.03
CA LEU A 41 -4.78 -31.58 -13.87
C LEU A 41 -5.82 -32.69 -13.72
N PHE A 42 -6.29 -33.20 -14.86
CA PHE A 42 -7.32 -34.23 -14.86
C PHE A 42 -7.05 -35.17 -16.05
N LEU A 43 -7.94 -36.15 -16.20
CA LEU A 43 -7.93 -37.03 -17.36
C LEU A 43 -9.11 -36.68 -18.25
N PRO A 44 -8.88 -36.26 -19.50
CA PRO A 44 -10.00 -35.88 -20.36
C PRO A 44 -10.93 -37.05 -20.60
N PHE A 45 -12.23 -36.75 -20.65
CA PHE A 45 -13.23 -37.78 -20.91
C PHE A 45 -13.06 -38.36 -22.31
N PHE A 46 -13.37 -39.65 -22.43
CA PHE A 46 -13.30 -40.37 -23.71
C PHE A 46 -11.90 -40.28 -24.32
N SER A 47 -10.89 -40.29 -23.47
CA SER A 47 -9.51 -40.29 -23.93
C SER A 47 -9.11 -41.68 -24.41
N ASN A 48 -8.14 -41.70 -25.31
CA ASN A 48 -7.64 -42.94 -25.90
C ASN A 48 -6.39 -43.36 -25.12
N VAL A 49 -6.53 -44.42 -24.33
CA VAL A 49 -5.45 -44.87 -23.45
C VAL A 49 -4.76 -46.08 -24.08
N THR A 50 -3.54 -46.33 -23.64
CA THR A 50 -2.67 -47.34 -24.24
C THR A 50 -2.79 -48.63 -23.43
N TRP A 51 -3.55 -49.58 -23.96
CA TRP A 51 -3.79 -50.85 -23.27
C TRP A 51 -2.52 -51.70 -23.27
N PHE A 52 -2.27 -52.36 -22.14
CA PHE A 52 -1.26 -53.40 -22.03
C PHE A 52 -1.87 -54.60 -21.32
N HIS A 53 -1.34 -55.79 -21.64
CA HIS A 53 -1.87 -57.02 -21.06
C HIS A 53 -0.81 -58.11 -21.15
N VAL A 54 -0.83 -59.02 -20.18
CA VAL A 54 0.16 -60.07 -20.07
C VAL A 54 -0.33 -61.29 -20.85
N ILE A 55 0.45 -61.72 -21.83
CA ILE A 55 0.16 -62.90 -22.64
C ILE A 55 1.41 -63.77 -22.70
N SER A 56 1.35 -64.81 -23.53
CA SER A 56 2.43 -65.78 -23.69
C SER A 56 2.75 -66.45 -22.35
N GLY A 57 1.77 -67.16 -21.82
CA GLY A 57 1.92 -67.82 -20.54
C GLY A 57 2.93 -68.95 -20.59
N THR A 58 3.21 -69.49 -19.41
CA THR A 58 4.24 -70.52 -19.20
C THR A 58 5.55 -69.96 -19.72
N ASN A 59 6.18 -70.56 -20.73
CA ASN A 59 7.46 -70.07 -21.25
C ASN A 59 7.46 -70.08 -22.77
N GLY A 60 6.38 -69.60 -23.38
CA GLY A 60 6.34 -69.49 -24.83
C GLY A 60 7.28 -68.41 -25.33
N THR A 61 6.94 -67.15 -25.06
CA THR A 61 7.81 -66.03 -25.36
C THR A 61 7.87 -65.10 -24.15
N LYS A 62 6.81 -65.16 -23.34
CA LYS A 62 6.70 -64.54 -22.02
C LYS A 62 6.54 -63.02 -22.08
N ARG A 63 6.76 -62.42 -23.26
CA ARG A 63 6.54 -60.99 -23.48
C ARG A 63 7.46 -60.11 -22.63
N PHE A 64 7.73 -58.90 -23.11
CA PHE A 64 8.29 -57.83 -22.27
C PHE A 64 7.13 -56.93 -21.84
N ASP A 65 6.40 -57.41 -20.83
CA ASP A 65 5.18 -56.74 -20.38
C ASP A 65 5.45 -55.43 -19.67
N ASN A 66 6.71 -55.10 -19.36
CA ASN A 66 7.05 -53.91 -18.60
C ASN A 66 8.07 -53.07 -19.38
N PRO A 67 7.63 -52.37 -20.41
CA PRO A 67 8.53 -51.47 -21.15
C PRO A 67 8.74 -50.17 -20.38
N VAL A 68 9.56 -49.31 -20.95
CA VAL A 68 9.79 -47.98 -20.40
C VAL A 68 8.76 -47.03 -21.01
N LEU A 69 8.00 -46.35 -20.16
CA LEU A 69 6.93 -45.47 -20.60
C LEU A 69 7.19 -44.05 -20.17
N PRO A 70 6.83 -43.06 -20.97
CA PRO A 70 7.10 -41.66 -20.63
C PRO A 70 6.17 -41.15 -19.54
N PHE A 71 6.59 -40.04 -18.93
CA PHE A 71 5.85 -39.41 -17.84
C PHE A 71 5.91 -37.90 -18.06
N ASN A 72 4.78 -37.29 -18.39
CA ASN A 72 4.73 -35.84 -18.58
C ASN A 72 4.31 -35.12 -17.32
N ASP A 73 3.06 -35.35 -16.87
CA ASP A 73 2.58 -34.73 -15.64
C ASP A 73 1.71 -35.64 -14.78
N GLY A 74 1.41 -36.87 -15.22
CA GLY A 74 0.56 -37.74 -14.45
C GLY A 74 0.11 -38.98 -15.18
N VAL A 75 -0.34 -39.99 -14.43
CA VAL A 75 -0.77 -41.26 -14.99
C VAL A 75 -2.11 -41.63 -14.35
N TYR A 76 -2.86 -42.48 -15.05
CA TYR A 76 -4.09 -43.06 -14.50
C TYR A 76 -3.91 -44.57 -14.43
N PHE A 77 -2.79 -45.00 -13.87
CA PHE A 77 -2.48 -46.42 -13.73
C PHE A 77 -3.65 -47.18 -13.12
N ALA A 78 -4.04 -48.27 -13.77
CA ALA A 78 -5.10 -49.14 -13.30
C ALA A 78 -4.60 -50.58 -13.30
N SER A 79 -5.43 -51.49 -12.79
CA SER A 79 -5.05 -52.89 -12.73
C SER A 79 -6.29 -53.73 -12.48
N ILE A 80 -6.38 -54.86 -13.18
CA ILE A 80 -7.44 -55.83 -13.00
C ILE A 80 -6.82 -57.22 -13.04
N GLU A 81 -6.92 -57.96 -11.93
CA GLU A 81 -6.30 -59.27 -11.83
C GLU A 81 -6.92 -60.03 -10.66
N LYS A 82 -6.31 -61.16 -10.30
CA LYS A 82 -6.73 -61.92 -9.13
C LYS A 82 -5.54 -62.29 -8.23
N SER A 83 -4.38 -62.48 -8.84
CA SER A 83 -3.23 -63.05 -8.15
C SER A 83 -2.27 -62.01 -7.59
N ASN A 84 -2.60 -60.72 -7.71
CA ASN A 84 -1.84 -59.64 -7.06
C ASN A 84 -0.38 -59.65 -7.52
N ILE A 85 -0.21 -59.39 -8.82
CA ILE A 85 1.10 -59.45 -9.46
C ILE A 85 1.69 -58.07 -9.69
N ILE A 86 0.85 -57.08 -10.02
CA ILE A 86 1.36 -55.74 -10.32
C ILE A 86 1.93 -55.11 -9.06
N ARG A 87 3.15 -54.59 -9.17
CA ARG A 87 3.84 -53.93 -8.07
C ARG A 87 4.96 -53.09 -8.66
N GLY A 88 5.76 -52.48 -7.78
CA GLY A 88 7.00 -51.87 -8.18
C GLY A 88 6.91 -50.73 -9.17
N TRP A 89 6.38 -49.59 -8.74
CA TRP A 89 6.34 -48.39 -9.58
C TRP A 89 7.66 -47.66 -9.44
N ILE A 90 8.66 -48.11 -10.19
CA ILE A 90 9.97 -47.47 -10.23
C ILE A 90 9.91 -46.37 -11.27
N PHE A 91 9.89 -45.12 -10.81
CA PHE A 91 9.78 -43.97 -11.70
C PHE A 91 10.32 -42.75 -10.98
N GLY A 92 10.07 -41.57 -11.54
CA GLY A 92 10.42 -40.32 -10.91
C GLY A 92 11.80 -39.79 -11.23
N THR A 93 12.61 -40.53 -11.98
CA THR A 93 13.98 -40.13 -12.26
C THR A 93 14.27 -40.24 -13.75
N THR A 94 15.52 -39.99 -14.10
CA THR A 94 16.03 -40.25 -15.44
C THR A 94 16.59 -41.67 -15.56
N LEU A 95 16.50 -42.46 -14.49
CA LEU A 95 16.94 -43.84 -14.42
C LEU A 95 18.45 -43.99 -14.61
N ASP A 96 19.21 -42.91 -14.49
CA ASP A 96 20.65 -42.93 -14.61
C ASP A 96 21.35 -42.86 -13.25
N SER A 97 20.59 -43.00 -12.16
CA SER A 97 21.10 -42.82 -10.80
C SER A 97 21.71 -41.43 -10.61
N LYS A 98 21.25 -40.47 -11.42
CA LYS A 98 21.78 -39.11 -11.33
C LYS A 98 21.36 -38.43 -10.04
N THR A 99 20.11 -38.66 -9.60
CA THR A 99 19.55 -37.96 -8.46
C THR A 99 18.78 -38.99 -7.62
N GLN A 100 18.09 -38.52 -6.58
CA GLN A 100 17.34 -39.39 -5.69
C GLN A 100 16.29 -40.19 -6.47
N SER A 101 16.20 -41.48 -6.17
CA SER A 101 15.34 -42.39 -6.91
C SER A 101 14.27 -42.99 -6.01
N LEU A 102 13.10 -43.24 -6.59
CA LEU A 102 11.94 -43.72 -5.86
C LEU A 102 11.51 -45.09 -6.36
N LEU A 103 10.92 -45.87 -5.46
CA LEU A 103 10.25 -47.12 -5.82
C LEU A 103 9.23 -47.44 -4.75
N ILE A 104 8.25 -48.27 -5.11
CA ILE A 104 7.20 -48.71 -4.20
C ILE A 104 7.07 -50.22 -4.38
N VAL A 105 7.72 -50.97 -3.49
CA VAL A 105 7.60 -52.43 -3.45
C VAL A 105 6.91 -52.79 -2.14
N ASN A 106 5.73 -53.39 -2.24
CA ASN A 106 4.92 -53.63 -1.05
C ASN A 106 4.41 -55.06 -0.96
N ASN A 107 3.50 -55.30 -0.01
CA ASN A 107 3.00 -56.64 0.31
C ASN A 107 4.14 -57.57 0.70
N ALA A 108 5.22 -57.00 1.22
CA ALA A 108 6.31 -57.75 1.84
C ALA A 108 5.92 -58.10 3.27
N THR A 109 6.90 -58.47 4.09
CA THR A 109 6.68 -58.59 5.53
C THR A 109 5.76 -57.49 6.05
N ASN A 110 6.02 -56.26 5.62
CA ASN A 110 5.07 -55.17 5.75
C ASN A 110 5.19 -54.27 4.51
N VAL A 111 4.14 -53.51 4.24
CA VAL A 111 4.20 -52.57 3.12
C VAL A 111 5.28 -51.54 3.39
N VAL A 112 6.25 -51.44 2.49
CA VAL A 112 7.42 -50.59 2.68
C VAL A 112 7.64 -49.78 1.41
N ILE A 113 8.29 -48.63 1.57
CA ILE A 113 8.62 -47.74 0.47
C ILE A 113 10.09 -47.37 0.62
N LYS A 114 10.95 -48.01 -0.16
CA LYS A 114 12.39 -47.78 -0.13
C LYS A 114 12.73 -46.70 -1.14
N VAL A 115 13.37 -45.62 -0.68
CA VAL A 115 13.66 -44.46 -1.52
C VAL A 115 15.12 -44.10 -1.29
N CYS A 116 15.98 -44.36 -2.27
CA CYS A 116 17.42 -44.19 -2.10
C CYS A 116 18.06 -43.72 -3.41
N GLU A 117 19.36 -43.42 -3.32
CA GLU A 117 20.16 -43.00 -4.47
C GLU A 117 20.86 -44.17 -5.14
N PHE A 118 20.27 -45.36 -5.09
CA PHE A 118 20.94 -46.58 -5.55
C PHE A 118 21.31 -46.48 -7.03
N GLN A 119 22.45 -47.07 -7.37
CA GLN A 119 22.82 -47.19 -8.78
C GLN A 119 21.86 -48.14 -9.47
N PHE A 120 21.39 -47.74 -10.65
CA PHE A 120 20.34 -48.47 -11.32
C PHE A 120 20.85 -49.78 -11.89
N CYS A 121 19.91 -50.59 -12.38
CA CYS A 121 20.22 -51.76 -13.20
C CYS A 121 19.35 -51.73 -14.43
N ASN A 122 19.87 -52.29 -15.53
CA ASN A 122 19.28 -52.06 -16.85
C ASN A 122 17.85 -52.57 -16.93
N ASP A 123 17.61 -53.79 -16.42
CA ASP A 123 16.31 -54.42 -16.55
C ASP A 123 15.78 -54.80 -15.17
N PRO A 124 14.70 -54.20 -14.70
CA PRO A 124 14.16 -54.54 -13.37
C PRO A 124 13.12 -55.64 -13.43
N PHE A 125 13.21 -56.57 -12.47
CA PHE A 125 12.24 -57.64 -12.33
C PHE A 125 12.43 -58.27 -10.95
N LEU A 126 11.33 -58.43 -10.22
CA LEU A 126 11.37 -58.83 -8.82
C LEU A 126 11.16 -60.33 -8.72
N ASP A 127 12.14 -61.03 -8.13
CA ASP A 127 12.07 -62.47 -8.01
C ASP A 127 10.99 -62.87 -7.02
N HIS A 128 10.13 -63.81 -7.43
CA HIS A 128 9.07 -64.36 -6.57
C HIS A 128 9.02 -65.86 -6.85
N LYS A 129 9.77 -66.63 -6.06
CA LYS A 129 9.86 -68.07 -6.28
C LYS A 129 8.55 -68.76 -5.94
N ASN A 130 8.34 -69.94 -6.53
CA ASN A 130 7.14 -70.75 -6.29
C ASN A 130 7.35 -71.62 -5.05
N ASN A 131 7.64 -70.96 -3.94
CA ASN A 131 7.89 -71.62 -2.67
C ASN A 131 6.66 -71.47 -1.76
N LYS A 132 6.80 -71.95 -0.52
CA LYS A 132 5.74 -71.76 0.46
C LYS A 132 5.50 -70.29 0.75
N SER A 133 6.59 -69.54 0.97
CA SER A 133 6.53 -68.10 1.14
C SER A 133 7.28 -67.45 -0.01
N TRP A 134 6.61 -66.55 -0.73
CA TRP A 134 7.21 -65.91 -1.89
C TRP A 134 8.18 -64.84 -1.41
N MET A 135 9.46 -65.20 -1.35
CA MET A 135 10.50 -64.31 -0.85
C MET A 135 11.07 -63.50 -1.99
N GLU A 136 11.08 -62.17 -1.82
CA GLU A 136 11.65 -61.25 -2.79
C GLU A 136 13.19 -61.27 -2.68
N SER A 137 13.75 -62.41 -3.08
CA SER A 137 15.18 -62.65 -2.87
C SER A 137 16.04 -61.72 -3.73
N GLU A 138 15.67 -61.52 -4.99
CA GLU A 138 16.49 -60.79 -5.94
C GLU A 138 15.85 -59.44 -6.24
N PHE A 139 16.51 -58.37 -5.79
CA PHE A 139 16.11 -57.00 -6.13
C PHE A 139 16.84 -56.58 -7.41
N ARG A 140 16.41 -57.16 -8.53
CA ARG A 140 17.09 -56.95 -9.81
C ARG A 140 16.92 -55.52 -10.35
N VAL A 141 16.24 -54.63 -9.62
CA VAL A 141 16.11 -53.25 -10.08
C VAL A 141 17.39 -52.46 -9.79
N TYR A 142 18.07 -52.75 -8.68
CA TYR A 142 19.31 -52.10 -8.35
C TYR A 142 20.33 -53.12 -7.85
N SER A 143 21.60 -52.72 -7.84
CA SER A 143 22.67 -53.55 -7.32
C SER A 143 23.51 -52.81 -6.28
N SER A 144 22.97 -51.77 -5.67
CA SER A 144 23.71 -50.98 -4.69
C SER A 144 22.73 -50.23 -3.81
N ALA A 145 23.27 -49.63 -2.75
CA ALA A 145 22.52 -48.77 -1.84
C ALA A 145 23.37 -47.55 -1.47
N ASN A 146 23.95 -46.92 -2.50
CA ASN A 146 25.00 -45.91 -2.28
C ASN A 146 24.58 -44.83 -1.30
N ASN A 147 23.40 -44.23 -1.52
CA ASN A 147 22.90 -43.21 -0.61
C ASN A 147 21.40 -43.32 -0.51
N CYS A 148 20.86 -42.85 0.61
CA CYS A 148 19.42 -42.86 0.86
C CYS A 148 19.01 -41.52 1.44
N THR A 149 17.78 -41.12 1.14
CA THR A 149 17.22 -39.88 1.66
C THR A 149 16.04 -40.09 2.61
N PHE A 150 15.16 -41.04 2.31
CA PHE A 150 13.97 -41.26 3.10
C PHE A 150 13.62 -42.74 3.12
N GLU A 151 12.91 -43.15 4.18
CA GLU A 151 12.39 -44.50 4.28
C GLU A 151 10.98 -44.44 4.86
N TYR A 152 10.09 -45.27 4.33
CA TYR A 152 8.70 -45.31 4.78
C TYR A 152 8.27 -46.74 5.00
N VAL A 153 7.58 -46.98 6.11
CA VAL A 153 6.92 -48.24 6.39
C VAL A 153 5.47 -47.94 6.80
N SER A 154 4.51 -48.53 6.09
CA SER A 154 3.10 -48.34 6.37
C SER A 154 2.43 -49.70 6.46
N GLN A 155 1.50 -49.84 7.39
CA GLN A 155 0.78 -51.10 7.50
C GLN A 155 -0.25 -51.21 6.38
N PRO A 156 -1.23 -50.30 6.26
CA PRO A 156 -2.25 -50.47 5.22
C PRO A 156 -1.88 -49.84 3.89
N PHE A 157 -1.73 -50.66 2.84
CA PHE A 157 -1.61 -50.17 1.47
C PHE A 157 -1.73 -51.33 0.48
N LEU A 158 -2.53 -51.14 -0.57
CA LEU A 158 -2.78 -52.18 -1.58
C LEU A 158 -3.34 -53.45 -0.94
N MET A 159 -4.16 -53.27 0.10
CA MET A 159 -4.81 -54.41 0.75
C MET A 159 -5.85 -55.01 -0.18
N ASP A 160 -5.69 -56.29 -0.48
CA ASP A 160 -6.60 -57.04 -1.36
C ASP A 160 -7.67 -57.77 -0.56
N LEU A 161 -8.34 -57.06 0.34
CA LEU A 161 -9.35 -57.68 1.21
C LEU A 161 -10.65 -57.79 0.42
N GLU A 162 -10.97 -59.01 0.00
CA GLU A 162 -12.16 -59.29 -0.79
C GLU A 162 -12.64 -60.69 -0.45
N GLY A 163 -13.76 -61.08 -1.08
CA GLY A 163 -14.27 -62.42 -0.90
C GLY A 163 -13.50 -63.45 -1.72
N LYS A 164 -13.82 -64.71 -1.47
CA LYS A 164 -13.17 -65.83 -2.15
C LYS A 164 -14.05 -66.28 -3.31
N GLN A 165 -13.73 -65.78 -4.51
CA GLN A 165 -14.47 -66.13 -5.71
C GLN A 165 -13.53 -66.03 -6.91
N GLY A 166 -13.90 -66.70 -8.00
CA GLY A 166 -13.06 -66.78 -9.17
C GLY A 166 -13.08 -65.58 -10.09
N ASN A 167 -13.85 -64.54 -9.76
CA ASN A 167 -13.87 -63.33 -10.57
C ASN A 167 -12.63 -62.48 -10.28
N PHE A 168 -12.48 -61.39 -11.02
CA PHE A 168 -11.37 -60.48 -10.83
C PHE A 168 -11.54 -59.76 -9.50
N LYS A 169 -10.76 -60.16 -8.50
CA LYS A 169 -10.95 -59.74 -7.11
C LYS A 169 -10.41 -58.35 -6.82
N ASN A 170 -10.09 -57.55 -7.82
CA ASN A 170 -9.60 -56.21 -7.55
C ASN A 170 -9.86 -55.31 -8.75
N LEU A 171 -9.92 -54.01 -8.48
CA LEU A 171 -9.93 -52.98 -9.52
C LEU A 171 -9.20 -51.77 -8.94
N ARG A 172 -7.92 -51.68 -9.21
CA ARG A 172 -7.09 -50.62 -8.67
C ARG A 172 -7.11 -49.42 -9.60
N GLU A 173 -7.19 -48.22 -9.01
CA GLU A 173 -7.23 -46.97 -9.77
C GLU A 173 -6.36 -45.97 -9.03
N PHE A 174 -5.12 -45.81 -9.48
CA PHE A 174 -4.18 -44.90 -8.86
C PHE A 174 -4.02 -43.65 -9.72
N VAL A 175 -3.52 -42.59 -9.10
CA VAL A 175 -3.23 -41.33 -9.78
C VAL A 175 -1.91 -40.81 -9.21
N PHE A 176 -0.87 -40.79 -10.04
CA PHE A 176 0.45 -40.32 -9.63
C PHE A 176 0.67 -38.93 -10.21
N LYS A 177 1.00 -37.97 -9.35
CA LYS A 177 1.28 -36.62 -9.78
C LYS A 177 2.31 -36.00 -8.84
N ASN A 178 3.02 -34.99 -9.36
CA ASN A 178 4.02 -34.27 -8.60
C ASN A 178 3.66 -32.79 -8.61
N ILE A 179 3.11 -32.31 -7.49
CA ILE A 179 2.75 -30.90 -7.34
C ILE A 179 4.04 -30.16 -6.97
N ASP A 180 4.68 -29.56 -7.98
CA ASP A 180 5.96 -28.85 -7.86
C ASP A 180 6.94 -29.59 -6.96
N GLY A 181 7.00 -30.91 -7.09
CA GLY A 181 7.94 -31.70 -6.32
C GLY A 181 7.28 -32.70 -5.38
N TYR A 182 6.21 -32.27 -4.71
CA TYR A 182 5.53 -33.14 -3.75
C TYR A 182 4.76 -34.22 -4.52
N PHE A 183 4.97 -35.48 -4.14
CA PHE A 183 4.30 -36.60 -4.77
C PHE A 183 3.01 -36.90 -4.00
N LYS A 184 1.88 -36.67 -4.63
CA LYS A 184 0.57 -36.97 -4.07
C LYS A 184 0.01 -38.18 -4.80
N ILE A 185 -0.27 -39.25 -4.05
CA ILE A 185 -0.76 -40.50 -4.62
C ILE A 185 -2.21 -40.68 -4.18
N TYR A 186 -3.13 -40.62 -5.14
CA TYR A 186 -4.54 -40.83 -4.89
C TYR A 186 -4.91 -42.24 -5.33
N SER A 187 -5.69 -42.93 -4.49
CA SER A 187 -5.98 -44.32 -4.75
C SER A 187 -7.35 -44.69 -4.19
N LYS A 188 -7.86 -45.82 -4.64
CA LYS A 188 -9.11 -46.37 -4.14
C LYS A 188 -9.17 -47.84 -4.55
N HIS A 189 -10.07 -48.58 -3.91
CA HIS A 189 -10.33 -49.97 -4.24
C HIS A 189 -11.79 -50.14 -4.58
N THR A 190 -12.06 -50.96 -5.60
CA THR A 190 -13.40 -51.13 -6.13
C THR A 190 -13.78 -52.60 -6.11
N PRO A 191 -15.02 -52.93 -5.73
CA PRO A 191 -15.45 -54.33 -5.76
C PRO A 191 -15.34 -54.94 -7.15
N ILE A 192 -15.54 -56.25 -7.19
CA ILE A 192 -15.29 -57.01 -8.41
C ILE A 192 -16.28 -56.62 -9.50
N ILE A 193 -15.96 -57.00 -10.73
CA ILE A 193 -16.79 -56.77 -11.89
C ILE A 193 -16.96 -58.09 -12.63
N VAL A 194 -18.10 -58.24 -13.31
CA VAL A 194 -18.38 -59.46 -14.05
C VAL A 194 -18.69 -59.14 -15.51
N ASP A 199 -11.51 -53.66 -20.62
CA ASP A 199 -12.94 -53.45 -20.41
C ASP A 199 -13.20 -52.56 -19.21
N LEU A 200 -13.00 -51.26 -19.39
CA LEU A 200 -13.26 -50.31 -18.32
C LEU A 200 -14.75 -50.30 -17.97
N PRO A 201 -15.09 -50.24 -16.69
CA PRO A 201 -16.51 -50.19 -16.31
C PRO A 201 -17.04 -48.77 -16.40
N GLN A 202 -18.19 -48.61 -17.06
CA GLN A 202 -18.81 -47.31 -17.24
C GLN A 202 -19.49 -46.89 -15.93
N GLY A 203 -18.66 -46.46 -14.98
CA GLY A 203 -19.14 -46.01 -13.70
C GLY A 203 -18.39 -44.78 -13.25
N PHE A 204 -18.98 -44.10 -12.27
CA PHE A 204 -18.41 -42.88 -11.71
C PHE A 204 -17.96 -43.12 -10.28
N SER A 205 -16.78 -42.62 -9.94
CA SER A 205 -16.21 -42.82 -8.62
C SER A 205 -15.26 -41.68 -8.30
N ALA A 206 -14.97 -41.52 -7.00
CA ALA A 206 -14.02 -40.53 -6.52
C ALA A 206 -12.79 -41.23 -5.96
N LEU A 207 -11.70 -40.49 -5.87
CA LEU A 207 -10.42 -41.02 -5.43
C LEU A 207 -9.99 -40.32 -4.15
N GLU A 208 -9.93 -41.07 -3.05
CA GLU A 208 -9.49 -40.51 -1.80
C GLU A 208 -7.97 -40.29 -1.81
N PRO A 209 -7.49 -39.21 -1.20
CA PRO A 209 -6.04 -38.98 -1.14
C PRO A 209 -5.37 -39.92 -0.15
N LEU A 210 -4.07 -40.12 -0.38
CA LEU A 210 -3.24 -40.92 0.53
C LEU A 210 -1.97 -40.16 0.90
N VAL A 211 -1.03 -40.86 1.53
CA VAL A 211 0.16 -40.21 2.08
C VAL A 211 0.97 -39.55 0.97
N ASP A 212 1.42 -38.32 1.22
CA ASP A 212 2.27 -37.57 0.32
C ASP A 212 3.62 -37.30 0.97
N LEU A 213 4.61 -37.01 0.15
CA LEU A 213 5.95 -36.74 0.63
C LEU A 213 6.65 -35.74 -0.28
N PRO A 214 7.42 -34.79 0.27
CA PRO A 214 8.04 -33.77 -0.57
C PRO A 214 9.09 -34.29 -1.55
N ILE A 215 10.12 -34.98 -1.04
CA ILE A 215 11.31 -35.33 -1.81
C ILE A 215 11.78 -34.10 -2.57
N GLY A 216 11.42 -34.02 -3.85
CA GLY A 216 11.80 -32.94 -4.73
C GLY A 216 12.97 -33.32 -5.62
N ILE A 217 12.68 -33.75 -6.84
CA ILE A 217 13.68 -34.25 -7.77
C ILE A 217 13.20 -34.00 -9.20
N ASN A 218 14.08 -34.24 -10.17
CA ASN A 218 13.71 -34.18 -11.57
C ASN A 218 13.15 -35.52 -12.02
N ILE A 219 12.05 -35.47 -12.77
CA ILE A 219 11.32 -36.65 -13.22
C ILE A 219 11.38 -36.71 -14.74
N THR A 220 11.75 -37.88 -15.28
CA THR A 220 11.86 -38.06 -16.72
C THR A 220 10.79 -38.98 -17.28
N ARG A 221 10.70 -40.22 -16.80
CA ARG A 221 9.67 -41.14 -17.30
C ARG A 221 9.39 -42.21 -16.26
N PHE A 222 8.62 -43.23 -16.67
CA PHE A 222 7.96 -44.18 -15.80
C PHE A 222 8.36 -45.60 -16.19
N GLN A 223 8.27 -46.51 -15.21
CA GLN A 223 8.51 -47.92 -15.43
C GLN A 223 7.73 -48.74 -14.40
N THR A 224 7.11 -49.81 -14.85
CA THR A 224 6.31 -50.67 -13.98
C THR A 224 7.09 -51.94 -13.63
N LEU A 225 6.43 -52.86 -12.93
CA LEU A 225 7.07 -54.09 -12.48
C LEU A 225 6.00 -55.14 -12.24
N LEU A 226 6.40 -56.40 -12.35
CA LEU A 226 5.51 -57.54 -12.13
C LEU A 226 6.21 -58.58 -11.28
N ALA A 227 5.42 -59.37 -10.56
CA ALA A 227 5.96 -60.44 -9.72
C ALA A 227 6.36 -61.62 -10.59
N LEU A 228 7.54 -62.17 -10.33
CA LEU A 228 8.06 -63.30 -11.09
C LEU A 228 7.44 -64.60 -10.60
N HIS A 229 7.68 -65.67 -11.37
CA HIS A 229 7.25 -67.02 -10.99
C HIS A 229 8.31 -68.04 -11.37
N ARG A 230 9.57 -67.73 -11.09
CA ARG A 230 10.65 -68.68 -11.38
C ARG A 230 10.51 -69.92 -10.52
N SER A 231 10.79 -71.08 -11.12
CA SER A 231 10.71 -72.34 -10.41
C SER A 231 11.60 -73.36 -11.13
N TYR A 232 11.91 -74.43 -10.40
CA TYR A 232 12.69 -75.53 -10.97
C TYR A 232 11.95 -76.29 -12.06
N LEU A 233 10.63 -76.11 -12.16
CA LEU A 233 9.87 -76.80 -13.20
C LEU A 233 10.30 -76.35 -14.59
N THR A 234 10.52 -75.04 -14.77
CA THR A 234 10.92 -74.51 -16.06
C THR A 234 12.40 -74.18 -16.05
N PRO A 235 13.20 -74.82 -16.91
CA PRO A 235 14.64 -74.50 -16.98
C PRO A 235 14.87 -73.22 -17.77
N GLY A 236 15.23 -72.15 -17.06
CA GLY A 236 15.49 -70.88 -17.69
C GLY A 236 16.72 -70.22 -17.10
N ASP A 237 17.34 -69.36 -17.91
CA ASP A 237 18.52 -68.63 -17.48
C ASP A 237 18.12 -67.57 -16.45
N SER A 238 19.14 -67.04 -15.76
CA SER A 238 18.90 -66.00 -14.76
C SER A 238 18.36 -64.73 -15.41
N SER A 239 18.50 -64.58 -16.72
CA SER A 239 17.91 -63.44 -17.40
C SER A 239 16.39 -63.53 -17.40
N SER A 240 15.84 -64.69 -17.75
CA SER A 240 14.39 -64.85 -17.84
C SER A 240 14.07 -66.33 -17.70
N GLY A 241 13.53 -66.72 -16.54
CA GLY A 241 13.15 -68.10 -16.30
C GLY A 241 11.86 -68.27 -15.51
N TRP A 242 10.95 -67.31 -15.67
CA TRP A 242 9.72 -67.27 -14.89
C TRP A 242 8.51 -67.45 -15.79
N THR A 243 7.41 -67.92 -15.21
CA THR A 243 6.15 -68.09 -15.92
C THR A 243 5.30 -66.83 -15.74
N ALA A 244 4.79 -66.30 -16.86
CA ALA A 244 4.06 -65.04 -16.81
C ALA A 244 2.62 -65.25 -16.37
N GLY A 245 1.85 -66.00 -17.14
CA GLY A 245 0.44 -66.22 -16.84
C GLY A 245 -0.45 -65.31 -17.68
N ALA A 246 -1.36 -64.61 -17.01
CA ALA A 246 -2.28 -63.71 -17.68
C ALA A 246 -2.63 -62.56 -16.76
N ALA A 247 -2.47 -61.33 -17.24
CA ALA A 247 -2.79 -60.14 -16.47
C ALA A 247 -3.05 -58.99 -17.44
N ALA A 248 -3.70 -57.94 -16.93
CA ALA A 248 -4.05 -56.79 -17.74
C ALA A 248 -4.01 -55.53 -16.89
N TYR A 249 -3.58 -54.43 -17.49
CA TYR A 249 -3.55 -53.13 -16.82
C TYR A 249 -3.43 -52.04 -17.87
N TYR A 250 -4.11 -50.92 -17.64
CA TYR A 250 -4.15 -49.82 -18.58
C TYR A 250 -3.25 -48.69 -18.12
N VAL A 251 -2.98 -47.77 -19.04
CA VAL A 251 -2.18 -46.57 -18.75
C VAL A 251 -2.79 -45.40 -19.50
N GLY A 252 -3.01 -44.29 -18.80
CA GLY A 252 -3.52 -43.09 -19.42
C GLY A 252 -2.55 -41.93 -19.29
N TYR A 253 -3.04 -40.70 -19.43
CA TYR A 253 -2.19 -39.53 -19.27
C TYR A 253 -3.04 -38.35 -18.82
N LEU A 254 -2.41 -37.46 -18.06
CA LEU A 254 -3.08 -36.29 -17.51
C LEU A 254 -2.61 -35.03 -18.22
N GLN A 255 -3.41 -33.98 -18.09
CA GLN A 255 -3.15 -32.70 -18.74
C GLN A 255 -4.08 -31.65 -18.11
N PRO A 256 -3.71 -30.38 -18.18
CA PRO A 256 -4.58 -29.34 -17.63
C PRO A 256 -5.93 -29.32 -18.33
N ARG A 257 -6.98 -29.04 -17.55
CA ARG A 257 -8.34 -29.02 -18.05
C ARG A 257 -9.22 -28.34 -17.01
N THR A 258 -10.45 -28.02 -17.40
CA THR A 258 -11.42 -27.39 -16.52
C THR A 258 -12.58 -28.35 -16.31
N PHE A 259 -12.96 -28.56 -15.05
CA PHE A 259 -13.99 -29.51 -14.69
C PHE A 259 -15.02 -28.84 -13.79
N LEU A 260 -16.23 -29.39 -13.80
CA LEU A 260 -17.29 -28.98 -12.88
C LEU A 260 -17.66 -30.18 -12.01
N LEU A 261 -17.68 -29.98 -10.70
CA LEU A 261 -17.89 -31.05 -9.74
C LEU A 261 -19.16 -30.80 -8.95
N LYS A 262 -19.95 -31.85 -8.75
CA LYS A 262 -21.15 -31.80 -7.93
C LYS A 262 -20.95 -32.66 -6.70
N TYR A 263 -21.16 -32.07 -5.52
CA TYR A 263 -20.93 -32.75 -4.26
C TYR A 263 -22.26 -33.25 -3.68
N ASN A 264 -22.18 -34.39 -2.99
CA ASN A 264 -23.32 -34.95 -2.30
C ASN A 264 -23.54 -34.19 -0.98
N GLU A 265 -24.63 -34.54 -0.28
CA GLU A 265 -24.91 -33.89 1.00
C GLU A 265 -24.05 -34.41 2.13
N ASN A 266 -23.44 -35.59 1.98
CA ASN A 266 -22.43 -36.04 2.92
C ASN A 266 -21.02 -35.57 2.55
N GLY A 267 -20.83 -35.05 1.35
CA GLY A 267 -19.54 -34.54 0.92
C GLY A 267 -18.81 -35.37 -0.12
N THR A 268 -19.34 -36.53 -0.52
CA THR A 268 -18.68 -37.34 -1.52
C THR A 268 -19.05 -36.88 -2.93
N ILE A 269 -18.10 -37.01 -3.85
CA ILE A 269 -18.33 -36.60 -5.22
C ILE A 269 -19.28 -37.60 -5.89
N THR A 270 -20.33 -37.08 -6.52
CA THR A 270 -21.35 -37.92 -7.13
C THR A 270 -21.45 -37.76 -8.65
N ASP A 271 -21.12 -36.60 -9.19
CA ASP A 271 -21.21 -36.40 -10.63
C ASP A 271 -20.25 -35.29 -11.04
N ALA A 272 -19.76 -35.40 -12.28
CA ALA A 272 -18.85 -34.40 -12.83
C ALA A 272 -19.09 -34.29 -14.32
N VAL A 273 -18.95 -33.08 -14.84
CA VAL A 273 -19.08 -32.80 -16.27
C VAL A 273 -17.84 -32.03 -16.73
N ASP A 274 -17.30 -32.42 -17.89
CA ASP A 274 -16.08 -31.83 -18.39
C ASP A 274 -16.39 -30.64 -19.30
N CYS A 275 -15.58 -29.59 -19.17
CA CYS A 275 -15.69 -28.42 -20.03
C CYS A 275 -14.86 -28.60 -21.29
N ALA A 276 -15.20 -27.81 -22.31
CA ALA A 276 -14.50 -27.84 -23.60
C ALA A 276 -14.49 -29.24 -24.20
N LEU A 277 -15.63 -29.92 -24.14
CA LEU A 277 -15.77 -31.24 -24.74
C LEU A 277 -16.78 -31.25 -25.88
N ASP A 278 -18.00 -30.80 -25.64
CA ASP A 278 -19.09 -30.87 -26.60
C ASP A 278 -19.82 -29.53 -26.62
N PRO A 279 -20.52 -29.23 -27.70
CA PRO A 279 -21.31 -27.98 -27.72
C PRO A 279 -22.35 -27.92 -26.63
N LEU A 280 -22.90 -29.06 -26.21
CA LEU A 280 -23.78 -29.07 -25.05
C LEU A 280 -23.04 -28.62 -23.80
N SER A 281 -21.79 -29.05 -23.65
CA SER A 281 -20.93 -28.50 -22.62
C SER A 281 -20.57 -27.06 -22.97
N GLU A 282 -19.92 -26.39 -22.01
CA GLU A 282 -19.61 -24.96 -22.07
C GLU A 282 -20.89 -24.12 -21.98
N THR A 283 -22.03 -24.81 -21.94
CA THR A 283 -23.32 -24.22 -21.58
C THR A 283 -23.82 -24.74 -20.24
N LYS A 284 -23.69 -26.05 -20.02
CA LYS A 284 -23.96 -26.61 -18.70
C LYS A 284 -22.99 -26.04 -17.67
N CYS A 285 -21.73 -25.89 -18.04
CA CYS A 285 -20.76 -25.27 -17.15
C CYS A 285 -21.04 -23.78 -16.94
N THR A 286 -21.39 -23.08 -18.02
CA THR A 286 -21.58 -21.63 -17.93
C THR A 286 -22.71 -21.27 -16.99
N LEU A 287 -23.86 -21.94 -17.13
CA LEU A 287 -24.99 -21.68 -16.23
C LEU A 287 -24.78 -22.27 -14.85
N LYS A 288 -23.74 -23.09 -14.66
CA LYS A 288 -23.41 -23.67 -13.35
C LYS A 288 -24.57 -24.52 -12.83
N SER A 289 -25.17 -25.31 -13.70
CA SER A 289 -26.26 -26.20 -13.32
C SER A 289 -26.33 -27.35 -14.32
N PHE A 290 -26.66 -28.54 -13.82
CA PHE A 290 -26.66 -29.73 -14.68
C PHE A 290 -27.84 -29.77 -15.62
N THR A 291 -28.89 -28.98 -15.37
CA THR A 291 -30.08 -28.98 -16.20
C THR A 291 -30.18 -27.65 -16.94
N VAL A 292 -30.36 -27.72 -18.26
CA VAL A 292 -30.40 -26.54 -19.13
C VAL A 292 -31.75 -26.51 -19.81
N GLU A 293 -32.42 -25.36 -19.76
CA GLU A 293 -33.72 -25.19 -20.40
C GLU A 293 -33.55 -24.71 -21.84
N LYS A 294 -34.64 -24.76 -22.58
CA LYS A 294 -34.62 -24.37 -23.99
C LYS A 294 -34.35 -22.87 -24.12
N GLY A 295 -33.76 -22.50 -25.24
CA GLY A 295 -33.42 -21.12 -25.52
C GLY A 295 -32.12 -21.04 -26.30
N ILE A 296 -31.42 -19.92 -26.13
CA ILE A 296 -30.15 -19.68 -26.78
C ILE A 296 -29.19 -19.08 -25.75
N TYR A 297 -27.94 -19.55 -25.78
CA TYR A 297 -26.93 -19.09 -24.84
C TYR A 297 -25.60 -18.92 -25.56
N GLN A 298 -24.73 -18.11 -24.97
CA GLN A 298 -23.40 -17.87 -25.49
C GLN A 298 -22.37 -18.57 -24.62
N THR A 299 -21.30 -19.05 -25.25
CA THR A 299 -20.27 -19.81 -24.55
C THR A 299 -18.92 -19.08 -24.53
N SER A 300 -18.38 -18.75 -25.69
CA SER A 300 -17.04 -18.17 -25.78
C SER A 300 -16.86 -17.61 -27.18
N ASN A 301 -15.62 -17.22 -27.49
CA ASN A 301 -15.26 -16.69 -28.81
C ASN A 301 -14.19 -17.59 -29.43
N PHE A 302 -14.26 -17.72 -30.75
CA PHE A 302 -13.29 -18.52 -31.50
C PHE A 302 -12.32 -17.60 -32.23
N ARG A 303 -11.03 -17.94 -32.14
CA ARG A 303 -9.97 -17.15 -32.76
C ARG A 303 -9.03 -18.08 -33.51
N VAL A 304 -8.74 -17.75 -34.77
CA VAL A 304 -7.84 -18.56 -35.58
C VAL A 304 -6.42 -18.28 -35.15
N GLN A 305 -5.75 -19.28 -34.59
CA GLN A 305 -4.40 -19.10 -34.08
C GLN A 305 -3.40 -18.97 -35.22
N PRO A 306 -2.32 -18.23 -35.03
CA PRO A 306 -1.27 -18.15 -36.05
C PRO A 306 -0.57 -19.48 -36.21
N THR A 307 -0.02 -19.70 -37.41
CA THR A 307 0.58 -20.97 -37.76
C THR A 307 2.08 -20.94 -38.02
N GLU A 308 2.66 -19.78 -38.31
CA GLU A 308 4.10 -19.66 -38.53
C GLU A 308 4.59 -18.38 -37.85
N SER A 309 5.83 -18.00 -38.17
CA SER A 309 6.41 -16.78 -37.61
C SER A 309 7.54 -16.33 -38.53
N ILE A 310 7.55 -15.04 -38.86
CA ILE A 310 8.56 -14.45 -39.73
C ILE A 310 9.13 -13.21 -39.07
N VAL A 311 10.43 -13.00 -39.27
CA VAL A 311 11.12 -11.81 -38.77
C VAL A 311 11.98 -11.25 -39.91
N ARG A 312 12.01 -9.92 -40.02
CA ARG A 312 12.74 -9.27 -41.10
C ARG A 312 13.56 -8.11 -40.53
N PHE A 313 14.70 -7.86 -41.16
CA PHE A 313 15.61 -6.79 -40.77
C PHE A 313 16.51 -6.47 -41.96
N PRO A 314 17.09 -5.27 -41.99
CA PRO A 314 18.00 -4.93 -43.10
C PRO A 314 19.28 -5.75 -43.04
N ASN A 315 19.94 -5.86 -44.20
CA ASN A 315 21.14 -6.68 -44.35
C ASN A 315 22.37 -5.88 -43.94
N ILE A 316 22.53 -5.71 -42.63
CA ILE A 316 23.65 -4.99 -42.05
C ILE A 316 24.47 -5.95 -41.21
N THR A 317 25.78 -5.98 -41.44
CA THR A 317 26.69 -6.83 -40.67
C THR A 317 27.92 -6.09 -40.16
N ASN A 318 28.02 -4.78 -40.39
CA ASN A 318 29.18 -4.03 -39.91
C ASN A 318 29.17 -3.96 -38.39
N LEU A 319 30.35 -4.11 -37.79
CA LEU A 319 30.49 -4.14 -36.34
C LEU A 319 30.62 -2.73 -35.79
N CYS A 320 29.97 -2.49 -34.65
CA CYS A 320 29.98 -1.19 -34.02
C CYS A 320 31.31 -0.93 -33.32
N PRO A 321 31.77 0.33 -33.29
CA PRO A 321 33.09 0.67 -32.69
C PRO A 321 33.02 0.98 -31.21
N PHE A 322 32.89 -0.06 -30.39
CA PHE A 322 32.91 0.09 -28.94
C PHE A 322 34.31 0.00 -28.36
N ASP A 323 35.28 -0.50 -29.12
CA ASP A 323 36.61 -0.75 -28.56
C ASP A 323 37.31 0.56 -28.20
N GLU A 324 37.22 1.58 -29.05
CA GLU A 324 37.83 2.86 -28.68
C GLU A 324 37.00 3.58 -27.64
N VAL A 325 35.70 3.27 -27.54
CA VAL A 325 34.87 3.88 -26.51
C VAL A 325 35.26 3.39 -25.13
N PHE A 326 35.44 2.07 -24.98
CA PHE A 326 35.60 1.50 -23.64
C PHE A 326 37.04 1.39 -23.19
N ASN A 327 37.95 0.92 -24.06
CA ASN A 327 39.38 1.15 -23.87
C ASN A 327 39.83 2.39 -24.63
N ALA A 328 39.60 3.54 -24.00
CA ALA A 328 40.16 4.81 -24.43
C ALA A 328 41.18 5.27 -23.40
N THR A 329 42.40 5.58 -23.87
CA THR A 329 43.46 5.92 -22.93
C THR A 329 43.14 7.18 -22.14
N ARG A 330 42.58 8.19 -22.81
CA ARG A 330 42.31 9.47 -22.20
C ARG A 330 40.80 9.70 -22.12
N PHE A 331 40.33 10.15 -20.95
CA PHE A 331 38.94 10.54 -20.74
C PHE A 331 38.88 12.03 -20.49
N ALA A 332 38.00 12.71 -21.22
CA ALA A 332 37.89 14.16 -21.08
C ALA A 332 37.26 14.52 -19.73
N SER A 333 37.18 15.82 -19.47
CA SER A 333 36.70 16.31 -18.18
C SER A 333 35.18 16.13 -18.08
N VAL A 334 34.65 16.47 -16.89
CA VAL A 334 33.22 16.31 -16.65
C VAL A 334 32.42 17.33 -17.47
N TYR A 335 32.92 18.56 -17.58
CA TYR A 335 32.22 19.57 -18.37
C TYR A 335 32.29 19.26 -19.86
N ALA A 336 33.42 18.69 -20.30
CA ALA A 336 33.55 18.23 -21.68
C ALA A 336 33.24 16.74 -21.69
N TRP A 337 31.94 16.43 -21.66
CA TRP A 337 31.46 15.06 -21.49
C TRP A 337 31.65 14.18 -22.71
N ASN A 338 32.21 14.71 -23.80
CA ASN A 338 32.74 13.92 -24.91
C ASN A 338 31.67 13.01 -25.53
N ARG A 339 30.66 13.66 -26.11
CA ARG A 339 29.61 12.93 -26.79
C ARG A 339 30.15 12.27 -28.06
N LYS A 340 29.63 11.08 -28.36
CA LYS A 340 30.04 10.34 -29.54
C LYS A 340 28.80 9.80 -30.25
N ARG A 341 28.91 9.66 -31.57
CA ARG A 341 27.81 9.23 -32.42
C ARG A 341 28.07 7.82 -32.95
N ILE A 342 27.05 6.97 -32.89
CA ILE A 342 27.11 5.61 -33.42
C ILE A 342 25.99 5.43 -34.43
N SER A 343 26.34 4.94 -35.61
CA SER A 343 25.35 4.79 -36.68
C SER A 343 25.82 3.75 -37.69
N ASN A 344 24.86 3.05 -38.28
CA ASN A 344 25.08 2.08 -39.35
C ASN A 344 26.11 1.02 -38.96
N CYS A 345 25.77 0.24 -37.93
CA CYS A 345 26.61 -0.87 -37.50
C CYS A 345 25.78 -1.84 -36.69
N VAL A 346 26.30 -3.06 -36.52
CA VAL A 346 25.65 -4.10 -35.74
C VAL A 346 26.29 -4.12 -34.36
N ALA A 347 25.46 -3.98 -33.33
CA ALA A 347 25.93 -3.94 -31.95
C ALA A 347 25.56 -5.26 -31.27
N ASP A 348 26.56 -5.97 -30.79
CA ASP A 348 26.36 -7.20 -30.03
C ASP A 348 26.83 -6.97 -28.60
N TYR A 349 25.94 -7.23 -27.65
CA TYR A 349 26.26 -7.06 -26.23
C TYR A 349 26.94 -8.28 -25.64
N SER A 350 27.10 -9.36 -26.40
CA SER A 350 27.85 -10.51 -25.91
C SER A 350 29.30 -10.12 -25.63
N VAL A 351 29.92 -9.36 -26.54
CA VAL A 351 31.23 -8.79 -26.27
C VAL A 351 31.14 -7.76 -25.14
N LEU A 352 29.99 -7.09 -25.03
CA LEU A 352 29.80 -6.01 -24.06
C LEU A 352 29.41 -6.53 -22.67
N TYR A 353 29.66 -7.80 -22.38
CA TYR A 353 29.36 -8.37 -21.07
C TYR A 353 30.43 -7.93 -20.08
N ASN A 354 30.45 -8.57 -18.91
CA ASN A 354 31.35 -8.15 -17.84
C ASN A 354 32.82 -8.22 -18.26
N LEU A 355 33.41 -7.04 -18.47
CA LEU A 355 34.83 -6.91 -18.79
C LEU A 355 35.64 -6.64 -17.54
N ALA A 356 35.34 -5.57 -16.84
CA ALA A 356 35.77 -5.25 -15.50
C ALA A 356 34.63 -5.45 -14.52
N PRO A 357 34.91 -5.60 -13.23
CA PRO A 357 33.81 -5.72 -12.26
C PRO A 357 32.87 -4.53 -12.33
N PHE A 358 31.64 -4.77 -12.79
CA PHE A 358 30.67 -3.71 -13.01
C PHE A 358 29.85 -3.51 -11.74
N PHE A 359 30.03 -2.35 -11.10
CA PHE A 359 29.35 -2.09 -9.83
C PHE A 359 27.87 -1.84 -10.04
N THR A 360 27.51 -1.01 -11.01
CA THR A 360 26.11 -0.62 -11.26
C THR A 360 25.87 -0.62 -12.76
N PHE A 361 25.31 -1.71 -13.27
CA PHE A 361 24.86 -1.78 -14.66
C PHE A 361 23.36 -1.52 -14.73
N LYS A 362 22.99 -0.27 -14.43
CA LYS A 362 21.59 0.13 -14.36
C LYS A 362 21.12 0.65 -15.72
N CYS A 363 19.93 0.21 -16.12
CA CYS A 363 19.31 0.61 -17.37
C CYS A 363 17.97 1.28 -17.10
N TYR A 364 17.64 2.28 -17.90
CA TYR A 364 16.42 3.06 -17.74
C TYR A 364 15.51 2.82 -18.93
N GLY A 365 14.34 2.23 -18.68
CA GLY A 365 13.31 2.06 -19.68
C GLY A 365 13.45 0.84 -20.56
N VAL A 366 14.55 0.09 -20.46
CA VAL A 366 14.78 -1.10 -21.26
C VAL A 366 15.30 -2.20 -20.35
N SER A 367 14.78 -3.41 -20.52
CA SER A 367 15.25 -4.54 -19.75
C SER A 367 16.73 -4.78 -20.03
N PRO A 368 17.59 -4.80 -19.02
CA PRO A 368 19.04 -4.87 -19.27
C PRO A 368 19.47 -6.10 -20.05
N THR A 369 18.77 -7.22 -19.92
CA THR A 369 19.14 -8.45 -20.60
C THR A 369 18.48 -8.59 -21.97
N LYS A 370 17.72 -7.60 -22.42
CA LYS A 370 16.99 -7.68 -23.68
C LYS A 370 17.48 -6.70 -24.73
N LEU A 371 18.60 -6.02 -24.50
CA LEU A 371 19.10 -5.07 -25.50
C LEU A 371 19.55 -5.76 -26.78
N ASN A 372 19.84 -7.07 -26.73
CA ASN A 372 20.28 -7.78 -27.92
C ASN A 372 19.17 -7.91 -28.96
N ASP A 373 17.96 -8.27 -28.51
CA ASP A 373 16.87 -8.52 -29.44
C ASP A 373 16.26 -7.22 -29.97
N LEU A 374 16.14 -6.21 -29.12
CA LEU A 374 15.49 -4.96 -29.52
C LEU A 374 16.32 -4.22 -30.54
N CYS A 375 15.65 -3.44 -31.39
CA CYS A 375 16.32 -2.64 -32.41
C CYS A 375 16.17 -1.16 -32.08
N PHE A 376 17.29 -0.45 -32.10
CA PHE A 376 17.40 0.91 -31.58
C PHE A 376 17.48 1.90 -32.74
N THR A 377 17.62 3.18 -32.37
CA THR A 377 17.68 4.25 -33.36
C THR A 377 18.54 5.39 -32.82
N ASN A 378 19.63 5.69 -33.52
CA ASN A 378 20.50 6.83 -33.23
C ASN A 378 21.04 6.77 -31.79
N VAL A 379 21.84 5.74 -31.55
CA VAL A 379 22.45 5.54 -30.23
C VAL A 379 23.69 6.42 -30.11
N TYR A 380 23.87 7.02 -28.93
CA TYR A 380 25.02 7.87 -28.66
C TYR A 380 26.07 7.09 -27.86
N ALA A 381 27.12 7.79 -27.45
CA ALA A 381 28.18 7.19 -26.65
C ALA A 381 28.87 8.28 -25.85
N ASP A 382 29.14 8.02 -24.58
CA ASP A 382 29.66 9.03 -23.67
C ASP A 382 30.81 8.46 -22.86
N SER A 383 31.62 9.36 -22.29
CA SER A 383 32.80 8.96 -21.54
C SER A 383 33.25 10.12 -20.66
N PHE A 384 33.41 9.86 -19.36
CA PHE A 384 33.88 10.82 -18.37
C PHE A 384 34.05 10.12 -17.03
N VAL A 385 34.76 10.77 -16.12
CA VAL A 385 35.18 10.17 -14.85
C VAL A 385 34.71 11.06 -13.70
N ILE A 386 34.16 10.44 -12.65
CA ILE A 386 33.64 11.15 -11.49
C ILE A 386 34.24 10.52 -10.23
N ARG A 387 34.21 11.29 -9.15
CA ARG A 387 34.72 10.84 -7.86
C ARG A 387 33.92 9.64 -7.34
N GLY A 388 34.44 9.03 -6.27
CA GLY A 388 33.84 7.81 -5.76
C GLY A 388 32.44 8.01 -5.18
N ASP A 389 32.28 9.04 -4.35
CA ASP A 389 31.02 9.22 -3.63
C ASP A 389 29.93 9.83 -4.49
N GLU A 390 30.26 10.33 -5.68
CA GLU A 390 29.29 10.96 -6.57
C GLU A 390 28.81 10.04 -7.68
N VAL A 391 29.09 8.73 -7.58
CA VAL A 391 28.68 7.81 -8.64
C VAL A 391 27.16 7.75 -8.74
N ARG A 392 26.47 7.71 -7.60
CA ARG A 392 25.02 7.66 -7.59
C ARG A 392 24.37 9.03 -7.62
N GLN A 393 25.14 10.10 -7.46
CA GLN A 393 24.57 11.44 -7.47
C GLN A 393 24.01 11.78 -8.84
N ILE A 394 24.71 11.41 -9.91
CA ILE A 394 24.21 11.67 -11.25
C ILE A 394 23.05 10.72 -11.55
N ALA A 395 21.92 11.29 -11.94
CA ALA A 395 20.69 10.54 -12.19
C ALA A 395 19.68 11.49 -12.82
N PRO A 396 18.67 10.95 -13.52
CA PRO A 396 17.64 11.83 -14.10
C PRO A 396 16.84 12.56 -13.04
N GLY A 397 17.00 13.89 -12.97
CA GLY A 397 16.22 14.72 -12.08
C GLY A 397 16.84 14.98 -10.72
N GLN A 398 17.86 14.21 -10.33
CA GLN A 398 18.48 14.42 -9.03
C GLN A 398 19.25 15.73 -9.00
N THR A 399 19.22 16.39 -7.85
CA THR A 399 19.94 17.64 -7.66
C THR A 399 21.31 17.38 -7.05
N GLY A 400 22.20 18.34 -7.22
CA GLY A 400 23.55 18.23 -6.69
C GLY A 400 24.48 19.21 -7.38
N ASN A 401 25.73 19.23 -6.89
CA ASN A 401 26.72 20.14 -7.47
C ASN A 401 27.00 19.77 -8.93
N ILE A 402 27.15 18.48 -9.22
CA ILE A 402 27.41 18.06 -10.60
C ILE A 402 26.18 18.29 -11.47
N ALA A 403 25.00 17.99 -10.96
CA ALA A 403 23.78 18.20 -11.73
C ALA A 403 23.56 19.68 -12.04
N ASP A 404 23.78 20.55 -11.05
CA ASP A 404 23.58 21.98 -11.24
C ASP A 404 24.72 22.63 -12.01
N TYR A 405 25.91 22.02 -12.05
CA TYR A 405 27.09 22.67 -12.58
C TYR A 405 27.75 21.92 -13.73
N ASN A 406 27.37 20.68 -14.00
CA ASN A 406 28.02 19.86 -15.02
C ASN A 406 26.94 19.10 -15.77
N TYR A 407 27.37 18.09 -16.52
CA TYR A 407 26.46 17.29 -17.35
C TYR A 407 25.27 16.78 -16.54
N LYS A 408 24.08 17.23 -16.93
CA LYS A 408 22.85 16.93 -16.20
C LYS A 408 21.89 16.17 -17.12
N LEU A 409 21.30 15.10 -16.61
CA LEU A 409 20.35 14.33 -17.37
C LEU A 409 18.96 14.97 -17.32
N PRO A 410 18.15 14.79 -18.36
CA PRO A 410 16.77 15.31 -18.33
C PRO A 410 15.86 14.41 -17.50
N ASP A 411 14.66 14.93 -17.23
CA ASP A 411 13.70 14.17 -16.44
C ASP A 411 13.27 12.89 -17.16
N ASP A 412 13.01 12.99 -18.47
CA ASP A 412 12.59 11.84 -19.27
C ASP A 412 13.82 11.33 -20.02
N PHE A 413 14.60 10.48 -19.35
CA PHE A 413 15.81 9.92 -19.91
C PHE A 413 15.67 8.40 -20.06
N THR A 414 16.10 7.88 -21.19
CA THR A 414 16.06 6.45 -21.47
C THR A 414 17.45 6.00 -21.91
N GLY A 415 17.95 4.93 -21.29
CA GLY A 415 19.26 4.42 -21.64
C GLY A 415 19.77 3.47 -20.57
N CYS A 416 21.10 3.32 -20.55
CA CYS A 416 21.77 2.44 -19.61
C CYS A 416 22.97 3.15 -19.02
N VAL A 417 23.35 2.74 -17.80
CA VAL A 417 24.45 3.35 -17.07
C VAL A 417 25.48 2.26 -16.75
N ILE A 418 26.74 2.55 -17.04
CA ILE A 418 27.85 1.64 -16.78
C ILE A 418 28.89 2.37 -15.95
N ALA A 419 29.35 1.73 -14.88
CA ALA A 419 30.33 2.32 -13.99
C ALA A 419 31.41 1.29 -13.65
N TRP A 420 32.65 1.77 -13.51
CA TRP A 420 33.79 0.95 -13.15
C TRP A 420 34.97 1.87 -12.85
N ASN A 421 35.82 1.44 -11.93
CA ASN A 421 37.01 2.20 -11.54
C ASN A 421 38.21 1.67 -12.30
N SER A 422 38.97 2.58 -12.92
CA SER A 422 40.16 2.22 -13.69
C SER A 422 41.36 2.94 -13.08
N ASN A 423 41.97 2.32 -12.07
CA ASN A 423 43.23 2.81 -11.53
C ASN A 423 44.42 2.42 -12.38
N LYS A 424 44.20 1.62 -13.43
CA LYS A 424 45.28 1.25 -14.33
C LYS A 424 45.85 2.47 -15.04
N LEU A 425 44.98 3.39 -15.48
CA LEU A 425 45.39 4.56 -16.24
C LEU A 425 45.06 5.87 -15.53
N ASP A 426 44.58 5.82 -14.29
CA ASP A 426 44.19 7.02 -13.58
C ASP A 426 44.93 7.23 -12.26
N SER A 427 45.69 6.24 -11.80
CA SER A 427 46.38 6.34 -10.51
C SER A 427 47.76 6.97 -10.73
N LYS A 428 47.97 8.14 -10.12
CA LYS A 428 49.25 8.85 -10.15
C LYS A 428 49.71 9.08 -8.73
N VAL A 429 50.99 8.74 -8.47
CA VAL A 429 51.53 8.93 -7.13
C VAL A 429 51.59 10.41 -6.76
N SER A 430 51.89 11.26 -7.74
CA SER A 430 51.91 12.70 -7.53
C SER A 430 50.55 13.35 -7.73
N GLY A 431 49.54 12.59 -8.16
CA GLY A 431 48.22 13.13 -8.39
C GLY A 431 47.93 13.35 -9.86
N ASN A 432 46.84 12.74 -10.35
CA ASN A 432 46.43 12.88 -11.75
C ASN A 432 45.48 14.08 -11.88
N TYR A 433 46.06 15.26 -11.67
CA TYR A 433 45.29 16.49 -11.56
C TYR A 433 44.64 16.91 -12.88
N ASN A 434 45.00 16.29 -14.00
CA ASN A 434 44.40 16.67 -15.28
C ASN A 434 42.90 16.42 -15.32
N TYR A 435 42.39 15.52 -14.49
CA TYR A 435 40.95 15.26 -14.41
C TYR A 435 40.31 16.39 -13.60
N LEU A 436 39.86 17.41 -14.32
CA LEU A 436 39.37 18.63 -13.71
C LEU A 436 37.84 18.64 -13.67
N TYR A 437 37.30 19.48 -12.78
CA TYR A 437 35.87 19.69 -12.66
C TYR A 437 35.61 21.15 -12.33
N ARG A 438 34.38 21.59 -12.56
CA ARG A 438 33.97 22.96 -12.31
C ARG A 438 32.99 22.99 -11.15
N LEU A 439 33.21 23.93 -10.21
CA LEU A 439 32.39 24.01 -9.01
C LEU A 439 31.96 25.44 -8.72
N PHE A 440 31.92 26.30 -9.75
CA PHE A 440 31.46 27.68 -9.58
C PHE A 440 30.83 28.11 -10.91
N ARG A 441 29.49 28.11 -10.95
CA ARG A 441 28.73 28.48 -12.13
C ARG A 441 27.64 29.47 -11.74
N LYS A 442 27.26 30.32 -12.70
CA LYS A 442 26.27 31.35 -12.43
C LYS A 442 24.92 30.75 -12.05
N SER A 443 24.49 29.71 -12.75
CA SER A 443 23.19 29.10 -12.50
C SER A 443 23.23 27.66 -12.97
N ASN A 444 22.06 27.03 -13.03
CA ASN A 444 21.94 25.66 -13.49
C ASN A 444 21.82 25.61 -15.01
N LEU A 445 22.37 24.54 -15.60
CA LEU A 445 22.41 24.37 -17.03
C LEU A 445 21.37 23.37 -17.50
N LYS A 446 21.01 23.47 -18.77
CA LYS A 446 20.00 22.61 -19.35
C LYS A 446 20.54 21.21 -19.58
N PRO A 447 19.66 20.21 -19.71
CA PRO A 447 20.12 18.85 -19.99
C PRO A 447 20.83 18.76 -21.33
N PHE A 448 21.83 17.86 -21.39
CA PHE A 448 22.62 17.62 -22.60
C PHE A 448 23.25 18.91 -23.11
N GLU A 449 24.05 19.53 -22.25
CA GLU A 449 24.73 20.78 -22.58
C GLU A 449 26.20 20.69 -22.18
N ARG A 450 27.03 21.44 -22.90
CA ARG A 450 28.46 21.49 -22.64
C ARG A 450 28.88 22.95 -22.55
N ASP A 451 29.58 23.30 -21.46
CA ASP A 451 30.11 24.65 -21.27
C ASP A 451 31.57 24.53 -20.87
N ILE A 452 32.40 25.45 -21.36
CA ILE A 452 33.84 25.37 -21.18
C ILE A 452 34.38 26.68 -20.62
N SER A 453 33.49 27.64 -20.36
CA SER A 453 33.90 28.96 -19.91
C SER A 453 34.62 28.88 -18.56
N THR A 454 35.76 29.56 -18.46
CA THR A 454 36.55 29.63 -17.24
C THR A 454 36.55 31.03 -16.65
N GLU A 455 35.55 31.85 -16.99
CA GLU A 455 35.52 33.23 -16.53
C GLU A 455 35.36 33.29 -15.01
N ILE A 456 35.98 34.30 -14.40
CA ILE A 456 35.93 34.45 -12.95
C ILE A 456 34.49 34.64 -12.50
N TYR A 457 34.12 33.94 -11.44
CA TYR A 457 32.76 33.97 -10.91
C TYR A 457 32.67 34.96 -9.77
N GLN A 458 31.66 35.83 -9.83
CA GLN A 458 31.46 36.88 -8.83
C GLN A 458 30.19 36.60 -8.04
N ALA A 459 30.30 36.63 -6.72
CA ALA A 459 29.17 36.41 -5.83
C ALA A 459 28.84 37.63 -4.98
N GLY A 460 29.84 38.19 -4.31
CA GLY A 460 29.61 39.34 -3.45
C GLY A 460 30.05 40.66 -4.08
N ASN A 461 29.76 40.81 -5.37
CA ASN A 461 30.09 42.02 -6.12
C ASN A 461 31.60 42.28 -6.14
N LYS A 462 32.01 43.46 -6.57
CA LYS A 462 33.41 43.86 -6.70
C LYS A 462 34.18 42.82 -7.52
N PRO A 463 33.96 42.77 -8.83
CA PRO A 463 34.65 41.76 -9.65
C PRO A 463 36.16 41.94 -9.59
N CYS A 464 36.87 40.80 -9.53
CA CYS A 464 38.31 40.83 -9.43
C CYS A 464 38.98 41.12 -10.78
N ASN A 465 38.34 40.71 -11.88
CA ASN A 465 38.88 40.88 -13.23
C ASN A 465 40.26 40.23 -13.35
N GLY A 466 40.31 38.94 -13.03
CA GLY A 466 41.52 38.16 -13.13
C GLY A 466 42.37 38.11 -11.89
N VAL A 467 42.05 38.91 -10.86
CA VAL A 467 42.83 38.88 -9.63
C VAL A 467 42.63 37.56 -8.90
N ALA A 468 41.40 37.02 -8.95
CA ALA A 468 41.05 35.78 -8.26
C ALA A 468 41.32 35.88 -6.76
N GLY A 469 40.85 36.99 -6.17
CA GLY A 469 41.08 37.23 -4.76
C GLY A 469 39.81 37.35 -3.93
N PHE A 470 39.55 38.54 -3.39
CA PHE A 470 38.43 38.74 -2.49
C PHE A 470 37.12 38.86 -3.25
N ASN A 471 36.08 38.23 -2.72
CA ASN A 471 34.73 38.24 -3.31
C ASN A 471 34.72 37.69 -4.73
N CYS A 472 35.59 36.72 -5.00
CA CYS A 472 35.64 36.07 -6.31
C CYS A 472 36.34 34.72 -6.15
N TYR A 473 35.85 33.73 -6.89
CA TYR A 473 36.39 32.37 -6.81
C TYR A 473 36.60 31.82 -8.21
N PHE A 474 37.69 31.09 -8.40
CA PHE A 474 37.98 30.50 -9.70
C PHE A 474 36.99 29.38 -9.98
N PRO A 475 36.32 29.38 -11.13
CA PRO A 475 35.30 28.35 -11.40
C PRO A 475 35.85 26.93 -11.46
N LEU A 476 37.12 26.77 -11.82
CA LEU A 476 37.70 25.46 -12.08
C LEU A 476 38.48 24.96 -10.88
N ARG A 477 38.22 23.72 -10.48
CA ARG A 477 38.90 23.09 -9.34
C ARG A 477 39.35 21.68 -9.74
N SER A 478 40.15 21.08 -8.88
CA SER A 478 40.67 19.74 -9.12
C SER A 478 41.06 19.11 -7.79
N TYR A 479 41.51 17.86 -7.86
CA TYR A 479 41.92 17.13 -6.68
C TYR A 479 42.92 16.05 -7.07
N SER A 480 43.65 15.55 -6.09
CA SER A 480 44.68 14.55 -6.34
C SER A 480 44.05 13.19 -6.61
N PHE A 481 44.86 12.31 -7.20
CA PHE A 481 44.43 10.96 -7.57
C PHE A 481 45.44 9.92 -7.10
N ARG A 482 45.96 10.09 -5.90
CA ARG A 482 46.92 9.13 -5.37
C ARG A 482 46.23 7.80 -5.07
N PRO A 483 46.93 6.69 -5.27
CA PRO A 483 46.28 5.37 -5.11
C PRO A 483 45.82 5.08 -3.69
N THR A 484 46.37 5.76 -2.67
CA THR A 484 45.98 5.49 -1.29
C THR A 484 44.71 6.24 -0.92
N TYR A 485 43.66 6.08 -1.72
CA TYR A 485 42.36 6.66 -1.46
C TYR A 485 41.33 5.55 -1.33
N GLY A 486 40.26 5.84 -0.59
CA GLY A 486 39.18 4.90 -0.40
C GLY A 486 38.23 4.86 -1.58
N VAL A 487 37.23 3.99 -1.46
CA VAL A 487 36.23 3.84 -2.51
C VAL A 487 35.41 5.11 -2.69
N GLY A 488 35.36 5.97 -1.66
CA GLY A 488 34.65 7.23 -1.78
C GLY A 488 35.40 8.32 -2.51
N HIS A 489 36.64 8.05 -2.93
CA HIS A 489 37.43 9.03 -3.66
C HIS A 489 38.14 8.44 -4.88
N GLN A 490 38.01 7.14 -5.11
CA GLN A 490 38.64 6.53 -6.28
C GLN A 490 37.97 7.03 -7.56
N PRO A 491 38.72 7.23 -8.63
CA PRO A 491 38.10 7.64 -9.90
C PRO A 491 37.33 6.49 -10.52
N TYR A 492 36.11 6.78 -10.96
CA TYR A 492 35.25 5.80 -11.60
C TYR A 492 35.01 6.20 -13.05
N ARG A 493 35.29 5.27 -13.97
CA ARG A 493 35.02 5.49 -15.38
C ARG A 493 33.52 5.32 -15.61
N VAL A 494 32.84 6.41 -15.94
CA VAL A 494 31.38 6.41 -16.09
C VAL A 494 31.06 6.44 -17.58
N VAL A 495 30.29 5.44 -18.02
CA VAL A 495 29.81 5.37 -19.40
C VAL A 495 28.29 5.31 -19.34
N VAL A 496 27.64 6.29 -19.95
CA VAL A 496 26.18 6.38 -19.99
C VAL A 496 25.74 6.30 -21.44
N LEU A 497 24.72 5.49 -21.69
CA LEU A 497 24.19 5.28 -23.03
C LEU A 497 22.84 6.00 -23.17
N SER A 498 22.68 6.72 -24.27
CA SER A 498 21.44 7.42 -24.56
C SER A 498 20.98 7.07 -25.97
N PHE A 499 19.68 6.85 -26.12
CA PHE A 499 19.11 6.50 -27.41
C PHE A 499 17.65 6.93 -27.44
N GLU A 500 17.10 6.99 -28.65
CA GLU A 500 15.74 7.46 -28.88
C GLU A 500 15.04 6.48 -29.81
N LEU A 501 14.08 5.73 -29.28
CA LEU A 501 13.47 4.64 -30.03
C LEU A 501 12.30 5.09 -30.88
N LEU A 502 11.23 5.58 -30.25
CA LEU A 502 9.97 5.97 -30.90
C LEU A 502 9.59 4.89 -31.92
N HIS A 503 9.34 5.23 -33.18
CA HIS A 503 9.06 4.26 -34.23
C HIS A 503 9.80 4.61 -35.50
N ALA A 504 10.94 5.29 -35.39
CA ALA A 504 11.72 5.68 -36.54
C ALA A 504 12.31 4.46 -37.24
N PRO A 505 12.66 4.59 -38.52
CA PRO A 505 13.26 3.45 -39.23
C PRO A 505 14.51 2.96 -38.53
N ALA A 506 14.67 1.64 -38.51
CA ALA A 506 15.79 1.02 -37.80
C ALA A 506 17.12 1.37 -38.47
N THR A 507 18.14 1.61 -37.66
CA THR A 507 19.45 1.97 -38.17
C THR A 507 20.56 0.99 -37.79
N VAL A 508 20.65 0.59 -36.52
CA VAL A 508 21.83 -0.17 -36.10
C VAL A 508 21.51 -1.54 -35.51
N CYS A 509 20.86 -1.55 -34.34
CA CYS A 509 20.74 -2.70 -33.44
C CYS A 509 21.72 -3.85 -33.68
N GLY A 510 21.24 -5.09 -33.52
CA GLY A 510 22.11 -6.24 -33.52
C GLY A 510 21.76 -7.28 -34.57
N PRO A 511 22.40 -8.45 -34.46
CA PRO A 511 22.19 -9.50 -35.47
C PRO A 511 20.96 -10.33 -35.16
N LYS A 512 20.00 -10.32 -36.08
CA LYS A 512 18.83 -11.18 -36.02
C LYS A 512 18.61 -11.80 -37.39
N LYS A 513 18.37 -13.10 -37.40
CA LYS A 513 18.22 -13.82 -38.67
C LYS A 513 16.97 -13.33 -39.40
N SER A 514 17.07 -13.28 -40.73
CA SER A 514 15.95 -12.86 -41.56
C SER A 514 15.09 -14.06 -41.96
N THR A 515 13.85 -13.76 -42.32
CA THR A 515 12.90 -14.78 -42.75
C THR A 515 12.25 -14.35 -44.06
N ASN A 516 11.92 -15.34 -44.88
CA ASN A 516 11.34 -15.07 -46.19
C ASN A 516 9.94 -14.47 -46.04
N LEU A 517 9.37 -14.07 -47.17
CA LEU A 517 8.08 -13.39 -47.20
C LEU A 517 7.00 -14.35 -47.69
N VAL A 518 5.91 -14.42 -46.92
CA VAL A 518 4.76 -15.25 -47.26
C VAL A 518 3.51 -14.38 -47.22
N LYS A 519 2.49 -14.78 -47.97
CA LYS A 519 1.29 -13.97 -48.14
C LYS A 519 0.04 -14.83 -47.94
N ASN A 520 -1.06 -14.14 -47.61
CA ASN A 520 -2.40 -14.74 -47.57
C ASN A 520 -2.54 -15.79 -46.47
N LYS A 521 -1.88 -15.55 -45.33
CA LYS A 521 -1.98 -16.45 -44.19
C LYS A 521 -2.03 -15.64 -42.90
N CYS A 522 -2.80 -16.15 -41.94
CA CYS A 522 -2.84 -15.56 -40.61
C CYS A 522 -1.56 -15.91 -39.86
N VAL A 523 -0.53 -15.07 -40.00
CA VAL A 523 0.82 -15.40 -39.54
C VAL A 523 1.35 -14.25 -38.68
N ASN A 524 2.31 -14.60 -37.82
CA ASN A 524 3.02 -13.62 -37.04
C ASN A 524 4.00 -12.84 -37.92
N PHE A 525 4.33 -11.62 -37.48
CA PHE A 525 5.34 -10.82 -38.14
C PHE A 525 6.01 -9.92 -37.12
N ASN A 526 7.28 -9.60 -37.38
CA ASN A 526 8.09 -8.77 -36.50
C ASN A 526 8.85 -7.73 -37.30
N PHE A 527 8.13 -7.02 -38.18
CA PHE A 527 8.76 -6.05 -39.08
C PHE A 527 9.34 -4.91 -38.26
N ASN A 528 10.65 -4.92 -38.08
CA ASN A 528 11.39 -3.88 -37.36
C ASN A 528 10.79 -3.64 -35.98
N GLY A 529 10.72 -4.72 -35.20
CA GLY A 529 10.20 -4.65 -33.84
C GLY A 529 8.72 -4.30 -33.76
N LEU A 530 7.90 -4.93 -34.59
CA LEU A 530 6.46 -4.67 -34.64
C LEU A 530 5.69 -5.97 -34.50
N LYS A 531 6.03 -6.74 -33.46
CA LYS A 531 5.43 -8.05 -33.20
C LYS A 531 3.91 -7.98 -33.26
N GLY A 532 3.33 -8.70 -34.21
CA GLY A 532 1.89 -8.73 -34.39
C GLY A 532 1.52 -9.80 -35.39
N THR A 533 0.23 -10.11 -35.42
CA THR A 533 -0.31 -11.15 -36.29
C THR A 533 -1.31 -10.54 -37.26
N GLY A 534 -1.81 -11.38 -38.16
CA GLY A 534 -2.76 -10.97 -39.17
C GLY A 534 -2.42 -11.63 -40.48
N VAL A 535 -3.12 -11.20 -41.54
CA VAL A 535 -2.91 -11.71 -42.89
C VAL A 535 -2.15 -10.65 -43.69
N LEU A 536 -1.07 -11.05 -44.33
CA LEU A 536 -0.25 -10.15 -45.14
C LEU A 536 -0.84 -10.09 -46.55
N THR A 537 -1.31 -8.91 -46.94
CA THR A 537 -1.94 -8.71 -48.23
C THR A 537 -1.28 -7.51 -48.92
N GLU A 538 -1.23 -7.56 -50.26
CA GLU A 538 -0.66 -6.48 -51.02
C GLU A 538 -1.48 -5.21 -50.85
N SER A 539 -0.83 -4.07 -51.11
CA SER A 539 -1.42 -2.77 -50.85
C SER A 539 -1.94 -2.16 -52.14
N ASN A 540 -3.25 -1.84 -52.15
CA ASN A 540 -3.81 -1.01 -53.20
C ASN A 540 -3.60 0.48 -52.93
N LYS A 541 -3.38 0.86 -51.67
CA LYS A 541 -3.07 2.25 -51.35
C LYS A 541 -1.71 2.63 -51.93
N LYS A 542 -1.58 3.90 -52.27
CA LYS A 542 -0.39 4.41 -52.95
C LYS A 542 0.43 5.26 -51.98
N PHE A 543 1.34 4.61 -51.28
CA PHE A 543 2.29 5.35 -50.46
C PHE A 543 3.24 6.15 -51.35
N LEU A 544 3.44 7.42 -51.01
CA LEU A 544 4.41 8.23 -51.69
C LEU A 544 5.81 7.72 -51.36
N PRO A 545 6.81 8.03 -52.19
CA PRO A 545 8.14 7.40 -52.01
C PRO A 545 8.74 7.59 -50.62
N PHE A 546 8.45 8.71 -49.95
CA PHE A 546 8.96 8.92 -48.61
C PHE A 546 8.15 8.20 -47.54
N GLN A 547 6.97 7.67 -47.89
CA GLN A 547 6.01 7.22 -46.90
C GLN A 547 6.37 5.83 -46.37
N GLN A 548 6.54 5.73 -45.06
CA GLN A 548 6.77 4.47 -44.37
C GLN A 548 5.42 3.82 -44.07
N PHE A 549 5.43 2.84 -43.17
CA PHE A 549 4.20 2.12 -42.79
C PHE A 549 3.08 3.08 -42.41
N GLY A 550 1.88 2.78 -42.90
CA GLY A 550 0.71 3.59 -42.61
C GLY A 550 -0.17 2.97 -41.53
N ARG A 551 -0.97 3.83 -40.91
CA ARG A 551 -1.87 3.44 -39.83
C ARG A 551 -3.31 3.78 -40.21
N ASP A 552 -4.20 3.68 -39.23
CA ASP A 552 -5.64 3.80 -39.46
C ASP A 552 -6.22 4.67 -38.35
N ILE A 553 -7.54 4.60 -38.16
CA ILE A 553 -8.22 5.46 -37.19
C ILE A 553 -7.60 5.31 -35.81
N ALA A 554 -7.33 4.08 -35.39
CA ALA A 554 -6.71 3.84 -34.10
C ALA A 554 -5.19 3.77 -34.27
N ASP A 555 -4.48 3.44 -33.19
CA ASP A 555 -3.03 3.34 -33.22
C ASP A 555 -2.52 2.12 -33.97
N THR A 556 -3.39 1.17 -34.30
CA THR A 556 -2.97 -0.04 -34.98
C THR A 556 -2.44 0.29 -36.38
N THR A 557 -1.35 -0.37 -36.75
CA THR A 557 -0.80 -0.21 -38.09
C THR A 557 -1.71 -0.91 -39.09
N ASP A 558 -2.07 -0.21 -40.17
CA ASP A 558 -2.90 -0.80 -41.20
C ASP A 558 -2.06 -1.41 -42.32
N ALA A 559 -1.06 -0.68 -42.80
CA ALA A 559 -0.17 -1.16 -43.85
C ALA A 559 1.28 -0.92 -43.42
N VAL A 560 2.16 -1.81 -43.86
CA VAL A 560 3.56 -1.75 -43.51
C VAL A 560 4.40 -1.88 -44.78
N ARG A 561 5.62 -1.35 -44.73
CA ARG A 561 6.56 -1.39 -45.84
C ARG A 561 7.71 -2.31 -45.49
N ASP A 562 8.08 -3.19 -46.42
CA ASP A 562 9.18 -4.11 -46.20
C ASP A 562 10.50 -3.35 -46.21
N PRO A 563 11.28 -3.37 -45.13
CA PRO A 563 12.58 -2.68 -45.15
C PRO A 563 13.58 -3.29 -46.13
N GLN A 564 13.37 -4.53 -46.57
CA GLN A 564 14.33 -5.21 -47.43
C GLN A 564 13.98 -5.04 -48.91
N THR A 565 12.78 -5.46 -49.31
CA THR A 565 12.39 -5.42 -50.71
C THR A 565 11.72 -4.12 -51.11
N LEU A 566 11.50 -3.21 -50.16
CA LEU A 566 10.85 -1.92 -50.43
C LEU A 566 9.48 -2.11 -51.07
N GLU A 567 8.67 -2.97 -50.44
CA GLU A 567 7.31 -3.22 -50.88
C GLU A 567 6.36 -3.02 -49.72
N ILE A 568 5.10 -2.75 -50.05
CA ILE A 568 4.08 -2.40 -49.07
C ILE A 568 3.17 -3.60 -48.84
N LEU A 569 2.89 -3.88 -47.57
CA LEU A 569 2.02 -4.99 -47.17
C LEU A 569 0.94 -4.48 -46.23
N ASP A 570 -0.25 -5.07 -46.34
CA ASP A 570 -1.37 -4.74 -45.48
C ASP A 570 -1.59 -5.87 -44.48
N ILE A 571 -1.81 -5.51 -43.22
CA ILE A 571 -2.09 -6.49 -42.17
C ILE A 571 -3.53 -6.33 -41.72
N THR A 572 -4.11 -7.44 -41.28
CA THR A 572 -5.51 -7.49 -40.85
C THR A 572 -5.75 -8.77 -40.07
N PRO A 573 -6.40 -8.70 -38.90
CA PRO A 573 -6.74 -9.92 -38.17
C PRO A 573 -7.60 -10.85 -39.04
N CYS A 574 -7.33 -12.14 -38.95
CA CYS A 574 -7.90 -13.09 -39.90
C CYS A 574 -9.37 -13.39 -39.59
N SER A 575 -9.65 -13.95 -38.41
CA SER A 575 -11.02 -14.34 -38.13
C SER A 575 -11.26 -14.40 -36.62
N PHE A 576 -12.44 -13.98 -36.21
CA PHE A 576 -12.91 -14.09 -34.83
C PHE A 576 -14.40 -13.76 -34.80
N GLY A 577 -15.07 -14.20 -33.75
CA GLY A 577 -16.48 -13.95 -33.62
C GLY A 577 -17.07 -14.68 -32.44
N GLY A 578 -18.32 -14.35 -32.13
CA GLY A 578 -19.02 -14.98 -31.04
C GLY A 578 -19.58 -16.34 -31.39
N VAL A 579 -19.99 -17.07 -30.35
CA VAL A 579 -20.52 -18.43 -30.49
C VAL A 579 -21.82 -18.52 -29.70
N SER A 580 -22.85 -19.09 -30.33
CA SER A 580 -24.13 -19.29 -29.69
C SER A 580 -24.54 -20.76 -29.84
N VAL A 581 -25.24 -21.27 -28.82
CA VAL A 581 -25.63 -22.67 -28.76
C VAL A 581 -27.15 -22.73 -28.64
N ILE A 582 -27.78 -23.54 -29.49
CA ILE A 582 -29.23 -23.75 -29.48
C ILE A 582 -29.50 -25.12 -28.87
N THR A 583 -30.32 -25.14 -27.82
CA THR A 583 -30.71 -26.40 -27.19
C THR A 583 -32.21 -26.39 -26.92
N PRO A 584 -32.87 -27.54 -27.05
CA PRO A 584 -34.31 -27.59 -26.83
C PRO A 584 -34.73 -28.01 -25.42
N GLY A 585 -33.80 -28.45 -24.58
CA GLY A 585 -34.16 -28.90 -23.25
C GLY A 585 -33.41 -30.15 -22.84
N THR A 586 -32.89 -30.15 -21.61
CA THR A 586 -32.11 -31.27 -21.14
C THR A 586 -32.97 -32.51 -20.90
N ASN A 587 -34.20 -32.32 -20.40
CA ASN A 587 -35.01 -33.46 -20.02
C ASN A 587 -35.56 -34.22 -21.21
N THR A 588 -35.56 -33.61 -22.40
CA THR A 588 -36.22 -34.20 -23.56
C THR A 588 -35.27 -34.75 -24.61
N SER A 589 -34.05 -34.21 -24.72
CA SER A 589 -33.10 -34.66 -25.73
C SER A 589 -31.71 -34.19 -25.32
N ASN A 590 -30.72 -34.56 -26.14
CA ASN A 590 -29.35 -34.12 -25.91
C ASN A 590 -28.65 -33.72 -27.20
N GLN A 591 -29.39 -33.50 -28.28
CA GLN A 591 -28.83 -33.06 -29.55
C GLN A 591 -29.08 -31.57 -29.71
N VAL A 592 -28.00 -30.82 -29.99
CA VAL A 592 -28.03 -29.37 -30.00
C VAL A 592 -27.55 -28.88 -31.36
N ALA A 593 -27.52 -27.56 -31.52
CA ALA A 593 -27.04 -26.91 -32.73
C ALA A 593 -26.15 -25.74 -32.34
N VAL A 594 -25.25 -25.38 -33.24
CA VAL A 594 -24.25 -24.35 -33.00
C VAL A 594 -24.44 -23.25 -34.05
N LEU A 595 -24.35 -22.00 -33.60
CA LEU A 595 -24.51 -20.83 -34.46
C LEU A 595 -23.28 -19.95 -34.32
N TYR A 596 -22.56 -19.76 -35.44
CA TYR A 596 -21.40 -18.87 -35.49
C TYR A 596 -21.89 -17.53 -36.04
N GLN A 597 -22.18 -16.60 -35.13
CA GLN A 597 -22.81 -15.35 -35.53
C GLN A 597 -21.84 -14.45 -36.30
N GLY A 598 -22.37 -13.82 -37.35
CA GLY A 598 -21.67 -12.75 -38.03
C GLY A 598 -20.52 -13.15 -38.93
N VAL A 599 -20.36 -14.44 -39.21
CA VAL A 599 -19.23 -14.92 -40.01
C VAL A 599 -19.76 -15.67 -41.23
N ASN A 600 -19.33 -15.23 -42.41
CA ASN A 600 -19.54 -15.99 -43.64
C ASN A 600 -18.83 -17.34 -43.52
N CYS A 601 -19.45 -18.40 -44.03
CA CYS A 601 -18.85 -19.72 -43.88
C CYS A 601 -17.48 -19.83 -44.53
N THR A 602 -17.43 -19.84 -45.86
CA THR A 602 -16.20 -20.09 -46.61
C THR A 602 -15.34 -21.19 -46.00
N GLU A 603 -15.96 -22.19 -45.39
CA GLU A 603 -15.30 -23.33 -44.77
C GLU A 603 -14.46 -22.94 -43.56
N VAL A 604 -14.37 -21.66 -43.21
CA VAL A 604 -13.50 -21.23 -42.12
C VAL A 604 -13.98 -21.73 -40.75
N PRO A 605 -15.27 -22.01 -40.51
CA PRO A 605 -15.60 -22.71 -39.26
C PRO A 605 -14.93 -24.07 -39.15
N VAL A 606 -14.76 -24.77 -40.27
CA VAL A 606 -13.98 -26.00 -40.25
C VAL A 606 -12.51 -25.69 -39.99
N ALA A 607 -12.01 -24.59 -40.55
CA ALA A 607 -10.67 -24.06 -40.26
C ALA A 607 -9.57 -25.09 -40.55
N ILE A 608 -9.74 -25.84 -41.64
CA ILE A 608 -8.73 -26.78 -42.14
C ILE A 608 -8.42 -27.82 -41.07
N HIS A 609 -9.21 -28.90 -41.04
CA HIS A 609 -9.09 -30.02 -40.10
C HIS A 609 -9.43 -29.63 -38.67
N ALA A 610 -9.70 -28.36 -38.40
CA ALA A 610 -10.14 -27.85 -37.10
C ALA A 610 -9.13 -28.09 -35.99
N ASP A 611 -7.89 -28.48 -36.33
CA ASP A 611 -6.86 -28.63 -35.31
C ASP A 611 -6.32 -27.29 -34.82
N GLN A 612 -6.53 -26.22 -35.59
CA GLN A 612 -6.10 -24.89 -35.21
C GLN A 612 -7.20 -24.07 -34.56
N LEU A 613 -8.45 -24.53 -34.63
CA LEU A 613 -9.56 -23.78 -34.05
C LEU A 613 -9.49 -23.81 -32.53
N THR A 614 -9.73 -22.65 -31.92
CA THR A 614 -9.70 -22.56 -30.46
C THR A 614 -10.77 -23.43 -29.80
N PRO A 615 -12.04 -23.46 -30.25
CA PRO A 615 -12.99 -24.40 -29.66
C PRO A 615 -12.57 -25.84 -29.91
N THR A 616 -12.89 -26.70 -28.95
CA THR A 616 -12.49 -28.11 -29.00
C THR A 616 -13.60 -29.03 -29.48
N TRP A 617 -14.78 -28.49 -29.80
CA TRP A 617 -15.86 -29.32 -30.34
C TRP A 617 -15.72 -29.43 -31.86
N ARG A 618 -14.62 -30.07 -32.26
CA ARG A 618 -14.30 -30.23 -33.68
C ARG A 618 -15.22 -31.19 -34.40
N VAL A 619 -16.02 -31.98 -33.67
CA VAL A 619 -16.92 -32.93 -34.31
C VAL A 619 -17.99 -32.21 -35.13
N TYR A 620 -18.57 -31.15 -34.56
CA TYR A 620 -19.67 -30.44 -35.21
C TYR A 620 -19.22 -29.43 -36.24
N SER A 621 -17.91 -29.26 -36.44
CA SER A 621 -17.44 -28.39 -37.51
C SER A 621 -17.67 -29.00 -38.88
N THR A 622 -17.87 -30.32 -38.96
CA THR A 622 -18.08 -31.00 -40.23
C THR A 622 -19.41 -31.75 -40.24
N GLY A 623 -20.48 -31.08 -39.78
CA GLY A 623 -21.77 -31.73 -39.69
C GLY A 623 -22.45 -31.95 -41.02
N SER A 624 -21.97 -31.27 -42.08
CA SER A 624 -22.46 -31.37 -43.46
C SER A 624 -23.86 -30.81 -43.64
N ASN A 625 -24.51 -30.34 -42.58
CA ASN A 625 -25.82 -29.69 -42.69
C ASN A 625 -25.63 -28.22 -42.31
N VAL A 626 -25.28 -27.42 -43.31
CA VAL A 626 -24.93 -26.02 -43.12
C VAL A 626 -25.97 -25.15 -43.79
N PHE A 627 -26.54 -24.21 -43.04
CA PHE A 627 -27.50 -23.25 -43.55
C PHE A 627 -26.97 -21.85 -43.27
N GLN A 628 -27.13 -20.95 -44.24
CA GLN A 628 -26.63 -19.59 -44.15
C GLN A 628 -27.78 -18.61 -43.98
N THR A 629 -27.70 -17.78 -42.95
CA THR A 629 -28.68 -16.74 -42.68
C THR A 629 -28.01 -15.38 -42.73
N ARG A 630 -28.77 -14.33 -42.39
CA ARG A 630 -28.22 -12.98 -42.39
C ARG A 630 -27.32 -12.72 -41.20
N ALA A 631 -27.59 -13.36 -40.06
CA ALA A 631 -26.81 -13.12 -38.84
C ALA A 631 -25.58 -14.00 -38.74
N GLY A 632 -25.37 -14.93 -39.67
CA GLY A 632 -24.27 -15.86 -39.60
C GLY A 632 -24.72 -17.28 -39.90
N CYS A 633 -23.95 -18.03 -40.68
CA CYS A 633 -24.43 -19.32 -41.14
C CYS A 633 -24.44 -20.34 -40.02
N LEU A 634 -25.46 -21.19 -40.02
CA LEU A 634 -25.80 -22.08 -38.92
C LEU A 634 -25.46 -23.52 -39.28
N ILE A 635 -25.12 -24.30 -38.25
CA ILE A 635 -24.70 -25.69 -38.40
C ILE A 635 -25.58 -26.57 -37.53
N GLY A 636 -26.03 -27.68 -38.09
CA GLY A 636 -26.71 -28.71 -37.33
C GLY A 636 -28.22 -28.64 -37.28
N ALA A 637 -28.86 -27.82 -38.11
CA ALA A 637 -30.31 -27.71 -38.13
C ALA A 637 -30.81 -27.81 -39.56
N GLU A 638 -31.78 -28.70 -39.78
CA GLU A 638 -32.41 -28.81 -41.09
C GLU A 638 -33.30 -27.60 -41.33
N TYR A 639 -33.33 -27.13 -42.58
CA TYR A 639 -34.08 -25.93 -42.96
C TYR A 639 -35.40 -26.37 -43.58
N VAL A 640 -36.49 -26.17 -42.84
CA VAL A 640 -37.82 -26.47 -43.38
C VAL A 640 -38.21 -25.37 -44.36
N ASN A 641 -39.09 -25.73 -45.30
CA ASN A 641 -39.52 -24.81 -46.35
C ASN A 641 -40.83 -24.12 -46.05
N ASN A 642 -41.73 -24.75 -45.29
CA ASN A 642 -43.00 -24.14 -44.95
C ASN A 642 -42.79 -23.16 -43.80
N SER A 643 -43.88 -22.66 -43.21
CA SER A 643 -43.81 -21.65 -42.16
C SER A 643 -44.47 -22.17 -40.90
N TYR A 644 -43.86 -21.84 -39.76
CA TYR A 644 -44.40 -22.21 -38.45
C TYR A 644 -44.51 -20.96 -37.57
N GLU A 645 -44.78 -21.16 -36.28
CA GLU A 645 -44.76 -20.08 -35.31
C GLU A 645 -43.43 -20.09 -34.57
N CYS A 646 -42.91 -18.90 -34.27
CA CYS A 646 -41.58 -18.79 -33.70
C CYS A 646 -41.55 -19.34 -32.28
N ASP A 647 -40.51 -20.10 -31.97
CA ASP A 647 -40.30 -20.68 -30.65
C ASP A 647 -39.04 -20.16 -29.97
N ILE A 648 -37.90 -20.23 -30.65
CA ILE A 648 -36.62 -19.79 -30.11
C ILE A 648 -36.06 -18.72 -31.03
N PRO A 649 -35.85 -17.50 -30.54
CA PRO A 649 -35.34 -16.43 -31.43
C PRO A 649 -33.94 -16.72 -31.93
N ILE A 650 -33.68 -16.32 -33.16
CA ILE A 650 -32.35 -16.42 -33.75
C ILE A 650 -31.92 -15.03 -34.23
N GLY A 651 -32.68 -14.46 -35.14
CA GLY A 651 -32.39 -13.15 -35.70
C GLY A 651 -32.77 -13.10 -37.17
N ALA A 652 -33.04 -11.89 -37.65
CA ALA A 652 -33.41 -11.64 -39.04
C ALA A 652 -34.59 -12.49 -39.47
N GLY A 653 -35.60 -12.58 -38.63
CA GLY A 653 -36.81 -13.31 -38.96
C GLY A 653 -36.62 -14.81 -39.10
N ILE A 654 -35.86 -15.43 -38.20
CA ILE A 654 -35.65 -16.88 -38.22
C ILE A 654 -35.79 -17.38 -36.78
N CYS A 655 -36.52 -18.47 -36.60
CA CYS A 655 -36.67 -19.09 -35.29
C CYS A 655 -36.53 -20.60 -35.42
N ALA A 656 -35.86 -21.20 -34.44
CA ALA A 656 -35.60 -22.63 -34.42
C ALA A 656 -36.49 -23.33 -33.42
N SER A 657 -36.75 -24.62 -33.66
CA SER A 657 -37.60 -25.42 -32.79
C SER A 657 -37.23 -26.88 -32.94
N TYR A 658 -37.68 -27.69 -31.98
CA TYR A 658 -37.45 -29.13 -31.97
C TYR A 658 -38.78 -29.82 -32.21
N GLN A 659 -39.00 -30.26 -33.45
CA GLN A 659 -40.25 -30.89 -33.85
C GLN A 659 -39.97 -32.17 -34.60
N THR A 660 -40.86 -33.14 -34.45
CA THR A 660 -40.75 -34.41 -35.14
C THR A 660 -40.88 -34.22 -36.66
N ALA A 672 -40.34 -41.14 -35.60
CA ALA A 672 -39.48 -40.73 -34.50
C ALA A 672 -39.19 -39.23 -34.57
N SER A 673 -38.73 -38.68 -33.44
CA SER A 673 -38.42 -37.25 -33.39
C SER A 673 -37.20 -36.94 -34.25
N GLN A 674 -37.29 -35.85 -35.00
CA GLN A 674 -36.19 -35.41 -35.85
C GLN A 674 -35.36 -34.36 -35.10
N SER A 675 -34.36 -33.81 -35.77
CA SER A 675 -33.40 -32.90 -35.15
C SER A 675 -34.00 -31.49 -35.08
N ILE A 676 -33.15 -30.52 -34.72
CA ILE A 676 -33.59 -29.13 -34.67
C ILE A 676 -33.89 -28.63 -36.08
N ILE A 677 -34.95 -27.85 -36.21
CA ILE A 677 -35.38 -27.31 -37.50
C ILE A 677 -35.50 -25.80 -37.38
N ALA A 678 -35.08 -25.09 -38.43
CA ALA A 678 -35.17 -23.65 -38.50
C ALA A 678 -36.11 -23.24 -39.62
N TYR A 679 -36.79 -22.11 -39.43
CA TYR A 679 -37.79 -21.66 -40.37
C TYR A 679 -38.01 -20.16 -40.20
N THR A 680 -38.72 -19.58 -41.15
CA THR A 680 -39.21 -18.21 -41.01
C THR A 680 -40.59 -18.24 -40.37
N MET A 681 -40.77 -17.47 -39.31
CA MET A 681 -41.99 -17.58 -38.53
C MET A 681 -43.18 -17.00 -39.30
N SER A 682 -44.38 -17.40 -38.86
CA SER A 682 -45.62 -16.90 -39.40
C SER A 682 -46.21 -15.87 -38.45
N LEU A 683 -46.53 -14.68 -38.97
CA LEU A 683 -47.11 -13.65 -38.12
C LEU A 683 -48.45 -14.09 -37.56
N GLY A 684 -49.27 -14.74 -38.37
CA GLY A 684 -50.55 -15.23 -37.90
C GLY A 684 -51.39 -15.71 -39.07
N ALA A 685 -52.56 -16.25 -38.72
CA ALA A 685 -53.49 -16.73 -39.73
C ALA A 685 -54.04 -15.56 -40.54
N GLU A 686 -54.12 -15.76 -41.85
CA GLU A 686 -54.64 -14.72 -42.74
C GLU A 686 -56.16 -14.76 -42.75
N ASN A 687 -56.78 -13.59 -42.63
CA ASN A 687 -58.22 -13.45 -42.64
C ASN A 687 -58.61 -12.25 -43.47
N SER A 688 -59.78 -12.33 -44.11
CA SER A 688 -60.29 -11.25 -44.93
C SER A 688 -61.68 -10.86 -44.45
N VAL A 689 -62.02 -9.58 -44.64
CA VAL A 689 -63.30 -9.03 -44.22
C VAL A 689 -64.14 -8.74 -45.46
N ALA A 690 -65.36 -9.26 -45.47
CA ALA A 690 -66.27 -9.05 -46.59
C ALA A 690 -66.92 -7.68 -46.43
N TYR A 691 -66.16 -6.66 -46.81
CA TYR A 691 -66.61 -5.28 -46.68
C TYR A 691 -67.55 -4.93 -47.84
N SER A 692 -68.76 -4.51 -47.50
CA SER A 692 -69.72 -4.04 -48.50
C SER A 692 -70.41 -2.79 -47.96
N ASN A 693 -70.56 -1.79 -48.81
CA ASN A 693 -71.15 -0.51 -48.47
C ASN A 693 -72.64 -0.57 -48.14
N ASN A 694 -73.29 -1.73 -48.07
CA ASN A 694 -74.63 -1.85 -47.51
C ASN A 694 -74.76 -3.13 -46.69
N SER A 695 -73.74 -3.43 -45.88
CA SER A 695 -73.73 -4.64 -45.07
C SER A 695 -73.22 -4.31 -43.67
N ILE A 696 -73.62 -5.13 -42.69
CA ILE A 696 -73.27 -4.92 -41.30
C ILE A 696 -73.50 -6.23 -40.54
N ALA A 697 -72.79 -6.40 -39.42
CA ALA A 697 -72.90 -7.59 -38.59
C ALA A 697 -73.12 -7.19 -37.13
N ILE A 698 -74.01 -7.89 -36.45
CA ILE A 698 -74.38 -7.58 -35.06
C ILE A 698 -74.38 -8.84 -34.20
N PRO A 699 -73.79 -8.81 -33.01
CA PRO A 699 -73.73 -10.00 -32.16
C PRO A 699 -75.08 -10.33 -31.53
N THR A 700 -75.22 -11.59 -31.11
CA THR A 700 -76.39 -12.10 -30.40
C THR A 700 -76.05 -12.56 -28.99
N ASN A 701 -75.18 -13.56 -28.84
CA ASN A 701 -74.48 -13.79 -27.58
C ASN A 701 -73.47 -12.70 -27.24
N PHE A 702 -73.15 -12.68 -25.95
CA PHE A 702 -71.99 -12.03 -25.34
C PHE A 702 -71.23 -13.11 -24.58
N THR A 703 -70.19 -12.71 -23.87
CA THR A 703 -69.37 -13.67 -23.12
C THR A 703 -68.55 -12.93 -22.06
N ILE A 704 -68.60 -13.42 -20.84
CA ILE A 704 -67.77 -12.89 -19.77
C ILE A 704 -66.46 -13.66 -19.74
N SER A 705 -65.39 -13.00 -19.29
CA SER A 705 -64.09 -13.64 -19.19
C SER A 705 -63.33 -13.03 -18.03
N VAL A 706 -62.29 -13.73 -17.59
CA VAL A 706 -61.46 -13.30 -16.48
C VAL A 706 -59.99 -13.42 -16.90
N THR A 707 -59.24 -12.35 -16.70
CA THR A 707 -57.81 -12.33 -17.01
C THR A 707 -57.05 -11.73 -15.84
N THR A 708 -55.78 -12.11 -15.73
CA THR A 708 -54.92 -11.68 -14.64
C THR A 708 -53.90 -10.67 -15.12
N GLU A 709 -53.22 -10.05 -14.16
CA GLU A 709 -52.19 -9.07 -14.46
C GLU A 709 -51.25 -9.00 -13.26
N ILE A 710 -49.95 -8.94 -13.54
CA ILE A 710 -48.91 -9.02 -12.51
C ILE A 710 -48.10 -7.73 -12.55
N LEU A 711 -47.88 -7.13 -11.39
CA LEU A 711 -47.12 -5.88 -11.30
C LEU A 711 -46.27 -5.85 -10.04
N PRO A 712 -44.95 -5.74 -10.17
CA PRO A 712 -44.10 -5.57 -8.98
C PRO A 712 -44.36 -4.21 -8.34
N VAL A 713 -44.21 -4.16 -7.02
CA VAL A 713 -44.50 -2.95 -6.28
C VAL A 713 -43.27 -2.46 -5.52
N SER A 714 -42.42 -3.39 -5.09
CA SER A 714 -41.28 -3.01 -4.27
C SER A 714 -40.25 -4.14 -4.28
N MET A 715 -39.01 -3.78 -3.99
CA MET A 715 -37.92 -4.72 -3.89
C MET A 715 -37.55 -4.92 -2.41
N THR A 716 -36.43 -5.61 -2.20
CA THR A 716 -35.94 -5.89 -0.85
C THR A 716 -34.93 -4.83 -0.44
N LYS A 717 -35.16 -4.21 0.71
CA LYS A 717 -34.22 -3.23 1.25
C LYS A 717 -32.93 -3.91 1.69
N THR A 718 -31.87 -3.12 1.80
CA THR A 718 -30.57 -3.66 2.17
C THR A 718 -29.73 -2.57 2.82
N SER A 719 -28.66 -3.02 3.49
CA SER A 719 -27.70 -2.12 4.12
C SER A 719 -26.32 -2.78 4.06
N VAL A 720 -25.29 -1.95 4.21
CA VAL A 720 -23.92 -2.41 4.08
C VAL A 720 -23.10 -1.90 5.26
N ASP A 721 -22.02 -2.61 5.56
CA ASP A 721 -21.08 -2.23 6.61
C ASP A 721 -19.73 -1.99 5.94
N CYS A 722 -19.40 -0.71 5.70
CA CYS A 722 -18.22 -0.38 4.91
C CYS A 722 -16.94 -0.88 5.57
N THR A 723 -16.75 -0.56 6.84
CA THR A 723 -15.45 -0.75 7.48
C THR A 723 -15.05 -2.23 7.50
N MET A 724 -15.94 -3.09 8.01
CA MET A 724 -15.58 -4.51 8.12
C MET A 724 -15.54 -5.19 6.76
N TYR A 725 -16.34 -4.72 5.80
CA TYR A 725 -16.34 -5.35 4.49
C TYR A 725 -15.05 -5.06 3.73
N ILE A 726 -14.64 -3.79 3.70
CA ILE A 726 -13.56 -3.41 2.79
C ILE A 726 -12.22 -4.02 3.22
N CYS A 727 -11.98 -4.12 4.53
CA CYS A 727 -10.72 -4.68 5.01
C CYS A 727 -10.91 -5.96 5.80
N GLY A 728 -11.75 -5.95 6.83
CA GLY A 728 -12.02 -7.13 7.62
C GLY A 728 -11.88 -6.85 9.12
N ASP A 729 -11.47 -7.88 9.85
CA ASP A 729 -11.34 -7.81 11.30
C ASP A 729 -10.05 -7.14 11.76
N SER A 730 -9.16 -6.79 10.84
CA SER A 730 -7.90 -6.16 11.23
C SER A 730 -8.15 -4.76 11.77
N THR A 731 -7.17 -4.25 12.52
CA THR A 731 -7.24 -2.91 13.10
C THR A 731 -6.47 -1.88 12.28
N GLU A 732 -5.30 -2.26 11.74
CA GLU A 732 -4.51 -1.32 10.96
C GLU A 732 -5.22 -0.91 9.67
N CYS A 733 -6.11 -1.77 9.15
CA CYS A 733 -6.85 -1.41 7.95
C CYS A 733 -7.66 -0.14 8.17
N SER A 734 -8.35 -0.06 9.30
CA SER A 734 -9.10 1.15 9.63
C SER A 734 -8.19 2.36 9.79
N ASN A 735 -7.04 2.17 10.44
CA ASN A 735 -6.11 3.28 10.65
C ASN A 735 -5.61 3.83 9.32
N LEU A 736 -5.27 2.95 8.37
CA LEU A 736 -4.86 3.41 7.05
C LEU A 736 -6.03 3.99 6.28
N LEU A 737 -7.24 3.51 6.53
CA LEU A 737 -8.41 3.98 5.80
C LEU A 737 -8.82 5.38 6.23
N LEU A 738 -8.62 5.73 7.50
CA LEU A 738 -9.16 6.98 8.03
C LEU A 738 -8.67 8.20 7.27
N GLN A 739 -7.49 8.10 6.64
CA GLN A 739 -7.00 9.22 5.84
C GLN A 739 -7.67 9.33 4.48
N TYR A 740 -8.50 8.36 4.10
CA TYR A 740 -9.25 8.44 2.86
C TYR A 740 -10.44 9.39 3.05
N GLY A 741 -11.27 9.48 2.02
CA GLY A 741 -12.49 10.26 2.11
C GLY A 741 -13.58 9.55 2.89
N SER A 742 -14.59 10.33 3.26
CA SER A 742 -15.76 9.80 3.98
C SER A 742 -16.76 9.18 2.99
N PHE A 743 -16.26 8.18 2.26
CA PHE A 743 -17.05 7.56 1.20
C PHE A 743 -18.29 6.88 1.73
N CYS A 744 -18.21 6.24 2.90
CA CYS A 744 -19.33 5.48 3.43
C CYS A 744 -20.54 6.36 3.71
N THR A 745 -20.34 7.67 3.92
CA THR A 745 -21.45 8.54 4.29
C THR A 745 -22.49 8.62 3.17
N GLN A 746 -22.06 8.94 1.95
CA GLN A 746 -23.01 9.06 0.85
C GLN A 746 -23.61 7.72 0.47
N LEU A 747 -22.83 6.64 0.58
CA LEU A 747 -23.36 5.31 0.31
C LEU A 747 -24.48 4.96 1.28
N LYS A 748 -24.25 5.21 2.57
CA LYS A 748 -25.29 4.97 3.57
C LYS A 748 -26.50 5.86 3.31
N ARG A 749 -26.26 7.12 2.95
CA ARG A 749 -27.35 8.04 2.67
C ARG A 749 -28.22 7.54 1.52
N ALA A 750 -27.58 7.13 0.42
CA ALA A 750 -28.32 6.64 -0.74
C ALA A 750 -29.08 5.36 -0.41
N LEU A 751 -28.44 4.44 0.33
CA LEU A 751 -29.12 3.19 0.66
C LEU A 751 -30.32 3.44 1.57
N THR A 752 -30.18 4.35 2.54
CA THR A 752 -31.31 4.69 3.40
C THR A 752 -32.43 5.35 2.59
N GLY A 753 -32.06 6.21 1.63
CA GLY A 753 -33.06 6.80 0.77
C GLY A 753 -33.83 5.76 -0.02
N ILE A 754 -33.13 4.77 -0.57
CA ILE A 754 -33.81 3.70 -1.29
C ILE A 754 -34.72 2.91 -0.36
N ALA A 755 -34.23 2.61 0.84
CA ALA A 755 -35.01 1.83 1.80
C ALA A 755 -36.30 2.53 2.17
N VAL A 756 -36.23 3.84 2.44
CA VAL A 756 -37.45 4.57 2.77
C VAL A 756 -38.33 4.74 1.53
N GLU A 757 -37.72 4.80 0.34
CA GLU A 757 -38.49 5.00 -0.88
C GLU A 757 -39.36 3.79 -1.17
N GLN A 758 -38.84 2.58 -0.94
CA GLN A 758 -39.67 1.38 -1.14
C GLN A 758 -40.88 1.40 -0.22
N ASP A 759 -40.68 1.77 1.04
CA ASP A 759 -41.79 1.88 1.98
C ASP A 759 -42.81 2.91 1.49
N LYS A 760 -42.32 4.04 0.98
CA LYS A 760 -43.23 5.06 0.46
C LYS A 760 -44.05 4.50 -0.69
N ASN A 761 -43.41 3.75 -1.60
CA ASN A 761 -44.14 3.16 -2.72
C ASN A 761 -45.23 2.23 -2.24
N THR A 762 -44.90 1.33 -1.31
CA THR A 762 -45.90 0.39 -0.81
C THR A 762 -47.06 1.11 -0.13
N GLN A 763 -46.75 2.09 0.71
CA GLN A 763 -47.81 2.82 1.40
C GLN A 763 -48.69 3.58 0.42
N GLU A 764 -48.07 4.20 -0.60
CA GLU A 764 -48.85 4.95 -1.58
C GLU A 764 -49.77 4.04 -2.37
N VAL A 765 -49.30 2.84 -2.73
CA VAL A 765 -50.14 1.99 -3.57
C VAL A 765 -51.23 1.29 -2.75
N PHE A 766 -51.00 1.01 -1.47
CA PHE A 766 -51.92 0.18 -0.71
C PHE A 766 -52.67 0.94 0.40
N ALA A 767 -52.67 2.26 0.38
CA ALA A 767 -53.36 3.06 1.40
C ALA A 767 -54.22 4.13 0.76
N GLN A 768 -55.03 3.75 -0.22
CA GLN A 768 -55.92 4.69 -0.88
C GLN A 768 -57.30 4.79 -0.22
N VAL A 769 -57.50 4.12 0.91
CA VAL A 769 -58.75 4.20 1.66
C VAL A 769 -58.44 4.56 3.10
N LYS A 770 -59.40 5.22 3.75
CA LYS A 770 -59.24 5.68 5.13
C LYS A 770 -60.12 4.92 6.11
N GLN A 771 -60.76 3.83 5.68
CA GLN A 771 -61.60 3.03 6.55
C GLN A 771 -61.33 1.56 6.31
N ILE A 772 -61.60 0.75 7.33
CA ILE A 772 -61.46 -0.70 7.21
C ILE A 772 -62.84 -1.33 7.24
N TYR A 773 -63.42 -1.54 6.08
CA TYR A 773 -64.77 -2.08 5.99
C TYR A 773 -64.78 -3.57 6.32
N LYS A 774 -65.94 -4.04 6.74
CA LYS A 774 -66.16 -5.44 7.07
C LYS A 774 -67.31 -5.98 6.24
N THR A 775 -67.13 -7.18 5.70
CA THR A 775 -68.16 -7.79 4.87
C THR A 775 -69.39 -8.14 5.71
N PRO A 776 -70.59 -8.09 5.12
CA PRO A 776 -71.77 -8.53 5.84
C PRO A 776 -71.72 -10.02 6.11
N PRO A 777 -72.41 -10.50 7.15
CA PRO A 777 -72.34 -11.93 7.48
C PRO A 777 -72.79 -12.85 6.36
N ILE A 778 -73.82 -12.44 5.61
CA ILE A 778 -74.30 -13.27 4.51
C ILE A 778 -73.36 -13.18 3.32
N LYS A 779 -73.43 -14.18 2.44
CA LYS A 779 -72.58 -14.27 1.26
C LYS A 779 -73.42 -14.60 0.03
N TYR A 780 -74.56 -13.91 -0.11
CA TYR A 780 -75.44 -14.09 -1.25
C TYR A 780 -75.51 -12.77 -2.01
N PHE A 781 -75.01 -12.77 -3.26
CA PHE A 781 -75.03 -11.59 -4.12
C PHE A 781 -75.60 -12.01 -5.48
N GLY A 782 -76.92 -12.02 -5.58
CA GLY A 782 -77.59 -12.32 -6.83
C GLY A 782 -77.18 -13.65 -7.44
N GLY A 783 -76.81 -14.61 -6.61
CA GLY A 783 -76.41 -15.92 -7.09
C GLY A 783 -74.93 -16.08 -7.39
N PHE A 784 -74.14 -15.03 -7.24
CA PHE A 784 -72.72 -15.10 -7.56
C PHE A 784 -71.95 -15.90 -6.51
N ASN A 785 -70.72 -16.28 -6.89
CA ASN A 785 -69.77 -16.97 -6.03
C ASN A 785 -68.64 -16.00 -5.68
N PHE A 786 -68.30 -15.93 -4.40
CA PHE A 786 -67.21 -15.05 -3.98
C PHE A 786 -66.35 -15.63 -2.87
N SER A 787 -66.53 -16.90 -2.52
CA SER A 787 -65.72 -17.50 -1.46
C SER A 787 -64.25 -17.61 -1.84
N GLN A 788 -63.92 -17.57 -3.13
CA GLN A 788 -62.54 -17.78 -3.54
C GLN A 788 -61.64 -16.59 -3.23
N ILE A 789 -62.20 -15.40 -3.05
CA ILE A 789 -61.40 -14.21 -2.82
C ILE A 789 -61.68 -13.56 -1.48
N LEU A 790 -62.84 -13.79 -0.86
CA LEU A 790 -63.12 -13.18 0.43
C LEU A 790 -62.26 -13.83 1.51
N PRO A 791 -61.95 -13.08 2.58
CA PRO A 791 -61.14 -13.65 3.66
C PRO A 791 -61.82 -14.84 4.34
N ASP A 792 -61.00 -15.77 4.81
CA ASP A 792 -61.49 -16.95 5.51
C ASP A 792 -61.17 -16.85 6.99
N PRO A 793 -62.17 -16.66 7.87
CA PRO A 793 -61.87 -16.63 9.31
C PRO A 793 -61.39 -17.96 9.86
N SER A 794 -61.64 -19.07 9.16
CA SER A 794 -61.20 -20.37 9.65
C SER A 794 -59.69 -20.47 9.72
N LYS A 795 -59.00 -19.98 8.70
CA LYS A 795 -57.54 -20.01 8.70
C LYS A 795 -57.01 -19.06 9.76
N PRO A 796 -56.04 -19.49 10.58
CA PRO A 796 -55.47 -18.57 11.58
C PRO A 796 -54.86 -17.33 10.96
N SER A 797 -54.23 -17.46 9.79
CA SER A 797 -53.66 -16.33 9.08
C SER A 797 -54.69 -15.82 8.08
N LYS A 798 -55.02 -14.53 8.16
CA LYS A 798 -56.03 -13.93 7.29
C LYS A 798 -55.48 -13.85 5.88
N ARG A 799 -55.85 -14.80 5.03
CA ARG A 799 -55.37 -14.85 3.66
C ARG A 799 -56.31 -15.75 2.87
N SER A 800 -56.89 -15.22 1.80
CA SER A 800 -57.89 -15.96 1.05
C SER A 800 -57.24 -17.09 0.25
N PHE A 801 -58.08 -17.86 -0.44
CA PHE A 801 -57.62 -19.06 -1.13
C PHE A 801 -56.66 -18.72 -2.26
N ILE A 802 -57.05 -17.78 -3.13
CA ILE A 802 -56.19 -17.41 -4.25
C ILE A 802 -54.89 -16.81 -3.75
N GLU A 803 -54.97 -15.97 -2.72
CA GLU A 803 -53.75 -15.42 -2.12
C GLU A 803 -52.90 -16.53 -1.52
N ASP A 804 -53.53 -17.56 -0.94
CA ASP A 804 -52.77 -18.69 -0.42
C ASP A 804 -52.01 -19.40 -1.53
N LEU A 805 -52.68 -19.66 -2.65
CA LEU A 805 -52.00 -20.31 -3.77
C LEU A 805 -50.86 -19.46 -4.31
N LEU A 806 -51.10 -18.15 -4.46
CA LEU A 806 -50.06 -17.26 -4.98
C LEU A 806 -48.86 -17.22 -4.04
N PHE A 807 -49.11 -17.11 -2.72
CA PHE A 807 -48.03 -17.04 -1.76
C PHE A 807 -47.24 -18.35 -1.72
N ASN A 808 -47.92 -19.49 -1.78
CA ASN A 808 -47.22 -20.77 -1.77
C ASN A 808 -46.43 -20.99 -3.06
N LYS A 809 -46.95 -20.53 -4.19
CA LYS A 809 -46.26 -20.72 -5.46
C LYS A 809 -44.92 -19.99 -5.48
N VAL A 810 -44.88 -18.76 -4.99
CA VAL A 810 -43.66 -17.96 -5.04
C VAL A 810 -42.76 -18.38 -3.88
N THR A 811 -41.50 -18.69 -4.19
CA THR A 811 -40.51 -19.10 -3.20
C THR A 811 -39.55 -17.95 -2.96
N LEU A 812 -39.41 -17.54 -1.72
CA LEU A 812 -38.52 -16.45 -1.34
C LEU A 812 -37.25 -17.00 -0.69
N ALA A 813 -36.29 -16.09 -0.46
CA ALA A 813 -35.07 -16.48 0.23
C ALA A 813 -35.36 -16.90 1.66
N ASP A 814 -36.27 -16.20 2.34
CA ASP A 814 -36.65 -16.54 3.70
C ASP A 814 -38.06 -16.04 3.96
N ALA A 815 -38.73 -16.68 4.91
CA ALA A 815 -40.08 -16.27 5.31
C ALA A 815 -40.02 -15.27 6.46
N GLY A 816 -39.44 -15.67 7.59
CA GLY A 816 -39.19 -14.75 8.67
C GLY A 816 -37.91 -13.98 8.46
N PHE A 817 -37.66 -13.03 9.37
CA PHE A 817 -36.45 -12.22 9.32
C PHE A 817 -35.75 -12.06 10.65
N ILE A 818 -36.34 -12.53 11.76
CA ILE A 818 -35.63 -12.55 13.03
C ILE A 818 -34.48 -13.57 12.99
N LYS A 819 -34.50 -14.48 12.01
CA LYS A 819 -33.42 -15.45 11.86
C LYS A 819 -32.08 -14.74 11.70
N GLN A 820 -31.08 -15.21 12.43
CA GLN A 820 -29.79 -14.55 12.50
C GLN A 820 -28.70 -15.61 12.61
N TYR A 821 -27.49 -15.17 12.95
CA TYR A 821 -26.40 -16.11 13.19
C TYR A 821 -26.76 -17.12 14.26
N GLY A 822 -27.48 -16.69 15.31
CA GLY A 822 -27.90 -17.61 16.34
C GLY A 822 -28.87 -18.66 15.82
N ASP A 823 -29.77 -18.26 14.92
CA ASP A 823 -30.66 -19.21 14.27
C ASP A 823 -29.93 -20.15 13.31
N CYS A 824 -28.67 -19.85 12.99
CA CYS A 824 -27.85 -20.72 12.15
C CYS A 824 -27.06 -21.73 12.97
N LEU A 825 -27.25 -21.78 14.28
CA LEU A 825 -26.47 -22.67 15.13
C LEU A 825 -26.68 -24.13 14.72
N GLY A 826 -25.59 -24.90 14.79
CA GLY A 826 -25.62 -26.29 14.36
C GLY A 826 -25.15 -26.45 12.94
N ASP A 827 -25.72 -27.40 12.21
CA ASP A 827 -25.39 -27.57 10.79
C ASP A 827 -25.96 -26.45 9.93
N ILE A 828 -26.88 -25.65 10.46
CA ILE A 828 -27.47 -24.56 9.70
C ILE A 828 -26.45 -23.47 9.40
N ALA A 829 -25.39 -23.39 10.21
CA ALA A 829 -24.36 -22.38 10.00
C ALA A 829 -23.72 -22.54 8.62
N ALA A 830 -23.58 -21.42 7.91
CA ALA A 830 -22.99 -21.36 6.58
C ALA A 830 -23.76 -22.19 5.56
N ARG A 831 -25.00 -22.57 5.86
CA ARG A 831 -25.80 -23.40 4.95
C ARG A 831 -26.86 -22.60 4.21
N ASP A 832 -27.13 -21.37 4.63
CA ASP A 832 -28.12 -20.51 3.98
C ASP A 832 -27.44 -19.33 3.33
N LEU A 833 -27.95 -18.92 2.16
CA LEU A 833 -27.39 -17.78 1.47
C LEU A 833 -27.52 -16.50 2.30
N ILE A 834 -28.68 -16.30 2.92
CA ILE A 834 -28.87 -15.15 3.79
C ILE A 834 -27.93 -15.21 4.98
N CYS A 835 -27.69 -16.42 5.49
CA CYS A 835 -26.79 -16.59 6.62
C CYS A 835 -25.36 -16.21 6.24
N ALA A 836 -24.91 -16.61 5.06
CA ALA A 836 -23.58 -16.23 4.59
C ALA A 836 -23.49 -14.73 4.32
N GLN A 837 -24.56 -14.14 3.79
CA GLN A 837 -24.57 -12.68 3.58
C GLN A 837 -24.47 -11.93 4.90
N LYS A 838 -25.17 -12.41 5.93
CA LYS A 838 -25.01 -11.83 7.26
C LYS A 838 -23.60 -12.06 7.79
N PHE A 839 -23.00 -13.19 7.43
CA PHE A 839 -21.59 -13.43 7.76
C PHE A 839 -20.69 -12.36 7.16
N LYS A 840 -20.96 -11.98 5.91
CA LYS A 840 -20.12 -11.02 5.19
C LYS A 840 -20.48 -9.56 5.49
N GLY A 841 -21.29 -9.30 6.51
CA GLY A 841 -21.59 -7.93 6.88
C GLY A 841 -22.68 -7.26 6.08
N LEU A 842 -23.49 -8.00 5.34
CA LEU A 842 -24.62 -7.45 4.61
C LEU A 842 -25.90 -7.84 5.32
N THR A 843 -26.67 -6.83 5.74
CA THR A 843 -27.89 -7.04 6.49
C THR A 843 -29.09 -6.58 5.68
N VAL A 844 -30.26 -7.12 6.03
CA VAL A 844 -31.51 -6.83 5.35
C VAL A 844 -32.50 -6.26 6.37
N LEU A 845 -33.03 -5.09 6.08
CA LEU A 845 -34.00 -4.44 6.96
C LEU A 845 -35.41 -4.88 6.56
N PRO A 846 -36.20 -5.41 7.48
CA PRO A 846 -37.53 -5.87 7.13
C PRO A 846 -38.43 -4.69 6.77
N PRO A 847 -39.42 -4.90 5.89
CA PRO A 847 -40.34 -3.82 5.56
C PRO A 847 -41.20 -3.44 6.75
N LEU A 848 -41.61 -2.16 6.77
CA LEU A 848 -42.42 -1.67 7.89
C LEU A 848 -43.78 -2.37 7.93
N LEU A 849 -44.41 -2.55 6.77
CA LEU A 849 -45.74 -3.13 6.70
C LEU A 849 -45.63 -4.65 6.60
N THR A 850 -46.38 -5.36 7.45
CA THR A 850 -46.39 -6.81 7.43
C THR A 850 -47.35 -7.32 6.36
N ASP A 851 -47.42 -8.64 6.23
CA ASP A 851 -48.32 -9.24 5.25
C ASP A 851 -49.78 -9.13 5.68
N GLU A 852 -50.04 -9.25 6.99
CA GLU A 852 -51.41 -9.23 7.47
C GLU A 852 -52.07 -7.88 7.22
N MET A 853 -51.33 -6.78 7.40
CA MET A 853 -51.88 -5.47 7.13
C MET A 853 -52.22 -5.31 5.65
N ILE A 854 -51.36 -5.80 4.77
CA ILE A 854 -51.64 -5.75 3.34
C ILE A 854 -52.89 -6.56 3.01
N ALA A 855 -53.01 -7.74 3.61
CA ALA A 855 -54.20 -8.56 3.39
C ALA A 855 -55.46 -7.84 3.87
N GLN A 856 -55.38 -7.18 5.03
CA GLN A 856 -56.52 -6.44 5.54
C GLN A 856 -56.89 -5.29 4.61
N TYR A 857 -55.89 -4.59 4.08
CA TYR A 857 -56.16 -3.50 3.13
C TYR A 857 -56.85 -4.03 1.88
N THR A 858 -56.36 -5.15 1.34
CA THR A 858 -56.98 -5.72 0.16
C THR A 858 -58.41 -6.18 0.44
N SER A 859 -58.64 -6.77 1.61
CA SER A 859 -59.98 -7.19 1.98
C SER A 859 -60.92 -5.99 2.12
N ALA A 860 -60.42 -4.90 2.70
CA ALA A 860 -61.24 -3.70 2.82
C ALA A 860 -61.59 -3.13 1.46
N LEU A 861 -60.62 -3.11 0.54
CA LEU A 861 -60.89 -2.63 -0.81
C LEU A 861 -61.92 -3.51 -1.50
N LEU A 862 -61.79 -4.83 -1.35
CA LEU A 862 -62.75 -5.74 -1.96
C LEU A 862 -64.15 -5.54 -1.40
N ALA A 863 -64.26 -5.38 -0.08
CA ALA A 863 -65.56 -5.16 0.53
C ALA A 863 -66.17 -3.85 0.06
N GLY A 864 -65.36 -2.79 -0.03
CA GLY A 864 -65.87 -1.52 -0.50
C GLY A 864 -66.35 -1.58 -1.94
N THR A 865 -65.63 -2.30 -2.79
CA THR A 865 -66.01 -2.39 -4.19
C THR A 865 -67.12 -3.40 -4.45
N ILE A 866 -67.41 -4.29 -3.50
CA ILE A 866 -68.49 -5.25 -3.71
C ILE A 866 -69.80 -4.77 -3.10
N THR A 867 -69.75 -4.10 -1.95
CA THR A 867 -70.99 -3.68 -1.30
C THR A 867 -71.43 -2.30 -1.75
N SER A 868 -70.54 -1.31 -1.62
CA SER A 868 -70.91 0.09 -1.81
C SER A 868 -70.74 0.56 -3.24
N GLY A 869 -70.38 -0.32 -4.17
CA GLY A 869 -70.16 0.15 -5.53
C GLY A 869 -68.89 0.97 -5.64
N TRP A 870 -68.88 1.88 -6.61
CA TRP A 870 -67.72 2.72 -6.86
C TRP A 870 -67.76 4.05 -6.09
N THR A 871 -68.86 4.33 -5.40
CA THR A 871 -69.02 5.64 -4.78
C THR A 871 -68.13 5.84 -3.56
N PHE A 872 -67.58 4.77 -2.99
CA PHE A 872 -66.77 4.91 -1.79
C PHE A 872 -65.42 5.55 -2.05
N GLY A 873 -65.03 5.70 -3.31
CA GLY A 873 -63.81 6.40 -3.66
C GLY A 873 -63.94 7.90 -3.75
N ALA A 874 -65.13 8.44 -3.49
CA ALA A 874 -65.41 9.87 -3.59
C ALA A 874 -66.16 10.35 -2.36
N GLY A 875 -65.69 9.94 -1.18
CA GLY A 875 -66.30 10.36 0.07
C GLY A 875 -66.76 9.21 0.94
N ALA A 876 -68.03 9.22 1.32
CA ALA A 876 -68.58 8.19 2.20
C ALA A 876 -69.24 7.08 1.38
N ALA A 877 -69.00 5.84 1.79
CA ALA A 877 -69.56 4.69 1.10
C ALA A 877 -71.07 4.66 1.24
N LEU A 878 -71.75 4.29 0.16
CA LEU A 878 -73.20 4.16 0.14
C LEU A 878 -73.57 2.75 -0.33
N GLN A 879 -74.35 2.04 0.48
CA GLN A 879 -74.73 0.69 0.15
C GLN A 879 -75.73 0.65 -1.00
N ILE A 880 -75.65 -0.41 -1.79
CA ILE A 880 -76.47 -0.57 -2.99
C ILE A 880 -76.45 -2.04 -3.40
N PRO A 881 -77.58 -2.63 -3.79
CA PRO A 881 -77.58 -4.04 -4.19
C PRO A 881 -76.69 -4.30 -5.39
N PHE A 882 -76.17 -5.53 -5.46
CA PHE A 882 -75.21 -5.89 -6.50
C PHE A 882 -75.83 -5.83 -7.89
N ALA A 883 -77.09 -6.25 -8.02
CA ALA A 883 -77.73 -6.29 -9.33
C ALA A 883 -77.84 -4.90 -9.94
N MET A 884 -78.18 -3.90 -9.14
CA MET A 884 -78.29 -2.55 -9.66
C MET A 884 -76.93 -1.99 -10.07
N GLN A 885 -75.87 -2.35 -9.35
CA GLN A 885 -74.53 -1.97 -9.77
C GLN A 885 -74.17 -2.63 -11.09
N MET A 886 -74.54 -3.90 -11.26
CA MET A 886 -74.31 -4.58 -12.53
C MET A 886 -75.06 -3.89 -13.66
N ALA A 887 -76.30 -3.46 -13.39
CA ALA A 887 -77.07 -2.73 -14.40
C ALA A 887 -76.39 -1.42 -14.76
N TYR A 888 -75.89 -0.69 -13.76
CA TYR A 888 -75.09 0.50 -14.04
C TYR A 888 -73.93 0.19 -14.97
N ARG A 889 -73.16 -0.84 -14.63
CA ARG A 889 -71.94 -1.12 -15.38
C ARG A 889 -72.26 -1.54 -16.81
N PHE A 890 -73.32 -2.32 -17.02
CA PHE A 890 -73.73 -2.62 -18.38
C PHE A 890 -74.22 -1.38 -19.11
N ASN A 891 -74.92 -0.47 -18.42
CA ASN A 891 -75.30 0.78 -19.04
C ASN A 891 -74.08 1.60 -19.42
N GLY A 892 -72.96 1.41 -18.73
CA GLY A 892 -71.76 2.16 -19.04
C GLY A 892 -71.21 1.87 -20.43
N ILE A 893 -71.27 0.60 -20.84
CA ILE A 893 -70.66 0.18 -22.10
C ILE A 893 -71.70 0.16 -23.21
N GLY A 894 -72.82 0.83 -22.99
CA GLY A 894 -73.81 0.97 -24.04
C GLY A 894 -74.73 -0.22 -24.22
N VAL A 895 -75.17 -0.84 -23.13
CA VAL A 895 -76.15 -1.91 -23.16
C VAL A 895 -77.24 -1.60 -22.16
N THR A 896 -78.50 -1.73 -22.57
CA THR A 896 -79.62 -1.42 -21.69
C THR A 896 -79.72 -2.44 -20.56
N GLN A 897 -80.23 -1.98 -19.42
CA GLN A 897 -80.28 -2.82 -18.22
C GLN A 897 -81.19 -4.03 -18.41
N ASN A 898 -82.17 -3.93 -19.31
CA ASN A 898 -83.08 -5.05 -19.53
C ASN A 898 -82.37 -6.29 -20.04
N VAL A 899 -81.20 -6.13 -20.64
CA VAL A 899 -80.39 -7.30 -21.02
C VAL A 899 -79.95 -8.05 -19.78
N LEU A 900 -79.46 -7.32 -18.77
CA LEU A 900 -79.00 -7.97 -17.54
C LEU A 900 -80.17 -8.53 -16.74
N TYR A 901 -81.22 -7.73 -16.53
CA TYR A 901 -82.32 -8.19 -15.69
C TYR A 901 -83.15 -9.29 -16.33
N GLU A 902 -82.92 -9.61 -17.60
CA GLU A 902 -83.59 -10.72 -18.25
C GLU A 902 -82.67 -11.92 -18.47
N ASN A 903 -81.43 -11.86 -17.99
CA ASN A 903 -80.49 -12.96 -18.20
C ASN A 903 -79.63 -13.25 -16.98
N GLN A 904 -80.06 -12.83 -15.79
CA GLN A 904 -79.16 -12.77 -14.63
C GLN A 904 -78.54 -14.13 -14.32
N LYS A 905 -79.32 -15.21 -14.43
CA LYS A 905 -78.80 -16.54 -14.12
C LYS A 905 -77.64 -16.90 -15.03
N LEU A 906 -77.74 -16.55 -16.32
CA LEU A 906 -76.69 -16.89 -17.27
C LEU A 906 -75.37 -16.20 -16.91
N ILE A 907 -75.43 -14.89 -16.64
CA ILE A 907 -74.21 -14.17 -16.26
C ILE A 907 -73.66 -14.70 -14.95
N ALA A 908 -74.53 -15.01 -13.99
CA ALA A 908 -74.06 -15.57 -12.72
C ALA A 908 -73.30 -16.86 -12.94
N ASN A 909 -73.88 -17.78 -13.71
CA ASN A 909 -73.23 -19.06 -13.96
C ASN A 909 -71.92 -18.88 -14.72
N GLN A 910 -71.91 -18.01 -15.74
CA GLN A 910 -70.69 -17.79 -16.50
C GLN A 910 -69.59 -17.19 -15.64
N PHE A 911 -69.93 -16.21 -14.79
CA PHE A 911 -68.95 -15.61 -13.90
C PHE A 911 -68.40 -16.65 -12.93
N ASN A 912 -69.27 -17.49 -12.37
CA ASN A 912 -68.81 -18.48 -11.41
C ASN A 912 -67.90 -19.50 -12.08
N SER A 913 -68.27 -19.97 -13.26
CA SER A 913 -67.42 -20.92 -13.99
C SER A 913 -66.09 -20.28 -14.36
N ALA A 914 -66.10 -19.01 -14.77
CA ALA A 914 -64.87 -18.33 -15.13
C ALA A 914 -63.94 -18.18 -13.92
N ILE A 915 -64.50 -17.83 -12.77
CA ILE A 915 -63.64 -17.65 -11.59
C ILE A 915 -63.08 -19.00 -11.14
N GLY A 916 -63.88 -20.06 -11.23
CA GLY A 916 -63.36 -21.39 -10.93
C GLY A 916 -62.26 -21.80 -11.88
N LYS A 917 -62.46 -21.53 -13.18
CA LYS A 917 -61.45 -21.88 -14.17
C LYS A 917 -60.15 -21.12 -13.95
N ILE A 918 -60.25 -19.82 -13.65
CA ILE A 918 -59.03 -19.04 -13.42
C ILE A 918 -58.34 -19.49 -12.14
N GLN A 919 -59.12 -19.87 -11.12
CA GLN A 919 -58.51 -20.41 -9.91
C GLN A 919 -57.74 -21.69 -10.21
N ASP A 920 -58.33 -22.59 -11.00
CA ASP A 920 -57.62 -23.82 -11.36
C ASP A 920 -56.39 -23.52 -12.21
N SER A 921 -56.49 -22.57 -13.13
CA SER A 921 -55.42 -22.32 -14.08
C SER A 921 -54.24 -21.58 -13.47
N LEU A 922 -54.47 -20.70 -12.50
CA LEU A 922 -53.37 -19.90 -11.97
C LEU A 922 -52.33 -20.76 -11.27
N SER A 923 -52.73 -21.94 -10.75
CA SER A 923 -51.78 -22.83 -10.12
C SER A 923 -50.72 -23.27 -11.12
N SER A 924 -51.15 -24.05 -12.13
CA SER A 924 -50.33 -24.47 -13.26
C SER A 924 -48.89 -24.77 -12.90
N THR A 925 -47.95 -24.23 -13.69
CA THR A 925 -46.52 -24.30 -13.45
C THR A 925 -45.82 -23.37 -14.40
N ALA A 926 -44.77 -22.71 -13.93
CA ALA A 926 -43.99 -21.76 -14.71
C ALA A 926 -44.89 -20.70 -15.35
N SER A 927 -45.81 -20.16 -14.54
CA SER A 927 -46.78 -19.19 -15.01
C SER A 927 -46.17 -17.79 -15.10
N ALA A 928 -47.02 -16.78 -15.29
CA ALA A 928 -46.57 -15.40 -15.45
C ALA A 928 -45.89 -14.84 -14.21
N LEU A 929 -45.69 -15.64 -13.17
CA LEU A 929 -44.98 -15.18 -11.97
C LEU A 929 -43.51 -14.91 -12.22
N GLY A 930 -43.02 -15.10 -13.45
CA GLY A 930 -41.65 -14.75 -13.77
C GLY A 930 -41.35 -13.28 -13.56
N LYS A 931 -42.35 -12.42 -13.74
CA LYS A 931 -42.14 -10.99 -13.50
C LYS A 931 -41.76 -10.73 -12.06
N LEU A 932 -42.42 -11.38 -11.11
CA LEU A 932 -42.05 -11.23 -9.71
C LEU A 932 -40.75 -11.96 -9.40
N GLN A 933 -40.54 -13.12 -10.02
CA GLN A 933 -39.32 -13.89 -9.76
C GLN A 933 -38.08 -13.14 -10.24
N ASP A 934 -38.23 -12.29 -11.26
CA ASP A 934 -37.08 -11.62 -11.86
C ASP A 934 -36.39 -10.69 -10.87
N VAL A 935 -37.17 -9.97 -10.06
CA VAL A 935 -36.57 -9.03 -9.10
C VAL A 935 -35.73 -9.78 -8.08
N VAL A 936 -36.27 -10.88 -7.54
CA VAL A 936 -35.53 -11.69 -6.57
C VAL A 936 -34.28 -12.28 -7.21
N ASN A 937 -34.41 -12.78 -8.45
CA ASN A 937 -33.25 -13.35 -9.13
C ASN A 937 -32.16 -12.31 -9.35
N HIS A 938 -32.54 -11.11 -9.77
CA HIS A 938 -31.55 -10.06 -10.00
C HIS A 938 -30.87 -9.65 -8.70
N ASN A 939 -31.64 -9.50 -7.62
CA ASN A 939 -31.05 -9.16 -6.34
C ASN A 939 -30.08 -10.24 -5.88
N ALA A 940 -30.47 -11.51 -6.01
CA ALA A 940 -29.60 -12.60 -5.60
C ALA A 940 -28.32 -12.63 -6.43
N GLN A 941 -28.44 -12.44 -7.75
CA GLN A 941 -27.26 -12.43 -8.60
C GLN A 941 -26.32 -11.29 -8.25
N ALA A 942 -26.88 -10.10 -8.00
CA ALA A 942 -26.04 -8.96 -7.64
C ALA A 942 -25.30 -9.21 -6.32
N LEU A 943 -26.03 -9.71 -5.32
CA LEU A 943 -25.39 -9.98 -4.03
C LEU A 943 -24.33 -11.07 -4.15
N ASN A 944 -24.62 -12.13 -4.90
CA ASN A 944 -23.67 -13.21 -5.07
C ASN A 944 -22.41 -12.73 -5.78
N THR A 945 -22.58 -11.93 -6.84
CA THR A 945 -21.41 -11.39 -7.53
C THR A 945 -20.59 -10.50 -6.60
N LEU A 946 -21.26 -9.65 -5.82
CA LEU A 946 -20.55 -8.77 -4.91
C LEU A 946 -19.75 -9.55 -3.87
N VAL A 947 -20.36 -10.59 -3.28
CA VAL A 947 -19.66 -11.32 -2.24
C VAL A 947 -18.53 -12.15 -2.83
N LYS A 948 -18.76 -12.78 -3.99
CA LYS A 948 -17.72 -13.61 -4.58
C LYS A 948 -16.55 -12.78 -5.10
N GLN A 949 -16.81 -11.53 -5.50
CA GLN A 949 -15.76 -10.66 -6.00
C GLN A 949 -14.77 -10.27 -4.91
N LEU A 950 -15.09 -10.54 -3.65
CA LEU A 950 -14.22 -10.15 -2.54
C LEU A 950 -12.89 -10.88 -2.57
N SER A 951 -12.87 -12.10 -3.10
CA SER A 951 -11.69 -12.98 -3.02
C SER A 951 -10.77 -12.85 -4.22
N SER A 952 -10.68 -11.66 -4.80
CA SER A 952 -9.81 -11.39 -5.94
C SER A 952 -8.51 -10.78 -5.44
N LYS A 953 -7.39 -11.24 -6.01
CA LYS A 953 -6.09 -10.70 -5.62
C LYS A 953 -5.90 -9.26 -6.09
N PHE A 954 -6.59 -8.84 -7.15
CA PHE A 954 -6.47 -7.50 -7.71
C PHE A 954 -5.03 -7.20 -8.12
N GLY A 955 -4.33 -8.22 -8.59
CA GLY A 955 -2.93 -8.04 -8.98
C GLY A 955 -1.97 -7.93 -7.82
N ALA A 956 -2.41 -8.19 -6.60
CA ALA A 956 -1.52 -8.15 -5.44
C ALA A 956 -0.95 -9.54 -5.20
N ILE A 957 -0.22 -9.69 -4.09
CA ILE A 957 0.40 -10.98 -3.77
C ILE A 957 -0.68 -12.01 -3.43
N SER A 958 -1.74 -11.59 -2.74
CA SER A 958 -2.82 -12.48 -2.36
C SER A 958 -4.03 -11.63 -2.00
N SER A 959 -5.05 -12.27 -1.43
CA SER A 959 -6.27 -11.59 -1.01
C SER A 959 -6.57 -11.84 0.47
N VAL A 960 -5.51 -11.96 1.28
CA VAL A 960 -5.64 -12.19 2.72
C VAL A 960 -4.93 -11.06 3.43
N LEU A 961 -5.64 -10.38 4.33
CA LEU A 961 -5.05 -9.26 5.07
C LEU A 961 -3.92 -9.72 5.97
N ASN A 962 -4.12 -10.83 6.69
CA ASN A 962 -3.08 -11.33 7.58
C ASN A 962 -1.86 -11.79 6.80
N ASP A 963 -2.06 -12.45 5.65
CA ASP A 963 -0.94 -12.91 4.85
C ASP A 963 -0.10 -11.75 4.34
N ILE A 964 -0.76 -10.67 3.91
CA ILE A 964 -0.02 -9.49 3.46
C ILE A 964 0.67 -8.82 4.64
N PHE A 965 0.01 -8.78 5.80
CA PHE A 965 0.61 -8.16 6.98
C PHE A 965 1.88 -8.88 7.38
N SER A 966 1.87 -10.21 7.35
CA SER A 966 3.08 -10.99 7.58
C SER A 966 3.88 -11.10 6.29
N ARG A 967 5.08 -11.66 6.42
CA ARG A 967 5.97 -11.99 5.30
C ARG A 967 6.41 -10.75 4.51
N LEU A 968 6.05 -9.55 4.96
CA LEU A 968 6.40 -8.34 4.22
C LEU A 968 6.55 -7.18 5.18
N ASP A 969 7.48 -6.30 4.86
CA ASP A 969 7.70 -5.08 5.62
C ASP A 969 6.66 -4.02 5.24
N PRO A 970 6.45 -3.03 6.11
CA PRO A 970 5.42 -2.00 5.85
C PRO A 970 5.58 -1.28 4.52
N PRO A 971 6.80 -0.93 4.07
CA PRO A 971 6.89 -0.02 2.90
C PRO A 971 6.14 -0.47 1.66
N GLU A 972 6.14 -1.76 1.33
CA GLU A 972 5.36 -2.24 0.19
C GLU A 972 4.07 -2.93 0.60
N ALA A 973 3.99 -3.43 1.84
CA ALA A 973 2.72 -3.97 2.32
C ALA A 973 1.64 -2.91 2.30
N GLU A 974 1.99 -1.67 2.66
CA GLU A 974 1.00 -0.59 2.62
C GLU A 974 0.57 -0.29 1.20
N VAL A 975 1.49 -0.39 0.23
CA VAL A 975 1.11 -0.20 -1.17
C VAL A 975 0.13 -1.28 -1.61
N GLN A 976 0.41 -2.53 -1.26
CA GLN A 976 -0.49 -3.62 -1.62
C GLN A 976 -1.86 -3.43 -0.97
N ILE A 977 -1.88 -3.03 0.31
CA ILE A 977 -3.15 -2.80 1.00
C ILE A 977 -3.91 -1.66 0.36
N ASP A 978 -3.21 -0.59 -0.03
CA ASP A 978 -3.86 0.53 -0.69
C ASP A 978 -4.51 0.10 -2.01
N ARG A 979 -3.77 -0.70 -2.80
CA ARG A 979 -4.32 -1.18 -4.06
C ARG A 979 -5.57 -2.03 -3.83
N LEU A 980 -5.50 -2.95 -2.86
CA LEU A 980 -6.64 -3.81 -2.58
C LEU A 980 -7.84 -3.01 -2.11
N ILE A 981 -7.60 -2.03 -1.23
CA ILE A 981 -8.68 -1.20 -0.70
C ILE A 981 -9.33 -0.40 -1.82
N THR A 982 -8.51 0.19 -2.70
CA THR A 982 -9.05 0.96 -3.82
C THR A 982 -9.90 0.08 -4.73
N GLY A 983 -9.41 -1.13 -5.04
CA GLY A 983 -10.19 -2.02 -5.89
C GLY A 983 -11.52 -2.40 -5.26
N ARG A 984 -11.49 -2.78 -3.98
CA ARG A 984 -12.72 -3.19 -3.30
C ARG A 984 -13.70 -2.04 -3.20
N LEU A 985 -13.21 -0.83 -2.90
CA LEU A 985 -14.08 0.34 -2.81
C LEU A 985 -14.71 0.66 -4.16
N GLN A 986 -13.92 0.57 -5.24
CA GLN A 986 -14.48 0.81 -6.56
C GLN A 986 -15.55 -0.22 -6.91
N SER A 987 -15.33 -1.49 -6.57
CA SER A 987 -16.34 -2.50 -6.81
C SER A 987 -17.61 -2.22 -6.01
N LEU A 988 -17.46 -1.80 -4.76
CA LEU A 988 -18.63 -1.47 -3.94
C LEU A 988 -19.39 -0.29 -4.54
N GLN A 989 -18.68 0.73 -5.02
CA GLN A 989 -19.33 1.87 -5.65
C GLN A 989 -20.10 1.44 -6.90
N THR A 990 -19.50 0.57 -7.70
CA THR A 990 -20.19 0.05 -8.87
C THR A 990 -21.46 -0.70 -8.48
N TYR A 991 -21.38 -1.52 -7.42
CA TYR A 991 -22.57 -2.23 -6.96
C TYR A 991 -23.64 -1.26 -6.51
N VAL A 992 -23.25 -0.21 -5.78
CA VAL A 992 -24.24 0.77 -5.31
C VAL A 992 -24.93 1.45 -6.48
N THR A 993 -24.16 1.84 -7.50
CA THR A 993 -24.76 2.48 -8.66
C THR A 993 -25.71 1.52 -9.39
N GLN A 994 -25.29 0.27 -9.58
CA GLN A 994 -26.15 -0.70 -10.25
C GLN A 994 -27.43 -0.93 -9.46
N GLN A 995 -27.32 -0.98 -8.13
CA GLN A 995 -28.52 -1.17 -7.31
C GLN A 995 -29.44 0.05 -7.40
N LEU A 996 -28.86 1.25 -7.40
CA LEU A 996 -29.66 2.46 -7.53
C LEU A 996 -30.36 2.54 -8.87
N ILE A 997 -29.81 1.87 -9.89
CA ILE A 997 -30.41 1.93 -11.22
C ILE A 997 -31.84 1.40 -11.20
N ARG A 998 -32.06 0.25 -10.56
CA ARG A 998 -33.35 -0.42 -10.64
C ARG A 998 -34.46 0.31 -9.90
N ALA A 999 -34.10 1.23 -9.00
CA ALA A 999 -35.11 1.92 -8.21
C ALA A 999 -36.04 2.75 -9.08
N ALA A 1000 -35.50 3.35 -10.15
CA ALA A 1000 -36.33 4.18 -11.03
C ALA A 1000 -37.41 3.34 -11.71
N GLU A 1001 -37.03 2.18 -12.26
CA GLU A 1001 -38.01 1.34 -12.92
C GLU A 1001 -39.00 0.75 -11.91
N ILE A 1002 -38.54 0.44 -10.70
CA ILE A 1002 -39.45 -0.06 -9.68
C ILE A 1002 -40.47 1.00 -9.32
N ARG A 1003 -40.03 2.26 -9.18
CA ARG A 1003 -40.96 3.35 -8.89
C ARG A 1003 -41.93 3.56 -10.04
N ALA A 1004 -41.46 3.47 -11.28
CA ALA A 1004 -42.37 3.62 -12.41
C ALA A 1004 -43.44 2.53 -12.40
N SER A 1005 -43.04 1.29 -12.12
CA SER A 1005 -44.01 0.21 -12.02
C SER A 1005 -44.98 0.45 -10.87
N ALA A 1006 -44.48 0.98 -9.75
CA ALA A 1006 -45.36 1.25 -8.61
C ALA A 1006 -46.39 2.33 -8.93
N ASN A 1007 -45.97 3.40 -9.62
CA ASN A 1007 -46.91 4.43 -10.02
C ASN A 1007 -47.92 3.88 -11.01
N LEU A 1008 -47.48 3.03 -11.95
CA LEU A 1008 -48.42 2.41 -12.87
C LEU A 1008 -49.44 1.55 -12.12
N ALA A 1009 -48.98 0.79 -11.13
CA ALA A 1009 -49.90 -0.04 -10.34
C ALA A 1009 -50.89 0.81 -9.57
N ALA A 1010 -50.43 1.92 -8.99
CA ALA A 1010 -51.34 2.81 -8.27
C ALA A 1010 -52.38 3.40 -9.22
N THR A 1011 -51.94 3.81 -10.41
CA THR A 1011 -52.87 4.34 -11.42
C THR A 1011 -53.90 3.30 -11.79
N LYS A 1012 -53.47 2.06 -12.02
CA LYS A 1012 -54.40 0.99 -12.37
C LYS A 1012 -55.38 0.72 -11.25
N MET A 1013 -54.90 0.69 -10.00
CA MET A 1013 -55.80 0.53 -8.86
C MET A 1013 -56.86 1.62 -8.85
N SER A 1014 -56.43 2.88 -8.92
CA SER A 1014 -57.35 4.00 -8.79
C SER A 1014 -58.38 4.02 -9.91
N GLU A 1015 -57.95 3.77 -11.14
CA GLU A 1015 -58.83 3.93 -12.30
C GLU A 1015 -59.37 2.61 -12.84
N CYS A 1016 -59.21 1.51 -12.12
CA CYS A 1016 -59.89 0.27 -12.45
C CYS A 1016 -60.74 -0.27 -11.32
N VAL A 1017 -60.27 -0.17 -10.08
CA VAL A 1017 -61.01 -0.77 -8.97
C VAL A 1017 -62.07 0.19 -8.44
N LEU A 1018 -61.72 1.47 -8.29
CA LEU A 1018 -62.64 2.44 -7.71
C LEU A 1018 -63.66 2.98 -8.71
N GLY A 1019 -63.61 2.54 -9.96
CA GLY A 1019 -64.56 2.97 -10.95
C GLY A 1019 -64.54 2.12 -12.20
N GLN A 1020 -65.02 2.67 -13.31
CA GLN A 1020 -65.02 1.98 -14.60
C GLN A 1020 -64.31 2.86 -15.61
N SER A 1021 -63.28 2.32 -16.26
CA SER A 1021 -62.45 3.07 -17.19
C SER A 1021 -62.96 2.88 -18.61
N LYS A 1022 -63.22 3.99 -19.29
CA LYS A 1022 -63.68 3.94 -20.68
C LYS A 1022 -62.53 3.94 -21.68
N ARG A 1023 -61.29 4.11 -21.22
CA ARG A 1023 -60.13 4.02 -22.09
C ARG A 1023 -59.88 2.57 -22.46
N VAL A 1024 -59.80 2.29 -23.76
CA VAL A 1024 -59.81 0.92 -24.25
C VAL A 1024 -58.49 0.22 -23.92
N ASP A 1025 -58.58 -1.07 -23.59
CA ASP A 1025 -57.42 -1.93 -23.39
C ASP A 1025 -56.50 -1.40 -22.30
N PHE A 1026 -57.09 -0.91 -21.21
CA PHE A 1026 -56.31 -0.51 -20.04
C PHE A 1026 -56.58 -1.38 -18.83
N CYS A 1027 -57.85 -1.54 -18.45
CA CYS A 1027 -58.23 -2.38 -17.32
C CYS A 1027 -58.64 -3.78 -17.78
N GLY A 1028 -58.04 -4.27 -18.86
CA GLY A 1028 -58.32 -5.60 -19.36
C GLY A 1028 -58.34 -5.60 -20.88
N LYS A 1029 -58.86 -6.69 -21.43
CA LYS A 1029 -58.97 -6.88 -22.87
C LYS A 1029 -60.44 -6.86 -23.26
N GLY A 1030 -60.78 -5.97 -24.19
CA GLY A 1030 -62.18 -5.75 -24.52
C GLY A 1030 -62.83 -4.76 -23.57
N TYR A 1031 -64.15 -4.68 -23.67
CA TYR A 1031 -64.90 -3.80 -22.78
C TYR A 1031 -64.72 -4.22 -21.33
N HIS A 1032 -64.47 -3.24 -20.47
CA HIS A 1032 -64.11 -3.49 -19.08
C HIS A 1032 -65.31 -3.28 -18.17
N LEU A 1033 -65.40 -4.11 -17.12
CA LEU A 1033 -66.49 -4.04 -16.16
C LEU A 1033 -66.01 -3.63 -14.77
N MET A 1034 -65.05 -4.34 -14.20
CA MET A 1034 -64.57 -4.07 -12.85
C MET A 1034 -63.27 -4.84 -12.65
N SER A 1035 -62.77 -4.84 -11.41
CA SER A 1035 -61.59 -5.63 -11.06
C SER A 1035 -61.58 -5.85 -9.56
N PHE A 1036 -60.86 -6.89 -9.15
CA PHE A 1036 -60.67 -7.20 -7.74
C PHE A 1036 -59.18 -7.39 -7.49
N PRO A 1037 -58.56 -6.57 -6.65
CA PRO A 1037 -57.12 -6.72 -6.40
C PRO A 1037 -56.81 -7.89 -5.48
N GLN A 1038 -55.56 -8.34 -5.56
CA GLN A 1038 -55.05 -9.39 -4.70
C GLN A 1038 -53.59 -9.08 -4.36
N SER A 1039 -53.14 -9.63 -3.23
CA SER A 1039 -51.82 -9.35 -2.71
C SER A 1039 -50.90 -10.55 -2.93
N ALA A 1040 -49.68 -10.27 -3.37
CA ALA A 1040 -48.64 -11.25 -3.61
C ALA A 1040 -47.35 -10.77 -2.97
N PRO A 1041 -46.43 -11.68 -2.65
CA PRO A 1041 -45.16 -11.25 -2.06
C PRO A 1041 -44.38 -10.36 -3.02
N HIS A 1042 -44.10 -9.13 -2.56
CA HIS A 1042 -43.38 -8.14 -3.36
C HIS A 1042 -44.10 -7.85 -4.67
N GLY A 1043 -45.39 -7.52 -4.57
CA GLY A 1043 -46.15 -7.18 -5.75
C GLY A 1043 -47.64 -7.17 -5.46
N VAL A 1044 -48.39 -6.94 -6.53
CA VAL A 1044 -49.85 -6.91 -6.47
C VAL A 1044 -50.39 -7.72 -7.64
N VAL A 1045 -51.60 -8.26 -7.48
CA VAL A 1045 -52.24 -9.10 -8.48
C VAL A 1045 -53.64 -8.58 -8.72
N PHE A 1046 -54.00 -8.43 -9.99
CA PHE A 1046 -55.32 -7.97 -10.40
C PHE A 1046 -56.11 -9.11 -11.03
N LEU A 1047 -57.44 -8.99 -10.96
CA LEU A 1047 -58.36 -9.94 -11.59
C LEU A 1047 -59.38 -9.13 -12.38
N HIS A 1048 -59.04 -8.84 -13.64
CA HIS A 1048 -59.93 -8.06 -14.49
C HIS A 1048 -61.16 -8.88 -14.88
N VAL A 1049 -62.27 -8.18 -15.08
CA VAL A 1049 -63.51 -8.77 -15.58
C VAL A 1049 -63.91 -8.01 -16.82
N THR A 1050 -64.05 -8.72 -17.94
CA THR A 1050 -64.25 -8.11 -19.24
C THR A 1050 -65.57 -8.55 -19.85
N TYR A 1051 -65.79 -8.17 -21.10
CA TYR A 1051 -67.03 -8.45 -21.81
C TYR A 1051 -66.73 -8.49 -23.30
N VAL A 1052 -67.08 -9.59 -23.96
CA VAL A 1052 -66.76 -9.76 -25.37
C VAL A 1052 -67.96 -10.31 -26.14
N PRO A 1053 -68.31 -9.75 -27.28
CA PRO A 1053 -69.36 -10.34 -28.11
C PRO A 1053 -68.92 -11.68 -28.68
N ALA A 1054 -69.90 -12.54 -28.97
CA ALA A 1054 -69.62 -13.92 -29.35
C ALA A 1054 -70.02 -14.26 -30.78
N GLN A 1055 -71.30 -14.10 -31.15
CA GLN A 1055 -71.79 -14.65 -32.41
C GLN A 1055 -72.54 -13.59 -33.18
N GLU A 1056 -72.15 -13.38 -34.44
CA GLU A 1056 -72.67 -12.32 -35.30
C GLU A 1056 -73.52 -12.91 -36.42
N LYS A 1057 -74.21 -12.03 -37.13
CA LYS A 1057 -75.11 -12.39 -38.22
C LYS A 1057 -74.99 -11.39 -39.36
N ASN A 1058 -75.26 -11.85 -40.58
CA ASN A 1058 -75.39 -10.92 -41.70
C ASN A 1058 -76.67 -10.09 -41.57
N PHE A 1059 -76.57 -8.82 -41.96
CA PHE A 1059 -77.74 -7.95 -42.07
C PHE A 1059 -77.51 -6.90 -43.15
N THR A 1060 -78.60 -6.31 -43.61
CA THR A 1060 -78.58 -5.23 -44.60
C THR A 1060 -79.00 -3.94 -43.91
N THR A 1061 -78.25 -2.88 -44.14
CA THR A 1061 -78.46 -1.63 -43.42
C THR A 1061 -78.56 -0.46 -44.40
N ALA A 1062 -79.14 0.64 -43.91
CA ALA A 1062 -79.26 1.89 -44.65
C ALA A 1062 -78.99 3.04 -43.70
N PRO A 1063 -78.48 4.16 -44.22
CA PRO A 1063 -78.11 5.27 -43.33
C PRO A 1063 -79.29 6.08 -42.82
N ALA A 1064 -80.39 6.14 -43.58
CA ALA A 1064 -81.50 7.01 -43.20
C ALA A 1064 -82.78 6.49 -43.82
N ILE A 1065 -83.90 7.14 -43.46
CA ILE A 1065 -85.24 6.77 -43.92
C ILE A 1065 -85.96 8.04 -44.35
N CYS A 1066 -86.67 7.96 -45.48
CA CYS A 1066 -87.47 9.06 -46.00
C CYS A 1066 -88.89 8.59 -46.20
N HIS A 1067 -89.79 8.98 -45.29
CA HIS A 1067 -91.20 8.61 -45.45
C HIS A 1067 -92.02 9.69 -46.12
N ASP A 1068 -92.16 10.85 -45.47
CA ASP A 1068 -92.92 11.96 -46.03
C ASP A 1068 -91.99 13.02 -46.63
N GLY A 1069 -91.14 12.58 -47.55
CA GLY A 1069 -90.20 13.49 -48.16
C GLY A 1069 -89.19 14.09 -47.20
N LYS A 1070 -89.07 13.51 -46.01
CA LYS A 1070 -88.20 14.05 -44.97
C LYS A 1070 -87.29 12.94 -44.45
N ALA A 1071 -86.02 13.29 -44.24
CA ALA A 1071 -85.06 12.31 -43.75
C ALA A 1071 -85.35 11.93 -42.30
N HIS A 1072 -85.18 10.65 -41.99
CA HIS A 1072 -85.30 10.14 -40.63
C HIS A 1072 -84.00 9.47 -40.23
N PHE A 1073 -83.57 9.71 -38.99
CA PHE A 1073 -82.33 9.17 -38.49
C PHE A 1073 -82.58 8.44 -37.18
N PRO A 1074 -81.76 7.44 -36.86
CA PRO A 1074 -81.91 6.75 -35.57
C PRO A 1074 -81.54 7.66 -34.42
N ARG A 1075 -82.35 7.62 -33.36
CA ARG A 1075 -82.01 8.37 -32.15
C ARG A 1075 -80.69 7.87 -31.57
N GLU A 1076 -80.54 6.55 -31.49
CA GLU A 1076 -79.26 5.92 -31.20
C GLU A 1076 -79.38 4.44 -31.56
N GLY A 1077 -78.44 3.96 -32.39
CA GLY A 1077 -78.47 2.61 -32.88
C GLY A 1077 -78.25 2.56 -34.37
N VAL A 1078 -78.71 1.48 -34.99
CA VAL A 1078 -78.51 1.25 -36.42
C VAL A 1078 -79.82 0.79 -37.04
N PHE A 1079 -80.14 1.33 -38.21
CA PHE A 1079 -81.27 0.84 -38.99
C PHE A 1079 -80.86 -0.45 -39.70
N VAL A 1080 -81.62 -1.53 -39.46
CA VAL A 1080 -81.32 -2.83 -40.02
C VAL A 1080 -82.58 -3.43 -40.61
N SER A 1081 -82.40 -4.55 -41.31
CA SER A 1081 -83.52 -5.27 -41.91
C SER A 1081 -83.03 -6.66 -42.28
N ASN A 1082 -83.86 -7.67 -42.05
CA ASN A 1082 -83.49 -9.04 -42.40
C ASN A 1082 -83.77 -9.37 -43.85
N GLY A 1083 -84.40 -8.46 -44.60
CA GLY A 1083 -84.74 -8.75 -45.98
C GLY A 1083 -86.17 -8.39 -46.34
N THR A 1084 -87.09 -8.49 -45.38
CA THR A 1084 -88.50 -8.23 -45.62
C THR A 1084 -88.99 -6.94 -44.96
N HIS A 1085 -88.71 -6.75 -43.68
CA HIS A 1085 -89.13 -5.57 -42.94
C HIS A 1085 -87.93 -4.89 -42.31
N TRP A 1086 -88.11 -3.62 -41.97
CA TRP A 1086 -87.03 -2.78 -41.46
C TRP A 1086 -87.22 -2.55 -39.97
N PHE A 1087 -86.14 -2.68 -39.21
CA PHE A 1087 -86.16 -2.52 -37.77
C PHE A 1087 -84.98 -1.67 -37.34
N VAL A 1088 -85.08 -1.10 -36.13
CA VAL A 1088 -84.00 -0.34 -35.52
C VAL A 1088 -83.58 -1.05 -34.24
N THR A 1089 -82.27 -1.12 -34.01
CA THR A 1089 -81.74 -1.85 -32.87
C THR A 1089 -80.49 -1.15 -32.36
N GLN A 1090 -80.05 -1.57 -31.17
CA GLN A 1090 -78.90 -0.96 -30.51
C GLN A 1090 -77.61 -1.50 -31.13
N ARG A 1091 -76.47 -1.16 -30.50
CA ARG A 1091 -75.18 -1.35 -31.14
C ARG A 1091 -74.66 -2.77 -30.99
N ASN A 1092 -74.41 -3.20 -29.74
CA ASN A 1092 -73.68 -4.43 -29.48
C ASN A 1092 -74.58 -5.56 -28.98
N PHE A 1093 -75.86 -5.54 -29.36
CA PHE A 1093 -76.78 -6.61 -28.97
C PHE A 1093 -77.98 -6.55 -29.91
N TYR A 1094 -78.24 -7.64 -30.62
CA TYR A 1094 -79.35 -7.66 -31.56
C TYR A 1094 -80.67 -7.61 -30.79
N GLU A 1095 -81.50 -6.62 -31.09
CA GLU A 1095 -82.76 -6.42 -30.39
C GLU A 1095 -83.68 -5.58 -31.24
N PRO A 1096 -84.30 -6.16 -32.27
CA PRO A 1096 -85.10 -5.36 -33.19
C PRO A 1096 -86.33 -4.76 -32.54
N GLN A 1097 -86.72 -3.58 -33.03
CA GLN A 1097 -87.95 -2.91 -32.62
C GLN A 1097 -88.62 -2.36 -33.87
N ILE A 1098 -89.63 -1.52 -33.66
CA ILE A 1098 -90.37 -0.91 -34.76
C ILE A 1098 -90.09 0.58 -34.76
N ILE A 1099 -89.85 1.14 -35.95
CA ILE A 1099 -89.55 2.56 -36.06
C ILE A 1099 -90.78 3.38 -35.71
N THR A 1100 -90.61 4.30 -34.77
CA THR A 1100 -91.69 5.18 -34.32
C THR A 1100 -91.18 6.60 -34.24
N THR A 1101 -92.10 7.55 -34.12
CA THR A 1101 -91.74 8.96 -34.10
C THR A 1101 -90.88 9.31 -32.88
N ASP A 1102 -91.08 8.63 -31.77
CA ASP A 1102 -90.28 8.89 -30.57
C ASP A 1102 -88.91 8.24 -30.62
N ASN A 1103 -88.67 7.33 -31.56
CA ASN A 1103 -87.39 6.67 -31.72
C ASN A 1103 -86.52 7.30 -32.79
N THR A 1104 -87.02 8.34 -33.47
CA THR A 1104 -86.29 8.98 -34.55
C THR A 1104 -86.51 10.48 -34.50
N PHE A 1105 -85.58 11.22 -35.10
CA PHE A 1105 -85.70 12.66 -35.24
C PHE A 1105 -85.43 13.05 -36.68
N VAL A 1106 -86.25 13.96 -37.21
CA VAL A 1106 -86.18 14.33 -38.61
C VAL A 1106 -85.32 15.58 -38.76
N SER A 1107 -84.79 15.78 -39.96
CA SER A 1107 -83.98 16.96 -40.27
C SER A 1107 -83.88 17.10 -41.77
N GLY A 1108 -84.35 18.23 -42.30
CA GLY A 1108 -84.21 18.52 -43.71
C GLY A 1108 -85.02 17.60 -44.61
N ASN A 1109 -84.66 17.63 -45.89
CA ASN A 1109 -85.28 16.78 -46.89
C ASN A 1109 -84.40 15.57 -47.18
N CYS A 1110 -84.99 14.58 -47.86
CA CYS A 1110 -84.32 13.33 -48.15
C CYS A 1110 -83.75 13.28 -49.58
N ASP A 1111 -83.29 14.43 -50.10
CA ASP A 1111 -82.72 14.50 -51.43
C ASP A 1111 -81.23 14.84 -51.41
N VAL A 1112 -80.62 14.92 -50.23
CA VAL A 1112 -79.21 15.22 -50.12
C VAL A 1112 -78.41 14.08 -49.51
N VAL A 1113 -79.03 13.14 -48.80
CA VAL A 1113 -78.34 11.97 -48.27
C VAL A 1113 -78.04 11.01 -49.40
N ILE A 1114 -77.20 10.01 -49.14
CA ILE A 1114 -76.68 9.15 -50.20
C ILE A 1114 -77.53 7.90 -50.39
N GLY A 1115 -77.63 7.08 -49.34
CA GLY A 1115 -78.24 5.77 -49.48
C GLY A 1115 -79.59 5.57 -48.81
N ILE A 1116 -80.46 6.57 -48.89
CA ILE A 1116 -81.76 6.48 -48.23
C ILE A 1116 -82.67 5.53 -48.98
N VAL A 1117 -83.68 5.02 -48.28
CA VAL A 1117 -84.61 4.03 -48.81
C VAL A 1117 -86.04 4.50 -48.53
N ASN A 1118 -87.00 3.63 -48.83
CA ASN A 1118 -88.42 3.90 -48.61
C ASN A 1118 -88.95 2.99 -47.50
N ASN A 1119 -89.65 3.58 -46.55
CA ASN A 1119 -90.39 2.83 -45.53
C ASN A 1119 -91.35 3.79 -44.86
N THR A 1120 -92.03 3.32 -43.80
CA THR A 1120 -93.01 4.13 -43.08
C THR A 1120 -92.66 4.16 -41.61
N VAL A 1121 -93.31 5.08 -40.89
CA VAL A 1121 -93.12 5.27 -39.46
C VAL A 1121 -94.46 5.11 -38.78
N TYR A 1122 -94.46 4.47 -37.60
CA TYR A 1122 -95.72 4.13 -36.95
C TYR A 1122 -96.46 5.38 -36.47
N ASP A 1123 -95.76 6.30 -35.79
CA ASP A 1123 -96.35 7.49 -35.23
C ASP A 1123 -97.47 7.12 -34.27
N PRO A 1124 -97.14 6.60 -33.07
CA PRO A 1124 -98.17 6.00 -32.22
C PRO A 1124 -99.25 6.96 -31.74
N LEU A 1125 -99.03 8.28 -31.82
CA LEU A 1125 -100.02 9.22 -31.33
C LEU A 1125 -101.32 9.13 -32.13
N GLN A 1126 -101.22 9.05 -33.45
CA GLN A 1126 -102.41 9.08 -34.29
C GLN A 1126 -103.36 7.90 -34.07
N PRO A 1127 -102.90 6.64 -34.02
CA PRO A 1127 -103.86 5.53 -33.88
C PRO A 1127 -104.65 5.55 -32.59
N GLU A 1128 -104.25 6.35 -31.60
CA GLU A 1128 -105.03 6.44 -30.37
C GLU A 1128 -106.43 6.98 -30.65
N LEU A 1129 -106.53 7.98 -31.53
CA LEU A 1129 -107.83 8.49 -31.94
C LEU A 1129 -108.14 8.13 -33.39
N GLN B 1 39.50 36.46 -52.86
CA GLN B 1 38.99 37.82 -53.00
C GLN B 1 37.64 37.97 -52.32
N CYS B 2 37.42 39.14 -51.72
CA CYS B 2 36.16 39.46 -51.04
C CYS B 2 35.46 40.65 -51.68
N VAL B 3 35.71 40.84 -52.98
CA VAL B 3 35.19 41.93 -53.83
C VAL B 3 35.02 43.26 -53.09
N ASN B 4 34.22 43.30 -52.03
CA ASN B 4 33.92 44.53 -51.30
C ASN B 4 33.40 45.61 -52.23
N LEU B 5 32.38 45.24 -53.01
CA LEU B 5 31.86 46.10 -54.06
C LEU B 5 31.16 47.33 -53.47
N THR B 6 30.75 48.24 -54.35
CA THR B 6 30.17 49.51 -53.99
C THR B 6 28.73 49.59 -54.52
N THR B 7 28.14 50.78 -54.40
CA THR B 7 26.75 51.04 -54.81
C THR B 7 25.79 50.11 -54.07
N ARG B 8 25.95 50.05 -52.74
CA ARG B 8 25.04 49.29 -51.89
C ARG B 8 23.77 50.11 -51.68
N THR B 9 22.68 49.68 -52.29
CA THR B 9 21.40 50.38 -52.20
C THR B 9 20.60 49.80 -51.04
N GLN B 10 20.33 50.62 -50.03
CA GLN B 10 19.54 50.23 -48.88
C GLN B 10 18.11 50.73 -49.04
N LEU B 11 17.16 49.83 -48.88
CA LEU B 11 15.75 50.16 -49.00
C LEU B 11 14.98 49.62 -47.80
N PRO B 12 13.94 50.30 -47.37
CA PRO B 12 13.14 49.81 -46.23
C PRO B 12 12.50 48.47 -46.54
N PRO B 13 12.42 47.58 -45.56
CA PRO B 13 11.82 46.25 -45.81
C PRO B 13 10.31 46.35 -45.96
N ALA B 14 9.83 45.98 -47.14
CA ALA B 14 8.39 45.99 -47.39
C ALA B 14 7.73 44.81 -46.67
N TYR B 15 6.42 44.96 -46.41
CA TYR B 15 5.66 43.96 -45.67
C TYR B 15 4.42 43.56 -46.46
N THR B 16 4.21 42.25 -46.59
CA THR B 16 2.96 41.71 -47.10
C THR B 16 2.43 40.68 -46.11
N ASN B 17 1.30 40.05 -46.42
CA ASN B 17 0.65 39.13 -45.50
C ASN B 17 0.71 37.71 -46.05
N SER B 18 1.07 36.77 -45.18
CA SER B 18 1.06 35.36 -45.56
C SER B 18 -0.36 34.88 -45.79
N PHE B 19 -0.57 34.14 -46.88
CA PHE B 19 -1.88 33.64 -47.27
C PHE B 19 -1.86 32.12 -47.19
N THR B 20 -2.22 31.62 -46.01
CA THR B 20 -2.25 30.18 -45.67
C THR B 20 -1.07 29.42 -46.31
N ARG B 21 0.12 29.87 -45.97
CA ARG B 21 1.36 29.26 -46.44
C ARG B 21 2.14 28.67 -45.26
N GLY B 22 3.00 27.71 -45.58
CA GLY B 22 3.83 27.08 -44.58
C GLY B 22 3.21 25.85 -43.95
N VAL B 23 2.77 24.91 -44.79
CA VAL B 23 2.17 23.66 -44.33
C VAL B 23 2.94 22.49 -44.93
N TYR B 24 3.42 21.60 -44.08
CA TYR B 24 4.18 20.44 -44.50
C TYR B 24 3.66 19.21 -43.77
N TYR B 25 3.94 18.05 -44.35
CA TYR B 25 3.59 16.80 -43.67
C TYR B 25 4.46 16.65 -42.42
N PRO B 26 3.88 16.57 -41.23
CA PRO B 26 4.69 16.58 -40.02
C PRO B 26 5.40 15.26 -39.74
N ASP B 27 4.99 14.17 -40.38
CA ASP B 27 5.59 12.87 -40.09
C ASP B 27 5.49 11.98 -41.32
N LYS B 28 6.28 10.91 -41.30
CA LYS B 28 6.33 9.97 -42.42
C LYS B 28 5.15 9.01 -42.43
N VAL B 29 4.32 9.00 -41.38
CA VAL B 29 3.18 8.10 -41.35
C VAL B 29 2.16 8.51 -42.41
N PHE B 30 1.24 7.59 -42.69
CA PHE B 30 0.24 7.78 -43.73
C PHE B 30 -1.14 7.99 -43.13
N ARG B 31 -1.93 8.82 -43.79
CA ARG B 31 -3.33 9.05 -43.44
C ARG B 31 -4.11 9.30 -44.71
N SER B 32 -5.42 9.09 -44.63
CA SER B 32 -6.27 9.27 -45.80
C SER B 32 -7.72 9.46 -45.35
N SER B 33 -8.37 10.48 -45.90
CA SER B 33 -9.79 10.75 -45.66
C SER B 33 -10.09 10.92 -44.17
N VAL B 34 -9.12 11.40 -43.41
CA VAL B 34 -9.27 11.59 -41.97
C VAL B 34 -8.81 12.99 -41.60
N LEU B 35 -9.38 13.51 -40.52
CA LEU B 35 -9.02 14.83 -39.99
C LEU B 35 -8.25 14.61 -38.68
N HIS B 36 -7.05 15.17 -38.61
CA HIS B 36 -6.18 15.00 -37.46
C HIS B 36 -5.59 16.34 -37.04
N SER B 37 -5.40 16.50 -35.73
CA SER B 37 -4.85 17.73 -35.17
C SER B 37 -3.44 17.46 -34.65
N THR B 38 -2.53 18.38 -34.94
CA THR B 38 -1.12 18.24 -34.59
C THR B 38 -0.68 19.40 -33.71
N GLN B 39 0.51 19.25 -33.13
CA GLN B 39 1.16 20.28 -32.33
C GLN B 39 2.61 20.37 -32.79
N ASP B 40 2.91 21.37 -33.62
CA ASP B 40 4.23 21.47 -34.23
C ASP B 40 4.49 22.93 -34.59
N LEU B 41 5.75 23.24 -34.87
CA LEU B 41 6.10 24.56 -35.36
C LEU B 41 5.48 24.78 -36.73
N PHE B 42 4.95 25.97 -36.96
CA PHE B 42 4.29 26.29 -38.21
C PHE B 42 4.39 27.78 -38.48
N LEU B 43 4.16 28.14 -39.74
CA LEU B 43 3.99 29.54 -40.10
C LEU B 43 2.55 29.94 -39.85
N PRO B 44 2.28 30.95 -39.03
CA PRO B 44 0.90 31.30 -38.70
C PRO B 44 0.15 31.83 -39.91
N PHE B 45 -1.15 31.55 -39.94
CA PHE B 45 -2.00 32.12 -40.97
C PHE B 45 -2.14 33.62 -40.77
N PHE B 46 -2.04 34.36 -41.87
CA PHE B 46 -2.19 35.82 -41.87
C PHE B 46 -1.21 36.49 -40.92
N SER B 47 0.08 36.17 -41.11
CA SER B 47 1.17 36.79 -40.39
C SER B 47 2.00 37.60 -41.37
N ASN B 48 2.28 38.87 -41.03
CA ASN B 48 2.94 39.76 -41.97
C ASN B 48 4.39 39.34 -42.18
N VAL B 49 4.85 39.43 -43.42
CA VAL B 49 6.11 38.84 -43.84
C VAL B 49 6.99 39.89 -44.52
N THR B 50 8.28 39.85 -44.21
CA THR B 50 9.24 40.79 -44.78
C THR B 50 9.51 40.49 -46.25
N TRP B 51 9.65 41.55 -47.04
CA TRP B 51 9.83 41.44 -48.48
C TRP B 51 11.25 41.84 -48.87
N PHE B 52 11.90 40.98 -49.64
CA PHE B 52 13.20 41.27 -50.24
C PHE B 52 13.12 41.03 -51.74
N HIS B 53 13.71 41.95 -52.51
CA HIS B 53 13.63 41.89 -53.96
C HIS B 53 14.97 42.26 -54.58
N VAL B 54 15.21 41.72 -55.77
CA VAL B 54 16.39 42.06 -56.57
C VAL B 54 15.92 42.41 -57.97
N ILE B 55 16.44 43.51 -58.52
CA ILE B 55 16.02 44.00 -59.82
C ILE B 55 17.21 44.70 -60.49
N SER B 56 17.25 44.64 -61.81
CA SER B 56 18.33 45.23 -62.59
C SER B 56 17.85 46.19 -63.67
N GLY B 57 16.54 46.37 -63.83
CA GLY B 57 16.05 47.23 -64.89
C GLY B 57 16.46 48.68 -64.71
N THR B 58 16.31 49.19 -63.48
CA THR B 58 16.66 50.59 -63.22
C THR B 58 18.15 50.74 -62.91
N ASN B 59 18.67 49.93 -61.99
CA ASN B 59 20.07 49.99 -61.58
C ASN B 59 20.58 48.57 -61.34
N GLY B 60 21.17 47.99 -62.39
CA GLY B 60 21.70 46.63 -62.27
C GLY B 60 22.88 46.53 -61.33
N THR B 61 23.75 47.55 -61.33
CA THR B 61 24.97 47.51 -60.55
C THR B 61 24.79 47.99 -59.11
N LYS B 62 23.58 48.40 -58.73
CA LYS B 62 23.39 49.02 -57.43
C LYS B 62 22.38 48.27 -56.58
N ARG B 63 21.42 47.60 -57.21
CA ARG B 63 20.28 47.03 -56.49
C ARG B 63 20.44 45.52 -56.42
N PHE B 64 20.93 45.02 -55.29
CA PHE B 64 20.90 43.61 -54.97
C PHE B 64 20.71 43.48 -53.47
N ASP B 65 19.94 42.49 -53.05
CA ASP B 65 19.40 42.44 -51.69
C ASP B 65 19.92 41.19 -51.00
N ASN B 66 20.84 41.38 -50.04
CA ASN B 66 21.36 40.28 -49.23
C ASN B 66 21.94 40.75 -47.89
N PRO B 67 21.14 41.39 -47.01
CA PRO B 67 21.66 41.75 -45.68
C PRO B 67 21.68 40.56 -44.73
N VAL B 68 21.92 40.85 -43.46
CA VAL B 68 21.86 39.85 -42.39
C VAL B 68 20.40 39.52 -42.10
N LEU B 69 20.13 38.25 -41.81
CA LEU B 69 18.78 37.79 -41.48
C LEU B 69 18.84 36.90 -40.24
N PRO B 70 17.99 37.13 -39.25
CA PRO B 70 17.99 36.27 -38.06
C PRO B 70 17.40 34.89 -38.38
N PHE B 71 17.73 33.93 -37.52
CA PHE B 71 17.21 32.57 -37.60
C PHE B 71 16.77 32.16 -36.19
N ASN B 72 15.51 32.42 -35.86
CA ASN B 72 15.01 32.08 -34.54
C ASN B 72 14.82 30.58 -34.39
N ASP B 73 13.90 30.01 -35.17
CA ASP B 73 13.68 28.57 -35.16
C ASP B 73 13.46 27.99 -36.55
N GLY B 74 13.45 28.79 -37.59
CA GLY B 74 13.19 28.34 -38.94
C GLY B 74 12.50 29.43 -39.73
N VAL B 75 12.64 29.35 -41.05
CA VAL B 75 12.08 30.35 -41.95
C VAL B 75 11.26 29.63 -43.02
N TYR B 76 10.26 30.33 -43.55
CA TYR B 76 9.54 29.87 -44.73
C TYR B 76 10.11 30.57 -45.96
N PHE B 77 11.34 30.18 -46.29
CA PHE B 77 12.02 30.78 -47.44
C PHE B 77 11.35 30.34 -48.73
N ALA B 78 11.14 31.30 -49.63
CA ALA B 78 10.53 31.04 -50.92
C ALA B 78 11.11 32.01 -51.94
N SER B 79 11.01 31.65 -53.21
CA SER B 79 11.55 32.49 -54.27
C SER B 79 10.87 32.14 -55.59
N ILE B 80 10.38 33.17 -56.28
CA ILE B 80 9.76 33.03 -57.59
C ILE B 80 10.74 33.57 -58.63
N GLU B 81 11.06 32.75 -59.63
CA GLU B 81 12.07 33.08 -60.62
C GLU B 81 11.68 32.44 -61.95
N LYS B 82 12.57 32.54 -62.93
CA LYS B 82 12.46 31.77 -64.17
C LYS B 82 13.76 31.17 -64.64
N SER B 83 14.91 31.57 -64.07
CA SER B 83 16.20 31.06 -64.50
C SER B 83 17.08 30.64 -63.32
N ASN B 84 16.47 30.42 -62.16
CA ASN B 84 17.18 30.00 -60.95
C ASN B 84 18.33 30.96 -60.62
N ILE B 85 17.95 32.21 -60.33
CA ILE B 85 18.95 33.24 -60.05
C ILE B 85 19.61 32.97 -58.71
N ILE B 86 18.83 32.65 -57.69
CA ILE B 86 19.37 32.39 -56.35
C ILE B 86 19.96 30.99 -56.32
N ARG B 87 21.21 30.88 -55.88
CA ARG B 87 21.97 29.64 -56.03
C ARG B 87 22.79 29.33 -54.79
N GLY B 88 22.20 29.45 -53.61
CA GLY B 88 22.88 28.99 -52.42
C GLY B 88 22.32 29.60 -51.15
N TRP B 89 22.83 29.09 -50.03
CA TRP B 89 22.47 29.54 -48.69
C TRP B 89 23.62 29.26 -47.74
N ILE B 90 23.75 30.11 -46.72
CA ILE B 90 24.69 29.88 -45.62
C ILE B 90 24.00 30.22 -44.31
N PHE B 91 24.33 29.46 -43.26
CA PHE B 91 23.73 29.66 -41.95
C PHE B 91 24.81 29.69 -40.88
N GLY B 92 24.41 29.71 -39.60
CA GLY B 92 25.35 29.66 -38.51
C GLY B 92 25.04 30.75 -37.50
N THR B 93 26.08 31.13 -36.74
CA THR B 93 25.97 32.18 -35.75
C THR B 93 26.89 33.36 -36.06
N THR B 94 28.18 33.11 -36.27
CA THR B 94 29.16 34.15 -36.54
C THR B 94 29.72 34.10 -37.96
N LEU B 95 30.00 32.90 -38.48
CA LEU B 95 30.46 32.72 -39.85
C LEU B 95 31.78 33.45 -40.11
N ASP B 96 32.77 33.19 -39.25
CA ASP B 96 34.10 33.76 -39.39
C ASP B 96 35.17 32.71 -39.13
N SER B 97 34.97 31.51 -39.69
CA SER B 97 35.89 30.38 -39.52
C SER B 97 36.10 30.02 -38.06
N LYS B 98 35.07 30.21 -37.23
CA LYS B 98 35.11 29.83 -35.83
C LYS B 98 33.87 29.10 -35.36
N THR B 99 32.80 29.04 -36.16
CA THR B 99 31.58 28.35 -35.82
C THR B 99 31.15 27.49 -37.00
N GLN B 100 30.61 26.31 -36.71
CA GLN B 100 30.16 25.41 -37.76
C GLN B 100 28.99 26.02 -38.53
N SER B 101 28.94 25.73 -39.83
CA SER B 101 27.92 26.28 -40.71
C SER B 101 27.60 25.28 -41.80
N LEU B 102 26.58 25.60 -42.59
CA LEU B 102 26.12 24.74 -43.67
C LEU B 102 26.35 25.46 -44.99
N LEU B 103 26.95 24.75 -45.95
CA LEU B 103 27.27 25.31 -47.27
C LEU B 103 26.43 24.53 -48.28
N ILE B 104 25.26 25.06 -48.62
CA ILE B 104 24.34 24.46 -49.57
C ILE B 104 24.38 25.27 -50.85
N VAL B 105 24.83 24.63 -51.94
CA VAL B 105 24.91 25.27 -53.25
C VAL B 105 24.23 24.34 -54.26
N ASN B 106 23.33 24.91 -55.07
CA ASN B 106 22.62 24.12 -56.06
C ASN B 106 23.58 23.55 -57.10
N ASN B 107 24.58 24.34 -57.51
CA ASN B 107 25.62 23.90 -58.44
C ASN B 107 25.04 23.55 -59.80
N ALA B 108 25.89 23.14 -60.74
CA ALA B 108 25.45 22.73 -62.07
C ALA B 108 25.56 21.24 -62.32
N THR B 109 26.38 20.53 -61.54
CA THR B 109 26.54 19.09 -61.68
C THR B 109 25.81 18.32 -60.58
N ASN B 110 26.02 18.70 -59.33
CA ASN B 110 25.34 18.05 -58.21
C ASN B 110 25.36 18.99 -57.01
N VAL B 111 24.28 18.97 -56.24
CA VAL B 111 24.18 19.82 -55.06
C VAL B 111 25.19 19.35 -54.01
N VAL B 112 25.89 20.32 -53.41
CA VAL B 112 26.93 20.05 -52.43
C VAL B 112 26.51 20.64 -51.09
N ILE B 113 26.58 19.83 -50.05
CA ILE B 113 26.29 20.27 -48.68
C ILE B 113 27.52 20.02 -47.85
N LYS B 114 28.14 21.09 -47.37
CA LYS B 114 29.43 21.02 -46.69
C LYS B 114 29.33 21.68 -45.31
N VAL B 115 29.81 20.97 -44.29
CA VAL B 115 29.81 21.50 -42.93
C VAL B 115 31.12 22.21 -42.61
N CYS B 116 32.11 22.14 -43.49
CA CYS B 116 33.42 22.74 -43.25
C CYS B 116 33.27 24.24 -43.01
N GLU B 117 33.92 24.73 -41.94
CA GLU B 117 33.98 26.17 -41.73
C GLU B 117 34.95 26.79 -42.72
N PHE B 118 34.74 28.09 -42.98
CA PHE B 118 35.53 28.80 -43.98
C PHE B 118 35.76 30.23 -43.53
N GLN B 119 36.73 30.88 -44.16
CA GLN B 119 36.96 32.31 -44.00
C GLN B 119 35.96 33.03 -44.87
N PHE B 120 34.75 33.20 -44.35
CA PHE B 120 33.69 33.86 -45.10
C PHE B 120 34.06 35.33 -45.33
N CYS B 121 33.91 35.78 -46.56
CA CYS B 121 34.27 37.15 -46.93
C CYS B 121 33.23 38.13 -46.41
N ASN B 122 33.51 39.41 -46.60
CA ASN B 122 32.52 40.44 -46.26
C ASN B 122 31.24 40.26 -47.08
N ASP B 123 31.40 39.85 -48.34
CA ASP B 123 30.27 39.55 -49.23
C ASP B 123 30.50 38.14 -49.79
N PRO B 124 30.21 37.11 -49.00
CA PRO B 124 30.46 35.72 -49.44
C PRO B 124 29.40 35.28 -50.45
N PHE B 125 29.81 35.10 -51.69
CA PHE B 125 28.90 34.67 -52.75
C PHE B 125 29.71 34.10 -53.90
N LEU B 126 29.06 33.21 -54.67
CA LEU B 126 29.62 32.66 -55.89
C LEU B 126 28.96 33.30 -57.09
N ASP B 127 29.58 33.12 -58.25
CA ASP B 127 29.12 33.76 -59.48
C ASP B 127 29.88 33.17 -60.66
N HIS B 128 29.59 33.69 -61.86
CA HIS B 128 30.21 33.23 -63.08
C HIS B 128 30.11 34.35 -64.12
N LYS B 129 30.76 34.13 -65.26
CA LYS B 129 30.75 35.09 -66.35
C LYS B 129 29.58 34.83 -67.30
N ASN B 130 29.50 35.63 -68.37
CA ASN B 130 28.48 35.48 -69.38
C ASN B 130 28.98 34.78 -70.63
N ASN B 131 30.17 34.17 -70.57
CA ASN B 131 30.72 33.46 -71.70
C ASN B 131 29.79 32.32 -72.12
N LYS B 132 30.00 31.84 -73.36
CA LYS B 132 29.16 30.77 -73.88
C LYS B 132 29.28 29.50 -73.05
N SER B 133 30.49 29.17 -72.61
CA SER B 133 30.70 28.07 -71.69
C SER B 133 30.42 28.58 -70.27
N TRP B 134 29.22 28.28 -69.77
CA TRP B 134 28.80 28.77 -68.46
C TRP B 134 29.59 28.04 -67.38
N MET B 135 30.71 28.63 -66.96
CA MET B 135 31.57 28.05 -65.95
C MET B 135 31.91 29.11 -64.91
N GLU B 136 32.07 28.67 -63.66
CA GLU B 136 32.19 29.57 -62.51
C GLU B 136 33.66 29.73 -62.16
N SER B 137 34.35 30.58 -62.93
CA SER B 137 35.76 30.84 -62.68
C SER B 137 35.98 31.53 -61.35
N GLU B 138 35.19 32.56 -61.06
CA GLU B 138 35.36 33.32 -59.82
C GLU B 138 34.90 32.48 -58.63
N PHE B 139 35.72 32.45 -57.58
CA PHE B 139 35.42 31.70 -56.37
C PHE B 139 35.52 32.69 -55.20
N ARG B 140 34.41 33.36 -54.91
CA ARG B 140 34.37 34.41 -53.90
C ARG B 140 33.56 34.02 -52.67
N VAL B 141 33.09 32.77 -52.59
CA VAL B 141 32.31 32.34 -51.44
C VAL B 141 33.18 32.29 -50.18
N TYR B 142 34.44 31.88 -50.32
CA TYR B 142 35.40 31.95 -49.22
C TYR B 142 36.80 31.93 -49.82
N SER B 143 37.81 31.75 -48.96
CA SER B 143 39.20 31.76 -49.42
C SER B 143 40.00 30.60 -48.85
N SER B 144 39.57 30.04 -47.73
CA SER B 144 40.33 28.99 -47.07
C SER B 144 39.41 28.17 -46.17
N ALA B 145 39.91 27.00 -45.77
CA ALA B 145 39.19 26.08 -44.90
C ALA B 145 40.05 25.80 -43.66
N ASN B 146 39.47 26.00 -42.48
CA ASN B 146 40.20 25.73 -41.25
C ASN B 146 40.21 24.24 -40.92
N ASN B 147 39.04 23.61 -40.96
CA ASN B 147 38.91 22.19 -40.68
C ASN B 147 37.59 21.69 -41.25
N CYS B 148 37.35 20.39 -41.14
CA CYS B 148 36.14 19.76 -41.65
C CYS B 148 35.64 18.68 -40.71
N THR B 149 34.33 18.47 -40.73
CA THR B 149 33.66 17.45 -39.94
C THR B 149 32.76 16.54 -40.77
N PHE B 150 32.09 17.06 -41.79
CA PHE B 150 31.17 16.26 -42.58
C PHE B 150 31.00 16.88 -43.97
N GLU B 151 30.70 16.02 -44.94
CA GLU B 151 30.45 16.43 -46.31
C GLU B 151 29.31 15.59 -46.88
N TYR B 152 28.41 16.23 -47.62
CA TYR B 152 27.27 15.54 -48.21
C TYR B 152 27.01 16.09 -49.60
N VAL B 153 26.79 15.20 -50.56
CA VAL B 153 26.46 15.55 -51.93
C VAL B 153 25.27 14.71 -52.36
N SER B 154 24.26 15.35 -52.95
CA SER B 154 23.05 14.67 -53.40
C SER B 154 22.81 14.98 -54.87
N GLN B 155 21.74 14.41 -55.40
CA GLN B 155 21.36 14.67 -56.79
C GLN B 155 20.76 16.06 -56.91
N PRO B 156 21.18 16.85 -57.90
CA PRO B 156 20.64 18.21 -58.03
C PRO B 156 19.21 18.20 -58.56
N PHE B 157 18.36 18.99 -57.92
CA PHE B 157 16.96 19.07 -58.34
C PHE B 157 16.84 19.72 -59.71
N LEU B 158 15.90 19.23 -60.50
CA LEU B 158 15.69 19.75 -61.84
C LEU B 158 15.07 21.15 -61.79
N MET B 159 15.41 21.96 -62.79
CA MET B 159 14.90 23.31 -62.93
C MET B 159 13.97 23.38 -64.13
N ASP B 160 13.38 24.57 -64.34
CA ASP B 160 12.58 24.79 -65.54
C ASP B 160 13.44 24.76 -66.80
N LEU B 161 14.73 25.11 -66.67
CA LEU B 161 15.68 25.06 -67.78
C LEU B 161 15.21 25.92 -68.95
N GLU B 162 14.59 27.05 -68.63
CA GLU B 162 14.13 28.01 -69.64
C GLU B 162 14.93 29.30 -69.50
N GLY B 163 15.56 29.72 -70.59
CA GLY B 163 16.36 30.93 -70.59
C GLY B 163 15.55 32.18 -70.84
N LYS B 164 14.52 32.41 -70.03
CA LYS B 164 13.65 33.56 -70.17
C LYS B 164 13.52 34.28 -68.85
N GLN B 165 13.24 35.58 -68.92
CA GLN B 165 13.02 36.42 -67.74
C GLN B 165 11.69 37.18 -67.83
N GLY B 166 10.74 36.65 -68.59
CA GLY B 166 9.44 37.27 -68.72
C GLY B 166 8.49 36.83 -67.63
N ASN B 167 7.32 36.31 -68.02
CA ASN B 167 6.39 35.76 -67.04
C ASN B 167 7.04 34.59 -66.31
N PHE B 168 6.99 34.63 -64.98
CA PHE B 168 7.71 33.66 -64.18
C PHE B 168 7.15 32.26 -64.34
N LYS B 169 8.03 31.26 -64.17
CA LYS B 169 7.63 29.86 -64.20
C LYS B 169 8.28 29.02 -63.12
N ASN B 170 9.14 29.61 -62.29
CA ASN B 170 9.94 28.87 -61.30
C ASN B 170 9.77 29.52 -59.94
N LEU B 171 8.77 29.06 -59.19
CA LEU B 171 8.58 29.49 -57.81
C LEU B 171 8.99 28.35 -56.89
N ARG B 172 9.92 28.64 -55.99
CA ARG B 172 10.44 27.65 -55.06
C ARG B 172 9.96 27.95 -53.65
N GLU B 173 9.83 26.89 -52.85
CA GLU B 173 9.46 27.01 -51.45
C GLU B 173 10.39 26.12 -50.62
N PHE B 174 10.76 26.62 -49.44
CA PHE B 174 11.68 25.90 -48.57
C PHE B 174 11.27 26.11 -47.13
N VAL B 175 11.46 25.07 -46.32
CA VAL B 175 11.20 25.11 -44.88
C VAL B 175 12.41 24.54 -44.17
N PHE B 176 12.95 25.29 -43.21
CA PHE B 176 14.15 24.88 -42.47
C PHE B 176 13.74 24.53 -41.05
N LYS B 177 14.06 23.31 -40.63
CA LYS B 177 13.75 22.83 -39.29
C LYS B 177 14.97 22.12 -38.71
N ASN B 178 15.14 22.25 -37.39
CA ASN B 178 16.22 21.58 -36.69
C ASN B 178 15.75 21.33 -35.26
N ILE B 179 15.26 20.13 -35.00
CA ILE B 179 14.75 19.73 -33.69
C ILE B 179 15.56 18.54 -33.20
N ASP B 180 15.92 18.57 -31.92
CA ASP B 180 16.81 17.56 -31.32
C ASP B 180 18.13 17.47 -32.10
N GLY B 181 18.57 18.60 -32.65
CA GLY B 181 19.75 18.61 -33.48
C GLY B 181 19.63 17.79 -34.74
N TYR B 182 18.44 17.70 -35.32
CA TYR B 182 18.19 16.96 -36.55
C TYR B 182 17.67 17.94 -37.60
N PHE B 183 18.53 18.30 -38.55
CA PHE B 183 18.15 19.23 -39.60
C PHE B 183 17.40 18.50 -40.69
N LYS B 184 16.21 19.03 -41.04
CA LYS B 184 15.37 18.44 -42.06
C LYS B 184 14.93 19.50 -43.06
N ILE B 185 14.75 19.09 -44.30
CA ILE B 185 14.39 19.99 -45.39
C ILE B 185 13.01 19.61 -45.91
N TYR B 186 12.11 20.58 -45.95
CA TYR B 186 10.78 20.41 -46.53
C TYR B 186 10.60 21.44 -47.63
N SER B 187 10.36 20.98 -48.85
CA SER B 187 10.32 21.87 -49.99
C SER B 187 9.38 21.32 -51.06
N LYS B 188 8.93 22.21 -51.93
CA LYS B 188 8.12 21.85 -53.08
C LYS B 188 8.28 22.92 -54.14
N HIS B 189 8.06 22.54 -55.40
CA HIS B 189 8.15 23.45 -56.52
C HIS B 189 6.84 23.46 -57.28
N THR B 190 6.45 24.65 -57.75
CA THR B 190 5.20 24.86 -58.47
C THR B 190 5.53 25.47 -59.83
N PRO B 191 5.75 24.65 -60.86
CA PRO B 191 6.11 25.19 -62.17
C PRO B 191 5.02 26.02 -62.82
N ILE B 192 3.84 25.41 -63.01
CA ILE B 192 2.73 25.90 -63.82
C ILE B 192 3.20 26.55 -65.11
N ILE B 193 2.33 27.33 -65.76
CA ILE B 193 2.62 27.92 -67.07
C ILE B 193 2.98 29.40 -66.95
N VAL B 194 2.07 30.22 -66.43
CA VAL B 194 2.28 31.65 -66.33
C VAL B 194 1.93 32.12 -64.91
N ARG B 195 2.79 32.97 -64.36
CA ARG B 195 2.55 33.57 -63.05
C ARG B 195 2.57 35.08 -63.19
N GLU B 196 1.57 35.73 -62.61
CA GLU B 196 1.53 37.19 -62.62
C GLU B 196 2.53 37.73 -61.59
N PRO B 197 3.47 38.57 -61.98
CA PRO B 197 4.48 39.05 -61.01
C PRO B 197 3.89 40.02 -60.01
N GLU B 198 3.16 39.51 -59.01
CA GLU B 198 2.54 40.37 -58.01
C GLU B 198 2.52 39.60 -56.68
N ASP B 199 3.58 39.80 -55.88
CA ASP B 199 3.68 39.26 -54.53
C ASP B 199 3.48 37.75 -54.46
N LEU B 200 3.25 37.24 -53.26
CA LEU B 200 2.97 35.82 -53.11
C LEU B 200 1.55 35.52 -53.57
N PRO B 201 1.33 34.48 -54.36
CA PRO B 201 0.00 34.22 -54.91
C PRO B 201 -0.87 33.49 -53.88
N GLN B 202 -2.10 33.20 -54.30
CA GLN B 202 -3.06 32.47 -53.48
C GLN B 202 -2.86 30.97 -53.70
N GLY B 203 -3.81 30.16 -53.21
CA GLY B 203 -3.73 28.73 -53.35
C GLY B 203 -3.07 28.07 -52.15
N PHE B 204 -3.35 26.78 -52.00
CA PHE B 204 -2.84 26.00 -50.87
C PHE B 204 -2.18 24.73 -51.39
N SER B 205 -0.94 24.50 -50.97
CA SER B 205 -0.22 23.28 -51.33
C SER B 205 0.60 22.82 -50.13
N ALA B 206 0.82 21.51 -50.05
CA ALA B 206 1.58 20.92 -48.96
C ALA B 206 3.06 20.94 -49.27
N LEU B 207 3.87 20.46 -48.33
CA LEU B 207 5.32 20.40 -48.49
C LEU B 207 5.83 19.05 -48.02
N GLU B 208 6.69 18.44 -48.84
CA GLU B 208 7.31 17.12 -48.79
C GLU B 208 8.66 17.18 -48.08
N PRO B 209 8.96 16.20 -47.22
CA PRO B 209 10.26 16.18 -46.52
C PRO B 209 11.33 15.56 -47.41
N LEU B 210 12.41 16.32 -47.65
CA LEU B 210 13.43 15.86 -48.58
C LEU B 210 14.51 15.02 -47.89
N VAL B 211 15.22 15.61 -46.93
CA VAL B 211 16.40 14.98 -46.34
C VAL B 211 16.44 15.30 -44.85
N ASP B 212 17.21 14.50 -44.11
CA ASP B 212 17.44 14.70 -42.69
C ASP B 212 18.94 14.78 -42.42
N LEU B 213 19.30 15.52 -41.37
CA LEU B 213 20.70 15.69 -41.01
C LEU B 213 20.86 15.74 -39.49
N PRO B 214 21.54 14.77 -38.89
CA PRO B 214 21.62 14.70 -37.42
C PRO B 214 22.77 15.48 -36.80
N ILE B 215 23.34 16.45 -37.53
CA ILE B 215 24.59 17.09 -37.11
C ILE B 215 24.45 17.68 -35.71
N GLY B 216 23.37 18.40 -35.45
CA GLY B 216 23.11 18.90 -34.11
C GLY B 216 23.97 20.07 -33.68
N ILE B 217 23.78 21.23 -34.31
CA ILE B 217 24.57 22.42 -34.03
C ILE B 217 23.65 23.63 -33.92
N ASN B 218 24.24 24.81 -33.98
CA ASN B 218 23.56 26.08 -33.72
C ASN B 218 23.47 26.91 -34.99
N ILE B 219 22.32 27.55 -35.19
CA ILE B 219 22.14 28.54 -36.24
C ILE B 219 21.45 29.76 -35.64
N THR B 220 22.12 30.91 -35.69
CA THR B 220 21.58 32.16 -35.16
C THR B 220 21.33 33.21 -36.23
N ARG B 221 22.28 33.41 -37.13
CA ARG B 221 22.15 34.37 -38.23
C ARG B 221 22.49 33.66 -39.54
N PHE B 222 21.84 34.09 -40.61
CA PHE B 222 22.02 33.43 -41.89
C PHE B 222 21.76 34.41 -43.02
N GLN B 223 22.23 34.03 -44.21
CA GLN B 223 21.94 34.77 -45.44
C GLN B 223 22.09 33.81 -46.60
N THR B 224 21.53 34.19 -47.74
CA THR B 224 21.48 33.32 -48.90
C THR B 224 22.53 33.72 -49.93
N LEU B 225 22.94 32.75 -50.74
CA LEU B 225 23.95 32.97 -51.77
C LEU B 225 23.26 33.08 -53.12
N LEU B 226 23.47 34.20 -53.81
CA LEU B 226 22.93 34.43 -55.15
C LEU B 226 24.09 34.44 -56.13
N ALA B 227 23.98 33.65 -57.19
CA ALA B 227 25.02 33.59 -58.21
C ALA B 227 24.95 34.86 -59.05
N LEU B 228 25.97 35.70 -58.94
CA LEU B 228 25.97 36.99 -59.61
C LEU B 228 26.20 36.76 -61.10
N HIS B 229 25.11 36.70 -61.87
CA HIS B 229 25.17 36.41 -63.30
C HIS B 229 25.71 37.62 -64.03
N ARG B 230 27.03 37.83 -63.92
CA ARG B 230 27.69 38.92 -64.60
C ARG B 230 27.52 38.77 -66.11
N SER B 231 27.17 39.87 -66.77
CA SER B 231 26.89 39.86 -68.20
C SER B 231 27.29 41.20 -68.80
N TYR B 232 26.96 41.38 -70.08
CA TYR B 232 27.24 42.60 -70.80
C TYR B 232 26.16 43.66 -70.61
N LEU B 233 25.13 43.38 -69.82
CA LEU B 233 24.05 44.35 -69.61
C LEU B 233 24.58 45.64 -69.00
N THR B 234 25.48 45.53 -68.01
CA THR B 234 26.13 46.67 -67.39
C THR B 234 27.64 46.52 -67.58
N PRO B 235 28.20 47.14 -68.61
CA PRO B 235 29.64 47.01 -68.85
C PRO B 235 30.47 47.56 -67.70
N GLY B 236 31.58 46.88 -67.42
CA GLY B 236 32.46 47.30 -66.34
C GLY B 236 33.27 46.12 -65.84
N ASP B 237 33.90 46.33 -64.69
CA ASP B 237 34.72 45.31 -64.06
C ASP B 237 33.85 44.30 -63.32
N SER B 238 34.49 43.24 -62.84
CA SER B 238 33.77 42.22 -62.09
C SER B 238 33.26 42.75 -60.76
N SER B 239 34.03 43.65 -60.13
CA SER B 239 33.63 44.17 -58.82
C SER B 239 32.34 44.99 -58.91
N SER B 240 32.24 45.85 -59.92
CA SER B 240 31.11 46.76 -60.04
C SER B 240 30.16 46.42 -61.18
N GLY B 241 30.68 46.01 -62.34
CA GLY B 241 29.83 45.81 -63.50
C GLY B 241 29.14 44.46 -63.55
N TRP B 242 27.85 44.45 -63.25
CA TRP B 242 27.04 43.23 -63.19
C TRP B 242 25.57 43.59 -63.21
N THR B 243 24.75 42.59 -63.55
CA THR B 243 23.30 42.74 -63.63
C THR B 243 22.62 41.84 -62.60
N ALA B 244 21.51 42.32 -62.04
CA ALA B 244 20.81 41.62 -60.97
C ALA B 244 19.64 40.77 -61.45
N GLY B 245 19.26 40.88 -62.72
CA GLY B 245 18.09 40.14 -63.19
C GLY B 245 16.82 40.61 -62.52
N ALA B 246 15.95 39.66 -62.18
CA ALA B 246 14.69 39.99 -61.50
C ALA B 246 14.22 38.75 -60.74
N ALA B 247 14.10 38.89 -59.42
CA ALA B 247 13.66 37.78 -58.58
C ALA B 247 13.05 38.33 -57.30
N ALA B 248 12.11 37.58 -56.73
CA ALA B 248 11.45 37.96 -55.49
C ALA B 248 11.56 36.81 -54.50
N TYR B 249 11.91 37.14 -53.25
CA TYR B 249 12.05 36.13 -52.20
C TYR B 249 11.72 36.76 -50.86
N TYR B 250 11.05 35.98 -50.00
CA TYR B 250 10.55 36.46 -48.73
C TYR B 250 11.11 35.62 -47.59
N VAL B 251 10.96 36.14 -46.37
CA VAL B 251 11.53 35.51 -45.17
C VAL B 251 10.44 35.40 -44.12
N GLY B 252 10.18 34.18 -43.64
CA GLY B 252 9.20 33.94 -42.61
C GLY B 252 9.83 33.53 -41.29
N TYR B 253 8.98 33.46 -40.27
CA TYR B 253 9.41 33.12 -38.92
C TYR B 253 8.41 32.14 -38.32
N LEU B 254 8.92 31.04 -37.76
CA LEU B 254 8.10 29.93 -37.32
C LEU B 254 8.00 29.89 -35.80
N GLN B 255 6.87 29.37 -35.31
CA GLN B 255 6.62 29.20 -33.90
C GLN B 255 5.53 28.16 -33.73
N PRO B 256 5.41 27.54 -32.55
CA PRO B 256 4.42 26.47 -32.38
C PRO B 256 3.00 26.98 -32.52
N ARG B 257 2.13 26.11 -33.03
CA ARG B 257 0.73 26.43 -33.25
C ARG B 257 -0.05 25.13 -33.31
N THR B 258 -1.37 25.21 -33.22
CA THR B 258 -2.25 24.05 -33.29
C THR B 258 -3.07 24.14 -34.57
N PHE B 259 -3.10 23.04 -35.32
CA PHE B 259 -3.76 23.00 -36.62
C PHE B 259 -4.75 21.85 -36.66
N LEU B 260 -5.55 21.82 -37.73
CA LEU B 260 -6.49 20.75 -38.02
C LEU B 260 -6.20 20.26 -39.43
N LEU B 261 -5.32 19.25 -39.52
CA LEU B 261 -4.91 18.73 -40.82
C LEU B 261 -5.99 17.83 -41.41
N LYS B 262 -6.21 17.95 -42.71
CA LYS B 262 -7.17 17.14 -43.44
C LYS B 262 -6.46 16.43 -44.57
N TYR B 263 -6.69 15.12 -44.69
CA TYR B 263 -6.10 14.29 -45.74
C TYR B 263 -7.17 13.86 -46.73
N ASN B 264 -6.79 13.74 -47.99
CA ASN B 264 -7.74 13.43 -49.06
C ASN B 264 -7.84 11.91 -49.23
N GLU B 265 -8.45 11.48 -50.34
CA GLU B 265 -8.73 10.07 -50.57
C GLU B 265 -7.47 9.27 -50.90
N ASN B 266 -6.45 9.91 -51.50
CA ASN B 266 -5.20 9.21 -51.78
C ASN B 266 -4.10 9.50 -50.78
N GLY B 267 -4.27 10.49 -49.90
CA GLY B 267 -3.31 10.70 -48.84
C GLY B 267 -2.47 11.94 -48.96
N THR B 268 -3.03 13.02 -49.49
CA THR B 268 -2.32 14.29 -49.58
C THR B 268 -3.18 15.39 -48.99
N ILE B 269 -2.52 16.44 -48.49
CA ILE B 269 -3.20 17.52 -47.79
C ILE B 269 -3.75 18.50 -48.82
N THR B 270 -5.06 18.76 -48.74
CA THR B 270 -5.71 19.69 -49.64
C THR B 270 -6.12 21.00 -48.99
N ASP B 271 -6.31 21.01 -47.67
CA ASP B 271 -6.69 22.22 -46.96
C ASP B 271 -6.40 22.04 -45.47
N ALA B 272 -6.38 23.16 -44.75
CA ALA B 272 -6.14 23.15 -43.31
C ALA B 272 -6.76 24.42 -42.73
N VAL B 273 -6.66 24.55 -41.41
CA VAL B 273 -7.24 25.69 -40.71
C VAL B 273 -6.49 25.88 -39.39
N ASP B 274 -6.27 27.13 -39.01
CA ASP B 274 -5.66 27.46 -37.74
C ASP B 274 -6.67 27.28 -36.61
N CYS B 275 -6.17 27.29 -35.37
CA CYS B 275 -7.00 27.10 -34.20
C CYS B 275 -6.88 28.23 -33.18
N ALA B 276 -6.21 29.33 -33.53
CA ALA B 276 -6.06 30.44 -32.60
C ALA B 276 -6.20 31.80 -33.28
N LEU B 277 -6.81 31.86 -34.46
CA LEU B 277 -6.89 33.09 -35.22
C LEU B 277 -8.24 33.79 -35.07
N ASP B 278 -9.33 33.06 -35.16
CA ASP B 278 -10.67 33.62 -35.08
C ASP B 278 -11.56 32.69 -34.25
N PRO B 279 -12.62 33.22 -33.65
CA PRO B 279 -13.57 32.35 -32.94
C PRO B 279 -14.17 31.28 -33.83
N LEU B 280 -14.43 31.61 -35.11
CA LEU B 280 -14.92 30.61 -36.03
C LEU B 280 -13.91 29.48 -36.22
N SER B 281 -12.63 29.83 -36.38
CA SER B 281 -11.60 28.82 -36.53
C SER B 281 -11.48 27.97 -35.27
N GLU B 282 -11.55 28.61 -34.10
CA GLU B 282 -11.47 27.86 -32.84
C GLU B 282 -12.65 26.91 -32.69
N THR B 283 -13.85 27.35 -33.07
CA THR B 283 -15.01 26.46 -33.03
C THR B 283 -14.85 25.29 -33.99
N LYS B 284 -14.34 25.56 -35.20
CA LYS B 284 -14.13 24.49 -36.16
C LYS B 284 -13.12 23.47 -35.63
N CYS B 285 -12.05 23.95 -35.00
CA CYS B 285 -11.08 23.04 -34.39
C CYS B 285 -11.70 22.25 -33.25
N THR B 286 -12.55 22.90 -32.45
CA THR B 286 -13.18 22.21 -31.33
C THR B 286 -14.11 21.09 -31.81
N LEU B 287 -14.89 21.36 -32.86
CA LEU B 287 -15.84 20.38 -33.38
C LEU B 287 -15.23 19.40 -34.36
N LYS B 288 -13.95 19.58 -34.73
CA LYS B 288 -13.27 18.70 -35.67
C LYS B 288 -14.02 18.59 -36.99
N SER B 289 -14.51 19.73 -37.48
CA SER B 289 -15.25 19.75 -38.74
C SER B 289 -15.06 21.10 -39.41
N PHE B 290 -15.29 21.12 -40.72
CA PHE B 290 -15.19 22.34 -41.51
C PHE B 290 -16.53 23.07 -41.64
N THR B 291 -17.60 22.54 -41.08
CA THR B 291 -18.92 23.16 -41.16
C THR B 291 -19.55 23.17 -39.78
N VAL B 292 -20.13 24.31 -39.41
CA VAL B 292 -20.82 24.47 -38.14
C VAL B 292 -22.21 25.02 -38.43
N GLU B 293 -23.23 24.45 -37.80
CA GLU B 293 -24.59 24.90 -37.97
C GLU B 293 -24.93 25.98 -36.95
N LYS B 294 -26.09 26.61 -37.16
CA LYS B 294 -26.55 27.67 -36.27
C LYS B 294 -26.73 27.12 -34.85
N GLY B 295 -26.21 27.84 -33.88
CA GLY B 295 -26.32 27.43 -32.49
C GLY B 295 -25.20 28.02 -31.65
N ILE B 296 -25.38 27.90 -30.35
CA ILE B 296 -24.41 28.40 -29.37
C ILE B 296 -23.51 27.25 -28.95
N TYR B 297 -22.22 27.53 -28.86
CA TYR B 297 -21.22 26.52 -28.50
C TYR B 297 -20.30 27.07 -27.42
N GLN B 298 -19.73 26.16 -26.64
CA GLN B 298 -18.72 26.48 -25.65
C GLN B 298 -17.39 25.90 -26.12
N THR B 299 -16.34 26.71 -26.05
CA THR B 299 -15.05 26.34 -26.62
C THR B 299 -13.93 26.16 -25.60
N SER B 300 -13.68 27.15 -24.74
CA SER B 300 -12.58 27.07 -23.79
C SER B 300 -12.82 28.07 -22.67
N ASN B 301 -11.78 28.32 -21.88
CA ASN B 301 -11.84 29.26 -20.77
C ASN B 301 -10.72 30.28 -20.89
N PHE B 302 -10.92 31.42 -20.24
CA PHE B 302 -9.93 32.49 -20.23
C PHE B 302 -9.49 32.76 -18.79
N ARG B 303 -8.22 33.12 -18.63
CA ARG B 303 -7.63 33.34 -17.31
C ARG B 303 -6.69 34.54 -17.38
N VAL B 304 -6.48 35.15 -16.22
CA VAL B 304 -5.55 36.27 -16.08
C VAL B 304 -4.30 35.76 -15.37
N GLN B 305 -3.16 35.82 -16.04
CA GLN B 305 -1.94 35.28 -15.47
C GLN B 305 -1.30 36.27 -14.51
N PRO B 306 -0.59 35.78 -13.49
CA PRO B 306 0.15 36.68 -12.60
C PRO B 306 1.32 37.34 -13.32
N THR B 307 1.70 38.51 -12.82
CA THR B 307 2.76 39.31 -13.43
C THR B 307 4.01 39.38 -12.55
N GLU B 308 3.88 39.84 -11.31
CA GLU B 308 5.02 39.98 -10.41
C GLU B 308 4.91 39.00 -9.26
N SER B 309 5.87 39.09 -8.34
CA SER B 309 5.90 38.24 -7.15
C SER B 309 6.44 39.04 -5.97
N ILE B 310 5.78 38.91 -4.83
CA ILE B 310 6.21 39.57 -3.59
C ILE B 310 6.18 38.53 -2.48
N VAL B 311 7.26 38.48 -1.71
CA VAL B 311 7.40 37.54 -0.59
C VAL B 311 7.77 38.33 0.66
N ARG B 312 7.15 37.98 1.78
CA ARG B 312 7.43 38.60 3.06
C ARG B 312 7.95 37.57 4.05
N PHE B 313 8.49 38.06 5.15
CA PHE B 313 9.02 37.24 6.22
C PHE B 313 8.83 37.99 7.52
N PRO B 314 8.91 37.31 8.69
CA PRO B 314 8.45 37.96 9.94
C PRO B 314 9.09 39.32 10.20
N ASN B 315 10.41 39.38 10.40
CA ASN B 315 11.10 40.68 10.41
C ASN B 315 12.60 40.43 10.41
N ILE B 316 13.39 41.47 10.67
CA ILE B 316 14.84 41.38 10.57
C ILE B 316 15.49 41.06 11.92
N THR B 317 14.76 40.41 12.82
CA THR B 317 15.23 40.14 14.17
C THR B 317 16.08 38.85 14.20
N ASN B 318 16.29 38.32 15.40
CA ASN B 318 16.94 37.03 15.65
C ASN B 318 18.44 37.05 15.35
N LEU B 319 19.11 38.15 15.65
CA LEU B 319 20.53 38.27 15.35
C LEU B 319 21.37 37.34 16.23
N CYS B 320 22.27 36.59 15.60
CA CYS B 320 23.26 35.83 16.34
C CYS B 320 24.44 36.72 16.72
N PRO B 321 24.81 36.79 18.00
CA PRO B 321 25.96 37.62 18.39
C PRO B 321 27.29 36.98 18.04
N PHE B 322 27.93 37.48 16.99
CA PHE B 322 29.29 37.06 16.63
C PHE B 322 30.26 38.23 16.48
N ASP B 323 29.77 39.47 16.58
CA ASP B 323 30.66 40.62 16.48
C ASP B 323 31.67 40.64 17.63
N GLU B 324 31.23 40.27 18.84
CA GLU B 324 32.13 40.24 19.98
C GLU B 324 33.25 39.21 19.78
N VAL B 325 32.90 38.05 19.22
CA VAL B 325 33.91 37.01 18.99
C VAL B 325 34.94 37.49 17.97
N PHE B 326 34.48 38.06 16.85
CA PHE B 326 35.39 38.53 15.82
C PHE B 326 36.15 39.77 16.29
N ASN B 327 35.43 40.74 16.85
CA ASN B 327 36.04 41.94 17.42
C ASN B 327 36.14 41.74 18.92
N ALA B 328 37.20 41.07 19.35
CA ALA B 328 37.40 40.69 20.75
C ALA B 328 38.54 41.48 21.34
N THR B 329 38.38 41.88 22.61
CA THR B 329 39.44 42.61 23.30
C THR B 329 40.70 41.76 23.42
N ARG B 330 40.55 40.48 23.73
CA ARG B 330 41.67 39.56 23.83
C ARG B 330 41.27 38.25 23.15
N PHE B 331 42.26 37.37 23.00
CA PHE B 331 42.09 36.12 22.29
C PHE B 331 42.49 34.96 23.20
N ALA B 332 42.00 33.77 22.85
CA ALA B 332 42.35 32.57 23.59
C ALA B 332 43.79 32.16 23.31
N SER B 333 44.30 31.25 24.12
CA SER B 333 45.66 30.76 23.98
C SER B 333 45.73 29.72 22.87
N VAL B 334 46.96 29.40 22.46
CA VAL B 334 47.16 28.40 21.42
C VAL B 334 46.68 27.04 21.89
N TYR B 335 47.24 26.56 23.00
CA TYR B 335 46.67 25.41 23.67
C TYR B 335 45.54 25.88 24.59
N ALA B 336 44.53 25.02 24.74
CA ALA B 336 43.28 25.36 25.41
C ALA B 336 42.52 26.43 24.64
N TRP B 337 41.21 26.49 24.81
CA TRP B 337 40.38 27.39 24.01
C TRP B 337 39.00 27.48 24.64
N ASN B 338 38.31 28.57 24.33
CA ASN B 338 36.92 28.71 24.71
C ASN B 338 36.02 27.97 23.72
N ARG B 339 34.81 27.64 24.17
CA ARG B 339 33.84 26.91 23.36
C ARG B 339 32.48 27.60 23.53
N LYS B 340 32.14 28.45 22.57
CA LYS B 340 30.89 29.20 22.63
C LYS B 340 29.76 28.38 22.03
N ARG B 341 28.59 28.44 22.66
CA ARG B 341 27.41 27.70 22.24
C ARG B 341 26.36 28.69 21.77
N ILE B 342 25.89 28.53 20.53
CA ILE B 342 24.98 29.47 19.91
C ILE B 342 23.67 28.76 19.60
N SER B 343 22.56 29.40 19.95
CA SER B 343 21.24 28.80 19.73
C SER B 343 20.19 29.89 19.54
N ASN B 344 19.19 29.58 18.71
CA ASN B 344 17.99 30.38 18.55
C ASN B 344 18.30 31.82 18.11
N CYS B 345 18.89 31.92 16.92
CA CYS B 345 19.13 33.20 16.26
C CYS B 345 19.52 32.89 14.82
N VAL B 346 19.74 33.95 14.03
CA VAL B 346 20.23 33.81 12.66
C VAL B 346 21.63 34.38 12.58
N ALA B 347 22.54 33.59 12.00
CA ALA B 347 23.93 34.00 11.81
C ALA B 347 24.07 34.53 10.38
N ASP B 348 23.88 35.83 10.23
CA ASP B 348 23.93 36.47 8.91
C ASP B 348 25.39 36.67 8.53
N TYR B 349 25.95 35.69 7.82
CA TYR B 349 27.37 35.77 7.48
C TYR B 349 27.67 36.79 6.39
N SER B 350 26.64 37.38 5.77
CA SER B 350 26.86 38.42 4.78
C SER B 350 27.69 39.57 5.34
N VAL B 351 27.54 39.88 6.62
CA VAL B 351 28.41 40.82 7.29
C VAL B 351 29.47 40.13 8.14
N LEU B 352 29.36 38.82 8.38
CA LEU B 352 30.32 38.14 9.24
C LEU B 352 31.63 37.89 8.52
N TYR B 353 31.60 37.53 7.23
CA TYR B 353 32.85 37.44 6.50
C TYR B 353 33.46 38.82 6.34
N ASN B 354 32.62 39.86 6.35
CA ASN B 354 33.05 41.22 6.66
C ASN B 354 33.98 41.76 5.58
N LEU B 355 34.61 42.90 5.85
CA LEU B 355 35.60 43.49 4.94
C LEU B 355 36.98 42.94 5.31
N ALA B 356 37.06 41.62 5.35
CA ALA B 356 38.29 40.95 5.74
C ALA B 356 39.38 41.21 4.71
N PRO B 357 40.59 41.63 5.14
CA PRO B 357 41.67 41.81 4.17
C PRO B 357 41.98 40.55 3.39
N PHE B 358 41.92 39.39 4.05
CA PHE B 358 42.05 38.10 3.39
C PHE B 358 41.34 37.06 4.24
N PHE B 359 40.17 36.63 3.80
CA PHE B 359 39.38 35.64 4.50
C PHE B 359 39.66 34.26 3.88
N THR B 360 40.33 33.40 4.63
CA THR B 360 40.72 32.07 4.14
C THR B 360 39.56 31.10 4.34
N PHE B 361 38.51 31.30 3.54
CA PHE B 361 37.27 30.56 3.70
C PHE B 361 37.31 29.29 2.88
N LYS B 362 38.35 28.48 3.07
CA LYS B 362 38.46 27.19 2.38
C LYS B 362 37.50 26.19 3.00
N CYS B 363 36.35 25.98 2.36
CA CYS B 363 35.26 25.26 2.98
C CYS B 363 34.91 24.01 2.19
N TYR B 364 34.45 22.99 2.92
CA TYR B 364 34.17 21.68 2.34
C TYR B 364 32.78 21.22 2.78
N GLY B 365 32.11 20.51 1.88
CA GLY B 365 30.79 19.98 2.14
C GLY B 365 29.64 20.90 1.77
N VAL B 366 29.92 22.16 1.41
CA VAL B 366 28.89 23.11 1.04
C VAL B 366 29.54 24.26 0.30
N SER B 367 28.83 24.83 -0.66
CA SER B 367 29.30 26.03 -1.33
C SER B 367 29.30 27.19 -0.34
N PRO B 368 30.32 28.05 -0.37
CA PRO B 368 30.42 29.10 0.66
C PRO B 368 29.28 30.09 0.66
N THR B 369 28.54 30.22 -0.44
CA THR B 369 27.45 31.19 -0.52
C THR B 369 26.11 30.61 -0.10
N LYS B 370 25.90 29.31 -0.22
CA LYS B 370 24.60 28.69 0.05
C LYS B 370 24.58 28.13 1.48
N LEU B 371 24.55 29.04 2.44
CA LEU B 371 24.32 28.71 3.84
C LEU B 371 23.15 29.47 4.45
N ASN B 372 22.78 30.62 3.89
CA ASN B 372 21.65 31.38 4.42
C ASN B 372 20.36 30.56 4.34
N ASP B 373 20.12 29.91 3.20
CA ASP B 373 18.91 29.11 3.04
C ASP B 373 18.95 27.83 3.86
N LEU B 374 20.14 27.37 4.24
CA LEU B 374 20.23 26.19 5.09
C LEU B 374 19.66 26.46 6.48
N CYS B 375 19.07 25.44 7.06
CA CYS B 375 18.43 25.52 8.37
C CYS B 375 18.96 24.40 9.27
N PHE B 376 20.27 24.27 9.29
CA PHE B 376 20.94 23.17 9.97
C PHE B 376 20.90 23.36 11.49
N THR B 377 21.54 22.44 12.20
CA THR B 377 21.48 22.36 13.65
C THR B 377 22.46 23.32 14.33
N ASN B 378 22.70 23.10 15.61
CA ASN B 378 23.54 23.98 16.42
C ASN B 378 24.95 24.11 15.83
N VAL B 379 25.62 25.18 16.25
CA VAL B 379 26.97 25.49 15.79
C VAL B 379 27.84 25.75 17.01
N TYR B 380 29.14 25.50 16.84
CA TYR B 380 30.12 25.69 17.90
C TYR B 380 31.15 26.73 17.47
N ALA B 381 31.62 27.50 18.44
CA ALA B 381 32.59 28.57 18.19
C ALA B 381 33.81 28.37 19.07
N ASP B 382 34.99 28.50 18.47
CA ASP B 382 36.26 28.40 19.16
C ASP B 382 37.34 28.97 18.24
N SER B 383 38.37 29.56 18.84
CA SER B 383 39.41 30.21 18.06
C SER B 383 40.69 30.27 18.86
N PHE B 384 41.80 30.49 18.14
CA PHE B 384 43.11 30.65 18.72
C PHE B 384 43.99 31.37 17.69
N VAL B 385 45.29 31.43 17.95
CA VAL B 385 46.23 32.12 17.08
C VAL B 385 47.38 31.19 16.76
N ILE B 386 47.77 31.14 15.49
CA ILE B 386 48.82 30.25 15.00
C ILE B 386 49.82 31.07 14.22
N ARG B 387 51.09 30.65 14.30
CA ARG B 387 52.15 31.29 13.53
C ARG B 387 51.84 31.22 12.03
N GLY B 388 52.35 32.19 11.29
CA GLY B 388 51.84 32.44 9.94
C GLY B 388 52.04 31.29 8.98
N ASP B 389 53.21 30.66 9.00
CA ASP B 389 53.56 29.71 7.96
C ASP B 389 52.64 28.50 7.96
N GLU B 390 52.38 27.92 9.13
CA GLU B 390 51.69 26.65 9.22
C GLU B 390 50.17 26.79 9.31
N VAL B 391 49.61 27.90 8.81
CA VAL B 391 48.16 27.99 8.71
C VAL B 391 47.62 26.93 7.76
N ARG B 392 48.44 26.52 6.79
CA ARG B 392 48.07 25.39 5.94
C ARG B 392 48.24 24.06 6.66
N GLN B 393 49.15 24.01 7.64
CA GLN B 393 49.45 22.75 8.32
C GLN B 393 48.23 22.19 9.03
N ILE B 394 47.29 23.03 9.42
CA ILE B 394 46.04 22.57 10.02
C ILE B 394 45.02 22.37 8.90
N ALA B 395 44.48 21.17 8.81
CA ALA B 395 43.55 20.76 7.76
C ALA B 395 42.95 19.41 8.15
N PRO B 396 41.93 18.90 7.43
CA PRO B 396 41.36 17.60 7.80
C PRO B 396 42.30 16.42 7.58
N GLY B 397 42.79 15.84 8.66
CA GLY B 397 43.42 14.53 8.61
C GLY B 397 44.76 14.42 7.91
N GLN B 398 45.66 15.38 8.10
CA GLN B 398 47.03 15.24 7.62
C GLN B 398 48.00 15.42 8.78
N THR B 399 49.24 15.02 8.54
CA THR B 399 50.26 15.06 9.58
C THR B 399 50.65 16.50 9.91
N GLY B 400 51.31 16.65 11.05
CA GLY B 400 51.76 17.96 11.51
C GLY B 400 51.97 18.02 13.00
N ASN B 401 53.03 18.70 13.44
CA ASN B 401 53.32 18.79 14.87
C ASN B 401 52.20 19.49 15.62
N ILE B 402 51.68 20.59 15.05
CA ILE B 402 50.53 21.25 15.67
C ILE B 402 49.28 20.40 15.52
N ALA B 403 49.20 19.61 14.45
CA ALA B 403 47.99 18.84 14.17
C ALA B 403 47.81 17.71 15.19
N ASP B 404 48.89 16.97 15.46
CA ASP B 404 48.78 15.78 16.30
C ASP B 404 49.01 16.05 17.77
N TYR B 405 49.36 17.27 18.16
CA TYR B 405 49.67 17.59 19.55
C TYR B 405 48.71 18.58 20.18
N ASN B 406 48.11 19.48 19.40
CA ASN B 406 47.25 20.53 19.97
C ASN B 406 45.86 20.55 19.38
N TYR B 407 45.70 20.33 18.08
CA TYR B 407 44.40 20.44 17.43
C TYR B 407 44.38 19.59 16.18
N LYS B 408 43.47 18.61 16.13
CA LYS B 408 43.27 17.77 14.96
C LYS B 408 41.87 18.01 14.40
N LEU B 409 41.72 17.77 13.10
CA LEU B 409 40.48 18.00 12.39
C LEU B 409 40.02 16.70 11.74
N PRO B 410 38.74 16.33 11.90
CA PRO B 410 38.28 15.05 11.33
C PRO B 410 38.24 15.09 9.81
N ASP B 411 38.33 13.89 9.22
CA ASP B 411 38.29 13.78 7.76
C ASP B 411 36.94 14.20 7.21
N ASP B 412 35.86 13.65 7.75
CA ASP B 412 34.51 13.99 7.32
C ASP B 412 33.96 15.15 8.15
N PHE B 413 34.58 16.31 7.94
CA PHE B 413 34.25 17.51 8.68
C PHE B 413 33.37 18.43 7.84
N THR B 414 32.27 18.87 8.43
CA THR B 414 31.38 19.86 7.83
C THR B 414 31.65 21.20 8.48
N GLY B 415 32.04 22.18 7.68
CA GLY B 415 32.45 23.48 8.15
C GLY B 415 33.82 23.82 7.64
N CYS B 416 34.37 24.91 8.16
CA CYS B 416 35.65 25.45 7.68
C CYS B 416 36.11 26.54 8.65
N VAL B 417 37.20 27.21 8.27
CA VAL B 417 37.89 28.15 9.16
C VAL B 417 38.06 29.48 8.45
N ILE B 418 38.42 30.50 9.24
CA ILE B 418 38.74 31.82 8.74
C ILE B 418 40.02 32.30 9.41
N ALA B 419 40.97 32.79 8.61
CA ALA B 419 42.24 33.27 9.12
C ALA B 419 42.59 34.61 8.48
N TRP B 420 43.28 35.45 9.24
CA TRP B 420 43.73 36.75 8.76
C TRP B 420 44.88 37.23 9.65
N ASN B 421 45.39 38.41 9.34
CA ASN B 421 46.58 38.95 9.98
C ASN B 421 46.21 39.92 11.09
N SER B 422 46.92 39.82 12.22
CA SER B 422 46.77 40.73 13.35
C SER B 422 48.13 41.08 13.92
N ASN B 423 49.09 41.37 13.03
CA ASN B 423 50.45 41.65 13.47
C ASN B 423 50.52 42.94 14.29
N LYS B 424 49.84 43.99 13.83
CA LYS B 424 49.92 45.27 14.53
C LYS B 424 49.33 45.20 15.93
N LEU B 425 48.21 44.48 16.09
CA LEU B 425 47.54 44.43 17.39
C LEU B 425 48.26 43.54 18.40
N ASP B 426 48.99 42.53 17.92
CA ASP B 426 49.59 41.53 18.81
C ASP B 426 51.06 41.81 19.10
N SER B 427 51.88 41.91 18.06
CA SER B 427 53.32 42.03 18.25
C SER B 427 53.68 43.36 18.90
N LYS B 428 54.73 43.34 19.73
CA LYS B 428 55.24 44.51 20.41
C LYS B 428 56.68 44.79 19.98
N VAL B 429 57.15 45.99 20.33
CA VAL B 429 58.52 46.37 19.99
C VAL B 429 59.52 45.44 20.66
N SER B 430 59.31 45.17 21.95
CA SER B 430 60.16 44.22 22.67
C SER B 430 59.77 42.77 22.39
N GLY B 431 58.59 42.53 21.82
CA GLY B 431 58.13 41.17 21.56
C GLY B 431 57.25 40.63 22.67
N ASN B 432 55.99 40.38 22.34
CA ASN B 432 55.05 39.85 23.34
C ASN B 432 55.23 38.34 23.46
N TYR B 433 55.37 37.87 24.71
CA TYR B 433 55.62 36.46 24.99
C TYR B 433 54.44 35.95 25.82
N ASN B 434 53.36 35.59 25.14
CA ASN B 434 52.17 35.06 25.81
C ASN B 434 51.56 33.84 25.14
N TYR B 435 51.99 33.49 23.93
CA TYR B 435 51.35 32.45 23.13
C TYR B 435 52.28 31.27 22.98
N LEU B 436 51.74 30.07 23.12
CA LEU B 436 52.58 28.89 23.36
C LEU B 436 51.76 27.63 23.14
N TYR B 437 52.43 26.59 22.62
CA TYR B 437 51.76 25.37 22.18
C TYR B 437 52.56 24.16 22.66
N ARG B 438 51.87 23.03 22.83
CA ARG B 438 52.49 21.84 23.37
C ARG B 438 53.61 21.33 22.47
N LEU B 439 54.58 20.67 23.07
CA LEU B 439 55.83 20.32 22.39
C LEU B 439 56.12 18.82 22.32
N PHE B 440 55.85 18.07 23.39
CA PHE B 440 56.28 16.68 23.47
C PHE B 440 55.15 15.78 23.95
N ARG B 441 53.98 15.90 23.33
CA ARG B 441 52.90 14.97 23.61
C ARG B 441 53.24 13.58 23.12
N LYS B 442 53.08 12.58 23.98
CA LYS B 442 53.38 11.19 23.62
C LYS B 442 52.15 10.47 23.09
N SER B 443 51.47 11.07 22.13
CA SER B 443 50.27 10.50 21.53
C SER B 443 49.85 11.37 20.35
N ASN B 444 48.87 10.87 19.61
CA ASN B 444 48.24 11.61 18.51
C ASN B 444 46.80 11.90 18.94
N LEU B 445 46.57 13.10 19.45
CA LEU B 445 45.27 13.44 20.02
C LEU B 445 44.18 13.40 18.96
N LYS B 446 43.06 12.76 19.29
CA LYS B 446 41.95 12.66 18.37
C LYS B 446 41.32 14.03 18.12
N PRO B 447 40.69 14.23 16.97
CA PRO B 447 40.07 15.53 16.69
C PRO B 447 38.93 15.82 17.64
N PHE B 448 38.89 17.08 18.10
CA PHE B 448 37.81 17.60 18.95
C PHE B 448 37.75 16.86 20.30
N GLU B 449 38.83 16.95 21.05
CA GLU B 449 38.86 16.52 22.44
C GLU B 449 39.59 17.54 23.29
N ARG B 450 39.16 17.67 24.54
CA ARG B 450 39.80 18.60 25.47
C ARG B 450 41.07 17.99 26.05
N ASP B 451 42.13 18.79 26.12
CA ASP B 451 43.41 18.34 26.69
C ASP B 451 44.11 19.55 27.27
N ILE B 452 44.00 19.72 28.59
CA ILE B 452 44.70 20.78 29.32
C ILE B 452 45.55 20.13 30.41
N SER B 453 46.81 20.52 30.47
CA SER B 453 47.73 19.97 31.46
C SER B 453 48.94 20.89 31.58
N THR B 454 49.59 20.85 32.74
CA THR B 454 50.76 21.67 33.00
C THR B 454 51.95 20.89 33.52
N GLU B 455 51.83 19.59 33.75
CA GLU B 455 52.93 18.82 34.29
C GLU B 455 54.08 18.76 33.29
N ILE B 456 55.30 18.71 33.81
CA ILE B 456 56.49 18.65 32.96
C ILE B 456 56.59 17.26 32.34
N TYR B 457 56.88 17.24 31.04
CA TYR B 457 56.90 15.98 30.31
C TYR B 457 58.10 15.14 30.69
N GLN B 458 57.90 13.82 30.72
CA GLN B 458 58.95 12.85 30.98
C GLN B 458 59.02 11.86 29.82
N ALA B 459 60.24 11.54 29.40
CA ALA B 459 60.45 10.62 28.29
C ALA B 459 60.31 9.15 28.69
N GLY B 460 59.73 8.88 29.85
CA GLY B 460 59.60 7.52 30.33
C GLY B 460 60.91 6.97 30.87
N ASN B 461 61.16 5.68 30.66
CA ASN B 461 62.39 5.03 31.10
C ASN B 461 62.59 5.19 32.60
N LYS B 462 63.37 6.21 33.01
CA LYS B 462 63.67 6.46 34.41
C LYS B 462 62.66 7.44 35.00
N PRO B 463 62.33 7.28 36.29
CA PRO B 463 61.38 8.19 36.93
C PRO B 463 62.01 9.53 37.29
N CYS B 464 62.00 10.49 36.36
CA CYS B 464 62.56 11.81 36.64
C CYS B 464 61.92 12.45 37.86
N ASN B 465 60.64 12.15 38.13
CA ASN B 465 59.98 12.53 39.37
C ASN B 465 59.98 14.05 39.59
N GLY B 466 59.65 14.78 38.53
CA GLY B 466 59.50 16.22 38.65
C GLY B 466 60.76 16.97 39.02
N VAL B 467 61.90 16.61 38.42
CA VAL B 467 63.15 17.30 38.67
C VAL B 467 63.57 18.17 37.49
N ALA B 468 63.07 17.89 36.28
CA ALA B 468 63.42 18.66 35.07
C ALA B 468 64.90 18.54 34.75
N GLY B 469 65.40 17.30 34.78
CA GLY B 469 66.76 17.01 34.40
C GLY B 469 66.85 16.48 32.98
N PHE B 470 67.56 15.37 32.79
CA PHE B 470 67.64 14.74 31.49
C PHE B 470 66.36 13.95 31.20
N ASN B 471 65.94 13.97 29.94
CA ASN B 471 64.79 13.22 29.46
C ASN B 471 63.50 13.60 30.18
N CYS B 472 63.54 14.67 30.96
CA CYS B 472 62.39 15.18 31.69
C CYS B 472 62.34 16.68 31.42
N TYR B 473 61.63 17.07 30.36
CA TYR B 473 61.67 18.43 29.84
C TYR B 473 60.34 19.13 30.05
N PHE B 474 60.40 20.42 30.34
CA PHE B 474 59.20 21.25 30.39
C PHE B 474 58.80 21.66 28.98
N PRO B 475 57.58 21.38 28.56
CA PRO B 475 57.18 21.68 27.17
C PRO B 475 56.79 23.12 26.95
N LEU B 476 56.26 23.39 25.75
CA LEU B 476 55.53 24.60 25.33
C LEU B 476 56.42 25.49 24.45
N ARG B 477 57.43 26.13 25.04
CA ARG B 477 58.40 26.95 24.29
C ARG B 477 57.67 28.07 23.53
N SER B 478 57.15 29.01 24.33
CA SER B 478 56.36 30.13 23.83
C SER B 478 57.04 30.89 22.68
N TYR B 479 56.24 31.56 21.85
CA TYR B 479 56.74 32.26 20.68
C TYR B 479 57.39 33.57 21.10
N SER B 480 57.74 34.41 20.12
CA SER B 480 58.36 35.70 20.36
C SER B 480 57.53 36.87 19.83
N PHE B 481 57.03 36.76 18.60
CA PHE B 481 56.23 37.80 17.95
C PHE B 481 57.01 39.12 17.89
N ARG B 482 58.09 39.08 17.12
CA ARG B 482 58.96 40.22 16.98
C ARG B 482 58.22 41.38 16.32
N PRO B 483 58.61 42.63 16.60
CA PRO B 483 57.88 43.77 16.03
C PRO B 483 57.85 43.78 14.52
N THR B 484 58.93 43.33 13.87
CA THR B 484 59.00 43.23 12.43
C THR B 484 59.58 41.88 12.02
N TYR B 485 58.95 41.25 11.03
CA TYR B 485 59.45 40.01 10.44
C TYR B 485 58.57 39.72 9.23
N GLY B 486 59.01 38.77 8.42
CA GLY B 486 58.25 38.38 7.25
C GLY B 486 57.00 37.60 7.61
N VAL B 487 56.26 37.23 6.55
CA VAL B 487 54.98 36.54 6.73
C VAL B 487 55.16 35.14 7.28
N GLY B 488 56.38 34.60 7.25
CA GLY B 488 56.58 33.21 7.68
C GLY B 488 56.26 32.99 9.16
N HIS B 489 56.74 33.87 10.02
CA HIS B 489 56.54 33.75 11.46
C HIS B 489 55.76 34.96 11.99
N GLN B 490 54.72 35.35 11.27
CA GLN B 490 53.87 36.50 11.57
C GLN B 490 52.59 36.04 12.25
N PRO B 491 52.14 36.75 13.28
CA PRO B 491 50.90 36.34 13.98
C PRO B 491 49.69 36.48 13.07
N TYR B 492 49.00 35.36 12.88
CA TYR B 492 47.77 35.32 12.09
C TYR B 492 46.64 34.84 13.00
N ARG B 493 45.55 35.61 13.04
CA ARG B 493 44.39 35.23 13.84
C ARG B 493 43.49 34.31 13.03
N VAL B 494 43.16 33.16 13.61
CA VAL B 494 42.38 32.14 12.92
C VAL B 494 41.23 31.71 13.83
N VAL B 495 40.08 31.43 13.23
CA VAL B 495 38.92 30.92 13.95
C VAL B 495 38.43 29.66 13.24
N VAL B 496 38.18 28.61 14.02
CA VAL B 496 37.68 27.34 13.50
C VAL B 496 36.18 27.28 13.77
N LEU B 497 35.41 26.93 12.75
CA LEU B 497 33.96 26.89 12.84
C LEU B 497 33.47 25.48 12.55
N SER B 498 32.63 24.95 13.44
CA SER B 498 32.08 23.61 13.29
C SER B 498 30.60 23.64 13.63
N PHE B 499 29.77 23.10 12.75
CA PHE B 499 28.34 22.99 12.97
C PHE B 499 27.90 21.54 12.76
N GLU B 500 26.92 21.11 13.54
CA GLU B 500 26.43 19.74 13.49
C GLU B 500 25.46 19.58 12.31
N LEU B 501 24.73 18.46 12.29
CA LEU B 501 23.86 18.12 11.17
C LEU B 501 22.70 17.32 11.73
N LEU B 502 22.00 16.60 10.86
CA LEU B 502 20.83 15.74 11.08
C LEU B 502 19.54 16.56 11.23
N HIS B 503 19.63 17.89 11.30
CA HIS B 503 18.50 18.80 11.05
C HIS B 503 17.29 18.62 11.97
N ALA B 504 17.37 17.73 12.96
CA ALA B 504 16.21 17.58 13.84
C ALA B 504 16.18 18.71 14.85
N PRO B 505 17.30 19.03 15.54
CA PRO B 505 17.27 20.27 16.36
C PRO B 505 17.60 21.51 15.53
N ALA B 506 16.59 22.01 14.81
CA ALA B 506 16.76 23.21 14.02
C ALA B 506 17.11 24.39 14.93
N THR B 507 18.31 24.92 14.77
CA THR B 507 18.87 25.86 15.74
C THR B 507 19.04 27.27 15.19
N VAL B 508 19.76 27.44 14.09
CA VAL B 508 20.15 28.77 13.61
C VAL B 508 19.34 29.20 12.38
N CYS B 509 19.52 28.52 11.24
CA CYS B 509 18.76 28.79 10.03
C CYS B 509 18.87 30.26 9.61
N GLY B 510 18.07 30.68 8.63
CA GLY B 510 17.87 32.09 8.38
C GLY B 510 16.90 32.38 7.25
N PRO B 511 15.88 33.19 7.54
CA PRO B 511 14.89 33.53 6.49
C PRO B 511 15.34 34.61 5.51
N LYS B 512 15.85 35.73 6.02
CA LYS B 512 16.15 36.94 5.25
C LYS B 512 15.23 37.19 4.05
N LYS B 513 15.79 37.75 2.99
CA LYS B 513 15.14 37.96 1.68
C LYS B 513 13.69 38.44 1.82
N SER B 514 13.55 39.62 2.42
CA SER B 514 12.25 40.27 2.56
C SER B 514 12.07 41.26 1.42
N THR B 515 10.95 41.14 0.70
CA THR B 515 10.65 41.98 -0.44
C THR B 515 9.58 43.00 -0.06
N ASN B 516 9.10 43.75 -1.07
CA ASN B 516 8.13 44.81 -0.87
C ASN B 516 6.72 44.27 -1.03
N LEU B 517 5.73 45.16 -1.09
CA LEU B 517 4.32 44.79 -1.20
C LEU B 517 3.65 45.61 -2.30
N VAL B 518 2.72 44.97 -3.01
CA VAL B 518 1.85 45.63 -3.97
C VAL B 518 0.42 45.18 -3.69
N LYS B 519 -0.53 45.91 -4.28
CA LYS B 519 -1.95 45.65 -4.04
C LYS B 519 -2.74 45.88 -5.32
N ASN B 520 -3.91 45.25 -5.37
CA ASN B 520 -4.86 45.38 -6.48
C ASN B 520 -4.24 44.93 -7.81
N LYS B 521 -3.36 43.94 -7.76
CA LYS B 521 -2.77 43.36 -8.96
C LYS B 521 -2.56 41.87 -8.73
N CYS B 522 -2.69 41.10 -9.81
CA CYS B 522 -2.45 39.67 -9.72
C CYS B 522 -0.98 39.40 -9.44
N VAL B 523 -0.70 38.58 -8.43
CA VAL B 523 0.66 38.39 -7.94
C VAL B 523 0.70 37.13 -7.10
N ASN B 524 1.83 36.42 -7.16
CA ASN B 524 2.06 35.27 -6.30
C ASN B 524 2.51 35.73 -4.91
N PHE B 525 1.99 35.08 -3.89
CA PHE B 525 2.27 35.46 -2.51
C PHE B 525 2.85 34.27 -1.74
N ASN B 526 3.88 34.55 -0.93
CA ASN B 526 4.54 33.57 -0.09
C ASN B 526 4.75 34.14 1.30
N PHE B 527 3.68 34.66 1.90
CA PHE B 527 3.76 35.47 3.11
C PHE B 527 4.57 34.79 4.21
N ASN B 528 4.24 33.53 4.52
CA ASN B 528 4.94 32.85 5.61
C ASN B 528 5.22 31.38 5.29
N GLY B 529 5.39 31.03 4.01
CA GLY B 529 5.59 29.66 3.58
C GLY B 529 4.48 29.14 2.69
N LEU B 530 3.23 29.51 2.99
CA LEU B 530 2.12 29.19 2.11
C LEU B 530 2.27 29.95 0.79
N LYS B 531 1.89 29.29 -0.30
CA LYS B 531 2.06 29.87 -1.63
C LYS B 531 0.74 29.80 -2.39
N GLY B 532 0.54 30.79 -3.25
CA GLY B 532 -0.68 30.85 -4.04
C GLY B 532 -0.65 32.06 -4.96
N THR B 533 -1.70 32.16 -5.77
CA THR B 533 -1.84 33.24 -6.73
C THR B 533 -3.19 33.91 -6.55
N GLY B 534 -3.21 35.23 -6.66
CA GLY B 534 -4.45 35.97 -6.50
C GLY B 534 -4.18 37.46 -6.41
N VAL B 535 -5.18 38.18 -5.90
CA VAL B 535 -5.09 39.62 -5.71
C VAL B 535 -5.19 39.93 -4.23
N LEU B 536 -4.50 40.98 -3.81
CA LEU B 536 -4.44 41.38 -2.40
C LEU B 536 -5.15 42.71 -2.21
N THR B 537 -6.05 42.77 -1.24
CA THR B 537 -6.82 43.97 -0.97
C THR B 537 -7.11 44.02 0.54
N GLU B 538 -8.02 44.91 0.92
CA GLU B 538 -8.35 45.15 2.32
C GLU B 538 -9.48 44.23 2.77
N SER B 539 -9.62 44.14 4.10
CA SER B 539 -10.69 43.34 4.72
C SER B 539 -10.87 43.83 6.14
N ASN B 540 -12.08 44.31 6.46
CA ASN B 540 -12.33 44.90 7.77
C ASN B 540 -12.37 43.88 8.90
N LYS B 541 -12.48 42.59 8.58
CA LYS B 541 -12.54 41.58 9.62
C LYS B 541 -11.29 41.62 10.49
N LYS B 542 -11.50 41.60 11.81
CA LYS B 542 -10.42 41.79 12.77
C LYS B 542 -9.98 40.43 13.31
N PHE B 543 -8.74 40.08 13.04
CA PHE B 543 -8.17 38.83 13.54
C PHE B 543 -7.78 38.98 15.00
N LEU B 544 -7.83 37.87 15.73
CA LEU B 544 -7.30 37.83 17.07
C LEU B 544 -5.78 37.95 17.02
N PRO B 545 -5.16 38.45 18.11
CA PRO B 545 -3.69 38.61 18.08
C PRO B 545 -2.94 37.33 17.84
N PHE B 546 -3.51 36.18 18.18
CA PHE B 546 -2.91 34.87 17.94
C PHE B 546 -3.40 34.22 16.64
N GLN B 547 -3.59 35.02 15.59
CA GLN B 547 -4.01 34.51 14.29
C GLN B 547 -2.99 34.92 13.23
N GLN B 548 -2.64 33.98 12.35
CA GLN B 548 -1.77 34.27 11.21
C GLN B 548 -2.55 34.44 9.91
N PHE B 549 -3.33 33.42 9.52
CA PHE B 549 -4.12 33.49 8.30
C PHE B 549 -5.49 32.89 8.53
N GLY B 550 -6.51 33.55 8.00
CA GLY B 550 -7.86 33.07 8.10
C GLY B 550 -8.17 31.97 7.12
N ARG B 551 -9.39 31.46 7.20
CA ARG B 551 -9.86 30.39 6.34
C ARG B 551 -11.37 30.39 6.33
N ASP B 552 -11.94 29.63 5.39
CA ASP B 552 -13.39 29.58 5.22
C ASP B 552 -13.78 28.15 4.86
N ILE B 553 -15.01 27.99 4.38
CA ILE B 553 -15.50 26.68 3.98
C ILE B 553 -14.64 26.14 2.83
N ALA B 554 -14.56 24.82 2.75
CA ALA B 554 -13.76 24.13 1.72
C ALA B 554 -12.29 24.48 1.84
N ASP B 555 -11.84 24.71 3.08
CA ASP B 555 -10.43 24.89 3.46
C ASP B 555 -9.63 25.68 2.42
N THR B 556 -10.20 26.81 2.00
CA THR B 556 -9.51 27.72 1.10
C THR B 556 -8.93 28.89 1.88
N THR B 557 -7.70 29.27 1.56
CA THR B 557 -7.04 30.39 2.22
C THR B 557 -7.76 31.68 1.84
N ASP B 558 -8.56 32.21 2.75
CA ASP B 558 -9.36 33.39 2.45
C ASP B 558 -8.54 34.67 2.64
N ALA B 559 -8.06 34.91 3.85
CA ALA B 559 -7.28 36.11 4.15
C ALA B 559 -6.07 35.73 4.98
N VAL B 560 -4.99 36.49 4.80
CA VAL B 560 -3.75 36.29 5.53
C VAL B 560 -3.32 37.63 6.13
N ARG B 561 -2.79 37.58 7.35
CA ARG B 561 -2.25 38.77 8.00
C ARG B 561 -0.76 38.86 7.72
N ASP B 562 -0.32 39.99 7.20
CA ASP B 562 1.09 40.17 6.87
C ASP B 562 1.92 40.26 8.15
N PRO B 563 3.17 39.76 8.13
CA PRO B 563 3.98 39.77 9.35
C PRO B 563 4.70 41.08 9.62
N GLN B 564 4.67 42.04 8.69
CA GLN B 564 5.38 43.29 8.88
C GLN B 564 4.45 44.41 9.34
N THR B 565 3.42 44.71 8.56
CA THR B 565 2.50 45.78 8.90
C THR B 565 1.42 45.31 9.87
N LEU B 566 1.24 44.00 10.02
CA LEU B 566 0.22 43.41 10.90
C LEU B 566 -1.18 43.91 10.51
N GLU B 567 -1.55 43.60 9.27
CA GLU B 567 -2.85 43.98 8.73
C GLU B 567 -3.51 42.78 8.08
N ILE B 568 -4.82 42.68 8.24
CA ILE B 568 -5.60 41.57 7.67
C ILE B 568 -5.74 41.84 6.18
N LEU B 569 -4.92 41.18 5.36
CA LEU B 569 -4.92 41.37 3.92
C LEU B 569 -5.82 40.32 3.27
N ASP B 570 -6.82 40.79 2.52
CA ASP B 570 -7.72 39.89 1.82
C ASP B 570 -7.04 39.30 0.59
N ILE B 571 -7.47 38.10 0.21
CA ILE B 571 -6.96 37.40 -0.95
C ILE B 571 -8.14 36.94 -1.80
N THR B 572 -8.10 37.23 -3.10
CA THR B 572 -9.14 36.81 -4.02
C THR B 572 -8.45 36.26 -5.28
N PRO B 573 -8.81 35.05 -5.70
CA PRO B 573 -8.25 34.51 -6.95
C PRO B 573 -8.62 35.40 -8.13
N CYS B 574 -7.72 35.43 -9.13
CA CYS B 574 -7.92 36.25 -10.30
C CYS B 574 -9.14 35.79 -11.09
N SER B 575 -9.80 36.75 -11.74
CA SER B 575 -11.03 36.46 -12.46
C SER B 575 -10.78 35.52 -13.63
N PHE B 576 -11.71 34.60 -13.84
CA PHE B 576 -11.64 33.65 -14.94
C PHE B 576 -13.05 33.11 -15.20
N GLY B 577 -13.21 32.49 -16.36
CA GLY B 577 -14.50 31.93 -16.72
C GLY B 577 -14.44 31.29 -18.09
N GLY B 578 -15.59 30.78 -18.51
CA GLY B 578 -15.70 30.15 -19.80
C GLY B 578 -15.96 31.14 -20.92
N VAL B 579 -15.96 30.61 -22.15
CA VAL B 579 -16.19 31.40 -23.35
C VAL B 579 -17.22 30.67 -24.20
N SER B 580 -18.25 31.40 -24.64
CA SER B 580 -19.29 30.87 -25.51
C SER B 580 -19.36 31.72 -26.78
N VAL B 581 -19.45 31.04 -27.92
CA VAL B 581 -19.42 31.69 -29.23
C VAL B 581 -20.74 31.44 -29.93
N ILE B 582 -21.37 32.51 -30.40
CA ILE B 582 -22.60 32.41 -31.17
C ILE B 582 -22.25 32.42 -32.65
N THR B 583 -22.80 31.47 -33.40
CA THR B 583 -22.57 31.42 -34.83
C THR B 583 -23.90 31.29 -35.57
N PRO B 584 -24.04 31.96 -36.71
CA PRO B 584 -25.28 31.87 -37.50
C PRO B 584 -25.28 30.81 -38.58
N GLY B 585 -24.30 29.90 -38.59
CA GLY B 585 -24.17 28.94 -39.66
C GLY B 585 -22.96 29.22 -40.52
N THR B 586 -22.20 28.17 -40.84
CA THR B 586 -20.96 28.36 -41.59
C THR B 586 -21.21 28.94 -42.98
N ASN B 587 -22.30 28.52 -43.64
CA ASN B 587 -22.61 29.03 -44.97
C ASN B 587 -23.19 30.44 -44.94
N THR B 588 -23.88 30.81 -43.86
CA THR B 588 -24.55 32.11 -43.82
C THR B 588 -23.54 33.24 -43.88
N SER B 589 -22.55 33.23 -43.01
CA SER B 589 -21.53 34.29 -42.94
C SER B 589 -20.39 33.78 -42.08
N ASN B 590 -19.46 34.67 -41.75
CA ASN B 590 -18.36 34.36 -40.86
C ASN B 590 -18.36 35.19 -39.58
N GLN B 591 -19.17 36.23 -39.50
CA GLN B 591 -19.22 37.05 -38.30
C GLN B 591 -19.85 36.25 -37.15
N VAL B 592 -19.23 36.35 -35.98
CA VAL B 592 -19.68 35.65 -34.79
C VAL B 592 -19.63 36.59 -33.60
N ALA B 593 -20.52 36.37 -32.65
CA ALA B 593 -20.60 37.18 -31.44
C ALA B 593 -20.17 36.33 -30.25
N VAL B 594 -19.16 36.79 -29.54
CA VAL B 594 -18.60 36.07 -28.39
C VAL B 594 -19.33 36.51 -27.13
N LEU B 595 -19.59 35.56 -26.24
CA LEU B 595 -20.26 35.83 -24.97
C LEU B 595 -19.38 35.33 -23.83
N TYR B 596 -19.18 36.17 -22.83
CA TYR B 596 -18.44 35.82 -21.64
C TYR B 596 -19.41 35.50 -20.51
N GLN B 597 -19.14 34.43 -19.78
CA GLN B 597 -20.10 33.86 -18.83
C GLN B 597 -19.91 34.46 -17.45
N GLY B 598 -20.95 35.10 -16.94
CA GLY B 598 -21.00 35.54 -15.55
C GLY B 598 -19.94 36.55 -15.15
N VAL B 599 -19.54 37.43 -16.07
CA VAL B 599 -18.53 38.45 -15.80
C VAL B 599 -18.97 39.75 -16.45
N ASN B 600 -18.92 40.85 -15.68
CA ASN B 600 -18.98 42.16 -16.28
C ASN B 600 -17.61 42.45 -16.87
N CYS B 601 -17.57 42.67 -18.19
CA CYS B 601 -16.34 42.58 -18.97
C CYS B 601 -15.70 43.94 -19.22
N THR B 602 -15.76 44.84 -18.25
CA THR B 602 -15.00 46.08 -18.35
C THR B 602 -13.50 45.88 -18.15
N GLU B 603 -13.00 44.65 -18.02
CA GLU B 603 -11.58 44.42 -17.80
C GLU B 603 -11.03 43.25 -18.61
N VAL B 604 -11.78 42.73 -19.58
CA VAL B 604 -11.32 41.64 -20.44
C VAL B 604 -10.17 42.00 -21.37
N PRO B 605 -9.95 43.26 -21.78
CA PRO B 605 -8.76 43.53 -22.60
C PRO B 605 -7.46 43.09 -21.98
N VAL B 606 -7.33 43.16 -20.65
CA VAL B 606 -6.13 42.67 -19.98
C VAL B 606 -5.97 41.18 -20.22
N ALA B 607 -7.06 40.42 -20.07
CA ALA B 607 -7.00 38.98 -20.29
C ALA B 607 -6.66 38.66 -21.74
N ILE B 608 -7.24 39.41 -22.69
CA ILE B 608 -6.97 39.15 -24.10
C ILE B 608 -5.51 39.46 -24.44
N HIS B 609 -4.97 40.56 -23.89
CA HIS B 609 -3.56 40.88 -24.10
C HIS B 609 -2.67 39.81 -23.48
N ALA B 610 -3.06 39.30 -22.31
CA ALA B 610 -2.29 38.21 -21.70
C ALA B 610 -2.31 36.97 -22.57
N ASP B 611 -3.45 36.67 -23.20
CA ASP B 611 -3.51 35.57 -24.16
C ASP B 611 -2.62 35.85 -25.36
N GLN B 612 -2.46 37.12 -25.73
CA GLN B 612 -1.56 37.55 -26.79
C GLN B 612 -1.89 36.86 -28.12
N LEU B 613 -3.10 37.12 -28.60
CA LEU B 613 -3.57 36.61 -29.87
C LEU B 613 -3.41 37.67 -30.95
N THR B 614 -3.90 37.37 -32.15
CA THR B 614 -3.87 38.33 -33.24
C THR B 614 -4.88 39.44 -32.98
N PRO B 615 -4.73 40.59 -33.66
CA PRO B 615 -5.71 41.67 -33.49
C PRO B 615 -7.12 41.27 -33.89
N THR B 616 -7.29 40.20 -34.68
CA THR B 616 -8.61 39.67 -34.95
C THR B 616 -9.30 39.22 -33.67
N TRP B 617 -8.54 38.72 -32.70
CA TRP B 617 -9.09 38.42 -31.38
C TRP B 617 -9.11 39.64 -30.47
N ARG B 618 -8.45 40.72 -30.85
CA ARG B 618 -8.45 41.94 -30.05
C ARG B 618 -9.64 42.84 -30.38
N VAL B 619 -10.14 42.78 -31.61
CA VAL B 619 -11.26 43.63 -31.99
C VAL B 619 -12.52 43.24 -31.20
N TYR B 620 -12.69 41.94 -30.93
CA TYR B 620 -13.82 41.52 -30.11
C TYR B 620 -13.67 41.96 -28.67
N SER B 621 -12.43 42.07 -28.18
CA SER B 621 -12.21 42.59 -26.84
C SER B 621 -12.53 44.07 -26.75
N THR B 622 -12.32 44.81 -27.83
CA THR B 622 -12.62 46.23 -27.84
C THR B 622 -14.13 46.45 -27.75
N GLY B 623 -14.52 47.48 -27.02
CA GLY B 623 -15.93 47.77 -26.81
C GLY B 623 -16.62 48.42 -27.99
N SER B 624 -16.61 47.74 -29.14
CA SER B 624 -17.33 48.26 -30.31
C SER B 624 -18.83 48.24 -30.07
N ASN B 625 -19.36 47.11 -29.60
CA ASN B 625 -20.79 46.97 -29.30
C ASN B 625 -20.90 46.05 -28.08
N VAL B 626 -21.03 46.64 -26.91
CA VAL B 626 -21.05 45.91 -25.64
C VAL B 626 -22.44 45.99 -25.05
N PHE B 627 -23.02 44.83 -24.74
CA PHE B 627 -24.29 44.74 -24.03
C PHE B 627 -24.11 43.76 -22.88
N GLN B 628 -24.47 44.19 -21.67
CA GLN B 628 -24.27 43.41 -20.46
C GLN B 628 -25.59 42.79 -20.03
N THR B 629 -25.61 41.47 -19.91
CA THR B 629 -26.79 40.72 -19.51
C THR B 629 -26.59 40.10 -18.13
N ARG B 630 -27.59 39.33 -17.69
CA ARG B 630 -27.47 38.66 -16.40
C ARG B 630 -26.47 37.52 -16.44
N ALA B 631 -26.49 36.72 -17.51
CA ALA B 631 -25.57 35.60 -17.64
C ALA B 631 -24.15 36.03 -17.97
N GLY B 632 -23.94 37.29 -18.27
CA GLY B 632 -22.64 37.79 -18.66
C GLY B 632 -22.79 38.95 -19.64
N CYS B 633 -21.82 39.09 -20.53
CA CYS B 633 -21.85 40.12 -21.55
C CYS B 633 -21.57 39.50 -22.91
N LEU B 634 -22.19 40.08 -23.94
CA LEU B 634 -21.97 39.66 -25.31
C LEU B 634 -21.47 40.85 -26.12
N ILE B 635 -20.56 40.57 -27.06
CA ILE B 635 -19.91 41.61 -27.85
C ILE B 635 -20.11 41.29 -29.32
N GLY B 636 -20.15 42.33 -30.14
CA GLY B 636 -20.30 42.19 -31.57
C GLY B 636 -21.72 42.08 -32.06
N ALA B 637 -22.71 42.19 -31.17
CA ALA B 637 -24.11 42.13 -31.56
C ALA B 637 -24.83 43.36 -31.02
N GLU B 638 -25.40 44.15 -31.92
CA GLU B 638 -26.19 45.31 -31.50
C GLU B 638 -27.53 44.86 -30.92
N TYR B 639 -28.07 45.69 -30.04
CA TYR B 639 -29.26 45.37 -29.28
C TYR B 639 -30.46 46.05 -29.94
N VAL B 640 -31.25 45.28 -30.70
CA VAL B 640 -32.47 45.84 -31.25
C VAL B 640 -33.51 45.95 -30.14
N ASN B 641 -34.49 46.84 -30.34
CA ASN B 641 -35.31 47.27 -29.22
C ASN B 641 -36.73 46.70 -29.31
N ASN B 642 -37.10 46.13 -30.46
CA ASN B 642 -38.38 45.45 -30.60
C ASN B 642 -38.24 43.99 -30.16
N SER B 643 -39.26 43.17 -30.43
CA SER B 643 -39.28 41.80 -29.95
C SER B 643 -40.00 40.91 -30.95
N TYR B 644 -39.53 39.67 -31.05
CA TYR B 644 -40.17 38.64 -31.86
C TYR B 644 -39.67 37.27 -31.39
N GLU B 645 -40.01 36.24 -32.16
CA GLU B 645 -39.77 34.86 -31.75
C GLU B 645 -38.28 34.57 -31.58
N CYS B 646 -37.96 33.72 -30.60
CA CYS B 646 -36.59 33.31 -30.37
C CYS B 646 -36.04 32.49 -31.54
N ASP B 647 -34.75 32.64 -31.78
CA ASP B 647 -34.02 31.82 -32.74
C ASP B 647 -32.92 31.01 -32.09
N ILE B 648 -32.05 31.65 -31.31
CA ILE B 648 -30.94 30.99 -30.63
C ILE B 648 -31.01 31.35 -29.15
N PRO B 649 -31.04 30.37 -28.25
CA PRO B 649 -31.08 30.69 -26.82
C PRO B 649 -29.78 31.29 -26.33
N ILE B 650 -29.90 32.20 -25.36
CA ILE B 650 -28.74 32.79 -24.69
C ILE B 650 -28.89 32.61 -23.19
N GLY B 651 -29.99 33.09 -22.64
CA GLY B 651 -30.25 33.05 -21.22
C GLY B 651 -30.84 34.37 -20.75
N ALA B 652 -31.49 34.31 -19.58
CA ALA B 652 -32.13 35.49 -18.97
C ALA B 652 -33.13 36.14 -19.93
N GLY B 653 -33.82 35.32 -20.70
CA GLY B 653 -34.85 35.82 -21.60
C GLY B 653 -34.34 36.70 -22.73
N ILE B 654 -33.23 36.32 -23.36
CA ILE B 654 -32.67 37.07 -24.47
C ILE B 654 -32.29 36.08 -25.56
N CYS B 655 -32.68 36.36 -26.80
CA CYS B 655 -32.40 35.48 -27.91
C CYS B 655 -31.80 36.27 -29.06
N ALA B 656 -30.95 35.59 -29.83
CA ALA B 656 -30.20 36.22 -30.91
C ALA B 656 -30.47 35.52 -32.23
N SER B 657 -30.38 36.28 -33.31
CA SER B 657 -30.61 35.75 -34.66
C SER B 657 -29.77 36.56 -35.64
N TYR B 658 -29.99 36.29 -36.93
CA TYR B 658 -29.31 36.97 -38.03
C TYR B 658 -30.36 37.68 -38.87
N GLN B 659 -30.67 38.92 -38.50
CA GLN B 659 -31.65 39.71 -39.24
C GLN B 659 -31.02 40.28 -40.52
N THR B 660 -31.89 40.68 -41.44
CA THR B 660 -31.48 41.18 -42.75
C THR B 660 -31.98 42.61 -42.92
N GLN B 661 -31.19 43.57 -42.44
CA GLN B 661 -31.49 44.99 -42.63
C GLN B 661 -30.26 45.85 -42.28
N SER B 673 -28.08 45.32 -44.72
CA SER B 673 -26.93 44.98 -43.88
C SER B 673 -27.25 43.79 -42.98
N GLN B 674 -26.80 42.60 -43.40
CA GLN B 674 -27.05 41.38 -42.65
C GLN B 674 -26.06 41.30 -41.49
N SER B 675 -26.55 41.56 -40.27
CA SER B 675 -25.70 41.58 -39.09
C SER B 675 -26.35 40.78 -37.98
N ILE B 676 -25.53 40.37 -37.01
CA ILE B 676 -26.01 39.62 -35.86
C ILE B 676 -26.81 40.56 -34.95
N ILE B 677 -27.95 40.08 -34.47
CA ILE B 677 -28.87 40.91 -33.71
C ILE B 677 -29.25 40.19 -32.42
N ALA B 678 -29.60 40.97 -31.39
CA ALA B 678 -30.03 40.44 -30.10
C ALA B 678 -31.31 41.14 -29.68
N TYR B 679 -32.26 40.36 -29.15
CA TYR B 679 -33.58 40.90 -28.83
C TYR B 679 -34.15 40.18 -27.62
N THR B 680 -35.19 40.79 -27.05
CA THR B 680 -35.88 40.27 -25.88
C THR B 680 -36.95 39.27 -26.31
N MET B 681 -37.29 38.36 -25.39
CA MET B 681 -38.33 37.37 -25.65
C MET B 681 -39.67 38.01 -25.97
N SER B 682 -40.39 37.41 -26.91
CA SER B 682 -41.78 37.75 -27.17
C SER B 682 -42.60 36.47 -27.05
N LEU B 683 -43.48 36.43 -26.06
CA LEU B 683 -44.25 35.21 -25.81
C LEU B 683 -45.22 34.92 -26.94
N GLY B 684 -45.78 35.93 -27.56
CA GLY B 684 -46.72 35.72 -28.64
C GLY B 684 -47.52 36.98 -28.90
N ALA B 685 -48.56 36.83 -29.71
CA ALA B 685 -49.43 37.93 -30.09
C ALA B 685 -50.54 38.07 -29.05
N GLU B 686 -50.67 39.27 -28.49
CA GLU B 686 -51.73 39.52 -27.52
C GLU B 686 -53.09 39.44 -28.21
N ASN B 687 -54.07 38.92 -27.48
CA ASN B 687 -55.42 38.77 -28.01
C ASN B 687 -56.39 38.79 -26.82
N SER B 688 -57.13 39.87 -26.67
CA SER B 688 -58.10 40.00 -25.60
C SER B 688 -59.42 39.34 -26.01
N VAL B 689 -60.28 39.13 -25.03
CA VAL B 689 -61.60 38.52 -25.23
C VAL B 689 -62.66 39.51 -24.78
N ALA B 690 -63.80 39.50 -25.47
CA ALA B 690 -64.91 40.41 -25.15
C ALA B 690 -65.90 39.67 -24.26
N TYR B 691 -65.53 39.56 -22.98
CA TYR B 691 -66.37 38.86 -22.03
C TYR B 691 -67.59 39.69 -21.65
N SER B 692 -68.70 38.99 -21.41
CA SER B 692 -69.93 39.60 -20.92
C SER B 692 -70.67 38.56 -20.09
N ASN B 693 -71.94 38.82 -19.81
CA ASN B 693 -72.78 37.83 -19.13
C ASN B 693 -74.11 37.61 -19.86
N ASN B 694 -74.19 38.03 -21.12
CA ASN B 694 -75.34 37.68 -21.96
C ASN B 694 -74.93 37.39 -23.40
N SER B 695 -73.67 37.04 -23.65
CA SER B 695 -73.16 36.83 -25.00
C SER B 695 -72.46 35.49 -25.10
N ILE B 696 -72.47 34.93 -26.31
CA ILE B 696 -71.85 33.63 -26.59
C ILE B 696 -71.28 33.66 -28.00
N ALA B 697 -70.43 32.68 -28.30
CA ALA B 697 -69.89 32.49 -29.63
C ALA B 697 -70.10 31.06 -30.07
N ILE B 698 -70.52 30.87 -31.32
CA ILE B 698 -70.81 29.53 -31.84
C ILE B 698 -70.32 29.41 -33.28
N PRO B 699 -69.55 28.38 -33.61
CA PRO B 699 -69.02 28.25 -34.97
C PRO B 699 -70.07 27.81 -35.97
N THR B 700 -69.76 28.02 -37.25
CA THR B 700 -70.64 27.61 -38.34
C THR B 700 -70.03 26.47 -39.15
N ASN B 701 -68.89 26.69 -39.80
CA ASN B 701 -68.08 25.57 -40.26
C ASN B 701 -67.03 25.12 -39.24
N PHE B 702 -66.10 24.35 -39.79
CA PHE B 702 -65.17 23.49 -39.08
C PHE B 702 -64.12 23.06 -40.07
N THR B 703 -63.01 22.51 -39.56
CA THR B 703 -61.93 22.06 -40.43
C THR B 703 -61.44 20.69 -39.98
N ILE B 704 -60.88 19.95 -40.93
CA ILE B 704 -60.23 18.67 -40.67
C ILE B 704 -58.75 18.86 -40.91
N SER B 705 -57.95 18.72 -39.86
CA SER B 705 -56.52 18.93 -39.93
C SER B 705 -55.80 17.63 -39.59
N VAL B 706 -54.62 17.46 -40.19
CA VAL B 706 -53.81 16.26 -40.01
C VAL B 706 -52.49 16.67 -39.38
N THR B 707 -52.10 15.98 -38.32
CA THR B 707 -50.89 16.27 -37.57
C THR B 707 -50.02 15.02 -37.52
N THR B 708 -48.71 15.24 -37.45
CA THR B 708 -47.73 14.16 -37.45
C THR B 708 -47.03 14.09 -36.10
N GLU B 709 -46.89 12.87 -35.58
CA GLU B 709 -46.23 12.61 -34.32
C GLU B 709 -45.23 11.49 -34.49
N ILE B 710 -44.05 11.66 -33.92
CA ILE B 710 -42.94 10.72 -34.08
C ILE B 710 -42.46 10.28 -32.70
N LEU B 711 -42.30 8.97 -32.51
CA LEU B 711 -41.82 8.41 -31.26
C LEU B 711 -40.77 7.33 -31.54
N PRO B 712 -39.69 7.31 -30.77
CA PRO B 712 -38.73 6.20 -30.91
C PRO B 712 -39.16 4.99 -30.10
N VAL B 713 -38.83 3.82 -30.62
CA VAL B 713 -39.25 2.56 -30.00
C VAL B 713 -38.10 1.63 -29.66
N SER B 714 -36.93 1.76 -30.30
CA SER B 714 -35.86 0.81 -30.06
C SER B 714 -34.52 1.46 -30.34
N MET B 715 -33.47 0.84 -29.81
CA MET B 715 -32.09 1.24 -30.08
C MET B 715 -31.34 0.04 -30.64
N THR B 716 -30.10 0.27 -31.07
CA THR B 716 -29.32 -0.76 -31.73
C THR B 716 -28.73 -1.71 -30.69
N LYS B 717 -29.06 -3.00 -30.81
CA LYS B 717 -28.47 -4.01 -29.95
C LYS B 717 -26.98 -4.14 -30.25
N THR B 718 -26.19 -4.24 -29.19
CA THR B 718 -24.73 -4.26 -29.34
C THR B 718 -24.14 -5.33 -28.43
N SER B 719 -22.93 -5.78 -28.80
CA SER B 719 -22.18 -6.74 -28.02
C SER B 719 -20.73 -6.30 -27.96
N VAL B 720 -20.03 -6.73 -26.92
CA VAL B 720 -18.64 -6.35 -26.68
C VAL B 720 -17.85 -7.59 -26.30
N ASP B 721 -16.66 -7.75 -26.88
CA ASP B 721 -15.75 -8.82 -26.51
C ASP B 721 -14.75 -8.30 -25.50
N CYS B 722 -14.47 -9.11 -24.47
CA CYS B 722 -13.63 -8.66 -23.38
C CYS B 722 -12.15 -8.69 -23.75
N THR B 723 -11.64 -9.89 -24.03
CA THR B 723 -10.22 -10.07 -24.28
C THR B 723 -9.78 -9.38 -25.56
N MET B 724 -10.61 -9.45 -26.60
CA MET B 724 -10.24 -8.82 -27.86
C MET B 724 -10.09 -7.31 -27.72
N TYR B 725 -11.00 -6.68 -26.97
CA TYR B 725 -10.90 -5.24 -26.74
C TYR B 725 -9.72 -4.91 -25.84
N ILE B 726 -9.61 -5.61 -24.71
CA ILE B 726 -8.63 -5.22 -23.70
C ILE B 726 -7.24 -5.75 -24.04
N CYS B 727 -7.13 -7.06 -24.26
CA CYS B 727 -5.81 -7.67 -24.43
C CYS B 727 -5.26 -7.44 -25.83
N GLY B 728 -6.03 -7.78 -26.86
CA GLY B 728 -5.61 -7.48 -28.21
C GLY B 728 -4.42 -8.28 -28.71
N ASP B 729 -4.62 -9.59 -28.91
CA ASP B 729 -3.63 -10.47 -29.51
C ASP B 729 -2.38 -10.59 -28.63
N SER B 730 -2.57 -11.10 -27.43
CA SER B 730 -1.47 -11.36 -26.50
C SER B 730 -1.93 -12.37 -25.47
N THR B 731 -1.17 -13.46 -25.32
CA THR B 731 -1.56 -14.51 -24.38
C THR B 731 -1.29 -14.13 -22.93
N GLU B 732 -0.21 -13.38 -22.68
CA GLU B 732 0.13 -13.02 -21.31
C GLU B 732 -0.95 -12.15 -20.69
N CYS B 733 -1.51 -11.22 -21.47
CA CYS B 733 -2.63 -10.42 -21.00
C CYS B 733 -3.82 -11.29 -20.66
N SER B 734 -4.12 -12.29 -21.50
CA SER B 734 -5.22 -13.19 -21.22
C SER B 734 -5.00 -13.96 -19.92
N ASN B 735 -3.77 -14.42 -19.69
CA ASN B 735 -3.46 -15.12 -18.45
C ASN B 735 -3.63 -14.21 -17.24
N LEU B 736 -3.17 -12.96 -17.36
CA LEU B 736 -3.26 -12.05 -16.21
C LEU B 736 -4.70 -11.61 -15.95
N LEU B 737 -5.52 -11.53 -16.99
CA LEU B 737 -6.90 -11.06 -16.83
C LEU B 737 -7.70 -11.99 -15.93
N LEU B 738 -7.38 -13.29 -15.94
CA LEU B 738 -8.11 -14.24 -15.09
C LEU B 738 -7.96 -13.90 -13.62
N GLN B 739 -6.84 -13.29 -13.23
CA GLN B 739 -6.63 -12.93 -11.83
C GLN B 739 -7.53 -11.80 -11.38
N TYR B 740 -8.02 -10.96 -12.30
CA TYR B 740 -8.84 -9.81 -11.95
C TYR B 740 -10.28 -10.18 -11.62
N GLY B 741 -10.69 -11.40 -11.89
CA GLY B 741 -12.03 -11.85 -11.56
C GLY B 741 -12.86 -12.19 -12.78
N SER B 742 -14.17 -12.25 -12.57
CA SER B 742 -15.13 -12.61 -13.61
C SER B 742 -15.90 -11.39 -14.09
N PHE B 743 -15.22 -10.26 -14.21
CA PHE B 743 -15.89 -9.05 -14.71
C PHE B 743 -16.40 -9.25 -16.13
N CYS B 744 -15.72 -10.06 -16.93
CA CYS B 744 -16.17 -10.32 -18.29
C CYS B 744 -17.55 -10.97 -18.29
N THR B 745 -17.78 -11.93 -17.39
CA THR B 745 -19.09 -12.54 -17.27
C THR B 745 -20.13 -11.50 -16.88
N GLN B 746 -19.79 -10.60 -15.96
CA GLN B 746 -20.71 -9.54 -15.54
C GLN B 746 -21.11 -8.68 -16.72
N LEU B 747 -20.14 -8.25 -17.52
CA LEU B 747 -20.44 -7.37 -18.66
C LEU B 747 -21.21 -8.12 -19.74
N LYS B 748 -20.87 -9.37 -20.01
CA LYS B 748 -21.60 -10.13 -21.02
C LYS B 748 -23.04 -10.35 -20.60
N ARG B 749 -23.27 -10.60 -19.30
CA ARG B 749 -24.63 -10.69 -18.79
C ARG B 749 -25.36 -9.36 -18.91
N ALA B 750 -24.66 -8.26 -18.62
CA ALA B 750 -25.30 -6.94 -18.68
C ALA B 750 -25.72 -6.58 -20.09
N LEU B 751 -24.88 -6.88 -21.08
CA LEU B 751 -25.17 -6.49 -22.47
C LEU B 751 -26.14 -7.42 -23.17
N THR B 752 -26.84 -8.30 -22.44
CA THR B 752 -27.89 -9.13 -23.03
C THR B 752 -29.28 -8.71 -22.59
N GLY B 753 -29.40 -8.13 -21.39
CA GLY B 753 -30.69 -7.57 -20.99
C GLY B 753 -31.17 -6.50 -21.93
N ILE B 754 -30.25 -5.67 -22.43
CA ILE B 754 -30.62 -4.64 -23.39
C ILE B 754 -31.12 -5.28 -24.69
N ALA B 755 -30.42 -6.33 -25.14
CA ALA B 755 -30.79 -6.98 -26.39
C ALA B 755 -32.19 -7.59 -26.29
N VAL B 756 -32.51 -8.25 -25.17
CA VAL B 756 -33.85 -8.80 -25.02
C VAL B 756 -34.87 -7.67 -24.81
N GLU B 757 -34.45 -6.58 -24.18
CA GLU B 757 -35.34 -5.44 -23.96
C GLU B 757 -35.82 -4.87 -25.27
N GLN B 758 -34.92 -4.76 -26.25
CA GLN B 758 -35.28 -4.11 -27.52
C GLN B 758 -36.36 -4.90 -28.26
N ASP B 759 -36.15 -6.21 -28.48
CA ASP B 759 -37.13 -6.95 -29.25
C ASP B 759 -38.42 -7.17 -28.44
N LYS B 760 -38.31 -7.27 -27.10
CA LYS B 760 -39.52 -7.26 -26.30
C LYS B 760 -40.32 -5.98 -26.51
N ASN B 761 -39.64 -4.83 -26.53
CA ASN B 761 -40.33 -3.56 -26.73
C ASN B 761 -41.00 -3.52 -28.10
N THR B 762 -40.27 -3.92 -29.14
CA THR B 762 -40.82 -3.87 -30.49
C THR B 762 -42.03 -4.79 -30.63
N GLN B 763 -41.92 -6.02 -30.12
CA GLN B 763 -43.03 -6.96 -30.23
C GLN B 763 -44.23 -6.49 -29.43
N GLU B 764 -44.00 -5.90 -28.25
CA GLU B 764 -45.11 -5.40 -27.45
C GLU B 764 -45.80 -4.23 -28.14
N VAL B 765 -45.04 -3.34 -28.76
CA VAL B 765 -45.64 -2.18 -29.41
C VAL B 765 -46.43 -2.60 -30.65
N PHE B 766 -45.86 -3.48 -31.48
CA PHE B 766 -46.47 -3.73 -32.79
C PHE B 766 -47.41 -4.92 -32.80
N ALA B 767 -47.06 -6.02 -32.15
CA ALA B 767 -47.87 -7.24 -32.21
C ALA B 767 -49.11 -7.06 -31.32
N GLN B 768 -50.12 -6.40 -31.89
CA GLN B 768 -51.38 -6.16 -31.20
C GLN B 768 -52.58 -6.77 -31.91
N VAL B 769 -52.37 -7.53 -32.99
CA VAL B 769 -53.44 -8.15 -33.75
C VAL B 769 -53.19 -9.65 -33.78
N LYS B 770 -54.24 -10.43 -33.50
CA LYS B 770 -54.11 -11.88 -33.49
C LYS B 770 -54.05 -12.44 -34.91
N GLN B 771 -54.79 -11.84 -35.83
CA GLN B 771 -54.85 -12.27 -37.22
C GLN B 771 -54.13 -11.26 -38.10
N ILE B 772 -54.16 -11.52 -39.40
CA ILE B 772 -53.57 -10.63 -40.41
C ILE B 772 -54.65 -10.32 -41.42
N TYR B 773 -55.27 -9.15 -41.29
CA TYR B 773 -56.30 -8.72 -42.22
C TYR B 773 -55.68 -8.15 -43.48
N LYS B 774 -56.51 -8.01 -44.51
CA LYS B 774 -56.09 -7.36 -45.75
C LYS B 774 -57.28 -6.65 -46.37
N THR B 775 -56.98 -5.61 -47.14
CA THR B 775 -58.03 -4.79 -47.73
C THR B 775 -58.78 -5.55 -48.81
N PRO B 776 -60.04 -5.22 -49.05
CA PRO B 776 -60.79 -5.86 -50.13
C PRO B 776 -60.23 -5.47 -51.48
N PRO B 777 -60.46 -6.27 -52.52
CA PRO B 777 -59.90 -5.94 -53.84
C PRO B 777 -60.37 -4.59 -54.38
N ILE B 778 -61.60 -4.21 -54.12
CA ILE B 778 -62.11 -2.90 -54.51
C ILE B 778 -61.80 -1.92 -53.39
N LYS B 779 -61.61 -0.65 -53.77
CA LYS B 779 -61.26 0.41 -52.82
C LYS B 779 -62.12 1.63 -53.10
N TYR B 780 -63.29 1.69 -52.45
CA TYR B 780 -64.19 2.84 -52.54
C TYR B 780 -64.80 3.05 -51.15
N PHE B 781 -64.16 3.91 -50.37
CA PHE B 781 -64.63 4.21 -49.01
C PHE B 781 -65.41 5.52 -48.99
N GLY B 782 -66.52 5.54 -49.71
CA GLY B 782 -67.41 6.68 -49.70
C GLY B 782 -66.77 7.98 -50.14
N GLY B 783 -65.90 7.94 -51.15
CA GLY B 783 -65.25 9.11 -51.67
C GLY B 783 -63.89 9.42 -51.05
N PHE B 784 -63.58 8.83 -49.90
CA PHE B 784 -62.28 9.04 -49.30
C PHE B 784 -61.18 8.40 -50.14
N ASN B 785 -59.98 8.97 -50.05
CA ASN B 785 -58.83 8.48 -50.78
C ASN B 785 -57.79 7.97 -49.79
N PHE B 786 -57.29 6.75 -50.04
CA PHE B 786 -56.34 6.12 -49.14
C PHE B 786 -55.18 5.45 -49.87
N SER B 787 -55.03 5.69 -51.17
CA SER B 787 -53.95 5.05 -51.93
C SER B 787 -52.58 5.47 -51.44
N GLN B 788 -52.46 6.64 -50.80
CA GLN B 788 -51.15 7.09 -50.33
C GLN B 788 -50.59 6.17 -49.26
N ILE B 789 -51.43 5.72 -48.33
CA ILE B 789 -50.95 4.94 -47.20
C ILE B 789 -51.17 3.44 -47.37
N LEU B 790 -52.09 3.03 -48.21
CA LEU B 790 -52.28 1.60 -48.46
C LEU B 790 -51.11 1.07 -49.29
N PRO B 791 -50.63 -0.14 -48.98
CA PRO B 791 -49.50 -0.69 -49.73
C PRO B 791 -49.87 -1.01 -51.18
N ASP B 792 -48.85 -0.98 -52.04
CA ASP B 792 -49.00 -1.31 -53.45
C ASP B 792 -48.16 -2.55 -53.76
N PRO B 793 -48.75 -3.62 -54.29
CA PRO B 793 -47.94 -4.82 -54.60
C PRO B 793 -46.84 -4.58 -55.61
N SER B 794 -47.05 -3.67 -56.57
CA SER B 794 -46.04 -3.37 -57.59
C SER B 794 -44.97 -2.45 -57.00
N LYS B 795 -44.24 -2.99 -56.02
CA LYS B 795 -43.23 -2.23 -55.30
C LYS B 795 -42.34 -3.21 -54.54
N PRO B 796 -41.08 -2.87 -54.27
CA PRO B 796 -40.25 -3.74 -53.43
C PRO B 796 -40.88 -3.91 -52.05
N SER B 797 -40.82 -5.15 -51.54
CA SER B 797 -41.48 -5.53 -50.29
C SER B 797 -42.96 -5.15 -50.41
N LYS B 798 -43.58 -4.72 -49.31
CA LYS B 798 -44.95 -4.25 -49.32
C LYS B 798 -45.06 -2.88 -48.66
N ARG B 799 -44.02 -2.07 -48.75
CA ARG B 799 -44.02 -0.76 -48.14
C ARG B 799 -44.93 0.20 -48.88
N SER B 800 -45.41 1.22 -48.17
CA SER B 800 -46.34 2.18 -48.73
C SER B 800 -45.58 3.41 -49.24
N PHE B 801 -46.34 4.34 -49.85
CA PHE B 801 -45.73 5.55 -50.39
C PHE B 801 -45.16 6.42 -49.29
N ILE B 802 -45.95 6.70 -48.26
CA ILE B 802 -45.49 7.56 -47.17
C ILE B 802 -44.36 6.89 -46.40
N GLU B 803 -44.46 5.58 -46.19
CA GLU B 803 -43.39 4.85 -45.53
C GLU B 803 -42.11 4.90 -46.36
N ASP B 804 -42.23 4.79 -47.68
CA ASP B 804 -41.06 4.93 -48.55
C ASP B 804 -40.45 6.31 -48.43
N LEU B 805 -41.28 7.35 -48.37
CA LEU B 805 -40.77 8.71 -48.21
C LEU B 805 -40.05 8.87 -46.87
N LEU B 806 -40.62 8.32 -45.80
CA LEU B 806 -39.99 8.41 -44.49
C LEU B 806 -38.65 7.67 -44.47
N PHE B 807 -38.61 6.47 -45.05
CA PHE B 807 -37.40 5.65 -44.96
C PHE B 807 -36.22 6.33 -45.68
N ASN B 808 -36.48 6.91 -46.85
CA ASN B 808 -35.43 7.59 -47.59
C ASN B 808 -35.02 8.92 -46.96
N LYS B 809 -35.80 9.43 -46.01
CA LYS B 809 -35.45 10.70 -45.38
C LYS B 809 -34.28 10.57 -44.43
N VAL B 810 -34.14 9.43 -43.74
CA VAL B 810 -33.04 9.26 -42.81
C VAL B 810 -31.77 8.93 -43.57
N THR B 811 -31.75 7.76 -44.21
CA THR B 811 -30.63 7.28 -45.04
C THR B 811 -29.27 7.67 -44.46
N LEU B 812 -29.12 7.47 -43.15
CA LEU B 812 -27.83 7.74 -42.51
C LEU B 812 -27.40 6.53 -41.68
N ALA B 813 -28.36 5.75 -41.21
CA ALA B 813 -28.03 4.47 -40.60
C ALA B 813 -27.40 3.53 -41.64
N ASP B 814 -27.95 3.53 -42.85
CA ASP B 814 -27.44 2.71 -43.96
C ASP B 814 -27.36 1.24 -43.55
N ALA B 815 -28.43 0.77 -42.90
CA ALA B 815 -28.51 -0.58 -42.36
C ALA B 815 -27.37 -0.84 -41.38
N GLY B 816 -26.29 -1.46 -41.86
CA GLY B 816 -25.17 -1.77 -41.00
C GLY B 816 -25.42 -2.88 -40.01
N PHE B 817 -26.53 -3.60 -40.15
CA PHE B 817 -26.89 -4.67 -39.21
C PHE B 817 -26.38 -6.01 -39.72
N ILE B 818 -25.06 -6.07 -39.91
CA ILE B 818 -24.31 -7.18 -40.47
C ILE B 818 -25.13 -7.98 -41.47
N LYS B 819 -25.39 -7.40 -42.64
CA LYS B 819 -26.02 -8.13 -43.74
C LYS B 819 -24.91 -8.90 -44.48
N GLN B 820 -24.40 -9.93 -43.79
CA GLN B 820 -23.20 -10.65 -44.22
C GLN B 820 -22.03 -9.67 -44.36
N TYR B 821 -21.65 -9.08 -43.24
CA TYR B 821 -20.46 -8.23 -43.20
C TYR B 821 -19.23 -9.10 -42.97
N GLY B 822 -18.10 -8.46 -42.67
CA GLY B 822 -16.85 -9.17 -42.60
C GLY B 822 -16.24 -9.50 -43.94
N ASP B 823 -16.78 -8.96 -45.03
CA ASP B 823 -16.25 -9.16 -46.36
C ASP B 823 -15.12 -8.20 -46.70
N CYS B 824 -14.82 -7.24 -45.82
CA CYS B 824 -13.79 -6.25 -46.09
C CYS B 824 -12.39 -6.76 -45.74
N LEU B 825 -12.05 -7.94 -46.25
CA LEU B 825 -10.68 -8.43 -46.12
C LEU B 825 -9.73 -7.57 -46.92
N GLY B 826 -10.10 -7.24 -48.15
CA GLY B 826 -9.34 -6.32 -48.96
C GLY B 826 -9.93 -4.93 -48.90
N ASP B 827 -9.27 -4.03 -48.16
CA ASP B 827 -9.77 -2.68 -47.97
C ASP B 827 -9.29 -1.78 -49.10
N ILE B 828 -9.86 -2.02 -50.29
CA ILE B 828 -9.57 -1.18 -51.44
C ILE B 828 -10.03 0.26 -51.18
N ALA B 829 -11.20 0.42 -50.57
CA ALA B 829 -11.74 1.73 -50.24
C ALA B 829 -11.07 2.24 -48.97
N ALA B 830 -11.64 3.30 -48.40
CA ALA B 830 -11.10 3.97 -47.22
C ALA B 830 -11.28 3.18 -45.93
N ARG B 831 -11.62 1.89 -46.00
CA ARG B 831 -11.78 0.95 -44.90
C ARG B 831 -13.10 1.17 -44.15
N ASP B 832 -13.90 2.16 -44.55
CA ASP B 832 -15.21 2.42 -43.95
C ASP B 832 -15.11 2.65 -42.45
N LEU B 833 -16.23 2.50 -41.74
CA LEU B 833 -16.27 2.70 -40.30
C LEU B 833 -16.69 1.45 -39.55
N ILE B 834 -17.66 0.69 -40.07
CA ILE B 834 -18.09 -0.54 -39.40
C ILE B 834 -16.94 -1.54 -39.32
N CYS B 835 -16.19 -1.69 -40.42
CA CYS B 835 -15.04 -2.59 -40.40
C CYS B 835 -13.99 -2.13 -39.40
N ALA B 836 -13.82 -0.82 -39.23
CA ALA B 836 -12.85 -0.31 -38.27
C ALA B 836 -13.23 -0.69 -36.85
N GLN B 837 -14.50 -0.48 -36.48
CA GLN B 837 -14.95 -0.84 -35.14
C GLN B 837 -15.03 -2.34 -34.94
N LYS B 838 -15.16 -3.11 -36.02
CA LYS B 838 -15.25 -4.57 -35.89
C LYS B 838 -13.97 -5.16 -35.33
N PHE B 839 -12.81 -4.65 -35.76
CA PHE B 839 -11.54 -5.25 -35.40
C PHE B 839 -11.17 -5.06 -33.94
N LYS B 840 -11.90 -4.24 -33.20
CA LYS B 840 -11.66 -4.05 -31.77
C LYS B 840 -12.62 -4.84 -30.90
N GLY B 841 -13.37 -5.77 -31.49
CA GLY B 841 -14.33 -6.57 -30.74
C GLY B 841 -15.71 -5.99 -30.65
N LEU B 842 -15.93 -4.79 -31.17
CA LEU B 842 -17.26 -4.17 -31.14
C LEU B 842 -18.10 -4.70 -32.29
N THR B 843 -19.26 -5.25 -31.95
CA THR B 843 -20.16 -5.84 -32.94
C THR B 843 -21.58 -5.33 -32.71
N VAL B 844 -22.39 -5.43 -33.75
CA VAL B 844 -23.81 -5.07 -33.70
C VAL B 844 -24.62 -6.28 -34.13
N LEU B 845 -25.68 -6.57 -33.37
CA LEU B 845 -26.48 -7.72 -33.76
C LEU B 845 -27.71 -7.28 -34.53
N PRO B 846 -28.15 -8.08 -35.51
CA PRO B 846 -29.31 -7.69 -36.31
C PRO B 846 -30.58 -7.77 -35.47
N PRO B 847 -31.55 -6.91 -35.73
CA PRO B 847 -32.83 -6.99 -35.01
C PRO B 847 -33.60 -8.24 -35.42
N LEU B 848 -34.42 -8.73 -34.50
CA LEU B 848 -35.22 -9.92 -34.77
C LEU B 848 -36.24 -9.65 -35.88
N LEU B 849 -36.97 -8.56 -35.76
CA LEU B 849 -38.07 -8.27 -36.68
C LEU B 849 -37.56 -7.47 -37.87
N THR B 850 -37.65 -8.06 -39.06
CA THR B 850 -37.30 -7.35 -40.28
C THR B 850 -38.36 -6.29 -40.59
N ASP B 851 -37.94 -5.29 -41.38
CA ASP B 851 -38.85 -4.19 -41.71
C ASP B 851 -40.08 -4.67 -42.47
N GLU B 852 -39.95 -5.75 -43.24
CA GLU B 852 -41.09 -6.27 -44.00
C GLU B 852 -42.22 -6.72 -43.07
N MET B 853 -41.87 -7.41 -41.99
CA MET B 853 -42.89 -7.85 -41.04
C MET B 853 -43.51 -6.68 -40.30
N ILE B 854 -42.72 -5.64 -40.00
CA ILE B 854 -43.27 -4.43 -39.40
C ILE B 854 -44.27 -3.78 -40.35
N ALA B 855 -43.92 -3.71 -41.63
CA ALA B 855 -44.84 -3.16 -42.62
C ALA B 855 -46.11 -3.99 -42.71
N GLN B 856 -45.98 -5.32 -42.62
CA GLN B 856 -47.16 -6.18 -42.64
C GLN B 856 -48.06 -5.92 -41.44
N TYR B 857 -47.47 -5.78 -40.25
CA TYR B 857 -48.27 -5.44 -39.07
C TYR B 857 -48.97 -4.10 -39.23
N THR B 858 -48.26 -3.09 -39.75
CA THR B 858 -48.88 -1.78 -39.92
C THR B 858 -50.02 -1.85 -40.92
N SER B 859 -49.85 -2.60 -42.01
CA SER B 859 -50.92 -2.76 -42.99
C SER B 859 -52.12 -3.47 -42.38
N ALA B 860 -51.87 -4.51 -41.58
CA ALA B 860 -52.97 -5.21 -40.93
C ALA B 860 -53.72 -4.30 -39.97
N LEU B 861 -52.99 -3.51 -39.18
CA LEU B 861 -53.64 -2.58 -38.26
C LEU B 861 -54.47 -1.55 -39.01
N LEU B 862 -53.93 -1.01 -40.11
CA LEU B 862 -54.66 -0.02 -40.89
C LEU B 862 -55.92 -0.62 -41.49
N ALA B 863 -55.83 -1.85 -42.01
CA ALA B 863 -57.00 -2.50 -42.55
C ALA B 863 -58.06 -2.72 -41.48
N GLY B 864 -57.64 -3.21 -40.31
CA GLY B 864 -58.59 -3.43 -39.23
C GLY B 864 -59.28 -2.17 -38.79
N THR B 865 -58.54 -1.05 -38.73
CA THR B 865 -59.14 0.21 -38.32
C THR B 865 -59.84 0.93 -39.45
N ILE B 866 -59.71 0.46 -40.70
CA ILE B 866 -60.35 1.17 -41.80
C ILE B 866 -61.65 0.48 -42.21
N THR B 867 -61.73 -0.84 -42.01
CA THR B 867 -62.91 -1.56 -42.50
C THR B 867 -63.80 -2.13 -41.41
N SER B 868 -63.32 -2.23 -40.17
CA SER B 868 -64.08 -2.89 -39.11
C SER B 868 -64.35 -1.98 -37.91
N GLY B 869 -64.18 -0.67 -38.08
CA GLY B 869 -64.37 0.21 -36.96
C GLY B 869 -63.34 -0.06 -35.88
N TRP B 870 -63.73 0.18 -34.62
CA TRP B 870 -62.90 -0.13 -33.48
C TRP B 870 -63.29 -1.44 -32.80
N THR B 871 -64.21 -2.19 -33.41
CA THR B 871 -64.68 -3.43 -32.78
C THR B 871 -63.60 -4.49 -32.73
N PHE B 872 -62.72 -4.54 -33.72
CA PHE B 872 -61.72 -5.60 -33.78
C PHE B 872 -60.70 -5.52 -32.65
N GLY B 873 -60.65 -4.40 -31.92
CA GLY B 873 -59.80 -4.35 -30.75
C GLY B 873 -60.28 -5.27 -29.64
N ALA B 874 -61.60 -5.37 -29.46
CA ALA B 874 -62.14 -6.21 -28.40
C ALA B 874 -62.22 -7.67 -28.81
N GLY B 875 -62.97 -7.97 -29.86
CA GLY B 875 -63.13 -9.35 -30.30
C GLY B 875 -63.04 -9.52 -31.80
N ALA B 876 -63.97 -10.28 -32.37
CA ALA B 876 -63.96 -10.53 -33.80
C ALA B 876 -64.36 -9.27 -34.57
N ALA B 877 -63.64 -9.00 -35.65
CA ALA B 877 -63.93 -7.85 -36.48
C ALA B 877 -65.28 -8.01 -37.18
N LEU B 878 -66.02 -6.91 -37.27
CA LEU B 878 -67.33 -6.88 -37.92
C LEU B 878 -67.33 -5.80 -39.00
N GLN B 879 -67.73 -6.18 -40.20
CA GLN B 879 -67.77 -5.22 -41.30
C GLN B 879 -68.84 -4.17 -41.06
N ILE B 880 -68.56 -2.95 -41.51
CA ILE B 880 -69.45 -1.81 -41.30
C ILE B 880 -69.11 -0.74 -42.34
N PRO B 881 -70.11 -0.07 -42.93
CA PRO B 881 -69.79 0.97 -43.92
C PRO B 881 -69.00 2.11 -43.30
N PHE B 882 -68.10 2.68 -44.12
CA PHE B 882 -67.22 3.73 -43.64
C PHE B 882 -67.98 4.98 -43.23
N ALA B 883 -69.02 5.34 -44.00
CA ALA B 883 -69.82 6.52 -43.67
C ALA B 883 -70.50 6.36 -42.32
N MET B 884 -71.00 5.16 -42.01
CA MET B 884 -71.62 4.93 -40.72
C MET B 884 -70.59 5.04 -39.59
N GLN B 885 -69.34 4.62 -39.85
CA GLN B 885 -68.29 4.82 -38.87
C GLN B 885 -68.00 6.30 -38.66
N MET B 886 -68.02 7.08 -39.74
CA MET B 886 -67.82 8.53 -39.60
C MET B 886 -68.93 9.15 -38.77
N ALA B 887 -70.16 8.71 -39.01
CA ALA B 887 -71.29 9.19 -38.22
C ALA B 887 -71.12 8.81 -36.75
N TYR B 888 -70.63 7.58 -36.50
CA TYR B 888 -70.31 7.18 -35.13
C TYR B 888 -69.34 8.16 -34.49
N ARG B 889 -68.23 8.44 -35.17
CA ARG B 889 -67.19 9.28 -34.58
C ARG B 889 -67.71 10.70 -34.31
N PHE B 890 -68.46 11.27 -35.25
CA PHE B 890 -69.03 12.60 -35.00
C PHE B 890 -70.07 12.56 -33.88
N ASN B 891 -70.85 11.48 -33.77
CA ASN B 891 -71.76 11.36 -32.65
C ASN B 891 -71.00 11.27 -31.34
N GLY B 892 -69.75 10.80 -31.38
CA GLY B 892 -68.96 10.77 -30.17
C GLY B 892 -68.73 12.15 -29.58
N ILE B 893 -68.16 13.05 -30.37
CA ILE B 893 -67.81 14.39 -29.88
C ILE B 893 -69.00 15.31 -30.17
N GLY B 894 -70.00 15.23 -29.28
CA GLY B 894 -71.08 16.19 -29.19
C GLY B 894 -71.66 16.79 -30.46
N VAL B 895 -71.75 16.00 -31.53
CA VAL B 895 -72.28 16.48 -32.80
C VAL B 895 -73.26 15.42 -33.33
N THR B 896 -74.44 15.86 -33.72
CA THR B 896 -75.45 14.93 -34.22
C THR B 896 -75.03 14.36 -35.58
N GLN B 897 -75.65 13.22 -35.91
CA GLN B 897 -75.26 12.49 -37.12
C GLN B 897 -75.58 13.25 -38.39
N ASN B 898 -76.65 14.05 -38.40
CA ASN B 898 -77.09 14.70 -39.62
C ASN B 898 -76.09 15.72 -40.15
N VAL B 899 -75.12 16.12 -39.33
CA VAL B 899 -74.08 17.05 -39.79
C VAL B 899 -73.23 16.39 -40.87
N LEU B 900 -72.81 15.15 -40.66
CA LEU B 900 -71.95 14.47 -41.62
C LEU B 900 -72.67 14.16 -42.92
N TYR B 901 -73.88 13.58 -42.82
CA TYR B 901 -74.56 13.05 -43.99
C TYR B 901 -74.98 14.12 -44.98
N GLU B 902 -74.91 15.40 -44.60
CA GLU B 902 -75.23 16.49 -45.50
C GLU B 902 -74.00 17.19 -46.05
N ASN B 903 -72.81 16.79 -45.62
CA ASN B 903 -71.56 17.46 -46.03
C ASN B 903 -70.48 16.43 -46.35
N GLN B 904 -70.86 15.32 -46.98
CA GLN B 904 -69.90 14.25 -47.23
C GLN B 904 -68.84 14.68 -48.23
N LYS B 905 -69.23 15.34 -49.32
CA LYS B 905 -68.27 15.71 -50.37
C LYS B 905 -67.25 16.69 -49.83
N LEU B 906 -67.68 17.65 -49.01
CA LEU B 906 -66.74 18.60 -48.42
C LEU B 906 -65.75 17.89 -47.51
N ILE B 907 -66.22 16.93 -46.71
CA ILE B 907 -65.32 16.17 -45.85
C ILE B 907 -64.29 15.41 -46.68
N ALA B 908 -64.75 14.76 -47.75
CA ALA B 908 -63.82 14.01 -48.60
C ALA B 908 -62.77 14.94 -49.22
N ASN B 909 -63.20 16.09 -49.73
CA ASN B 909 -62.26 17.02 -50.35
C ASN B 909 -61.25 17.54 -49.35
N GLN B 910 -61.71 17.91 -48.14
CA GLN B 910 -60.79 18.41 -47.13
C GLN B 910 -59.81 17.34 -46.70
N PHE B 911 -60.28 16.10 -46.54
CA PHE B 911 -59.37 15.03 -46.14
C PHE B 911 -58.32 14.77 -47.23
N ASN B 912 -58.74 14.74 -48.49
CA ASN B 912 -57.79 14.53 -49.57
C ASN B 912 -56.77 15.66 -49.65
N SER B 913 -57.23 16.90 -49.49
CA SER B 913 -56.30 18.04 -49.50
C SER B 913 -55.33 17.95 -48.33
N ALA B 914 -55.82 17.53 -47.17
CA ALA B 914 -54.94 17.40 -46.01
C ALA B 914 -53.88 16.33 -46.23
N ILE B 915 -54.27 15.20 -46.81
CA ILE B 915 -53.29 14.14 -47.04
C ILE B 915 -52.27 14.57 -48.09
N GLY B 916 -52.72 15.30 -49.12
CA GLY B 916 -51.77 15.85 -50.08
C GLY B 916 -50.81 16.84 -49.43
N LYS B 917 -51.33 17.69 -48.55
CA LYS B 917 -50.49 18.67 -47.87
C LYS B 917 -49.45 18.00 -46.99
N ILE B 918 -49.85 16.96 -46.24
CA ILE B 918 -48.88 16.31 -45.37
C ILE B 918 -47.85 15.55 -46.19
N GLN B 919 -48.27 14.94 -47.31
CA GLN B 919 -47.30 14.28 -48.18
C GLN B 919 -46.29 15.28 -48.73
N ASP B 920 -46.77 16.44 -49.19
CA ASP B 920 -45.86 17.46 -49.72
C ASP B 920 -44.92 17.98 -48.64
N SER B 921 -45.45 18.22 -47.43
CA SER B 921 -44.62 18.72 -46.35
C SER B 921 -43.54 17.72 -45.96
N LEU B 922 -43.90 16.43 -45.89
CA LEU B 922 -42.91 15.40 -45.57
C LEU B 922 -41.87 15.29 -46.67
N SER B 923 -42.29 15.43 -47.93
CA SER B 923 -41.32 15.40 -49.03
C SER B 923 -40.36 16.58 -48.94
N SER B 924 -40.87 17.77 -48.63
CA SER B 924 -40.01 18.95 -48.59
C SER B 924 -39.13 18.96 -47.35
N THR B 925 -39.67 18.60 -46.20
CA THR B 925 -38.94 18.70 -44.94
C THR B 925 -38.04 17.48 -44.74
N ALA B 926 -36.75 17.74 -44.50
CA ALA B 926 -35.77 16.68 -44.27
C ALA B 926 -35.10 16.80 -42.90
N SER B 927 -35.73 17.52 -41.96
CA SER B 927 -35.15 17.73 -40.65
C SER B 927 -36.13 17.59 -39.50
N ALA B 928 -37.41 17.33 -39.76
CA ALA B 928 -38.39 17.22 -38.69
C ALA B 928 -38.33 15.88 -37.96
N LEU B 929 -37.62 14.88 -38.50
CA LEU B 929 -37.56 13.57 -37.86
C LEU B 929 -36.87 13.64 -36.50
N GLY B 930 -35.77 14.40 -36.42
CA GLY B 930 -35.19 14.73 -35.13
C GLY B 930 -34.75 13.57 -34.25
N LYS B 931 -35.56 13.31 -33.23
CA LYS B 931 -35.30 12.31 -32.18
C LYS B 931 -34.72 11.01 -32.71
N LEU B 932 -35.25 10.53 -33.84
CA LEU B 932 -34.73 9.31 -34.44
C LEU B 932 -33.27 9.46 -34.81
N GLN B 933 -32.90 10.60 -35.40
CA GLN B 933 -31.49 10.85 -35.70
C GLN B 933 -30.69 11.08 -34.43
N ASP B 934 -31.31 11.69 -33.41
CA ASP B 934 -30.60 11.96 -32.17
C ASP B 934 -30.16 10.67 -31.48
N VAL B 935 -31.02 9.65 -31.50
CA VAL B 935 -30.66 8.38 -30.87
C VAL B 935 -29.44 7.78 -31.54
N VAL B 936 -29.44 7.73 -32.87
CA VAL B 936 -28.33 7.16 -33.61
C VAL B 936 -27.06 7.98 -33.39
N ASN B 937 -27.19 9.31 -33.35
CA ASN B 937 -26.04 10.16 -33.12
C ASN B 937 -25.43 9.90 -31.74
N HIS B 938 -26.28 9.75 -30.72
CA HIS B 938 -25.78 9.47 -29.38
C HIS B 938 -25.07 8.12 -29.33
N ASN B 939 -25.66 7.10 -29.97
CA ASN B 939 -25.01 5.80 -29.98
C ASN B 939 -23.67 5.84 -30.69
N ALA B 940 -23.61 6.52 -31.84
CA ALA B 940 -22.36 6.63 -32.59
C ALA B 940 -21.31 7.39 -31.78
N GLN B 941 -21.72 8.46 -31.11
CA GLN B 941 -20.78 9.22 -30.29
C GLN B 941 -20.22 8.36 -29.16
N ALA B 942 -21.08 7.58 -28.49
CA ALA B 942 -20.60 6.71 -27.42
C ALA B 942 -19.61 5.68 -27.95
N LEU B 943 -19.94 5.03 -29.07
CA LEU B 943 -19.04 4.03 -29.63
C LEU B 943 -17.71 4.65 -30.05
N ASN B 944 -17.76 5.83 -30.69
CA ASN B 944 -16.54 6.49 -31.12
C ASN B 944 -15.67 6.89 -29.93
N THR B 945 -16.28 7.41 -28.87
CA THR B 945 -15.52 7.74 -27.68
C THR B 945 -14.86 6.49 -27.09
N LEU B 946 -15.62 5.39 -27.02
CA LEU B 946 -15.06 4.16 -26.46
C LEU B 946 -13.88 3.67 -27.29
N VAL B 947 -14.01 3.68 -28.62
CA VAL B 947 -12.94 3.15 -29.46
C VAL B 947 -11.72 4.08 -29.44
N LYS B 948 -11.94 5.39 -29.38
CA LYS B 948 -10.82 6.33 -29.35
C LYS B 948 -10.14 6.37 -27.98
N GLN B 949 -10.82 5.90 -26.93
CA GLN B 949 -10.21 5.85 -25.60
C GLN B 949 -8.96 4.96 -25.57
N LEU B 950 -8.83 4.04 -26.52
CA LEU B 950 -7.72 3.08 -26.48
C LEU B 950 -6.36 3.76 -26.50
N SER B 951 -6.24 4.91 -27.18
CA SER B 951 -4.95 5.56 -27.32
C SER B 951 -4.41 6.13 -26.02
N SER B 952 -5.23 6.21 -24.97
CA SER B 952 -4.77 6.80 -23.72
C SER B 952 -3.69 5.94 -23.09
N LYS B 953 -2.58 6.58 -22.70
CA LYS B 953 -1.47 5.87 -22.08
C LYS B 953 -1.74 5.52 -20.62
N PHE B 954 -2.66 6.22 -19.98
CA PHE B 954 -2.99 6.01 -18.56
C PHE B 954 -1.76 6.13 -17.67
N GLY B 955 -0.86 7.04 -18.01
CA GLY B 955 0.36 7.22 -17.23
C GLY B 955 1.30 6.03 -17.32
N ALA B 956 1.59 5.58 -18.54
CA ALA B 956 2.51 4.47 -18.77
C ALA B 956 3.47 4.84 -19.89
N ILE B 957 4.39 3.92 -20.18
CA ILE B 957 5.42 4.19 -21.18
C ILE B 957 4.80 4.31 -22.58
N SER B 958 3.93 3.37 -22.94
CA SER B 958 3.31 3.36 -24.26
C SER B 958 1.91 2.78 -24.14
N SER B 959 1.13 2.97 -25.20
CA SER B 959 -0.27 2.54 -25.24
C SER B 959 -0.44 1.21 -25.96
N VAL B 960 0.64 0.54 -26.34
CA VAL B 960 0.59 -0.74 -27.02
C VAL B 960 1.23 -1.79 -26.13
N LEU B 961 0.53 -2.92 -25.96
CA LEU B 961 0.97 -3.93 -25.00
C LEU B 961 2.26 -4.62 -25.43
N ASN B 962 2.39 -4.91 -26.73
CA ASN B 962 3.54 -5.68 -27.20
C ASN B 962 4.86 -4.95 -26.93
N ASP B 963 4.89 -3.64 -27.20
CA ASP B 963 6.11 -2.88 -26.98
C ASP B 963 6.51 -2.88 -25.50
N ILE B 964 5.54 -2.70 -24.61
CA ILE B 964 5.83 -2.70 -23.18
C ILE B 964 6.32 -4.07 -22.74
N PHE B 965 5.66 -5.13 -23.21
CA PHE B 965 6.06 -6.47 -22.80
C PHE B 965 7.42 -6.85 -23.36
N SER B 966 7.82 -6.28 -24.50
CA SER B 966 9.10 -6.60 -25.10
C SER B 966 10.25 -5.75 -24.56
N ARG B 967 9.97 -4.53 -24.11
CA ARG B 967 11.04 -3.63 -23.67
C ARG B 967 11.40 -3.78 -22.20
N LEU B 968 10.68 -4.59 -21.43
CA LEU B 968 10.93 -4.71 -20.00
C LEU B 968 10.70 -6.13 -19.54
N ASP B 969 11.31 -6.47 -18.40
CA ASP B 969 11.10 -7.75 -17.76
C ASP B 969 9.77 -7.76 -17.02
N PRO B 970 9.21 -8.94 -16.78
CA PRO B 970 7.90 -9.04 -16.09
C PRO B 970 7.89 -8.34 -14.73
N PRO B 971 8.95 -8.46 -13.90
CA PRO B 971 8.86 -7.86 -12.55
C PRO B 971 8.56 -6.37 -12.56
N GLU B 972 9.10 -5.61 -13.52
CA GLU B 972 8.78 -4.19 -13.62
C GLU B 972 7.62 -3.90 -14.57
N ALA B 973 7.32 -4.81 -15.51
CA ALA B 973 6.22 -4.60 -16.43
C ALA B 973 4.86 -4.91 -15.82
N GLU B 974 4.83 -5.62 -14.69
CA GLU B 974 3.55 -5.96 -14.07
C GLU B 974 2.77 -4.72 -13.68
N VAL B 975 3.46 -3.70 -13.15
CA VAL B 975 2.78 -2.47 -12.74
C VAL B 975 2.12 -1.80 -13.93
N GLN B 976 2.85 -1.68 -15.04
CA GLN B 976 2.30 -1.03 -16.23
C GLN B 976 1.13 -1.83 -16.79
N ILE B 977 1.26 -3.16 -16.84
CA ILE B 977 0.18 -3.99 -17.37
C ILE B 977 -1.07 -3.85 -16.51
N ASP B 978 -0.90 -3.87 -15.19
CA ASP B 978 -2.03 -3.70 -14.29
C ASP B 978 -2.68 -2.33 -14.47
N ARG B 979 -1.87 -1.29 -14.65
CA ARG B 979 -2.41 0.05 -14.82
C ARG B 979 -3.26 0.14 -16.08
N LEU B 980 -2.74 -0.39 -17.20
CA LEU B 980 -3.53 -0.39 -18.43
C LEU B 980 -4.81 -1.21 -18.26
N ILE B 981 -4.71 -2.38 -17.62
CA ILE B 981 -5.87 -3.24 -17.46
C ILE B 981 -6.96 -2.51 -16.68
N THR B 982 -6.60 -1.92 -15.54
CA THR B 982 -7.61 -1.28 -14.71
C THR B 982 -8.19 -0.05 -15.40
N GLY B 983 -7.36 0.73 -16.12
CA GLY B 983 -7.90 1.89 -16.81
C GLY B 983 -8.89 1.52 -17.89
N ARG B 984 -8.52 0.54 -18.73
CA ARG B 984 -9.43 0.13 -19.80
C ARG B 984 -10.70 -0.48 -19.24
N LEU B 985 -10.58 -1.28 -18.17
CA LEU B 985 -11.77 -1.87 -17.57
C LEU B 985 -12.69 -0.80 -16.99
N GLN B 986 -12.12 0.23 -16.37
CA GLN B 986 -12.94 1.31 -15.84
C GLN B 986 -13.66 2.06 -16.96
N SER B 987 -12.96 2.29 -18.08
CA SER B 987 -13.62 2.91 -19.23
C SER B 987 -14.78 2.07 -19.72
N LEU B 988 -14.59 0.75 -19.79
CA LEU B 988 -15.68 -0.14 -20.20
C LEU B 988 -16.85 -0.06 -19.22
N GLN B 989 -16.56 0.01 -17.92
CA GLN B 989 -17.60 0.18 -16.92
C GLN B 989 -18.40 1.45 -17.16
N THR B 990 -17.71 2.56 -17.44
CA THR B 990 -18.43 3.80 -17.71
C THR B 990 -19.33 3.66 -18.93
N TYR B 991 -18.82 3.04 -20.00
CA TYR B 991 -19.63 2.91 -21.21
C TYR B 991 -20.87 2.05 -20.97
N VAL B 992 -20.72 0.93 -20.27
CA VAL B 992 -21.87 0.06 -20.03
C VAL B 992 -22.88 0.77 -19.12
N THR B 993 -22.39 1.57 -18.17
CA THR B 993 -23.30 2.33 -17.33
C THR B 993 -24.11 3.31 -18.16
N GLN B 994 -23.46 4.01 -19.08
CA GLN B 994 -24.20 4.96 -19.93
C GLN B 994 -25.23 4.25 -20.80
N GLN B 995 -24.87 3.10 -21.38
CA GLN B 995 -25.83 2.36 -22.18
C GLN B 995 -27.03 1.93 -21.34
N LEU B 996 -26.78 1.44 -20.13
CA LEU B 996 -27.88 1.06 -19.24
C LEU B 996 -28.73 2.27 -18.87
N ILE B 997 -28.13 3.46 -18.78
CA ILE B 997 -28.93 4.66 -18.56
C ILE B 997 -29.89 4.88 -19.72
N ARG B 998 -29.38 4.84 -20.95
CA ARG B 998 -30.22 5.16 -22.10
C ARG B 998 -31.31 4.11 -22.32
N ALA B 999 -31.06 2.87 -21.90
CA ALA B 999 -32.04 1.81 -22.10
C ALA B 999 -33.36 2.11 -21.39
N ALA B 1000 -33.29 2.65 -20.17
CA ALA B 1000 -34.51 2.93 -19.42
C ALA B 1000 -35.36 3.99 -20.11
N GLU B 1001 -34.73 5.05 -20.62
CA GLU B 1001 -35.47 6.07 -21.34
C GLU B 1001 -36.10 5.50 -22.61
N ILE B 1002 -35.37 4.62 -23.30
CA ILE B 1002 -35.94 3.98 -24.48
C ILE B 1002 -37.16 3.15 -24.09
N ARG B 1003 -37.09 2.43 -22.97
CA ARG B 1003 -38.24 1.66 -22.51
C ARG B 1003 -39.43 2.57 -22.23
N ALA B 1004 -39.19 3.71 -21.56
CA ALA B 1004 -40.29 4.61 -21.25
C ALA B 1004 -40.95 5.14 -22.52
N SER B 1005 -40.13 5.52 -23.51
CA SER B 1005 -40.68 6.00 -24.77
C SER B 1005 -41.48 4.90 -25.47
N ALA B 1006 -40.97 3.66 -25.46
CA ALA B 1006 -41.69 2.56 -26.09
C ALA B 1006 -43.02 2.30 -25.41
N ASN B 1007 -43.04 2.36 -24.08
CA ASN B 1007 -44.30 2.13 -23.36
C ASN B 1007 -45.31 3.22 -23.66
N LEU B 1008 -44.86 4.48 -23.71
CA LEU B 1008 -45.76 5.57 -24.07
C LEU B 1008 -46.30 5.38 -25.49
N ALA B 1009 -45.44 4.96 -26.42
CA ALA B 1009 -45.89 4.72 -27.78
C ALA B 1009 -46.92 3.61 -27.84
N ALA B 1010 -46.70 2.53 -27.09
CA ALA B 1010 -47.66 1.44 -27.06
C ALA B 1010 -49.00 1.89 -26.49
N THR B 1011 -48.97 2.68 -25.42
CA THR B 1011 -50.21 3.19 -24.84
C THR B 1011 -50.96 4.06 -25.85
N LYS B 1012 -50.24 4.94 -26.55
CA LYS B 1012 -50.89 5.78 -27.55
C LYS B 1012 -51.47 4.95 -28.69
N MET B 1013 -50.73 3.93 -29.14
CA MET B 1013 -51.24 3.01 -30.14
C MET B 1013 -52.57 2.41 -29.69
N SER B 1014 -52.59 1.85 -28.48
CA SER B 1014 -53.78 1.18 -27.99
C SER B 1014 -54.96 2.13 -27.84
N GLU B 1015 -54.70 3.36 -27.37
CA GLU B 1015 -55.79 4.27 -27.03
C GLU B 1015 -56.19 5.20 -28.17
N CYS B 1016 -55.47 5.22 -29.29
CA CYS B 1016 -55.87 6.07 -30.39
C CYS B 1016 -55.83 5.39 -31.75
N VAL B 1017 -55.55 4.10 -31.83
CA VAL B 1017 -55.73 3.34 -33.05
C VAL B 1017 -56.84 2.30 -32.92
N LEU B 1018 -57.00 1.69 -31.75
CA LEU B 1018 -58.06 0.72 -31.51
C LEU B 1018 -59.35 1.36 -31.04
N GLY B 1019 -59.39 2.69 -30.90
CA GLY B 1019 -60.60 3.37 -30.49
C GLY B 1019 -60.42 4.84 -30.23
N GLN B 1020 -61.51 5.61 -30.31
CA GLN B 1020 -61.44 7.03 -30.04
C GLN B 1020 -61.20 7.29 -28.56
N SER B 1021 -60.41 8.32 -28.26
CA SER B 1021 -60.09 8.71 -26.90
C SER B 1021 -60.70 10.07 -26.59
N LYS B 1022 -61.43 10.15 -25.47
CA LYS B 1022 -62.05 11.40 -25.07
C LYS B 1022 -61.08 12.35 -24.37
N ARG B 1023 -59.87 11.89 -24.06
CA ARG B 1023 -58.89 12.77 -23.44
C ARG B 1023 -58.49 13.88 -24.40
N VAL B 1024 -58.38 15.09 -23.87
CA VAL B 1024 -58.13 16.28 -24.68
C VAL B 1024 -56.62 16.42 -24.88
N ASP B 1025 -56.22 16.67 -26.13
CA ASP B 1025 -54.86 17.00 -26.54
C ASP B 1025 -53.92 15.80 -26.35
N PHE B 1026 -54.42 14.67 -25.86
CA PHE B 1026 -53.57 13.48 -25.76
C PHE B 1026 -53.16 12.99 -27.14
N CYS B 1027 -54.10 12.98 -28.09
CA CYS B 1027 -53.82 12.58 -29.47
C CYS B 1027 -54.26 13.71 -30.39
N GLY B 1028 -53.28 14.48 -30.87
CA GLY B 1028 -53.57 15.60 -31.75
C GLY B 1028 -54.02 16.83 -31.00
N LYS B 1029 -54.31 17.87 -31.76
CA LYS B 1029 -54.75 19.16 -31.23
C LYS B 1029 -56.21 19.34 -31.57
N GLY B 1030 -57.04 19.52 -30.55
CA GLY B 1030 -58.48 19.62 -30.74
C GLY B 1030 -59.17 18.31 -30.48
N TYR B 1031 -60.45 18.27 -30.86
CA TYR B 1031 -61.24 17.05 -30.72
C TYR B 1031 -60.68 15.97 -31.64
N HIS B 1032 -60.36 14.82 -31.06
CA HIS B 1032 -59.71 13.75 -31.82
C HIS B 1032 -60.74 12.85 -32.48
N LEU B 1033 -60.40 12.36 -33.67
CA LEU B 1033 -61.26 11.46 -34.43
C LEU B 1033 -60.68 10.05 -34.53
N MET B 1034 -59.44 9.95 -35.02
CA MET B 1034 -58.81 8.65 -35.24
C MET B 1034 -57.33 8.89 -35.52
N SER B 1035 -56.63 7.82 -35.85
CA SER B 1035 -55.23 7.90 -36.23
C SER B 1035 -54.91 6.78 -37.21
N PHE B 1036 -53.70 6.86 -37.79
CA PHE B 1036 -53.20 5.82 -38.66
C PHE B 1036 -51.71 5.67 -38.36
N PRO B 1037 -51.25 4.47 -38.05
CA PRO B 1037 -49.82 4.26 -37.78
C PRO B 1037 -49.01 4.04 -39.03
N GLN B 1038 -47.75 4.45 -38.98
CA GLN B 1038 -46.82 4.29 -40.09
C GLN B 1038 -45.47 3.87 -39.56
N SER B 1039 -44.82 2.96 -40.28
CA SER B 1039 -43.54 2.42 -39.84
C SER B 1039 -42.42 3.44 -40.00
N ALA B 1040 -41.40 3.30 -39.18
CA ALA B 1040 -40.21 4.13 -39.20
C ALA B 1040 -39.00 3.23 -38.98
N PRO B 1041 -37.80 3.69 -39.37
CA PRO B 1041 -36.61 2.83 -39.20
C PRO B 1041 -36.37 2.38 -37.78
N HIS B 1042 -36.62 3.24 -36.80
CA HIS B 1042 -36.45 2.88 -35.39
C HIS B 1042 -37.57 3.45 -34.54
N GLY B 1043 -38.76 3.55 -35.09
CA GLY B 1043 -39.87 4.10 -34.36
C GLY B 1043 -41.18 3.93 -35.08
N VAL B 1044 -42.16 4.71 -34.66
CA VAL B 1044 -43.49 4.71 -35.27
C VAL B 1044 -43.90 6.15 -35.53
N VAL B 1045 -44.72 6.35 -36.55
CA VAL B 1045 -45.22 7.66 -36.94
C VAL B 1045 -46.72 7.59 -37.06
N PHE B 1046 -47.42 8.49 -36.37
CA PHE B 1046 -48.87 8.56 -36.41
C PHE B 1046 -49.34 9.67 -37.33
N LEU B 1047 -50.60 9.58 -37.74
CA LEU B 1047 -51.28 10.64 -38.50
C LEU B 1047 -52.59 10.93 -37.79
N HIS B 1048 -52.55 11.79 -36.78
CA HIS B 1048 -53.76 12.16 -36.07
C HIS B 1048 -54.70 12.94 -36.98
N VAL B 1049 -55.98 12.59 -36.93
CA VAL B 1049 -57.02 13.27 -37.70
C VAL B 1049 -57.90 14.01 -36.71
N THR B 1050 -57.68 15.31 -36.57
CA THR B 1050 -58.39 16.11 -35.59
C THR B 1050 -59.65 16.71 -36.22
N TYR B 1051 -60.27 17.65 -35.50
CA TYR B 1051 -61.47 18.32 -35.98
C TYR B 1051 -61.57 19.65 -35.26
N VAL B 1052 -61.48 20.75 -36.00
CA VAL B 1052 -61.39 22.09 -35.42
C VAL B 1052 -62.46 22.98 -36.02
N PRO B 1053 -63.32 23.60 -35.23
CA PRO B 1053 -64.33 24.52 -35.78
C PRO B 1053 -63.72 25.91 -36.02
N ALA B 1054 -64.49 26.73 -36.74
CA ALA B 1054 -64.07 28.09 -37.06
C ALA B 1054 -65.28 28.91 -37.45
N GLN B 1055 -65.03 30.20 -37.73
CA GLN B 1055 -66.06 31.14 -38.17
C GLN B 1055 -67.18 31.29 -37.14
N GLU B 1056 -66.78 31.80 -35.97
CA GLU B 1056 -67.72 32.04 -34.88
C GLU B 1056 -68.56 33.29 -35.17
N LYS B 1057 -69.60 33.49 -34.36
CA LYS B 1057 -70.55 34.59 -34.54
C LYS B 1057 -71.03 35.09 -33.20
N ASN B 1058 -71.39 36.38 -33.14
CA ASN B 1058 -72.04 36.93 -31.96
C ASN B 1058 -73.44 36.33 -31.80
N PHE B 1059 -73.86 36.20 -30.55
CA PHE B 1059 -75.24 35.81 -30.21
C PHE B 1059 -75.54 36.26 -28.78
N THR B 1060 -76.82 36.19 -28.42
CA THR B 1060 -77.27 36.52 -27.07
C THR B 1060 -78.08 35.34 -26.55
N THR B 1061 -77.94 35.06 -25.25
CA THR B 1061 -78.47 33.84 -24.66
C THR B 1061 -79.32 34.16 -23.43
N ALA B 1062 -79.75 33.10 -22.76
CA ALA B 1062 -80.48 33.16 -21.50
C ALA B 1062 -80.44 31.77 -20.84
N PRO B 1063 -80.06 31.68 -19.57
CA PRO B 1063 -79.95 30.35 -18.94
C PRO B 1063 -81.26 29.57 -18.87
N ALA B 1064 -82.40 30.25 -18.73
CA ALA B 1064 -83.67 29.58 -18.53
C ALA B 1064 -84.78 30.38 -19.18
N ILE B 1065 -85.94 29.73 -19.34
CA ILE B 1065 -87.11 30.32 -19.96
C ILE B 1065 -88.31 30.11 -19.05
N CYS B 1066 -89.08 31.17 -18.83
CA CYS B 1066 -90.35 31.07 -18.12
C CYS B 1066 -91.50 31.26 -19.10
N HIS B 1067 -92.38 30.26 -19.16
CA HIS B 1067 -93.65 30.36 -19.88
C HIS B 1067 -94.77 29.93 -18.95
N ASP B 1068 -95.79 30.77 -18.83
CA ASP B 1068 -96.94 30.50 -17.97
C ASP B 1068 -96.51 30.24 -16.52
N GLY B 1069 -95.53 31.00 -16.06
CA GLY B 1069 -95.10 30.89 -14.68
C GLY B 1069 -94.35 29.62 -14.33
N LYS B 1070 -93.76 28.96 -15.33
CA LYS B 1070 -93.02 27.72 -15.11
C LYS B 1070 -91.66 27.80 -15.79
N ALA B 1071 -90.63 27.38 -15.08
CA ALA B 1071 -89.28 27.38 -15.62
C ALA B 1071 -89.13 26.33 -16.72
N HIS B 1072 -88.27 26.63 -17.69
CA HIS B 1072 -87.96 25.70 -18.77
C HIS B 1072 -86.44 25.67 -18.97
N PHE B 1073 -85.91 24.49 -19.21
CA PHE B 1073 -84.48 24.29 -19.37
C PHE B 1073 -84.22 23.51 -20.65
N PRO B 1074 -83.04 23.70 -21.27
CA PRO B 1074 -82.73 22.96 -22.49
C PRO B 1074 -82.38 21.51 -22.16
N ARG B 1075 -83.12 20.57 -22.74
CA ARG B 1075 -82.81 19.16 -22.54
C ARG B 1075 -81.43 18.81 -23.07
N GLU B 1076 -81.08 19.35 -24.24
CA GLU B 1076 -79.74 19.19 -24.78
C GLU B 1076 -79.49 20.35 -25.73
N GLY B 1077 -78.66 21.30 -25.31
CA GLY B 1077 -78.36 22.48 -26.09
C GLY B 1077 -78.32 23.70 -25.20
N VAL B 1078 -78.24 24.86 -25.84
CA VAL B 1078 -78.21 26.14 -25.13
C VAL B 1078 -79.15 27.11 -25.84
N PHE B 1079 -79.91 27.87 -25.05
CA PHE B 1079 -80.88 28.80 -25.61
C PHE B 1079 -80.18 30.01 -26.19
N VAL B 1080 -80.40 30.27 -27.48
CA VAL B 1080 -79.83 31.43 -28.16
C VAL B 1080 -80.92 32.12 -28.96
N SER B 1081 -80.65 33.36 -29.34
CA SER B 1081 -81.58 34.16 -30.11
C SER B 1081 -80.81 35.20 -30.91
N ASN B 1082 -81.23 35.42 -32.16
CA ASN B 1082 -80.57 36.40 -32.99
C ASN B 1082 -80.98 37.83 -32.65
N GLY B 1083 -82.07 38.01 -31.91
CA GLY B 1083 -82.51 39.34 -31.54
C GLY B 1083 -84.02 39.49 -31.57
N THR B 1084 -84.70 38.58 -32.26
CA THR B 1084 -86.15 38.62 -32.39
C THR B 1084 -86.85 37.38 -31.88
N HIS B 1085 -86.30 36.20 -32.15
CA HIS B 1085 -86.90 34.94 -31.71
C HIS B 1085 -85.81 34.05 -31.11
N TRP B 1086 -86.24 33.17 -30.20
CA TRP B 1086 -85.32 32.33 -29.46
C TRP B 1086 -85.33 30.90 -30.01
N PHE B 1087 -84.14 30.33 -30.18
CA PHE B 1087 -83.98 29.00 -30.72
C PHE B 1087 -83.04 28.19 -29.84
N VAL B 1088 -83.03 26.88 -30.06
CA VAL B 1088 -82.14 25.96 -29.37
C VAL B 1088 -81.22 25.32 -30.40
N THR B 1089 -79.91 25.35 -30.13
CA THR B 1089 -78.91 24.81 -31.03
C THR B 1089 -77.97 23.90 -30.25
N GLN B 1090 -77.07 23.25 -30.98
CA GLN B 1090 -76.11 22.32 -30.38
C GLN B 1090 -74.92 23.09 -29.81
N ARG B 1091 -74.01 22.35 -29.18
CA ARG B 1091 -72.89 22.98 -28.48
C ARG B 1091 -71.84 23.52 -29.45
N ASN B 1092 -71.52 22.77 -30.50
CA ASN B 1092 -70.39 23.08 -31.37
C ASN B 1092 -70.79 23.21 -32.83
N PHE B 1093 -72.06 23.53 -33.09
CA PHE B 1093 -72.53 23.73 -34.46
C PHE B 1093 -73.86 24.44 -34.46
N TYR B 1094 -73.99 25.50 -35.25
CA TYR B 1094 -75.24 26.26 -35.28
C TYR B 1094 -76.30 25.52 -36.07
N GLU B 1095 -77.44 25.30 -35.45
CA GLU B 1095 -78.58 24.66 -36.08
C GLU B 1095 -79.86 25.00 -35.33
N PRO B 1096 -80.43 26.18 -35.56
CA PRO B 1096 -81.59 26.61 -34.77
C PRO B 1096 -82.80 25.73 -35.00
N GLN B 1097 -83.58 25.55 -33.94
CA GLN B 1097 -84.83 24.80 -33.99
C GLN B 1097 -85.89 25.55 -33.19
N ILE B 1098 -87.16 25.28 -33.52
CA ILE B 1098 -88.26 25.92 -32.84
C ILE B 1098 -88.41 25.34 -31.43
N ILE B 1099 -88.63 26.22 -30.45
CA ILE B 1099 -88.78 25.78 -29.07
C ILE B 1099 -90.02 24.91 -28.95
N THR B 1100 -89.90 23.80 -28.24
CA THR B 1100 -91.01 22.87 -28.06
C THR B 1100 -90.75 22.03 -26.81
N THR B 1101 -91.79 21.31 -26.39
CA THR B 1101 -91.69 20.46 -25.20
C THR B 1101 -90.78 19.26 -25.43
N ASP B 1102 -90.62 18.82 -26.69
CA ASP B 1102 -89.86 17.60 -26.96
C ASP B 1102 -88.40 17.72 -26.55
N ASN B 1103 -87.85 18.92 -26.52
CA ASN B 1103 -86.45 19.14 -26.21
C ASN B 1103 -86.27 20.06 -25.01
N THR B 1104 -87.19 19.99 -24.05
CA THR B 1104 -87.08 20.76 -22.82
C THR B 1104 -87.81 20.02 -21.70
N PHE B 1105 -87.45 20.36 -20.46
CA PHE B 1105 -88.07 19.77 -19.29
C PHE B 1105 -88.33 20.84 -18.25
N VAL B 1106 -89.44 20.73 -17.54
CA VAL B 1106 -89.86 21.71 -16.55
C VAL B 1106 -89.37 21.29 -15.18
N SER B 1107 -89.00 22.26 -14.35
CA SER B 1107 -88.55 21.98 -12.99
C SER B 1107 -88.75 23.22 -12.15
N GLY B 1108 -89.73 23.18 -11.24
CA GLY B 1108 -89.93 24.26 -10.30
C GLY B 1108 -90.63 25.47 -10.90
N ASN B 1109 -90.45 26.60 -10.23
CA ASN B 1109 -91.04 27.87 -10.62
C ASN B 1109 -89.97 28.81 -11.17
N CYS B 1110 -90.42 29.86 -11.85
CA CYS B 1110 -89.54 30.77 -12.57
C CYS B 1110 -89.35 32.11 -11.86
N ASP B 1111 -89.27 32.10 -10.52
CA ASP B 1111 -89.01 33.34 -9.78
C ASP B 1111 -87.79 33.21 -8.87
N VAL B 1112 -86.89 32.28 -9.16
CA VAL B 1112 -85.70 32.09 -8.35
C VAL B 1112 -84.45 32.15 -9.23
N VAL B 1113 -84.61 31.84 -10.51
CA VAL B 1113 -83.47 31.84 -11.43
C VAL B 1113 -83.06 33.28 -11.75
N ILE B 1114 -81.79 33.44 -12.13
CA ILE B 1114 -81.23 34.78 -12.28
C ILE B 1114 -81.63 35.41 -13.61
N GLY B 1115 -81.28 34.76 -14.72
CA GLY B 1115 -81.40 35.36 -16.04
C GLY B 1115 -82.60 34.94 -16.86
N ILE B 1116 -83.77 34.84 -16.22
CA ILE B 1116 -84.98 34.42 -16.91
C ILE B 1116 -85.44 35.52 -17.87
N VAL B 1117 -85.97 35.10 -19.03
CA VAL B 1117 -86.54 35.98 -20.03
C VAL B 1117 -87.93 35.47 -20.38
N ASN B 1118 -88.80 36.39 -20.81
CA ASN B 1118 -90.16 36.04 -21.19
C ASN B 1118 -90.15 35.36 -22.56
N ASN B 1119 -90.96 34.33 -22.72
CA ASN B 1119 -91.19 33.74 -24.04
C ASN B 1119 -92.40 32.82 -23.98
N THR B 1120 -92.66 32.11 -25.07
CA THR B 1120 -93.74 31.14 -25.20
C THR B 1120 -93.18 29.82 -25.70
N VAL B 1121 -93.82 28.74 -25.30
CA VAL B 1121 -93.44 27.40 -25.75
C VAL B 1121 -94.54 26.84 -26.63
N TYR B 1122 -94.17 25.90 -27.49
CA TYR B 1122 -95.06 25.35 -28.50
C TYR B 1122 -95.28 23.86 -28.23
N ASP B 1123 -96.54 23.42 -28.28
CA ASP B 1123 -96.94 22.04 -28.08
C ASP B 1123 -97.17 21.35 -29.41
N PRO B 1124 -96.73 20.09 -29.55
CA PRO B 1124 -96.90 19.41 -30.84
C PRO B 1124 -98.34 19.01 -31.11
N LEU B 1125 -99.05 18.46 -30.14
CA LEU B 1125 -100.38 17.92 -30.35
C LEU B 1125 -101.49 18.95 -30.23
N GLN B 1126 -101.20 20.14 -29.70
CA GLN B 1126 -102.25 21.15 -29.57
C GLN B 1126 -102.81 21.63 -30.90
N PRO B 1127 -102.01 22.02 -31.91
CA PRO B 1127 -102.60 22.55 -33.14
C PRO B 1127 -103.49 21.56 -33.87
N GLU B 1128 -103.16 20.27 -33.86
CA GLU B 1128 -103.93 19.30 -34.61
C GLU B 1128 -105.29 19.01 -33.98
N LEU B 1129 -105.49 19.39 -32.72
CA LEU B 1129 -106.76 19.17 -32.05
C LEU B 1129 -107.51 20.49 -31.88
N GLN C 1 18.63 24.45 52.47
CA GLN C 1 17.92 23.80 53.56
C GLN C 1 16.72 23.03 53.04
N CYS C 2 16.09 22.23 53.91
CA CYS C 2 14.95 21.42 53.54
C CYS C 2 13.71 21.71 54.38
N VAL C 3 13.71 22.82 55.13
CA VAL C 3 12.66 23.25 56.06
C VAL C 3 11.98 22.09 56.80
N ASN C 4 11.40 21.15 56.07
CA ASN C 4 10.74 19.97 56.65
C ASN C 4 9.63 20.39 57.62
N LEU C 5 8.60 21.01 57.05
CA LEU C 5 7.48 21.49 57.85
C LEU C 5 6.79 20.34 58.57
N THR C 6 6.09 20.68 59.65
CA THR C 6 5.46 19.72 60.54
C THR C 6 3.94 19.92 60.52
N THR C 7 3.25 19.23 61.44
CA THR C 7 1.80 19.25 61.54
C THR C 7 1.14 18.79 60.23
N ARG C 8 1.39 17.53 59.91
CA ARG C 8 0.91 16.93 58.67
C ARG C 8 -0.47 16.30 58.90
N THR C 9 -1.48 16.80 58.19
CA THR C 9 -2.83 16.27 58.25
C THR C 9 -3.21 15.79 56.86
N GLN C 10 -2.90 14.52 56.56
CA GLN C 10 -3.19 13.97 55.25
C GLN C 10 -4.68 13.67 55.12
N LEU C 11 -5.26 14.06 53.99
CA LEU C 11 -6.66 13.82 53.68
C LEU C 11 -6.78 13.20 52.30
N PRO C 12 -7.80 12.38 52.08
CA PRO C 12 -8.03 11.81 50.74
C PRO C 12 -8.29 12.90 49.73
N PRO C 13 -7.83 12.73 48.49
CA PRO C 13 -8.07 13.74 47.46
C PRO C 13 -9.55 13.77 47.06
N ALA C 14 -10.11 14.98 46.98
CA ALA C 14 -11.51 15.12 46.60
C ALA C 14 -11.68 14.91 45.10
N TYR C 15 -12.91 14.60 44.72
CA TYR C 15 -13.25 14.35 43.32
C TYR C 15 -14.45 15.20 42.92
N THR C 16 -14.39 15.77 41.71
CA THR C 16 -15.47 16.60 41.21
C THR C 16 -15.81 16.25 39.77
N ASN C 17 -16.61 17.08 39.12
CA ASN C 17 -17.04 16.87 37.74
C ASN C 17 -16.47 17.95 36.85
N SER C 18 -15.99 17.56 35.68
CA SER C 18 -15.48 18.50 34.68
C SER C 18 -16.66 19.05 33.91
N PHE C 19 -17.17 20.20 34.36
CA PHE C 19 -18.37 20.80 33.78
C PHE C 19 -18.01 21.54 32.49
N THR C 20 -17.65 20.75 31.48
CA THR C 20 -17.33 21.24 30.14
C THR C 20 -16.25 22.32 30.19
N ARG C 21 -15.06 21.92 30.65
CA ARG C 21 -13.94 22.82 30.78
C ARG C 21 -12.76 22.30 29.98
N GLY C 22 -11.77 23.16 29.76
CA GLY C 22 -10.55 22.78 29.08
C GLY C 22 -10.70 22.60 27.59
N VAL C 23 -10.99 23.69 26.88
CA VAL C 23 -11.10 23.67 25.43
C VAL C 23 -10.19 24.76 24.88
N TYR C 24 -9.33 24.39 23.93
CA TYR C 24 -8.37 25.31 23.33
C TYR C 24 -8.51 25.26 21.81
N TYR C 25 -8.06 26.32 21.16
CA TYR C 25 -8.04 26.35 19.71
C TYR C 25 -7.06 25.29 19.21
N PRO C 26 -7.52 24.34 18.39
CA PRO C 26 -6.63 23.24 17.99
C PRO C 26 -5.40 23.68 17.22
N ASP C 27 -5.51 24.75 16.43
CA ASP C 27 -4.39 25.21 15.63
C ASP C 27 -4.47 26.72 15.47
N LYS C 28 -3.53 27.26 14.70
CA LYS C 28 -3.36 28.70 14.55
C LYS C 28 -4.37 29.33 13.61
N VAL C 29 -5.13 28.50 12.87
CA VAL C 29 -6.01 29.03 11.82
C VAL C 29 -7.20 29.76 12.44
N PHE C 30 -7.84 30.59 11.63
CA PHE C 30 -9.01 31.37 12.02
C PHE C 30 -10.25 30.88 11.27
N ARG C 31 -11.39 30.94 11.94
CA ARG C 31 -12.66 30.55 11.35
C ARG C 31 -13.74 31.52 11.83
N SER C 32 -14.94 31.38 11.28
CA SER C 32 -16.04 32.27 11.63
C SER C 32 -17.36 31.62 11.23
N SER C 33 -18.25 31.45 12.22
CA SER C 33 -19.64 31.04 11.98
C SER C 33 -19.74 29.74 11.19
N VAL C 34 -18.91 28.77 11.55
CA VAL C 34 -18.90 27.45 10.92
C VAL C 34 -18.80 26.39 12.00
N LEU C 35 -18.78 25.13 11.58
CA LEU C 35 -18.64 23.99 12.47
C LEU C 35 -17.48 23.13 12.00
N HIS C 36 -16.82 22.48 12.95
CA HIS C 36 -15.68 21.64 12.64
C HIS C 36 -15.66 20.41 13.53
N SER C 37 -15.38 19.26 12.91
CA SER C 37 -15.12 18.03 13.64
C SER C 37 -13.61 17.80 13.63
N THR C 38 -12.99 17.79 14.80
CA THR C 38 -11.54 17.77 14.93
C THR C 38 -11.10 16.49 15.63
N GLN C 39 -10.09 15.84 15.06
CA GLN C 39 -9.48 14.65 15.63
C GLN C 39 -8.16 15.07 16.28
N ASP C 40 -8.23 15.45 17.55
CA ASP C 40 -7.06 15.90 18.28
C ASP C 40 -7.22 15.53 19.74
N LEU C 41 -6.42 16.16 20.60
CA LEU C 41 -6.36 15.82 22.01
C LEU C 41 -7.25 16.77 22.81
N PHE C 42 -8.00 16.20 23.75
CA PHE C 42 -9.00 16.96 24.49
C PHE C 42 -9.19 16.37 25.87
N LEU C 43 -10.02 17.02 26.69
CA LEU C 43 -10.40 16.53 28.00
C LEU C 43 -11.85 16.10 27.97
N PRO C 44 -12.15 14.82 28.21
CA PRO C 44 -13.54 14.36 28.13
C PRO C 44 -14.44 15.06 29.15
N PHE C 45 -15.68 15.33 28.74
CA PHE C 45 -16.62 16.00 29.61
C PHE C 45 -17.07 15.08 30.75
N PHE C 46 -17.42 15.70 31.88
CA PHE C 46 -17.95 14.99 33.05
C PHE C 46 -17.01 13.89 33.53
N SER C 47 -15.73 14.24 33.68
CA SER C 47 -14.74 13.33 34.22
C SER C 47 -14.19 13.88 35.54
N ASN C 48 -13.91 12.97 36.48
CA ASN C 48 -13.27 13.40 37.72
C ASN C 48 -11.90 14.01 37.48
N VAL C 49 -11.62 15.07 38.21
CA VAL C 49 -10.31 15.69 38.30
C VAL C 49 -9.91 15.73 39.77
N THR C 50 -8.65 15.45 40.04
CA THR C 50 -8.20 15.31 41.42
C THR C 50 -8.12 16.68 42.09
N TRP C 51 -8.52 16.75 43.35
CA TRP C 51 -8.60 17.99 44.10
C TRP C 51 -7.63 17.95 45.26
N PHE C 52 -6.84 19.01 45.43
CA PHE C 52 -6.02 19.22 46.61
C PHE C 52 -6.35 20.60 47.18
N HIS C 53 -6.59 20.65 48.49
CA HIS C 53 -7.10 21.86 49.12
C HIS C 53 -6.28 22.19 50.37
N VAL C 54 -6.07 23.49 50.59
CA VAL C 54 -5.46 23.99 51.82
C VAL C 54 -6.25 25.23 52.26
N ILE C 55 -6.49 25.32 53.56
CA ILE C 55 -7.22 26.46 54.13
C ILE C 55 -6.69 26.73 55.53
N SER C 56 -6.50 28.01 55.84
CA SER C 56 -5.97 28.44 57.13
C SER C 56 -7.00 29.16 57.99
N GLY C 57 -8.29 28.92 57.74
CA GLY C 57 -9.32 29.62 58.50
C GLY C 57 -9.33 29.24 59.97
N THR C 58 -9.22 27.95 60.27
CA THR C 58 -9.25 27.45 61.63
C THR C 58 -7.93 26.81 62.05
N ASN C 59 -7.40 25.90 61.25
CA ASN C 59 -6.11 25.26 61.50
C ASN C 59 -5.14 25.78 60.45
N GLY C 60 -4.52 26.93 60.76
CA GLY C 60 -3.63 27.56 59.80
C GLY C 60 -2.37 26.76 59.52
N THR C 61 -1.82 26.14 60.56
CA THR C 61 -0.55 25.41 60.44
C THR C 61 -0.73 23.94 60.11
N LYS C 62 -1.96 23.48 59.88
CA LYS C 62 -2.23 22.06 59.67
C LYS C 62 -2.52 21.67 58.23
N ARG C 63 -2.87 22.62 57.37
CA ARG C 63 -3.36 22.32 56.02
C ARG C 63 -2.29 22.68 54.99
N PHE C 64 -1.50 21.67 54.61
CA PHE C 64 -0.57 21.78 53.50
C PHE C 64 -0.81 20.61 52.55
N ASP C 65 -0.57 20.85 51.25
CA ASP C 65 -0.86 19.83 50.23
C ASP C 65 0.14 20.00 49.09
N ASN C 66 1.19 19.19 49.10
CA ASN C 66 2.16 19.14 48.01
C ASN C 66 2.43 17.67 47.67
N PRO C 67 1.50 17.02 46.97
CA PRO C 67 1.70 15.61 46.61
C PRO C 67 2.52 15.42 45.33
N VAL C 68 2.61 14.18 44.87
CA VAL C 68 3.33 13.83 43.64
C VAL C 68 2.31 13.40 42.60
N LEU C 69 2.49 13.88 41.37
CA LEU C 69 1.59 13.56 40.27
C LEU C 69 2.40 13.20 39.03
N PRO C 70 2.12 12.09 38.38
CA PRO C 70 2.78 11.76 37.12
C PRO C 70 2.19 12.55 35.96
N PHE C 71 2.68 12.26 34.75
CA PHE C 71 2.27 13.00 33.56
C PHE C 71 2.31 12.03 32.38
N ASN C 72 1.15 11.60 31.91
CA ASN C 72 1.09 10.63 30.83
C ASN C 72 1.20 11.29 29.46
N ASP C 73 0.22 12.13 29.09
CA ASP C 73 0.21 12.76 27.79
C ASP C 73 -0.26 14.22 27.80
N GLY C 74 -0.65 14.75 28.95
CA GLY C 74 -1.17 16.10 29.02
C GLY C 74 -2.03 16.32 30.24
N VAL C 75 -1.89 17.47 30.90
CA VAL C 75 -2.58 17.74 32.15
C VAL C 75 -3.36 19.04 32.02
N TYR C 76 -4.55 19.06 32.62
CA TYR C 76 -5.36 20.28 32.71
C TYR C 76 -5.16 20.91 34.09
N PHE C 77 -3.97 21.49 34.26
CA PHE C 77 -3.67 22.17 35.50
C PHE C 77 -4.55 23.40 35.66
N ALA C 78 -4.93 23.68 36.91
CA ALA C 78 -5.80 24.81 37.21
C ALA C 78 -5.39 25.40 38.55
N SER C 79 -6.04 26.49 38.92
CA SER C 79 -5.76 27.17 40.18
C SER C 79 -6.86 28.17 40.46
N ILE C 80 -7.33 28.19 41.71
CA ILE C 80 -8.28 29.20 42.18
C ILE C 80 -7.72 29.86 43.42
N GLU C 81 -7.43 31.16 43.32
CA GLU C 81 -6.76 31.89 44.38
C GLU C 81 -7.25 33.33 44.37
N LYS C 82 -6.67 34.14 45.26
CA LYS C 82 -6.85 35.59 45.20
C LYS C 82 -5.56 36.39 45.39
N SER C 83 -4.52 35.85 46.02
CA SER C 83 -3.30 36.59 46.32
C SER C 83 -2.08 36.01 45.61
N ASN C 84 -2.29 35.16 44.61
CA ASN C 84 -1.20 34.53 43.85
C ASN C 84 -0.25 33.77 44.77
N ILE C 85 -0.82 32.78 45.48
CA ILE C 85 -0.02 31.96 46.38
C ILE C 85 0.90 31.04 45.58
N ILE C 86 0.41 30.48 44.48
CA ILE C 86 1.24 29.63 43.63
C ILE C 86 2.21 30.50 42.85
N ARG C 87 3.51 30.28 43.08
CA ARG C 87 4.55 31.11 42.47
C ARG C 87 5.72 30.26 42.00
N GLY C 88 5.45 29.14 41.35
CA GLY C 88 6.55 28.34 40.83
C GLY C 88 6.06 27.11 40.09
N TRP C 89 7.03 26.39 39.53
CA TRP C 89 6.78 25.19 38.74
C TRP C 89 8.04 24.33 38.76
N ILE C 90 7.88 23.08 38.32
CA ILE C 90 9.01 22.18 38.13
C ILE C 90 8.54 21.00 37.28
N PHE C 91 9.41 20.55 36.37
CA PHE C 91 9.15 19.39 35.53
C PHE C 91 10.26 18.36 35.71
N GLY C 92 10.29 17.36 34.84
CA GLY C 92 11.35 16.37 34.87
C GLY C 92 10.84 14.97 35.11
N THR C 93 11.72 14.09 35.60
CA THR C 93 11.36 12.71 35.89
C THR C 93 11.56 12.34 37.35
N THR C 94 12.72 12.67 37.92
CA THR C 94 13.07 12.24 39.27
C THR C 94 13.23 13.37 40.26
N LEU C 95 13.59 14.58 39.80
CA LEU C 95 13.80 15.74 40.67
C LEU C 95 14.87 15.44 41.72
N ASP C 96 16.03 15.00 41.25
CA ASP C 96 17.16 14.73 42.13
C ASP C 96 18.47 15.21 41.52
N SER C 97 18.41 16.30 40.74
CA SER C 97 19.57 16.85 40.05
C SER C 97 20.23 15.83 39.12
N LYS C 98 19.44 14.94 38.55
CA LYS C 98 19.93 13.96 37.59
C LYS C 98 19.16 13.97 36.28
N THR C 99 17.88 14.30 36.30
CA THR C 99 17.08 14.44 35.09
C THR C 99 16.88 15.91 34.78
N GLN C 100 16.84 16.24 33.48
CA GLN C 100 16.66 17.62 33.07
C GLN C 100 15.32 18.15 33.55
N SER C 101 15.35 19.24 34.31
CA SER C 101 14.17 19.81 34.95
C SER C 101 13.92 21.20 34.42
N LEU C 102 12.66 21.49 34.08
CA LEU C 102 12.27 22.78 33.54
C LEU C 102 11.76 23.68 34.66
N LEU C 103 12.45 24.78 34.91
CA LEU C 103 11.97 25.80 35.84
C LEU C 103 11.11 26.80 35.08
N ILE C 104 9.88 27.01 35.56
CA ILE C 104 8.98 28.03 35.04
C ILE C 104 8.47 28.79 36.26
N VAL C 105 9.16 29.88 36.61
CA VAL C 105 8.87 30.64 37.81
C VAL C 105 8.38 32.02 37.41
N ASN C 106 7.24 32.43 37.95
CA ASN C 106 6.72 33.76 37.64
C ASN C 106 7.66 34.85 38.12
N ASN C 107 8.24 34.68 39.32
CA ASN C 107 9.27 35.56 39.87
C ASN C 107 8.70 36.94 40.17
N ALA C 108 9.42 37.73 40.97
CA ALA C 108 8.97 39.07 41.29
C ALA C 108 9.14 40.02 40.11
N THR C 109 10.14 39.79 39.26
CA THR C 109 10.42 40.66 38.13
C THR C 109 9.73 40.18 36.85
N ASN C 110 10.06 38.98 36.40
CA ASN C 110 9.51 38.45 35.16
C ASN C 110 9.65 36.93 35.16
N VAL C 111 8.83 36.29 34.33
CA VAL C 111 8.85 34.82 34.25
C VAL C 111 10.19 34.36 33.69
N VAL C 112 10.75 33.33 34.30
CA VAL C 112 12.06 32.80 33.92
C VAL C 112 11.92 31.34 33.54
N ILE C 113 12.59 30.95 32.46
CA ILE C 113 12.58 29.58 31.97
C ILE C 113 13.99 29.04 32.05
N LYS C 114 14.15 27.91 32.73
CA LYS C 114 15.44 27.26 32.86
C LYS C 114 15.27 25.76 32.67
N VAL C 115 16.32 25.11 32.19
CA VAL C 115 16.29 23.67 31.92
C VAL C 115 17.40 23.03 32.76
N CYS C 116 17.62 23.57 33.95
CA CYS C 116 18.76 23.17 34.78
C CYS C 116 18.31 22.29 35.93
N GLU C 117 19.16 21.34 36.29
CA GLU C 117 18.92 20.42 37.39
C GLU C 117 19.46 21.00 38.69
N PHE C 118 18.82 20.63 39.80
CA PHE C 118 19.17 21.20 41.09
C PHE C 118 18.94 20.17 42.19
N GLN C 119 19.66 20.34 43.29
CA GLN C 119 19.41 19.55 44.48
C GLN C 119 18.06 19.93 45.07
N PHE C 120 17.29 18.93 45.48
CA PHE C 120 15.94 19.14 45.98
C PHE C 120 15.74 18.42 47.30
N CYS C 121 14.85 18.97 48.12
CA CYS C 121 14.57 18.51 49.47
C CYS C 121 13.18 17.88 49.53
N ASN C 122 12.74 17.57 50.75
CA ASN C 122 11.41 16.98 50.94
C ASN C 122 10.32 17.91 50.44
N ASP C 123 10.43 19.21 50.74
CA ASP C 123 9.45 20.20 50.33
C ASP C 123 10.18 21.38 49.69
N PRO C 124 10.63 21.23 48.45
CA PRO C 124 11.31 22.34 47.77
C PRO C 124 10.30 23.41 47.36
N PHE C 125 10.44 24.60 47.92
CA PHE C 125 9.49 25.68 47.67
C PHE C 125 10.12 27.00 48.10
N LEU C 126 9.40 28.09 47.86
CA LEU C 126 9.81 29.43 48.24
C LEU C 126 8.69 30.06 49.07
N ASP C 127 9.06 31.00 49.94
CA ASP C 127 8.07 31.65 50.79
C ASP C 127 8.62 32.98 51.27
N HIS C 128 7.70 33.83 51.73
CA HIS C 128 8.03 35.16 52.22
C HIS C 128 7.34 35.40 53.54
N LYS C 129 7.92 36.30 54.33
CA LYS C 129 7.36 36.67 55.62
C LYS C 129 6.38 37.83 55.45
N ASN C 130 5.85 38.32 56.58
CA ASN C 130 4.95 39.46 56.60
C ASN C 130 5.69 40.79 56.74
N ASN C 131 6.96 40.82 56.33
CA ASN C 131 7.76 42.04 56.44
C ASN C 131 7.24 43.12 55.51
N LYS C 132 7.60 44.37 55.83
CA LYS C 132 7.17 45.50 55.02
C LYS C 132 7.70 45.41 53.59
N SER C 133 8.97 45.05 53.44
CA SER C 133 9.58 44.87 52.11
C SER C 133 9.28 43.45 51.65
N TRP C 134 8.36 43.33 50.71
CA TRP C 134 7.87 42.01 50.28
C TRP C 134 8.95 41.31 49.48
N MET C 135 9.73 40.46 50.16
CA MET C 135 10.78 39.70 49.51
C MET C 135 10.84 38.32 50.15
N GLU C 136 10.96 37.29 49.32
CA GLU C 136 10.98 35.91 49.82
C GLU C 136 12.31 35.64 50.50
N SER C 137 12.33 35.80 51.84
CA SER C 137 13.58 35.74 52.59
C SER C 137 14.18 34.34 52.64
N GLU C 138 13.41 33.30 52.32
CA GLU C 138 13.88 31.93 52.34
C GLU C 138 14.03 31.40 50.93
N PHE C 139 15.12 30.68 50.69
CA PHE C 139 15.37 30.03 49.40
C PHE C 139 15.51 28.53 49.66
N ARG C 140 14.37 27.83 49.68
CA ARG C 140 14.33 26.39 49.91
C ARG C 140 13.96 25.60 48.67
N VAL C 141 13.82 26.25 47.52
CA VAL C 141 13.48 25.53 46.29
C VAL C 141 14.64 24.64 45.86
N TYR C 142 15.87 25.10 46.04
CA TYR C 142 17.04 24.28 45.74
C TYR C 142 18.25 24.86 46.48
N SER C 143 19.39 24.24 46.28
CA SER C 143 20.65 24.67 46.90
C SER C 143 21.78 24.87 45.90
N SER C 144 21.85 24.04 44.86
CA SER C 144 22.97 24.10 43.92
C SER C 144 22.54 23.52 42.60
N ALA C 145 23.38 23.71 41.58
CA ALA C 145 23.12 23.25 40.22
C ALA C 145 24.29 22.40 39.74
N ASN C 146 24.00 21.53 38.77
CA ASN C 146 25.02 20.67 38.17
C ASN C 146 25.44 21.13 36.77
N ASN C 147 24.48 21.26 35.85
CA ASN C 147 24.73 21.68 34.48
C ASN C 147 23.40 21.75 33.74
N CYS C 148 23.41 22.47 32.62
CA CYS C 148 22.22 22.59 31.77
C CYS C 148 22.62 23.25 30.46
N THR C 149 21.65 23.31 29.53
CA THR C 149 21.88 23.78 28.18
C THR C 149 21.06 25.00 27.82
N PHE C 150 19.74 24.98 28.04
CA PHE C 150 18.83 25.99 27.52
C PHE C 150 18.33 26.91 28.62
N GLU C 151 18.19 28.20 28.27
CA GLU C 151 17.57 29.19 29.14
C GLU C 151 16.77 30.15 28.27
N TYR C 152 15.80 30.81 28.90
CA TYR C 152 14.94 31.76 28.19
C TYR C 152 14.20 32.62 29.21
N VAL C 153 13.92 33.85 28.83
CA VAL C 153 13.24 34.82 29.69
C VAL C 153 12.11 35.47 28.90
N SER C 154 10.97 35.66 29.57
CA SER C 154 9.80 36.29 28.95
C SER C 154 9.19 37.25 29.95
N GLN C 155 7.98 37.72 29.66
CA GLN C 155 7.28 38.66 30.52
C GLN C 155 6.27 37.95 31.40
N PRO C 156 6.16 38.36 32.67
CA PRO C 156 5.27 37.65 33.60
C PRO C 156 3.81 37.93 33.32
N PHE C 157 2.96 36.98 33.72
CA PHE C 157 1.53 37.16 33.62
C PHE C 157 1.04 38.08 34.74
N LEU C 158 -0.06 38.77 34.47
CA LEU C 158 -0.58 39.80 35.36
C LEU C 158 -1.77 39.27 36.16
N MET C 159 -1.84 39.68 37.42
CA MET C 159 -2.90 39.31 38.34
C MET C 159 -3.85 40.48 38.54
N ASP C 160 -4.82 40.30 39.44
CA ASP C 160 -5.70 41.40 39.81
C ASP C 160 -4.99 42.45 40.66
N LEU C 161 -3.85 42.10 41.25
CA LEU C 161 -3.08 43.02 42.11
C LEU C 161 -3.95 43.56 43.25
N GLU C 162 -4.76 42.70 43.83
CA GLU C 162 -5.62 43.05 44.96
C GLU C 162 -5.27 42.14 46.12
N GLY C 163 -5.02 42.74 47.28
CA GLY C 163 -4.66 41.98 48.46
C GLY C 163 -5.85 41.61 49.32
N LYS C 164 -7.05 41.67 48.74
CA LYS C 164 -8.27 41.35 49.44
C LYS C 164 -8.41 39.85 49.64
N GLN C 165 -9.28 39.47 50.58
CA GLN C 165 -9.57 38.07 50.86
C GLN C 165 -11.05 37.75 50.71
N GLY C 166 -11.80 38.57 49.97
CA GLY C 166 -13.21 38.35 49.77
C GLY C 166 -13.49 37.33 48.67
N ASN C 167 -14.42 37.65 47.78
CA ASN C 167 -14.72 36.78 46.66
C ASN C 167 -13.49 36.57 45.79
N PHE C 168 -13.28 35.34 45.35
CA PHE C 168 -12.09 35.01 44.59
C PHE C 168 -12.06 35.78 43.26
N LYS C 169 -10.90 36.36 42.95
CA LYS C 169 -10.71 37.15 41.75
C LYS C 169 -9.50 36.68 40.96
N ASN C 170 -9.23 35.37 40.97
CA ASN C 170 -8.10 34.83 40.23
C ASN C 170 -8.39 33.38 39.88
N LEU C 171 -8.52 33.09 38.59
CA LEU C 171 -8.72 31.74 38.10
C LEU C 171 -7.82 31.53 36.89
N ARG C 172 -6.88 30.60 36.99
CA ARG C 172 -5.89 30.35 35.96
C ARG C 172 -5.95 28.89 35.54
N GLU C 173 -6.06 28.65 34.23
CA GLU C 173 -6.14 27.31 33.67
C GLU C 173 -4.98 27.11 32.71
N PHE C 174 -4.37 25.92 32.76
CA PHE C 174 -3.20 25.61 31.95
C PHE C 174 -3.41 24.28 31.25
N VAL C 175 -2.86 24.17 30.04
CA VAL C 175 -2.85 22.92 29.28
C VAL C 175 -1.45 22.72 28.72
N PHE C 176 -0.81 21.61 29.07
CA PHE C 176 0.52 21.27 28.58
C PHE C 176 0.42 20.04 27.69
N LYS C 177 1.00 20.14 26.49
CA LYS C 177 1.07 19.01 25.59
C LYS C 177 2.46 18.96 24.95
N ASN C 178 2.91 17.75 24.65
CA ASN C 178 4.25 17.52 24.07
C ASN C 178 4.08 16.58 22.88
N ILE C 179 4.08 17.14 21.68
CA ILE C 179 3.90 16.39 20.44
C ILE C 179 5.13 16.60 19.56
N ASP C 180 5.67 15.50 19.04
CA ASP C 180 6.81 15.53 18.12
C ASP C 180 7.99 16.29 18.72
N GLY C 181 8.22 16.10 20.02
CA GLY C 181 9.30 16.80 20.70
C GLY C 181 9.16 18.30 20.68
N TYR C 182 7.92 18.80 20.84
CA TYR C 182 7.64 20.22 20.89
C TYR C 182 6.78 20.51 22.11
N PHE C 183 7.22 21.45 22.94
CA PHE C 183 6.53 21.80 24.17
C PHE C 183 5.73 23.07 23.96
N LYS C 184 4.42 23.00 24.19
CA LYS C 184 3.52 24.13 24.02
C LYS C 184 2.70 24.34 25.27
N ILE C 185 2.36 25.60 25.55
CA ILE C 185 1.62 25.98 26.75
C ILE C 185 0.38 26.76 26.34
N TYR C 186 -0.77 26.35 26.85
CA TYR C 186 -2.03 27.04 26.64
C TYR C 186 -2.55 27.53 27.98
N SER C 187 -2.94 28.80 28.04
CA SER C 187 -3.37 29.39 29.30
C SER C 187 -4.38 30.50 29.03
N LYS C 188 -5.09 30.88 30.10
CA LYS C 188 -6.07 31.95 30.04
C LYS C 188 -6.35 32.41 31.48
N HIS C 189 -6.41 33.72 31.66
CA HIS C 189 -6.70 34.32 32.96
C HIS C 189 -8.11 34.92 32.95
N THR C 190 -8.94 34.47 33.87
CA THR C 190 -10.32 34.94 34.00
C THR C 190 -10.54 35.36 35.45
N PRO C 191 -10.12 36.56 35.83
CA PRO C 191 -10.29 37.01 37.22
C PRO C 191 -11.72 37.41 37.53
N ILE C 192 -12.37 38.10 36.60
CA ILE C 192 -13.69 38.72 36.71
C ILE C 192 -13.88 39.45 38.04
N ILE C 193 -15.11 39.82 38.35
CA ILE C 193 -15.39 40.67 39.50
C ILE C 193 -15.63 39.85 40.76
N VAL C 194 -16.66 39.01 40.74
CA VAL C 194 -17.13 38.31 41.94
C VAL C 194 -17.38 36.85 41.62
N ARG C 195 -17.01 35.98 42.57
CA ARG C 195 -17.29 34.55 42.49
C ARG C 195 -17.68 34.03 43.86
N GLU C 196 -18.43 32.93 43.87
CA GLU C 196 -18.64 32.18 45.10
C GLU C 196 -17.48 31.21 45.29
N PRO C 197 -16.76 31.29 46.42
CA PRO C 197 -15.59 30.41 46.60
C PRO C 197 -15.98 28.96 46.84
N GLU C 198 -16.39 28.26 45.78
CA GLU C 198 -16.76 26.85 45.89
C GLU C 198 -16.77 26.21 44.52
N ASP C 199 -16.07 25.08 44.38
CA ASP C 199 -16.12 24.23 43.21
C ASP C 199 -15.65 24.92 41.94
N LEU C 200 -15.66 24.19 40.82
CA LEU C 200 -15.26 24.75 39.54
C LEU C 200 -16.35 25.66 38.99
N PRO C 201 -15.97 26.74 38.32
CA PRO C 201 -16.96 27.61 37.69
C PRO C 201 -17.69 26.91 36.55
N GLN C 202 -18.93 27.30 36.34
CA GLN C 202 -19.75 26.77 35.24
C GLN C 202 -19.40 27.50 33.96
N GLY C 203 -20.21 27.31 32.93
CA GLY C 203 -20.01 28.00 31.67
C GLY C 203 -18.96 27.35 30.79
N PHE C 204 -18.62 28.06 29.72
CA PHE C 204 -17.68 27.58 28.72
C PHE C 204 -16.68 28.67 28.39
N SER C 205 -15.46 28.26 28.04
CA SER C 205 -14.41 29.20 27.72
C SER C 205 -13.39 28.52 26.83
N ALA C 206 -12.58 29.33 26.14
CA ALA C 206 -11.51 28.85 25.29
C ALA C 206 -10.16 29.00 26.00
N LEU C 207 -9.11 28.59 25.31
CA LEU C 207 -7.75 28.71 25.84
C LEU C 207 -6.82 29.19 24.73
N GLU C 208 -5.91 30.11 25.07
CA GLU C 208 -5.08 30.69 24.02
C GLU C 208 -3.67 30.13 24.07
N PRO C 209 -3.01 30.01 22.93
CA PRO C 209 -1.59 29.61 22.92
C PRO C 209 -0.71 30.70 23.52
N LEU C 210 0.39 30.28 24.14
CA LEU C 210 1.34 31.21 24.75
C LEU C 210 2.71 31.15 24.09
N VAL C 211 3.33 29.97 24.01
CA VAL C 211 4.69 29.85 23.52
C VAL C 211 4.94 28.40 23.14
N ASP C 212 5.92 28.18 22.25
CA ASP C 212 6.33 26.85 21.85
C ASP C 212 7.81 26.67 22.19
N LEU C 213 8.17 25.45 22.57
CA LEU C 213 9.56 25.11 22.91
C LEU C 213 10.00 23.93 22.07
N PRO C 214 11.10 24.05 21.31
CA PRO C 214 11.55 22.93 20.48
C PRO C 214 12.54 22.00 21.17
N ILE C 215 12.62 22.08 22.50
CA ILE C 215 13.68 21.37 23.22
C ILE C 215 13.55 19.86 23.04
N GLY C 216 12.36 19.31 23.23
CA GLY C 216 12.13 17.90 23.04
C GLY C 216 12.89 16.95 23.97
N ILE C 217 12.55 16.96 25.25
CA ILE C 217 13.03 15.97 26.20
C ILE C 217 11.82 15.25 26.79
N ASN C 218 12.06 14.20 27.56
CA ASN C 218 10.97 13.40 28.07
C ASN C 218 10.55 13.93 29.44
N ILE C 219 9.25 13.97 29.69
CA ILE C 219 8.71 14.41 30.97
C ILE C 219 7.78 13.33 31.50
N THR C 220 7.96 12.95 32.76
CA THR C 220 7.12 11.94 33.40
C THR C 220 6.47 12.39 34.70
N ARG C 221 6.98 13.43 35.36
CA ARG C 221 6.46 13.82 36.66
C ARG C 221 6.68 15.32 36.86
N PHE C 222 5.88 15.91 37.74
CA PHE C 222 5.99 17.32 38.06
C PHE C 222 5.32 17.58 39.40
N GLN C 223 5.52 18.78 39.92
CA GLN C 223 4.83 19.23 41.12
C GLN C 223 4.82 20.76 41.12
N THR C 224 4.37 21.35 42.23
CA THR C 224 4.06 22.76 42.30
C THR C 224 4.84 23.43 43.43
N LEU C 225 5.30 24.66 43.18
CA LEU C 225 5.95 25.48 44.19
C LEU C 225 4.94 26.49 44.72
N LEU C 226 4.69 26.45 46.02
CA LEU C 226 3.72 27.34 46.65
C LEU C 226 4.47 28.37 47.49
N ALA C 227 4.11 29.64 47.32
CA ALA C 227 4.71 30.73 48.09
C ALA C 227 3.94 30.90 49.39
N LEU C 228 4.52 30.44 50.49
CA LEU C 228 3.86 30.50 51.80
C LEU C 228 3.99 31.91 52.33
N HIS C 229 2.87 32.65 52.31
CA HIS C 229 2.86 34.01 52.81
C HIS C 229 2.84 34.02 54.33
N ARG C 230 3.96 33.64 54.94
CA ARG C 230 4.08 33.55 56.39
C ARG C 230 3.76 34.91 57.03
N SER C 231 2.65 34.98 57.76
CA SER C 231 2.16 36.21 58.33
C SER C 231 2.11 36.11 59.85
N TYR C 232 1.78 37.22 60.50
CA TYR C 232 1.63 37.28 61.94
C TYR C 232 0.26 36.82 62.41
N LEU C 233 -0.64 36.47 61.49
CA LEU C 233 -1.94 35.93 61.88
C LEU C 233 -1.82 34.63 62.65
N THR C 234 -0.72 33.90 62.47
CA THR C 234 -0.41 32.70 63.26
C THR C 234 0.98 32.90 63.82
N PRO C 235 1.11 33.65 64.93
CA PRO C 235 2.44 34.02 65.43
C PRO C 235 3.24 32.81 65.86
N GLY C 236 4.56 32.92 65.70
CA GLY C 236 5.47 31.86 66.03
C GLY C 236 6.71 31.95 65.16
N ASP C 237 7.40 30.83 65.03
CA ASP C 237 8.60 30.76 64.21
C ASP C 237 8.22 30.39 62.77
N SER C 238 9.24 30.28 61.93
CA SER C 238 8.99 29.96 60.52
C SER C 238 8.59 28.50 60.34
N SER C 239 9.14 27.61 61.17
CA SER C 239 8.88 26.18 60.99
C SER C 239 7.46 25.81 61.40
N SER C 240 7.00 26.31 62.53
CA SER C 240 5.69 25.92 63.07
C SER C 240 4.59 26.93 62.79
N GLY C 241 4.90 28.23 62.88
CA GLY C 241 3.89 29.24 62.64
C GLY C 241 3.81 29.66 61.19
N TRP C 242 2.83 29.13 60.46
CA TRP C 242 2.65 29.46 59.06
C TRP C 242 1.16 29.42 58.73
N THR C 243 0.81 30.11 57.65
CA THR C 243 -0.57 30.19 57.18
C THR C 243 -0.64 29.77 55.72
N ALA C 244 -1.72 29.10 55.37
CA ALA C 244 -1.91 28.57 54.02
C ALA C 244 -2.80 29.42 53.14
N GLY C 245 -3.79 30.09 53.72
CA GLY C 245 -4.73 30.86 52.93
C GLY C 245 -5.70 29.94 52.18
N ALA C 246 -6.47 30.57 51.31
CA ALA C 246 -7.47 29.87 50.49
C ALA C 246 -6.92 29.78 49.08
N ALA C 247 -6.19 28.69 48.80
CA ALA C 247 -5.54 28.50 47.51
C ALA C 247 -5.52 27.00 47.20
N ALA C 248 -6.52 26.57 46.44
CA ALA C 248 -6.62 25.18 46.02
C ALA C 248 -6.43 25.09 44.51
N TYR C 249 -5.96 23.93 44.05
CA TYR C 249 -5.77 23.69 42.64
C TYR C 249 -6.28 22.31 42.28
N TYR C 250 -6.75 22.16 41.05
CA TYR C 250 -7.31 20.92 40.56
C TYR C 250 -6.44 20.38 39.43
N VAL C 251 -6.37 19.05 39.33
CA VAL C 251 -5.54 18.38 38.34
C VAL C 251 -6.39 17.34 37.63
N GLY C 252 -6.34 17.35 36.30
CA GLY C 252 -7.02 16.34 35.51
C GLY C 252 -6.13 15.90 34.35
N TYR C 253 -6.49 14.77 33.77
CA TYR C 253 -5.72 14.20 32.67
C TYR C 253 -6.44 14.45 31.35
N LEU C 254 -5.80 14.01 30.28
CA LEU C 254 -6.22 14.37 28.93
C LEU C 254 -6.25 13.11 28.07
N GLN C 255 -7.24 13.02 27.19
CA GLN C 255 -7.49 11.82 26.40
C GLN C 255 -7.70 12.16 24.94
N PRO C 256 -7.20 11.35 24.02
CA PRO C 256 -7.56 11.52 22.61
C PRO C 256 -9.07 11.38 22.42
N ARG C 257 -9.63 12.26 21.60
CA ARG C 257 -11.08 12.32 21.44
C ARG C 257 -11.37 12.99 20.10
N THR C 258 -12.66 13.15 19.79
CA THR C 258 -13.09 13.85 18.58
C THR C 258 -14.20 14.82 18.97
N PHE C 259 -13.87 16.10 19.05
CA PHE C 259 -14.81 17.13 19.44
C PHE C 259 -15.48 17.73 18.21
N LEU C 260 -16.51 18.53 18.45
CA LEU C 260 -17.15 19.34 17.41
C LEU C 260 -17.11 20.79 17.87
N LEU C 261 -16.26 21.59 17.24
CA LEU C 261 -16.08 22.99 17.60
C LEU C 261 -16.86 23.88 16.66
N LYS C 262 -17.53 24.89 17.22
CA LYS C 262 -18.26 25.87 16.44
C LYS C 262 -17.75 27.27 16.78
N TYR C 263 -17.72 28.14 15.79
CA TYR C 263 -17.20 29.49 15.93
C TYR C 263 -18.33 30.50 15.80
N ASN C 264 -18.12 31.67 16.40
CA ASN C 264 -19.06 32.76 16.33
C ASN C 264 -18.73 33.64 15.12
N GLU C 265 -19.35 34.82 15.06
CA GLU C 265 -19.11 35.73 13.94
C GLU C 265 -17.66 36.19 13.90
N ASN C 266 -17.08 36.51 15.05
CA ASN C 266 -15.81 37.23 15.10
C ASN C 266 -14.65 36.36 15.59
N GLY C 267 -14.82 35.05 15.60
CA GLY C 267 -13.71 34.13 15.76
C GLY C 267 -13.51 33.51 17.13
N THR C 268 -14.41 33.76 18.08
CA THR C 268 -14.29 33.14 19.40
C THR C 268 -15.20 31.93 19.50
N ILE C 269 -14.82 31.00 20.36
CA ILE C 269 -15.57 29.76 20.54
C ILE C 269 -16.75 30.01 21.48
N THR C 270 -17.95 29.70 21.01
CA THR C 270 -19.13 29.79 21.87
C THR C 270 -19.23 28.57 22.79
N ASP C 271 -19.35 27.38 22.19
CA ASP C 271 -19.39 26.14 22.94
C ASP C 271 -19.09 25.00 21.98
N ALA C 272 -18.95 23.80 22.54
CA ALA C 272 -18.64 22.60 21.77
C ALA C 272 -19.53 21.47 22.22
N VAL C 273 -19.33 20.30 21.61
CA VAL C 273 -20.09 19.11 21.96
C VAL C 273 -19.24 17.89 21.60
N ASP C 274 -19.29 16.88 22.47
CA ASP C 274 -18.46 15.69 22.30
C ASP C 274 -19.12 14.70 21.35
N CYS C 275 -18.31 13.74 20.90
CA CYS C 275 -18.79 12.63 20.07
C CYS C 275 -18.57 11.29 20.75
N ALA C 276 -18.46 11.28 22.08
CA ALA C 276 -18.34 10.03 22.83
C ALA C 276 -19.12 10.03 24.13
N LEU C 277 -19.89 11.07 24.42
CA LEU C 277 -20.57 11.18 25.71
C LEU C 277 -21.96 10.57 25.70
N ASP C 278 -22.82 11.04 24.80
CA ASP C 278 -24.21 10.62 24.78
C ASP C 278 -24.58 10.12 23.38
N PRO C 279 -25.57 9.22 23.28
CA PRO C 279 -26.08 8.87 21.95
C PRO C 279 -26.59 10.07 21.17
N LEU C 280 -27.24 11.01 21.85
CA LEU C 280 -27.63 12.25 21.20
C LEU C 280 -26.42 13.05 20.75
N SER C 281 -25.32 12.97 21.50
CA SER C 281 -24.08 13.61 21.06
C SER C 281 -23.56 12.96 19.79
N GLU C 282 -23.64 11.63 19.69
CA GLU C 282 -23.27 10.95 18.46
C GLU C 282 -24.16 11.40 17.30
N THR C 283 -25.46 11.53 17.55
CA THR C 283 -26.37 12.00 16.51
C THR C 283 -26.00 13.40 16.03
N LYS C 284 -25.70 14.30 16.98
CA LYS C 284 -25.31 15.66 16.61
C LYS C 284 -24.01 15.66 15.82
N CYS C 285 -23.04 14.85 16.24
CA CYS C 285 -21.76 14.81 15.54
C CYS C 285 -21.92 14.27 14.12
N THR C 286 -22.65 13.17 13.95
CA THR C 286 -22.83 12.59 12.63
C THR C 286 -23.65 13.50 11.72
N LEU C 287 -24.70 14.13 12.27
CA LEU C 287 -25.53 15.03 11.49
C LEU C 287 -24.83 16.33 11.12
N LYS C 288 -23.69 16.63 11.74
CA LYS C 288 -22.94 17.86 11.49
C LYS C 288 -23.81 19.09 11.75
N SER C 289 -24.64 19.01 12.79
CA SER C 289 -25.52 20.10 13.16
C SER C 289 -25.62 20.17 14.68
N PHE C 290 -25.99 21.34 15.18
CA PHE C 290 -26.09 21.56 16.62
C PHE C 290 -27.45 21.19 17.19
N THR C 291 -28.51 21.20 16.37
CA THR C 291 -29.83 20.81 16.80
C THR C 291 -30.37 19.75 15.85
N VAL C 292 -31.24 18.89 16.37
CA VAL C 292 -31.75 17.74 15.63
C VAL C 292 -33.28 17.82 15.58
N GLU C 293 -33.84 17.31 14.50
CA GLU C 293 -35.28 17.25 14.30
C GLU C 293 -35.76 15.83 14.56
N LYS C 294 -37.02 15.70 14.99
CA LYS C 294 -37.58 14.41 15.32
C LYS C 294 -37.49 13.45 14.14
N GLY C 295 -36.99 12.25 14.40
CA GLY C 295 -36.83 11.26 13.33
C GLY C 295 -35.98 10.10 13.81
N ILE C 296 -35.46 9.36 12.84
CA ILE C 296 -34.61 8.20 13.10
C ILE C 296 -33.31 8.37 12.32
N TYR C 297 -32.18 8.05 12.96
CA TYR C 297 -30.87 8.20 12.35
C TYR C 297 -29.98 7.06 12.79
N GLN C 298 -28.96 6.78 11.97
CA GLN C 298 -27.95 5.78 12.28
C GLN C 298 -26.63 6.48 12.57
N THR C 299 -25.99 6.10 13.67
CA THR C 299 -24.76 6.74 14.11
C THR C 299 -23.52 5.93 13.73
N SER C 300 -23.43 4.68 14.19
CA SER C 300 -22.24 3.87 13.95
C SER C 300 -22.60 2.41 14.24
N ASN C 301 -21.59 1.56 14.23
CA ASN C 301 -21.75 0.14 14.50
C ASN C 301 -21.09 -0.22 15.83
N PHE C 302 -21.40 -1.42 16.32
CA PHE C 302 -20.80 -1.95 17.53
C PHE C 302 -20.37 -3.38 17.29
N ARG C 303 -19.20 -3.74 17.83
CA ARG C 303 -18.63 -5.07 17.63
C ARG C 303 -18.12 -5.60 18.96
N VAL C 304 -18.28 -6.90 19.16
CA VAL C 304 -17.77 -7.58 20.35
C VAL C 304 -16.34 -7.98 20.10
N GLN C 305 -15.50 -7.84 21.13
CA GLN C 305 -14.12 -8.20 20.87
C GLN C 305 -13.80 -9.57 21.45
N PRO C 306 -12.97 -10.36 20.76
CA PRO C 306 -12.56 -11.66 21.32
C PRO C 306 -11.78 -11.48 22.61
N THR C 307 -11.92 -12.46 23.51
CA THR C 307 -11.34 -12.37 24.85
C THR C 307 -9.94 -12.97 24.91
N GLU C 308 -9.77 -14.20 24.42
CA GLU C 308 -8.47 -14.85 24.48
C GLU C 308 -8.06 -15.42 23.13
N SER C 309 -6.96 -16.18 23.11
CA SER C 309 -6.50 -16.84 21.90
C SER C 309 -6.04 -18.25 22.25
N ILE C 310 -6.23 -19.17 21.30
CA ILE C 310 -5.87 -20.57 21.49
C ILE C 310 -5.21 -21.07 20.21
N VAL C 311 -4.16 -21.88 20.36
CA VAL C 311 -3.45 -22.48 19.24
C VAL C 311 -3.41 -23.99 19.44
N ARG C 312 -3.55 -24.73 18.34
CA ARG C 312 -3.56 -26.18 18.36
C ARG C 312 -2.63 -26.69 17.26
N PHE C 313 -2.23 -27.96 17.37
CA PHE C 313 -1.36 -28.60 16.41
C PHE C 313 -1.57 -30.11 16.45
N PRO C 314 -1.21 -30.84 15.38
CA PRO C 314 -1.34 -32.31 15.38
C PRO C 314 -0.31 -33.01 16.26
N ASN C 315 -0.45 -32.80 17.57
CA ASN C 315 0.15 -33.61 18.63
C ASN C 315 1.68 -33.54 18.56
N ILE C 316 2.39 -34.13 19.53
CA ILE C 316 3.83 -33.91 19.59
C ILE C 316 4.59 -35.22 19.78
N THR C 317 3.97 -36.33 19.41
CA THR C 317 4.60 -37.64 19.62
C THR C 317 5.82 -37.87 18.75
N ASN C 318 5.90 -37.25 17.57
CA ASN C 318 6.96 -37.53 16.61
C ASN C 318 8.19 -36.65 16.90
N LEU C 319 9.03 -37.15 17.80
CA LEU C 319 10.27 -36.45 18.13
C LEU C 319 11.44 -37.03 17.34
N CYS C 320 12.51 -36.24 17.23
CA CYS C 320 13.75 -36.72 16.63
C CYS C 320 14.54 -37.54 17.64
N PRO C 321 15.02 -38.73 17.28
CA PRO C 321 15.91 -39.46 18.19
C PRO C 321 17.18 -38.67 18.47
N PHE C 322 17.31 -38.20 19.71
CA PHE C 322 18.47 -37.44 20.15
C PHE C 322 19.18 -38.04 21.35
N ASP C 323 18.52 -38.84 22.18
CA ASP C 323 19.16 -39.38 23.38
C ASP C 323 20.27 -40.36 23.03
N GLU C 324 20.06 -41.18 21.99
CA GLU C 324 21.07 -42.18 21.63
C GLU C 324 22.38 -41.54 21.18
N VAL C 325 22.35 -40.28 20.75
CA VAL C 325 23.59 -39.59 20.40
C VAL C 325 24.26 -39.03 21.64
N PHE C 326 23.51 -38.29 22.46
CA PHE C 326 24.08 -37.72 23.67
C PHE C 326 24.43 -38.79 24.69
N ASN C 327 23.50 -39.71 24.94
CA ASN C 327 23.75 -40.85 25.83
C ASN C 327 24.09 -42.06 24.96
N ALA C 328 25.31 -42.04 24.43
CA ALA C 328 25.79 -43.09 23.54
C ALA C 328 26.67 -44.07 24.31
N THR C 329 26.60 -45.35 23.91
CA THR C 329 27.40 -46.37 24.58
C THR C 329 28.90 -46.10 24.41
N ARG C 330 29.31 -45.71 23.21
CA ARG C 330 30.71 -45.41 22.94
C ARG C 330 30.78 -44.22 21.99
N PHE C 331 31.97 -43.64 21.89
CA PHE C 331 32.21 -42.40 21.16
C PHE C 331 33.01 -42.70 19.89
N ALA C 332 33.40 -41.62 19.20
CA ALA C 332 34.26 -41.72 18.04
C ALA C 332 35.67 -41.23 18.40
N SER C 333 36.61 -41.47 17.50
CA SER C 333 37.99 -41.07 17.71
C SER C 333 38.20 -39.61 17.33
N VAL C 334 39.35 -39.06 17.73
CA VAL C 334 39.66 -37.68 17.40
C VAL C 334 39.73 -37.50 15.89
N TYR C 335 40.40 -38.42 15.21
CA TYR C 335 40.36 -38.50 13.76
C TYR C 335 39.24 -39.45 13.34
N ALA C 336 38.61 -39.13 12.20
CA ALA C 336 37.40 -39.79 11.72
C ALA C 336 36.23 -39.54 12.67
N TRP C 337 35.01 -39.65 12.15
CA TRP C 337 33.82 -39.35 12.96
C TRP C 337 32.60 -39.93 12.28
N ASN C 338 31.66 -40.39 13.10
CA ASN C 338 30.38 -40.84 12.58
C ASN C 338 29.55 -39.66 12.10
N ARG C 339 28.90 -39.83 10.95
CA ARG C 339 28.12 -38.78 10.32
C ARG C 339 26.66 -39.24 10.27
N LYS C 340 25.86 -38.81 11.24
CA LYS C 340 24.48 -39.25 11.36
C LYS C 340 23.52 -38.27 10.70
N ARG C 341 22.41 -38.80 10.20
CA ARG C 341 21.42 -38.03 9.47
C ARG C 341 20.07 -38.14 10.19
N ILE C 342 19.47 -36.99 10.46
CA ILE C 342 18.19 -36.91 11.16
C ILE C 342 17.19 -36.20 10.27
N SER C 343 15.99 -36.78 10.13
CA SER C 343 15.00 -36.22 9.21
C SER C 343 13.59 -36.55 9.68
N ASN C 344 12.66 -35.66 9.35
CA ASN C 344 11.22 -35.89 9.46
C ASN C 344 10.81 -36.21 10.90
N CYS C 345 10.95 -35.19 11.74
CA CYS C 345 10.60 -35.29 13.16
C CYS C 345 10.68 -33.92 13.81
N VAL C 346 10.39 -33.85 15.11
CA VAL C 346 10.49 -32.61 15.86
C VAL C 346 11.77 -32.62 16.69
N ALA C 347 12.52 -31.53 16.61
CA ALA C 347 13.77 -31.36 17.34
C ALA C 347 13.50 -30.52 18.59
N ASP C 348 13.85 -31.05 19.75
CA ASP C 348 13.59 -30.41 21.04
C ASP C 348 14.90 -30.33 21.81
N TYR C 349 15.50 -29.14 21.82
CA TYR C 349 16.74 -28.91 22.56
C TYR C 349 16.50 -28.35 23.96
N SER C 350 15.24 -28.22 24.37
CA SER C 350 14.97 -27.79 25.75
C SER C 350 15.47 -28.81 26.75
N VAL C 351 15.27 -30.11 26.46
CA VAL C 351 15.79 -31.17 27.32
C VAL C 351 17.30 -31.19 27.31
N LEU C 352 17.94 -30.66 26.26
CA LEU C 352 19.39 -30.62 26.18
C LEU C 352 20.01 -29.78 27.28
N TYR C 353 19.24 -28.87 27.88
CA TYR C 353 19.77 -28.05 28.97
C TYR C 353 20.15 -28.89 30.18
N ASN C 354 19.52 -30.06 30.34
CA ASN C 354 19.77 -30.93 31.49
C ASN C 354 21.05 -31.71 31.22
N LEU C 355 22.15 -31.28 31.84
CA LEU C 355 23.42 -31.97 31.73
C LEU C 355 24.30 -31.53 32.91
N ALA C 356 25.58 -31.89 32.85
CA ALA C 356 26.50 -31.53 33.92
C ALA C 356 26.72 -30.03 33.97
N PRO C 357 27.09 -29.49 35.13
CA PRO C 357 27.40 -28.04 35.20
C PRO C 357 28.50 -27.60 34.26
N PHE C 358 29.47 -28.48 33.97
CA PHE C 358 30.47 -28.17 32.96
C PHE C 358 29.85 -28.27 31.58
N PHE C 359 29.37 -27.14 31.06
CA PHE C 359 28.59 -27.13 29.83
C PHE C 359 28.93 -25.88 29.04
N THR C 360 29.26 -26.06 27.76
CA THR C 360 29.57 -24.95 26.86
C THR C 360 28.51 -24.91 25.77
N PHE C 361 27.87 -23.75 25.60
CA PHE C 361 26.86 -23.56 24.57
C PHE C 361 26.99 -22.13 24.03
N LYS C 362 27.79 -21.99 22.97
CA LYS C 362 27.96 -20.72 22.27
C LYS C 362 27.62 -20.95 20.80
N CYS C 363 26.84 -20.04 20.22
CA CYS C 363 26.34 -20.26 18.87
C CYS C 363 26.48 -18.99 18.04
N TYR C 364 26.54 -19.18 16.72
CA TYR C 364 26.71 -18.11 15.76
C TYR C 364 25.57 -18.16 14.75
N GLY C 365 25.20 -16.98 14.24
CA GLY C 365 24.20 -16.87 13.21
C GLY C 365 22.76 -16.90 13.68
N VAL C 366 22.52 -17.23 14.95
CA VAL C 366 21.16 -17.29 15.48
C VAL C 366 21.26 -17.22 16.99
N SER C 367 20.23 -16.67 17.62
CA SER C 367 20.18 -16.63 19.08
C SER C 367 20.03 -18.05 19.62
N PRO C 368 20.59 -18.35 20.79
CA PRO C 368 20.55 -19.73 21.30
C PRO C 368 19.14 -20.26 21.53
N THR C 369 18.19 -19.40 21.92
CA THR C 369 16.86 -19.87 22.27
C THR C 369 15.90 -19.92 21.08
N LYS C 370 16.18 -19.21 19.99
CA LYS C 370 15.25 -19.11 18.88
C LYS C 370 15.71 -20.08 17.79
N LEU C 371 15.36 -21.35 18.00
CA LEU C 371 15.50 -22.38 16.98
C LEU C 371 14.25 -23.23 16.84
N ASN C 372 13.39 -23.30 17.85
CA ASN C 372 12.15 -24.05 17.74
C ASN C 372 11.23 -23.44 16.68
N ASP C 373 11.07 -22.11 16.70
CA ASP C 373 10.09 -21.46 15.84
C ASP C 373 10.48 -21.47 14.37
N LEU C 374 11.72 -21.12 14.04
CA LEU C 374 12.23 -21.29 12.69
C LEU C 374 12.22 -22.75 12.32
N CYS C 375 12.06 -23.07 11.05
CA CYS C 375 12.45 -24.44 10.74
C CYS C 375 13.16 -24.54 9.40
N PHE C 376 14.45 -24.77 9.50
CA PHE C 376 15.41 -24.92 8.42
C PHE C 376 15.35 -26.33 7.82
N THR C 377 16.35 -26.63 6.99
CA THR C 377 16.50 -27.92 6.33
C THR C 377 17.18 -28.92 7.27
N ASN C 378 17.71 -30.00 6.68
CA ASN C 378 18.32 -31.10 7.42
C ASN C 378 19.41 -30.61 8.37
N VAL C 379 19.75 -31.48 9.32
CA VAL C 379 20.82 -31.25 10.28
C VAL C 379 21.77 -32.44 10.23
N TYR C 380 23.04 -32.19 10.50
CA TYR C 380 24.08 -33.21 10.43
C TYR C 380 24.67 -33.42 11.82
N ALA C 381 24.82 -34.69 12.21
CA ALA C 381 25.28 -35.07 13.53
C ALA C 381 26.63 -35.74 13.44
N ASP C 382 27.55 -35.31 14.31
CA ASP C 382 28.90 -35.86 14.41
C ASP C 382 29.53 -35.35 15.68
N SER C 383 30.42 -36.16 16.27
CA SER C 383 31.06 -35.78 17.51
C SER C 383 32.35 -36.58 17.69
N PHE C 384 33.20 -36.06 18.56
CA PHE C 384 34.44 -36.73 18.96
C PHE C 384 34.87 -36.15 20.31
N VAL C 385 36.08 -36.49 20.73
CA VAL C 385 36.61 -36.07 22.02
C VAL C 385 37.90 -35.29 21.80
N ILE C 386 38.06 -34.18 22.52
CA ILE C 386 39.18 -33.28 22.36
C ILE C 386 39.78 -32.99 23.73
N ARG C 387 41.12 -32.92 23.76
CA ARG C 387 41.83 -32.58 24.99
C ARG C 387 41.43 -31.19 25.46
N GLY C 388 41.44 -31.02 26.79
CA GLY C 388 40.73 -29.90 27.39
C GLY C 388 41.23 -28.53 26.97
N ASP C 389 42.55 -28.39 26.82
CA ASP C 389 43.12 -27.06 26.60
C ASP C 389 42.64 -26.44 25.30
N GLU C 390 42.59 -27.23 24.23
CA GLU C 390 42.32 -26.69 22.89
C GLU C 390 40.85 -26.73 22.50
N VAL C 391 39.94 -26.67 23.47
CA VAL C 391 38.52 -26.59 23.14
C VAL C 391 38.20 -25.28 22.42
N ARG C 392 38.95 -24.21 22.73
CA ARG C 392 38.81 -22.97 21.98
C ARG C 392 39.51 -23.05 20.63
N GLN C 393 40.53 -23.91 20.51
CA GLN C 393 41.28 -24.01 19.26
C GLN C 393 40.39 -24.43 18.10
N ILE C 394 39.35 -25.21 18.36
CA ILE C 394 38.37 -25.56 17.33
C ILE C 394 37.33 -24.46 17.26
N ALA C 395 37.30 -23.74 16.13
CA ALA C 395 36.42 -22.59 15.93
C ALA C 395 36.45 -22.23 14.44
N PRO C 396 35.49 -21.43 13.96
CA PRO C 396 35.48 -21.10 12.52
C PRO C 396 36.63 -20.20 12.09
N GLY C 397 37.58 -20.77 11.36
CA GLY C 397 38.53 -19.96 10.61
C GLY C 397 39.69 -19.38 11.38
N GLN C 398 40.38 -20.17 12.19
CA GLN C 398 41.64 -19.75 12.79
C GLN C 398 42.66 -20.89 12.72
N THR C 399 43.92 -20.53 12.95
CA THR C 399 45.00 -21.50 12.87
C THR C 399 44.95 -22.49 14.04
N GLY C 400 45.62 -23.62 13.84
CA GLY C 400 45.68 -24.64 14.87
C GLY C 400 46.07 -26.00 14.31
N ASN C 401 46.83 -26.78 15.09
CA ASN C 401 47.27 -28.09 14.64
C ASN C 401 46.08 -29.01 14.37
N ILE C 402 45.10 -29.01 15.28
CA ILE C 402 43.89 -29.79 15.04
C ILE C 402 43.04 -29.15 13.96
N ALA C 403 43.15 -27.82 13.81
CA ALA C 403 42.31 -27.12 12.84
C ALA C 403 42.68 -27.48 11.41
N ASP C 404 43.97 -27.46 11.09
CA ASP C 404 44.42 -27.67 9.72
C ASP C 404 44.73 -29.13 9.40
N TYR C 405 44.72 -30.02 10.39
CA TYR C 405 45.09 -31.41 10.18
C TYR C 405 43.97 -32.39 10.47
N ASN C 406 43.03 -32.05 11.35
CA ASN C 406 41.98 -32.97 11.76
C ASN C 406 40.58 -32.47 11.46
N TYR C 407 40.29 -31.19 11.73
CA TYR C 407 38.93 -30.68 11.57
C TYR C 407 38.99 -29.17 11.37
N LYS C 408 38.48 -28.71 10.23
CA LYS C 408 38.36 -27.29 9.94
C LYS C 408 36.89 -26.91 9.82
N LEU C 409 36.59 -25.65 10.14
CA LEU C 409 35.24 -25.15 10.11
C LEU C 409 35.11 -23.99 9.12
N PRO C 410 34.02 -23.94 8.35
CA PRO C 410 33.82 -22.79 7.46
C PRO C 410 33.61 -21.50 8.24
N ASP C 411 34.03 -20.39 7.63
CA ASP C 411 33.88 -19.09 8.28
C ASP C 411 32.41 -18.74 8.46
N ASP C 412 31.61 -18.96 7.42
CA ASP C 412 30.16 -18.70 7.50
C ASP C 412 29.42 -19.98 7.85
N PHE C 413 29.75 -20.51 9.03
CA PHE C 413 29.19 -21.76 9.51
C PHE C 413 27.84 -21.52 10.18
N THR C 414 26.86 -22.35 9.84
CA THR C 414 25.54 -22.30 10.46
C THR C 414 25.41 -23.46 11.45
N GLY C 415 25.13 -23.13 12.70
CA GLY C 415 25.09 -24.08 13.78
C GLY C 415 26.05 -23.68 14.88
N CYS C 416 26.32 -24.63 15.76
CA CYS C 416 27.25 -24.40 16.88
C CYS C 416 27.59 -25.75 17.51
N VAL C 417 28.36 -25.69 18.60
CA VAL C 417 28.96 -26.86 19.23
C VAL C 417 28.59 -26.88 20.70
N ILE C 418 28.72 -28.06 21.30
CA ILE C 418 28.46 -28.26 22.72
C ILE C 418 29.60 -29.09 23.30
N ALA C 419 30.22 -28.59 24.37
CA ALA C 419 31.34 -29.27 25.00
C ALA C 419 31.04 -29.49 26.49
N TRP C 420 31.56 -30.61 27.01
CA TRP C 420 31.34 -30.96 28.41
C TRP C 420 32.44 -31.93 28.83
N ASN C 421 32.62 -32.03 30.16
CA ASN C 421 33.73 -32.77 30.74
C ASN C 421 33.38 -34.23 30.94
N SER C 422 34.29 -35.10 30.53
CA SER C 422 34.10 -36.55 30.62
C SER C 422 35.33 -37.20 31.24
N ASN C 423 35.77 -36.64 32.38
CA ASN C 423 36.98 -37.15 33.03
C ASN C 423 36.78 -38.57 33.56
N LYS C 424 35.72 -38.78 34.33
CA LYS C 424 35.56 -40.07 35.01
C LYS C 424 35.14 -41.18 34.07
N LEU C 425 34.39 -40.86 33.00
CA LEU C 425 33.97 -41.89 32.06
C LEU C 425 35.13 -42.40 31.22
N ASP C 426 36.09 -41.53 30.89
CA ASP C 426 37.18 -41.87 29.99
C ASP C 426 38.45 -42.26 30.72
N SER C 427 38.93 -41.41 31.64
CA SER C 427 40.21 -41.65 32.28
C SER C 427 40.17 -42.91 33.15
N LYS C 428 41.20 -43.73 33.02
CA LYS C 428 41.38 -44.93 33.82
C LYS C 428 42.54 -44.73 34.79
N VAL C 429 42.62 -45.62 35.77
CA VAL C 429 43.68 -45.51 36.78
C VAL C 429 45.04 -45.62 36.13
N SER C 430 45.22 -46.61 35.25
CA SER C 430 46.47 -46.76 34.51
C SER C 430 46.54 -45.85 33.29
N GLY C 431 45.44 -45.22 32.90
CA GLY C 431 45.43 -44.36 31.74
C GLY C 431 45.11 -45.11 30.47
N ASN C 432 44.04 -44.72 29.79
CA ASN C 432 43.60 -45.40 28.58
C ASN C 432 44.20 -44.71 27.36
N TYR C 433 44.76 -45.51 26.45
CA TYR C 433 45.38 -45.01 25.24
C TYR C 433 44.52 -45.48 24.06
N ASN C 434 43.50 -44.69 23.73
CA ASN C 434 42.57 -45.08 22.67
C ASN C 434 42.24 -43.96 21.69
N TYR C 435 42.65 -42.73 21.93
CA TYR C 435 42.27 -41.60 21.09
C TYR C 435 43.51 -40.94 20.52
N LEU C 436 43.47 -40.62 19.23
CA LEU C 436 44.66 -40.27 18.48
C LEU C 436 44.28 -39.40 17.29
N TYR C 437 45.19 -38.50 16.92
CA TYR C 437 44.90 -37.44 15.96
C TYR C 437 46.06 -37.27 14.99
N ARG C 438 45.75 -36.83 13.78
CA ARG C 438 46.78 -36.62 12.76
C ARG C 438 47.74 -35.52 13.18
N LEU C 439 49.01 -35.71 12.86
CA LEU C 439 50.06 -34.79 13.30
C LEU C 439 51.02 -34.35 12.21
N PHE C 440 51.16 -35.09 11.11
CA PHE C 440 52.15 -34.79 10.07
C PHE C 440 51.52 -34.78 8.70
N ARG C 441 50.41 -34.07 8.55
CA ARG C 441 49.76 -33.94 7.25
C ARG C 441 50.43 -32.83 6.44
N LYS C 442 50.76 -33.13 5.19
CA LYS C 442 51.41 -32.15 4.31
C LYS C 442 50.38 -31.39 3.47
N SER C 443 49.39 -30.80 4.14
CA SER C 443 48.36 -30.01 3.48
C SER C 443 47.55 -29.31 4.56
N ASN C 444 46.69 -28.39 4.13
CA ASN C 444 45.72 -27.72 4.99
C ASN C 444 44.34 -28.20 4.56
N LEU C 445 43.83 -29.22 5.25
CA LEU C 445 42.58 -29.84 4.85
C LEU C 445 41.42 -28.84 4.94
N LYS C 446 40.62 -28.79 3.88
CA LYS C 446 39.49 -27.88 3.85
C LYS C 446 38.41 -28.34 4.83
N PRO C 447 37.54 -27.44 5.25
CA PRO C 447 36.47 -27.84 6.16
C PRO C 447 35.52 -28.85 5.54
N PHE C 448 35.07 -29.80 6.36
CA PHE C 448 33.97 -30.72 6.03
C PHE C 448 34.28 -31.57 4.80
N GLU C 449 35.30 -32.42 4.93
CA GLU C 449 35.48 -33.53 4.00
C GLU C 449 36.14 -34.69 4.74
N ARG C 450 35.97 -35.88 4.19
CA ARG C 450 36.49 -37.09 4.82
C ARG C 450 37.96 -37.29 4.47
N ASP C 451 38.74 -37.70 5.47
CA ASP C 451 40.17 -37.96 5.28
C ASP C 451 40.58 -39.05 6.26
N ILE C 452 40.59 -40.29 5.79
CA ILE C 452 41.05 -41.43 6.59
C ILE C 452 42.21 -42.10 5.86
N SER C 453 43.30 -42.33 6.58
CA SER C 453 44.49 -42.92 6.02
C SER C 453 45.39 -43.39 7.15
N THR C 454 46.12 -44.49 6.91
CA THR C 454 47.01 -45.05 7.91
C THR C 454 48.45 -45.21 7.41
N GLU C 455 48.75 -44.80 6.19
CA GLU C 455 50.11 -44.91 5.69
C GLU C 455 51.03 -43.94 6.41
N ILE C 456 52.30 -44.33 6.54
CA ILE C 456 53.27 -43.49 7.24
C ILE C 456 53.61 -42.29 6.38
N TYR C 457 53.60 -41.11 7.01
CA TYR C 457 53.92 -39.88 6.28
C TYR C 457 55.41 -39.82 5.96
N GLN C 458 55.73 -39.31 4.78
CA GLN C 458 57.11 -39.09 4.35
C GLN C 458 57.32 -37.60 4.06
N ALA C 459 58.47 -37.09 4.46
CA ALA C 459 58.79 -35.67 4.29
C ALA C 459 59.20 -35.32 2.86
N GLY C 460 58.96 -36.22 1.90
CA GLY C 460 59.39 -35.97 0.54
C GLY C 460 60.87 -36.27 0.36
N ASN C 461 61.54 -35.44 -0.44
CA ASN C 461 62.98 -35.58 -0.68
C ASN C 461 63.32 -36.96 -1.21
N LYS C 462 63.70 -37.88 -0.33
CA LYS C 462 64.11 -39.22 -0.71
C LYS C 462 63.00 -40.24 -0.45
N PRO C 463 62.93 -41.29 -1.27
CA PRO C 463 61.86 -42.29 -1.11
C PRO C 463 62.12 -43.25 0.04
N CYS C 464 61.68 -42.88 1.24
CA CYS C 464 61.85 -43.77 2.40
C CYS C 464 61.28 -45.16 2.13
N ASN C 465 60.20 -45.25 1.38
CA ASN C 465 59.67 -46.53 0.87
C ASN C 465 59.25 -47.46 2.00
N GLY C 466 58.46 -46.93 2.94
CA GLY C 466 57.88 -47.75 3.99
C GLY C 466 58.89 -48.39 4.92
N VAL C 467 59.92 -47.64 5.31
CA VAL C 467 60.89 -48.11 6.27
C VAL C 467 60.73 -47.46 7.64
N ALA C 468 60.13 -46.27 7.71
CA ALA C 468 59.91 -45.55 8.96
C ALA C 468 61.23 -45.25 9.67
N GLY C 469 62.16 -44.67 8.92
CA GLY C 469 63.44 -44.27 9.47
C GLY C 469 63.53 -42.77 9.71
N PHE C 470 64.55 -42.13 9.14
CA PHE C 470 64.72 -40.69 9.27
C PHE C 470 63.87 -39.97 8.22
N ASN C 471 63.18 -38.92 8.65
CA ASN C 471 62.32 -38.06 7.85
C ASN C 471 61.07 -38.78 7.34
N CYS C 472 60.92 -40.07 7.63
CA CYS C 472 59.75 -40.86 7.24
C CYS C 472 59.13 -41.36 8.55
N TYR C 473 58.24 -40.56 9.12
CA TYR C 473 57.70 -40.79 10.45
C TYR C 473 56.24 -41.20 10.39
N PHE C 474 55.84 -42.09 11.30
CA PHE C 474 54.44 -42.45 11.45
C PHE C 474 53.77 -41.45 12.37
N PRO C 475 52.68 -40.80 11.95
CA PRO C 475 52.04 -39.80 12.81
C PRO C 475 51.10 -40.43 13.82
N LEU C 476 50.32 -39.58 14.50
CA LEU C 476 49.18 -39.87 15.38
C LEU C 476 49.54 -39.64 16.83
N ARG C 477 50.30 -40.56 17.43
CA ARG C 477 50.85 -40.38 18.78
C ARG C 477 49.72 -40.17 19.80
N SER C 478 48.96 -41.24 20.02
CA SER C 478 47.77 -41.23 20.86
C SER C 478 48.00 -40.61 22.23
N TYR C 479 46.92 -40.15 22.87
CA TYR C 479 46.98 -39.41 24.11
C TYR C 479 47.20 -40.37 25.29
N SER C 480 47.08 -39.84 26.51
CA SER C 480 47.27 -40.60 27.73
C SER C 480 46.01 -40.70 28.58
N PHE C 481 45.33 -39.58 28.83
CA PHE C 481 44.12 -39.52 29.64
C PHE C 481 44.37 -40.08 31.05
N ARG C 482 45.22 -39.36 31.77
CA ARG C 482 45.58 -39.74 33.13
C ARG C 482 44.36 -39.67 34.04
N PRO C 483 44.30 -40.53 35.07
CA PRO C 483 43.13 -40.51 35.97
C PRO C 483 42.91 -39.17 36.66
N THR C 484 43.99 -38.48 37.03
CA THR C 484 43.90 -37.15 37.61
C THR C 484 44.92 -36.25 36.92
N TYR C 485 44.50 -35.03 36.58
CA TYR C 485 45.34 -34.08 35.88
C TYR C 485 44.63 -32.75 35.86
N GLY C 486 45.30 -31.75 35.29
CA GLY C 486 44.69 -30.43 35.16
C GLY C 486 43.64 -30.39 34.08
N VAL C 487 42.88 -29.29 34.08
CA VAL C 487 41.82 -29.12 33.10
C VAL C 487 42.36 -28.98 31.68
N GLY C 488 43.63 -28.57 31.54
CA GLY C 488 44.19 -28.41 30.20
C GLY C 488 44.28 -29.72 29.45
N HIS C 489 44.78 -30.77 30.11
CA HIS C 489 44.93 -32.09 29.52
C HIS C 489 43.83 -33.04 29.99
N GLN C 490 42.65 -32.48 30.27
CA GLN C 490 41.51 -33.26 30.73
C GLN C 490 40.61 -33.57 29.55
N PRO C 491 40.35 -34.85 29.25
CA PRO C 491 39.54 -35.19 28.07
C PRO C 491 38.14 -34.60 28.17
N TYR C 492 37.74 -33.86 27.13
CA TYR C 492 36.43 -33.24 27.05
C TYR C 492 35.68 -33.80 25.85
N ARG C 493 34.47 -34.27 26.08
CA ARG C 493 33.60 -34.77 25.01
C ARG C 493 32.82 -33.60 24.43
N VAL C 494 33.03 -33.32 23.15
CA VAL C 494 32.42 -32.19 22.47
C VAL C 494 31.66 -32.68 21.25
N VAL C 495 30.44 -32.19 21.08
CA VAL C 495 29.58 -32.55 19.94
C VAL C 495 29.41 -31.31 19.08
N VAL C 496 29.58 -31.49 17.77
CA VAL C 496 29.46 -30.41 16.80
C VAL C 496 28.16 -30.61 16.04
N LEU C 497 27.38 -29.53 15.88
CA LEU C 497 26.08 -29.57 15.24
C LEU C 497 26.08 -28.63 14.04
N SER C 498 25.63 -29.14 12.90
CA SER C 498 25.60 -28.38 11.65
C SER C 498 24.28 -28.64 10.94
N PHE C 499 23.52 -27.58 10.67
CA PHE C 499 22.28 -27.67 9.93
C PHE C 499 22.34 -26.75 8.71
N GLU C 500 21.76 -27.21 7.61
CA GLU C 500 21.83 -26.50 6.33
C GLU C 500 20.78 -25.38 6.30
N LEU C 501 20.53 -24.85 5.10
CA LEU C 501 19.66 -23.69 4.92
C LEU C 501 18.99 -23.86 3.56
N LEU C 502 18.44 -22.77 3.02
CA LEU C 502 17.73 -22.61 1.76
C LEU C 502 16.28 -23.10 1.86
N HIS C 503 15.89 -23.74 2.97
CA HIS C 503 14.50 -23.93 3.41
C HIS C 503 13.64 -24.75 2.46
N ALA C 504 14.15 -25.15 1.29
CA ALA C 504 13.29 -25.88 0.36
C ALA C 504 13.14 -27.34 0.79
N PRO C 505 14.22 -28.06 1.13
CA PRO C 505 13.99 -29.39 1.73
C PRO C 505 13.59 -29.30 3.21
N ALA C 506 12.30 -29.03 3.44
CA ALA C 506 11.77 -28.98 4.79
C ALA C 506 11.92 -30.35 5.43
N THR C 507 12.78 -30.44 6.44
CA THR C 507 13.23 -31.73 6.95
C THR C 507 12.74 -32.01 8.36
N VAL C 508 13.12 -31.18 9.35
CA VAL C 508 12.90 -31.51 10.75
C VAL C 508 11.87 -30.57 11.42
N CYS C 509 12.32 -29.49 12.03
CA CYS C 509 11.58 -28.46 12.76
C CYS C 509 10.64 -29.02 13.82
N GLY C 510 9.51 -28.37 14.06
CA GLY C 510 9.15 -27.96 15.39
C GLY C 510 7.85 -27.19 15.48
N PRO C 511 7.94 -25.89 15.79
CA PRO C 511 6.91 -25.18 16.54
C PRO C 511 6.40 -25.87 17.80
N LYS C 512 5.57 -26.91 17.69
CA LYS C 512 4.94 -27.53 18.87
C LYS C 512 4.09 -26.46 19.54
N LYS C 513 4.23 -26.24 20.85
CA LYS C 513 3.56 -25.15 21.57
C LYS C 513 2.03 -25.27 21.46
N SER C 514 1.52 -26.37 22.03
CA SER C 514 0.09 -26.61 22.08
C SER C 514 -0.54 -25.80 23.21
N THR C 515 -1.88 -25.70 23.16
CA THR C 515 -2.62 -24.89 24.11
C THR C 515 -3.99 -25.53 24.32
N ASN C 516 -4.61 -25.22 25.45
CA ASN C 516 -5.90 -25.80 25.81
C ASN C 516 -7.01 -25.26 24.90
N LEU C 517 -8.23 -25.72 25.17
CA LEU C 517 -9.40 -25.39 24.35
C LEU C 517 -10.40 -24.58 25.16
N VAL C 518 -11.12 -23.71 24.46
CA VAL C 518 -12.23 -22.95 25.02
C VAL C 518 -13.44 -23.11 24.11
N LYS C 519 -14.62 -22.81 24.66
CA LYS C 519 -15.86 -22.97 23.91
C LYS C 519 -16.86 -21.92 24.34
N ASN C 520 -17.84 -21.68 23.47
CA ASN C 520 -18.97 -20.79 23.73
C ASN C 520 -18.52 -19.36 24.07
N LYS C 521 -17.39 -18.94 23.51
CA LYS C 521 -16.91 -17.58 23.71
C LYS C 521 -16.13 -17.16 22.47
N CYS C 522 -16.16 -15.85 22.20
CA CYS C 522 -15.39 -15.31 21.08
C CYS C 522 -13.91 -15.46 21.36
N VAL C 523 -13.17 -16.00 20.40
CA VAL C 523 -11.76 -16.33 20.60
C VAL C 523 -11.10 -16.48 19.24
N ASN C 524 -9.86 -16.01 19.14
CA ASN C 524 -9.06 -16.21 17.94
C ASN C 524 -8.41 -17.59 17.98
N PHE C 525 -8.37 -18.26 16.83
CA PHE C 525 -7.88 -19.63 16.75
C PHE C 525 -6.85 -19.78 15.64
N ASN C 526 -5.92 -20.69 15.86
CA ASN C 526 -4.84 -21.04 14.93
C ASN C 526 -4.71 -22.56 14.84
N PHE C 527 -5.85 -23.21 14.58
CA PHE C 527 -5.96 -24.66 14.77
C PHE C 527 -4.87 -25.43 14.02
N ASN C 528 -4.65 -25.10 12.75
CA ASN C 528 -3.55 -25.73 12.02
C ASN C 528 -2.83 -24.77 11.08
N GLY C 529 -3.12 -23.47 11.15
CA GLY C 529 -2.54 -22.51 10.24
C GLY C 529 -3.57 -21.51 9.77
N LEU C 530 -4.82 -21.95 9.68
CA LEU C 530 -5.92 -21.04 9.40
C LEU C 530 -6.21 -20.19 10.62
N LYS C 531 -6.51 -18.91 10.38
CA LYS C 531 -6.73 -17.94 11.45
C LYS C 531 -8.09 -17.29 11.26
N GLY C 532 -8.81 -17.09 12.36
CA GLY C 532 -10.12 -16.48 12.30
C GLY C 532 -10.61 -16.16 13.69
N THR C 533 -11.79 -15.51 13.72
CA THR C 533 -12.42 -15.10 14.97
C THR C 533 -13.87 -15.55 14.95
N GLY C 534 -14.32 -16.15 16.05
CA GLY C 534 -15.69 -16.62 16.12
C GLY C 534 -15.94 -17.34 17.42
N VAL C 535 -17.04 -18.10 17.45
CA VAL C 535 -17.44 -18.87 18.62
C VAL C 535 -17.38 -20.35 18.25
N LEU C 536 -17.16 -21.19 19.25
CA LEU C 536 -16.98 -22.62 19.05
C LEU C 536 -18.14 -23.38 19.68
N THR C 537 -18.64 -24.38 18.97
CA THR C 537 -19.75 -25.21 19.45
C THR C 537 -19.64 -26.58 18.79
N GLU C 538 -20.66 -27.41 19.00
CA GLU C 538 -20.71 -28.76 18.46
C GLU C 538 -21.73 -28.83 17.33
N SER C 539 -21.35 -29.50 16.25
CA SER C 539 -22.21 -29.65 15.08
C SER C 539 -22.37 -31.13 14.76
N ASN C 540 -23.60 -31.52 14.40
CA ASN C 540 -23.89 -32.91 14.07
C ASN C 540 -23.31 -33.36 12.74
N LYS C 541 -22.88 -32.42 11.89
CA LYS C 541 -22.34 -32.78 10.59
C LYS C 541 -21.05 -33.57 10.74
N LYS C 542 -20.85 -34.52 9.83
CA LYS C 542 -19.71 -35.42 9.87
C LYS C 542 -18.73 -35.12 8.74
N PHE C 543 -17.49 -35.52 8.94
CA PHE C 543 -16.42 -35.31 7.98
C PHE C 543 -15.85 -36.64 7.53
N LEU C 544 -15.32 -36.67 6.31
CA LEU C 544 -14.60 -37.84 5.84
C LEU C 544 -13.25 -37.91 6.55
N PRO C 545 -12.64 -39.11 6.61
CA PRO C 545 -11.39 -39.25 7.37
C PRO C 545 -10.27 -38.34 6.89
N PHE C 546 -10.20 -38.04 5.60
CA PHE C 546 -9.14 -37.18 5.08
C PHE C 546 -9.48 -35.70 5.12
N GLN C 547 -10.71 -35.34 5.48
CA GLN C 547 -11.11 -33.93 5.45
C GLN C 547 -10.45 -33.17 6.60
N GLN C 548 -9.92 -32.00 6.28
CA GLN C 548 -9.24 -31.16 7.28
C GLN C 548 -10.20 -30.13 7.88
N PHE C 549 -10.75 -29.25 7.04
CA PHE C 549 -11.67 -28.23 7.50
C PHE C 549 -12.65 -27.93 6.37
N GLY C 550 -13.91 -27.70 6.73
CA GLY C 550 -14.95 -27.50 5.75
C GLY C 550 -15.03 -26.07 5.24
N ARG C 551 -15.96 -25.88 4.31
CA ARG C 551 -16.26 -24.58 3.72
C ARG C 551 -17.74 -24.55 3.37
N ASP C 552 -18.14 -23.59 2.54
CA ASP C 552 -19.54 -23.47 2.15
C ASP C 552 -19.62 -22.61 0.89
N ILE C 553 -20.85 -22.23 0.54
CA ILE C 553 -21.06 -21.28 -0.54
C ILE C 553 -20.46 -19.94 -0.14
N ALA C 554 -19.93 -19.22 -1.14
CA ALA C 554 -19.27 -17.93 -0.94
C ALA C 554 -18.04 -18.07 -0.04
N ASP C 555 -17.36 -19.20 -0.17
CA ASP C 555 -16.01 -19.48 0.37
C ASP C 555 -15.77 -18.85 1.74
N THR C 556 -16.58 -19.28 2.71
CA THR C 556 -16.37 -18.92 4.10
C THR C 556 -16.02 -20.15 4.93
N THR C 557 -15.12 -19.96 5.89
CA THR C 557 -14.68 -21.07 6.74
C THR C 557 -15.80 -21.46 7.68
N ASP C 558 -16.45 -22.59 7.39
CA ASP C 558 -17.60 -23.02 8.17
C ASP C 558 -17.18 -23.79 9.42
N ALA C 559 -16.53 -24.93 9.24
CA ALA C 559 -16.22 -25.83 10.35
C ALA C 559 -14.77 -26.30 10.25
N VAL C 560 -14.18 -26.58 11.41
CA VAL C 560 -12.82 -27.08 11.51
C VAL C 560 -12.81 -28.30 12.43
N ARG C 561 -11.89 -29.22 12.14
CA ARG C 561 -11.71 -30.42 12.96
C ARG C 561 -10.46 -30.25 13.81
N ASP C 562 -10.59 -30.46 15.11
CA ASP C 562 -9.48 -30.21 16.03
C ASP C 562 -8.40 -31.27 15.83
N PRO C 563 -7.13 -30.87 15.65
CA PRO C 563 -6.07 -31.86 15.45
C PRO C 563 -5.87 -32.79 16.64
N GLN C 564 -6.09 -32.32 17.86
CA GLN C 564 -5.76 -33.12 19.03
C GLN C 564 -6.76 -34.26 19.24
N THR C 565 -8.04 -33.99 19.00
CA THR C 565 -9.11 -34.94 19.35
C THR C 565 -9.87 -35.48 18.14
N LEU C 566 -9.80 -34.80 16.99
CA LEU C 566 -10.56 -35.18 15.80
C LEU C 566 -12.07 -35.14 16.07
N GLU C 567 -12.53 -33.96 16.47
CA GLU C 567 -13.94 -33.69 16.74
C GLU C 567 -14.38 -32.49 15.91
N ILE C 568 -15.58 -32.56 15.35
CA ILE C 568 -16.07 -31.50 14.48
C ILE C 568 -16.54 -30.33 15.33
N LEU C 569 -16.02 -29.14 15.03
CA LEU C 569 -16.39 -27.91 15.70
C LEU C 569 -16.89 -26.89 14.69
N ASP C 570 -17.72 -25.97 15.14
CA ASP C 570 -18.33 -24.98 14.28
C ASP C 570 -17.86 -23.58 14.65
N ILE C 571 -17.97 -22.66 13.70
CA ILE C 571 -17.49 -21.29 13.85
C ILE C 571 -18.64 -20.33 13.51
N THR C 572 -18.86 -19.35 14.38
CA THR C 572 -19.86 -18.31 14.18
C THR C 572 -19.28 -17.04 14.77
N PRO C 573 -19.26 -15.93 14.04
CA PRO C 573 -18.59 -14.73 14.53
C PRO C 573 -19.38 -14.06 15.64
N CYS C 574 -18.73 -13.09 16.27
CA CYS C 574 -19.34 -12.30 17.33
C CYS C 574 -20.47 -11.44 16.76
N SER C 575 -21.41 -11.09 17.63
CA SER C 575 -22.56 -10.29 17.22
C SER C 575 -22.13 -8.92 16.76
N PHE C 576 -22.67 -8.49 15.63
CA PHE C 576 -22.39 -7.17 15.09
C PHE C 576 -23.62 -6.66 14.35
N GLY C 577 -23.76 -5.33 14.32
CA GLY C 577 -24.90 -4.73 13.66
C GLY C 577 -24.91 -3.24 13.85
N GLY C 578 -25.79 -2.58 13.12
CA GLY C 578 -25.92 -1.14 13.19
C GLY C 578 -26.62 -0.68 14.45
N VAL C 579 -26.54 0.63 14.70
CA VAL C 579 -27.15 1.25 15.86
C VAL C 579 -27.92 2.47 15.37
N SER C 580 -29.17 2.58 15.82
CA SER C 580 -30.02 3.72 15.46
C SER C 580 -30.54 4.38 16.73
N VAL C 581 -30.73 5.70 16.64
CA VAL C 581 -31.16 6.51 17.78
C VAL C 581 -32.49 7.17 17.43
N ILE C 582 -33.47 7.03 18.32
CA ILE C 582 -34.78 7.64 18.15
C ILE C 582 -34.85 8.89 19.03
N THR C 583 -35.22 10.01 18.43
CA THR C 583 -35.36 11.24 19.18
C THR C 583 -36.64 11.97 18.79
N PRO C 584 -37.33 12.59 19.74
CA PRO C 584 -38.54 13.35 19.43
C PRO C 584 -38.31 14.82 19.12
N GLY C 585 -37.06 15.25 18.90
CA GLY C 585 -36.78 16.65 18.70
C GLY C 585 -36.11 17.28 19.89
N THR C 586 -34.99 17.98 19.67
CA THR C 586 -34.24 18.56 20.79
C THR C 586 -35.04 19.63 21.50
N ASN C 587 -35.86 20.40 20.78
CA ASN C 587 -36.66 21.44 21.42
C ASN C 587 -37.70 20.83 22.37
N THR C 588 -38.34 19.73 21.96
CA THR C 588 -39.38 19.14 22.79
C THR C 588 -38.80 18.52 24.05
N SER C 589 -37.71 17.76 23.93
CA SER C 589 -37.11 17.08 25.06
C SER C 589 -35.68 16.70 24.69
N ASN C 590 -35.01 16.00 25.61
CA ASN C 590 -33.65 15.55 25.38
C ASN C 590 -33.44 14.05 25.61
N GLN C 591 -34.37 13.37 26.27
CA GLN C 591 -34.23 11.93 26.45
C GLN C 591 -34.51 11.20 25.14
N VAL C 592 -33.77 10.11 24.93
CA VAL C 592 -33.84 9.37 23.66
C VAL C 592 -33.94 7.88 23.97
N ALA C 593 -34.33 7.12 22.95
CA ALA C 593 -34.40 5.67 23.01
C ALA C 593 -33.56 5.10 21.87
N VAL C 594 -32.70 4.14 22.19
CA VAL C 594 -31.78 3.58 21.22
C VAL C 594 -32.35 2.27 20.69
N LEU C 595 -31.75 1.77 19.60
CA LEU C 595 -32.22 0.56 18.95
C LEU C 595 -31.03 -0.20 18.38
N TYR C 596 -31.19 -1.51 18.23
CA TYR C 596 -30.21 -2.36 17.59
C TYR C 596 -30.89 -3.21 16.53
N GLN C 597 -30.18 -3.51 15.45
CA GLN C 597 -30.78 -4.15 14.29
C GLN C 597 -30.37 -5.61 14.23
N GLY C 598 -31.37 -6.49 14.13
CA GLY C 598 -31.14 -7.91 13.94
C GLY C 598 -30.29 -8.56 15.01
N VAL C 599 -30.49 -8.16 16.27
CA VAL C 599 -29.71 -8.69 17.38
C VAL C 599 -30.62 -8.89 18.57
N ASN C 600 -30.68 -10.13 19.08
CA ASN C 600 -31.21 -10.38 20.41
C ASN C 600 -30.17 -9.94 21.42
N CYS C 601 -30.56 -9.00 22.28
CA CYS C 601 -29.64 -8.21 23.10
C CYS C 601 -29.58 -8.66 24.54
N THR C 602 -29.60 -9.97 24.78
CA THR C 602 -29.27 -10.50 26.10
C THR C 602 -27.79 -10.42 26.43
N GLU C 603 -26.97 -9.84 25.53
CA GLU C 603 -25.53 -9.79 25.74
C GLU C 603 -24.93 -8.43 25.40
N VAL C 604 -25.74 -7.40 25.20
CA VAL C 604 -25.23 -6.05 24.95
C VAL C 604 -24.57 -5.38 26.15
N PRO C 605 -24.89 -5.71 27.42
CA PRO C 605 -24.08 -5.13 28.50
C PRO C 605 -22.61 -5.48 28.40
N VAL C 606 -22.27 -6.68 27.91
CA VAL C 606 -20.88 -7.05 27.71
C VAL C 606 -20.24 -6.14 26.66
N ALA C 607 -20.94 -5.91 25.55
CA ALA C 607 -20.41 -5.03 24.51
C ALA C 607 -20.26 -3.60 25.01
N ILE C 608 -21.21 -3.14 25.81
CA ILE C 608 -21.12 -1.79 26.36
C ILE C 608 -19.92 -1.66 27.30
N HIS C 609 -19.72 -2.65 28.17
CA HIS C 609 -18.58 -2.62 29.08
C HIS C 609 -17.26 -2.69 28.31
N ALA C 610 -17.20 -3.51 27.26
CA ALA C 610 -15.99 -3.58 26.44
C ALA C 610 -15.74 -2.27 25.73
N ASP C 611 -16.81 -1.58 25.31
CA ASP C 611 -16.66 -0.29 24.65
C ASP C 611 -16.09 0.76 25.61
N GLN C 612 -16.37 0.62 26.90
CA GLN C 612 -15.84 1.52 27.93
C GLN C 612 -16.20 2.98 27.64
N LEU C 613 -17.48 3.21 27.37
CA LEU C 613 -17.97 4.54 27.07
C LEU C 613 -18.37 5.25 28.36
N THR C 614 -19.07 6.39 28.22
CA THR C 614 -19.55 7.13 29.38
C THR C 614 -20.64 6.34 30.11
N PRO C 615 -20.86 6.62 31.39
CA PRO C 615 -21.79 5.79 32.17
C PRO C 615 -23.22 5.77 31.65
N THR C 616 -23.62 6.76 30.85
CA THR C 616 -24.97 6.73 30.29
C THR C 616 -25.15 5.57 29.31
N TRP C 617 -24.07 5.16 28.63
CA TRP C 617 -24.14 3.98 27.79
C TRP C 617 -24.31 2.71 28.61
N ARG C 618 -23.67 2.65 29.77
CA ARG C 618 -23.87 1.52 30.67
C ARG C 618 -25.27 1.52 31.27
N VAL C 619 -25.85 2.70 31.48
CA VAL C 619 -27.22 2.78 31.97
C VAL C 619 -28.18 2.17 30.96
N TYR C 620 -27.96 2.46 29.66
CA TYR C 620 -28.79 1.87 28.63
C TYR C 620 -28.58 0.36 28.48
N SER C 621 -27.49 -0.17 29.05
CA SER C 621 -27.29 -1.62 29.06
C SER C 621 -28.08 -2.31 30.16
N THR C 622 -28.64 -1.55 31.10
CA THR C 622 -29.46 -2.12 32.16
C THR C 622 -30.83 -2.53 31.63
N GLY C 623 -31.44 -3.48 32.33
CA GLY C 623 -32.75 -3.96 31.93
C GLY C 623 -33.90 -3.11 32.44
N SER C 624 -33.83 -1.81 32.17
CA SER C 624 -34.92 -0.91 32.57
C SER C 624 -36.20 -1.23 31.81
N ASN C 625 -36.16 -1.12 30.48
CA ASN C 625 -37.29 -1.46 29.63
C ASN C 625 -36.73 -1.99 28.31
N VAL C 626 -36.62 -3.31 28.21
CA VAL C 626 -36.09 -3.97 27.02
C VAL C 626 -37.23 -4.69 26.32
N PHE C 627 -37.46 -4.32 25.06
CA PHE C 627 -38.52 -4.91 24.25
C PHE C 627 -37.90 -5.46 22.98
N GLN C 628 -38.19 -6.72 22.68
CA GLN C 628 -37.60 -7.41 21.53
C GLN C 628 -38.61 -7.45 20.40
N THR C 629 -38.18 -7.02 19.21
CA THR C 629 -39.04 -6.92 18.04
C THR C 629 -38.51 -7.82 16.92
N ARG C 630 -39.15 -7.74 15.77
CA ARG C 630 -38.65 -8.47 14.59
C ARG C 630 -37.37 -7.84 14.07
N ALA C 631 -37.33 -6.50 13.99
CA ALA C 631 -36.12 -5.82 13.54
C ALA C 631 -34.97 -6.02 14.50
N GLY C 632 -35.25 -6.00 15.80
CA GLY C 632 -34.22 -6.16 16.81
C GLY C 632 -34.79 -6.03 18.20
N CYS C 633 -34.11 -5.31 19.09
CA CYS C 633 -34.67 -4.98 20.39
C CYS C 633 -34.56 -3.49 20.62
N LEU C 634 -35.49 -2.95 21.40
CA LEU C 634 -35.55 -1.53 21.69
C LEU C 634 -35.21 -1.29 23.15
N ILE C 635 -34.44 -0.24 23.41
CA ILE C 635 -34.00 0.10 24.75
C ILE C 635 -34.33 1.56 25.02
N GLY C 636 -34.96 1.83 26.17
CA GLY C 636 -35.25 3.17 26.61
C GLY C 636 -36.72 3.56 26.55
N ALA C 637 -37.58 2.74 25.94
CA ALA C 637 -39.00 3.04 25.86
C ALA C 637 -39.80 1.81 26.25
N GLU C 638 -40.89 2.04 26.98
CA GLU C 638 -41.78 0.97 27.40
C GLU C 638 -42.76 0.59 26.28
N TYR C 639 -43.47 -0.51 26.48
CA TYR C 639 -44.35 -1.08 25.47
C TYR C 639 -45.80 -1.02 25.96
N VAL C 640 -46.68 -0.52 25.10
CA VAL C 640 -48.11 -0.48 25.37
C VAL C 640 -48.80 -1.12 24.16
N ASN C 641 -50.12 -1.30 24.26
CA ASN C 641 -50.87 -1.89 23.17
C ASN C 641 -52.11 -1.11 22.74
N ASN C 642 -52.26 0.14 23.14
CA ASN C 642 -53.29 0.97 22.53
C ASN C 642 -52.71 1.62 21.27
N SER C 643 -53.36 1.37 20.14
CA SER C 643 -52.77 1.68 18.84
C SER C 643 -53.47 2.86 18.20
N TYR C 644 -52.66 3.72 17.58
CA TYR C 644 -53.17 4.90 16.87
C TYR C 644 -52.17 5.24 15.76
N GLU C 645 -52.31 6.44 15.20
CA GLU C 645 -51.53 6.82 14.03
C GLU C 645 -50.03 6.81 14.34
N CYS C 646 -49.25 6.34 13.37
CA CYS C 646 -47.80 6.24 13.54
C CYS C 646 -47.13 7.61 13.42
N ASP C 647 -46.01 7.76 14.12
CA ASP C 647 -45.21 8.98 14.04
C ASP C 647 -43.80 8.72 13.53
N ILE C 648 -43.10 7.74 14.10
CA ILE C 648 -41.73 7.42 13.68
C ILE C 648 -41.66 5.95 13.31
N PRO C 649 -41.43 5.62 12.05
CA PRO C 649 -41.35 4.20 11.67
C PRO C 649 -40.13 3.53 12.27
N ILE C 650 -40.28 2.24 12.59
CA ILE C 650 -39.19 1.42 13.10
C ILE C 650 -39.04 0.19 12.22
N GLY C 651 -40.13 -0.52 12.01
CA GLY C 651 -40.14 -1.72 11.20
C GLY C 651 -41.07 -2.76 11.79
N ALA C 652 -41.53 -3.67 10.94
CA ALA C 652 -42.43 -4.76 11.33
C ALA C 652 -43.69 -4.22 12.01
N GLY C 653 -44.20 -3.11 11.48
CA GLY C 653 -45.43 -2.53 12.00
C GLY C 653 -45.35 -2.02 13.41
N ILE C 654 -44.25 -1.37 13.78
CA ILE C 654 -44.06 -0.80 15.11
C ILE C 654 -43.55 0.62 14.95
N CYS C 655 -44.17 1.55 15.66
CA CYS C 655 -43.78 2.96 15.61
C CYS C 655 -43.61 3.51 17.02
N ALA C 656 -42.72 4.48 17.15
CA ALA C 656 -42.43 5.12 18.43
C ALA C 656 -42.92 6.56 18.39
N SER C 657 -43.66 6.95 19.42
CA SER C 657 -44.19 8.31 19.54
C SER C 657 -43.86 8.85 20.92
N TYR C 658 -44.23 10.11 21.15
CA TYR C 658 -43.95 10.80 22.41
C TYR C 658 -45.28 11.19 23.05
N GLN C 659 -45.85 10.27 23.83
CA GLN C 659 -47.08 10.55 24.54
C GLN C 659 -46.81 11.42 25.76
N THR C 660 -47.87 12.05 26.27
CA THR C 660 -47.77 13.01 27.38
C THR C 660 -48.71 12.56 28.50
N GLN C 661 -48.20 11.67 29.36
CA GLN C 661 -48.95 11.20 30.52
C GLN C 661 -48.05 10.43 31.47
N SER C 673 -46.05 13.34 33.33
CA SER C 673 -44.78 12.80 32.86
C SER C 673 -44.80 12.61 31.35
N GLN C 674 -43.63 12.73 30.72
CA GLN C 674 -43.49 12.55 29.29
C GLN C 674 -42.37 11.55 29.03
N SER C 675 -42.60 10.61 28.12
CA SER C 675 -41.61 9.58 27.82
C SER C 675 -41.84 9.06 26.41
N ILE C 676 -40.84 8.36 25.89
CA ILE C 676 -40.94 7.73 24.59
C ILE C 676 -41.74 6.45 24.72
N ILE C 677 -42.73 6.27 23.83
CA ILE C 677 -43.62 5.13 23.88
C ILE C 677 -43.52 4.36 22.58
N ALA C 678 -43.68 3.05 22.67
CA ALA C 678 -43.66 2.16 21.51
C ALA C 678 -44.96 1.38 21.47
N TYR C 679 -45.51 1.22 20.26
CA TYR C 679 -46.81 0.59 20.10
C TYR C 679 -46.93 0.04 18.68
N THR C 680 -48.00 -0.70 18.45
CA THR C 680 -48.26 -1.37 17.19
C THR C 680 -49.02 -0.45 16.23
N MET C 681 -48.76 -0.63 14.94
CA MET C 681 -49.42 0.17 13.91
C MET C 681 -50.93 -0.05 13.93
N SER C 682 -51.66 1.02 13.61
CA SER C 682 -53.12 0.98 13.53
C SER C 682 -53.55 1.50 12.17
N LEU C 683 -54.29 0.69 11.42
CA LEU C 683 -54.70 1.06 10.07
C LEU C 683 -55.93 1.97 10.05
N GLY C 684 -56.66 2.08 11.14
CA GLY C 684 -57.85 2.91 11.19
C GLY C 684 -58.90 2.28 12.08
N ALA C 685 -60.14 2.67 11.86
CA ALA C 685 -61.28 2.21 12.64
C ALA C 685 -62.21 1.37 11.79
N GLU C 686 -62.76 0.31 12.37
CA GLU C 686 -63.69 -0.54 11.66
C GLU C 686 -64.99 0.21 11.37
N ASN C 687 -65.59 -0.09 10.21
CA ASN C 687 -66.86 0.52 9.84
C ASN C 687 -67.52 -0.40 8.81
N SER C 688 -68.57 -1.09 9.23
CA SER C 688 -69.29 -2.03 8.38
C SER C 688 -70.56 -1.39 7.86
N VAL C 689 -70.76 -1.44 6.55
CA VAL C 689 -71.96 -0.88 5.93
C VAL C 689 -73.13 -1.82 6.17
N ALA C 690 -74.34 -1.24 6.25
CA ALA C 690 -75.56 -2.02 6.47
C ALA C 690 -76.11 -2.50 5.12
N TYR C 691 -75.39 -3.45 4.54
CA TYR C 691 -75.76 -3.97 3.24
C TYR C 691 -77.05 -4.78 3.30
N SER C 692 -77.82 -4.72 2.22
CA SER C 692 -79.02 -5.52 2.06
C SER C 692 -79.26 -5.70 0.57
N ASN C 693 -80.47 -6.13 0.21
CA ASN C 693 -80.84 -6.33 -1.18
C ASN C 693 -82.16 -5.66 -1.54
N ASN C 694 -82.64 -4.77 -0.67
CA ASN C 694 -83.79 -3.93 -1.00
C ASN C 694 -83.60 -2.52 -0.44
N SER C 695 -82.35 -2.09 -0.27
CA SER C 695 -82.06 -0.80 0.34
C SER C 695 -81.12 0.00 -0.55
N ILE C 696 -81.19 1.33 -0.41
CA ILE C 696 -80.34 2.23 -1.18
C ILE C 696 -80.27 3.55 -0.42
N ALA C 697 -79.17 4.28 -0.62
CA ALA C 697 -78.93 5.54 0.05
C ALA C 697 -78.58 6.62 -0.97
N ILE C 698 -79.07 7.84 -0.73
CA ILE C 698 -78.88 8.95 -1.67
C ILE C 698 -78.59 10.22 -0.89
N PRO C 699 -77.55 10.97 -1.25
CA PRO C 699 -77.24 12.21 -0.53
C PRO C 699 -78.24 13.31 -0.84
N THR C 700 -78.27 14.32 0.04
CA THR C 700 -79.13 15.49 -0.12
C THR C 700 -78.32 16.75 -0.37
N ASN C 701 -77.42 17.11 0.54
CA ASN C 701 -76.42 18.14 0.28
C ASN C 701 -75.17 17.57 -0.39
N PHE C 702 -74.15 18.42 -0.47
CA PHE C 702 -72.91 18.22 -1.19
C PHE C 702 -71.98 19.37 -0.83
N THR C 703 -70.69 19.15 -0.99
CA THR C 703 -69.69 20.13 -0.62
C THR C 703 -68.72 20.36 -1.77
N ILE C 704 -68.21 21.59 -1.85
CA ILE C 704 -67.17 21.97 -2.81
C ILE C 704 -65.90 22.23 -2.01
N SER C 705 -64.90 21.37 -2.20
CA SER C 705 -63.64 21.48 -1.50
C SER C 705 -62.51 21.76 -2.49
N VAL C 706 -61.41 22.29 -1.96
CA VAL C 706 -60.24 22.63 -2.77
C VAL C 706 -59.03 21.95 -2.16
N THR C 707 -58.24 21.30 -3.01
CA THR C 707 -57.07 20.55 -2.57
C THR C 707 -55.87 20.92 -3.43
N THR C 708 -54.70 20.95 -2.82
CA THR C 708 -53.47 21.32 -3.52
C THR C 708 -52.83 20.11 -4.18
N GLU C 709 -51.82 20.36 -4.99
CA GLU C 709 -51.00 19.32 -5.58
C GLU C 709 -49.72 19.97 -6.12
N ILE C 710 -48.57 19.47 -5.68
CA ILE C 710 -47.28 20.09 -6.00
C ILE C 710 -46.45 19.08 -6.78
N LEU C 711 -45.91 19.52 -7.93
CA LEU C 711 -45.07 18.69 -8.76
C LEU C 711 -43.87 19.52 -9.23
N PRO C 712 -42.65 19.06 -8.99
CA PRO C 712 -41.49 19.76 -9.53
C PRO C 712 -41.38 19.56 -11.03
N VAL C 713 -40.78 20.54 -11.71
CA VAL C 713 -40.65 20.49 -13.16
C VAL C 713 -39.22 20.70 -13.64
N SER C 714 -38.33 21.28 -12.86
CA SER C 714 -36.97 21.53 -13.33
C SER C 714 -36.02 21.61 -12.15
N MET C 715 -34.75 21.38 -12.42
CA MET C 715 -33.68 21.49 -11.45
C MET C 715 -32.76 22.64 -11.85
N THR C 716 -31.66 22.79 -11.10
CA THR C 716 -30.71 23.87 -11.33
C THR C 716 -29.65 23.42 -12.31
N LYS C 717 -29.55 24.09 -13.45
CA LYS C 717 -28.52 23.79 -14.42
C LYS C 717 -27.14 24.12 -13.85
N THR C 718 -26.13 23.37 -14.28
CA THR C 718 -24.79 23.55 -13.77
C THR C 718 -23.78 23.19 -14.83
N SER C 719 -22.55 23.68 -14.64
CA SER C 719 -21.44 23.35 -15.50
C SER C 719 -20.16 23.40 -14.67
N VAL C 720 -19.12 22.72 -15.16
CA VAL C 720 -17.88 22.57 -14.43
C VAL C 720 -16.71 22.92 -15.33
N ASP C 721 -15.61 23.37 -14.72
CA ASP C 721 -14.37 23.66 -15.40
C ASP C 721 -13.35 22.60 -15.00
N CYS C 722 -12.85 21.85 -15.99
CA CYS C 722 -11.99 20.71 -15.70
C CYS C 722 -10.65 21.16 -15.12
N THR C 723 -9.98 22.09 -15.81
CA THR C 723 -8.59 22.42 -15.48
C THR C 723 -8.48 23.02 -14.09
N MET C 724 -9.38 23.94 -13.74
CA MET C 724 -9.31 24.57 -12.43
C MET C 724 -9.59 23.57 -11.30
N TYR C 725 -10.55 22.66 -11.53
CA TYR C 725 -10.87 21.69 -10.49
C TYR C 725 -9.78 20.65 -10.34
N ILE C 726 -9.08 20.30 -11.42
CA ILE C 726 -8.11 19.21 -11.37
C ILE C 726 -6.92 19.59 -10.48
N CYS C 727 -6.34 20.77 -10.70
CA CYS C 727 -5.17 21.19 -9.92
C CYS C 727 -5.22 22.61 -9.38
N GLY C 728 -5.96 23.53 -9.99
CA GLY C 728 -5.94 24.88 -9.49
C GLY C 728 -4.67 25.66 -9.77
N ASP C 729 -4.47 26.05 -11.04
CA ASP C 729 -3.38 26.92 -11.46
C ASP C 729 -2.01 26.24 -11.30
N SER C 730 -1.83 25.16 -12.06
CA SER C 730 -0.51 24.57 -12.28
C SER C 730 -0.46 24.07 -13.72
N THR C 731 0.29 24.78 -14.57
CA THR C 731 0.30 24.46 -16.00
C THR C 731 0.88 23.08 -16.27
N GLU C 732 1.76 22.59 -15.40
CA GLU C 732 2.29 21.25 -15.57
C GLU C 732 1.20 20.20 -15.46
N CYS C 733 0.17 20.44 -14.64
CA CYS C 733 -1.01 19.58 -14.67
C CYS C 733 -1.69 19.61 -16.02
N SER C 734 -1.80 20.80 -16.64
CA SER C 734 -2.41 20.88 -17.96
C SER C 734 -1.62 20.09 -18.97
N ASN C 735 -0.29 20.15 -18.90
CA ASN C 735 0.54 19.36 -19.80
C ASN C 735 0.37 17.86 -19.55
N LEU C 736 0.33 17.46 -18.28
CA LEU C 736 0.29 16.03 -17.96
C LEU C 736 -1.06 15.42 -18.29
N LEU C 737 -2.14 16.17 -18.07
CA LEU C 737 -3.49 15.64 -18.31
C LEU C 737 -3.74 15.34 -19.78
N LEU C 738 -2.99 15.97 -20.69
CA LEU C 738 -3.13 15.67 -22.11
C LEU C 738 -2.87 14.21 -22.43
N GLN C 739 -2.07 13.52 -21.61
CA GLN C 739 -1.79 12.11 -21.82
C GLN C 739 -2.94 11.20 -21.43
N TYR C 740 -3.99 11.73 -20.81
CA TYR C 740 -5.14 10.94 -20.39
C TYR C 740 -6.31 11.06 -21.36
N GLY C 741 -6.11 11.66 -22.53
CA GLY C 741 -7.13 11.69 -23.55
C GLY C 741 -8.08 12.86 -23.44
N SER C 742 -9.38 12.61 -23.67
CA SER C 742 -10.40 13.64 -23.73
C SER C 742 -11.56 13.28 -22.81
N PHE C 743 -11.24 12.94 -21.56
CA PHE C 743 -12.29 12.75 -20.55
C PHE C 743 -13.10 14.03 -20.39
N CYS C 744 -12.41 15.17 -20.31
CA CYS C 744 -13.08 16.44 -20.05
C CYS C 744 -14.09 16.77 -21.15
N THR C 745 -13.74 16.46 -22.40
CA THR C 745 -14.69 16.68 -23.49
C THR C 745 -15.96 15.86 -23.30
N GLN C 746 -15.80 14.59 -22.90
CA GLN C 746 -16.96 13.73 -22.69
C GLN C 746 -17.84 14.26 -21.56
N LEU C 747 -17.22 14.68 -20.44
CA LEU C 747 -18.04 15.21 -19.34
C LEU C 747 -18.69 16.53 -19.70
N LYS C 748 -17.99 17.39 -20.44
CA LYS C 748 -18.58 18.65 -20.87
C LYS C 748 -19.78 18.41 -21.78
N ARG C 749 -19.67 17.44 -22.69
CA ARG C 749 -20.80 17.08 -23.54
C ARG C 749 -21.94 16.51 -22.71
N ALA C 750 -21.62 15.68 -21.72
CA ALA C 750 -22.65 15.06 -20.89
C ALA C 750 -23.42 16.10 -20.09
N LEU C 751 -22.72 17.10 -19.54
CA LEU C 751 -23.36 18.09 -18.69
C LEU C 751 -24.10 19.18 -19.47
N THR C 752 -24.36 18.97 -20.76
CA THR C 752 -25.12 19.91 -21.57
C THR C 752 -26.48 19.36 -22.00
N GLY C 753 -26.58 18.04 -22.15
CA GLY C 753 -27.87 17.45 -22.48
C GLY C 753 -28.91 17.73 -21.43
N ILE C 754 -28.56 17.57 -20.16
CA ILE C 754 -29.50 17.88 -19.09
C ILE C 754 -29.81 19.38 -19.05
N ALA C 755 -28.82 20.21 -19.35
CA ALA C 755 -29.03 21.66 -19.35
C ALA C 755 -30.08 22.06 -20.38
N VAL C 756 -29.97 21.52 -21.60
CA VAL C 756 -30.99 21.82 -22.61
C VAL C 756 -32.31 21.12 -22.27
N GLU C 757 -32.24 19.94 -21.66
CA GLU C 757 -33.45 19.23 -21.27
C GLU C 757 -34.27 20.02 -20.27
N GLN C 758 -33.62 20.80 -19.40
CA GLN C 758 -34.37 21.54 -18.38
C GLN C 758 -35.31 22.55 -19.02
N ASP C 759 -34.80 23.41 -19.90
CA ASP C 759 -35.68 24.39 -20.52
C ASP C 759 -36.59 23.75 -21.55
N LYS C 760 -36.21 22.62 -22.14
CA LYS C 760 -37.16 21.87 -22.96
C LYS C 760 -38.37 21.45 -22.13
N ASN C 761 -38.13 20.93 -20.93
CA ASN C 761 -39.23 20.53 -20.05
C ASN C 761 -40.06 21.73 -19.65
N THR C 762 -39.42 22.85 -19.33
CA THR C 762 -40.16 24.04 -18.93
C THR C 762 -41.08 24.51 -20.05
N GLN C 763 -40.55 24.58 -21.28
CA GLN C 763 -41.37 25.00 -22.41
C GLN C 763 -42.49 24.01 -22.67
N GLU C 764 -42.21 22.70 -22.55
CA GLU C 764 -43.25 21.70 -22.77
C GLU C 764 -44.36 21.83 -21.75
N VAL C 765 -44.03 22.10 -20.50
CA VAL C 765 -45.05 22.11 -19.45
C VAL C 765 -45.83 23.43 -19.43
N PHE C 766 -45.23 24.55 -19.86
CA PHE C 766 -45.92 25.83 -19.82
C PHE C 766 -46.36 26.33 -21.18
N ALA C 767 -45.50 26.28 -22.20
CA ALA C 767 -45.82 26.86 -23.51
C ALA C 767 -46.83 25.96 -24.21
N GLN C 768 -48.10 26.14 -23.84
CA GLN C 768 -49.19 25.38 -24.44
C GLN C 768 -50.25 26.25 -25.09
N VAL C 769 -50.23 27.56 -24.87
CA VAL C 769 -51.18 28.48 -25.50
C VAL C 769 -50.40 29.48 -26.33
N LYS C 770 -50.82 29.66 -27.59
CA LYS C 770 -50.08 30.54 -28.49
C LYS C 770 -50.31 32.01 -28.12
N GLN C 771 -51.55 32.39 -27.89
CA GLN C 771 -51.86 33.78 -27.60
C GLN C 771 -51.65 34.08 -26.11
N ILE C 772 -51.79 35.37 -25.76
CA ILE C 772 -51.68 35.84 -24.39
C ILE C 772 -52.97 36.60 -24.10
N TYR C 773 -53.95 35.91 -23.53
CA TYR C 773 -55.22 36.53 -23.21
C TYR C 773 -55.09 37.38 -21.94
N LYS C 774 -56.13 38.16 -21.67
CA LYS C 774 -56.21 38.92 -20.43
C LYS C 774 -57.67 39.17 -20.09
N THR C 775 -57.95 39.26 -18.79
CA THR C 775 -59.30 39.40 -18.31
C THR C 775 -59.86 40.79 -18.62
N PRO C 776 -61.17 40.92 -18.73
CA PRO C 776 -61.78 42.24 -18.88
C PRO C 776 -61.61 43.05 -17.61
N PRO C 777 -61.67 44.39 -17.71
CA PRO C 777 -61.40 45.22 -16.50
C PRO C 777 -62.35 44.93 -15.35
N ILE C 778 -63.61 44.64 -15.62
CA ILE C 778 -64.57 44.32 -14.58
C ILE C 778 -64.41 42.85 -14.19
N LYS C 779 -64.77 42.53 -12.94
CA LYS C 779 -64.67 41.16 -12.43
C LYS C 779 -65.93 40.85 -11.62
N TYR C 780 -66.96 40.35 -12.30
CA TYR C 780 -68.19 39.87 -11.65
C TYR C 780 -68.61 38.59 -12.37
N PHE C 781 -68.11 37.46 -11.88
CA PHE C 781 -68.42 36.16 -12.47
C PHE C 781 -69.51 35.44 -11.68
N GLY C 782 -70.70 36.05 -11.67
CA GLY C 782 -71.86 35.44 -11.04
C GLY C 782 -71.69 35.14 -9.57
N GLY C 783 -71.11 36.08 -8.82
CA GLY C 783 -70.95 35.91 -7.39
C GLY C 783 -69.68 35.18 -6.97
N PHE C 784 -68.91 34.67 -7.92
CA PHE C 784 -67.64 34.03 -7.59
C PHE C 784 -66.56 35.09 -7.42
N ASN C 785 -65.63 34.82 -6.50
CA ASN C 785 -64.58 35.76 -6.16
C ASN C 785 -63.25 35.11 -6.52
N PHE C 786 -62.46 35.79 -7.36
CA PHE C 786 -61.21 35.25 -7.87
C PHE C 786 -60.03 36.19 -7.63
N SER C 787 -60.19 37.23 -6.83
CA SER C 787 -59.13 38.21 -6.64
C SER C 787 -57.89 37.61 -5.99
N GLN C 788 -58.03 36.48 -5.29
CA GLN C 788 -56.88 35.85 -4.66
C GLN C 788 -55.87 35.36 -5.69
N ILE C 789 -56.35 34.76 -6.79
CA ILE C 789 -55.46 34.16 -7.77
C ILE C 789 -55.22 35.06 -8.99
N LEU C 790 -56.12 35.99 -9.28
CA LEU C 790 -55.91 36.88 -10.40
C LEU C 790 -54.72 37.80 -10.13
N PRO C 791 -53.90 38.09 -11.13
CA PRO C 791 -52.75 38.97 -10.91
C PRO C 791 -53.19 40.40 -10.60
N ASP C 792 -52.35 41.09 -9.83
CA ASP C 792 -52.60 42.46 -9.43
C ASP C 792 -51.51 43.37 -10.02
N PRO C 793 -51.87 44.33 -10.88
CA PRO C 793 -50.84 45.23 -11.42
C PRO C 793 -50.14 46.07 -10.37
N SER C 794 -50.83 46.45 -9.31
CA SER C 794 -50.26 47.29 -8.26
C SER C 794 -49.37 46.47 -7.33
N LYS C 795 -48.30 45.93 -7.91
CA LYS C 795 -47.36 45.05 -7.23
C LYS C 795 -46.17 44.82 -8.15
N PRO C 796 -44.96 44.62 -7.62
CA PRO C 796 -43.82 44.28 -8.50
C PRO C 796 -44.12 43.04 -9.32
N SER C 797 -43.72 43.07 -10.58
CA SER C 797 -44.02 42.03 -11.56
C SER C 797 -45.55 41.89 -11.65
N LYS C 798 -46.05 40.72 -12.02
CA LYS C 798 -47.48 40.44 -12.07
C LYS C 798 -47.83 39.28 -11.13
N ARG C 799 -47.00 39.06 -10.12
CA ARG C 799 -47.22 37.98 -9.17
C ARG C 799 -48.47 38.26 -8.34
N SER C 800 -49.39 37.29 -8.29
CA SER C 800 -50.60 37.45 -7.51
C SER C 800 -50.38 36.95 -6.10
N PHE C 801 -51.42 37.06 -5.26
CA PHE C 801 -51.25 36.89 -3.82
C PHE C 801 -50.83 35.46 -3.47
N ILE C 802 -51.45 34.46 -4.09
CA ILE C 802 -51.23 33.07 -3.68
C ILE C 802 -49.79 32.65 -3.94
N GLU C 803 -49.31 32.85 -5.17
CA GLU C 803 -47.97 32.39 -5.49
C GLU C 803 -46.92 33.32 -4.89
N ASP C 804 -47.27 34.58 -4.61
CA ASP C 804 -46.37 35.43 -3.85
C ASP C 804 -46.17 34.90 -2.43
N LEU C 805 -47.27 34.50 -1.79
CA LEU C 805 -47.16 33.89 -0.47
C LEU C 805 -46.37 32.59 -0.52
N LEU C 806 -46.59 31.79 -1.57
CA LEU C 806 -45.85 30.54 -1.71
C LEU C 806 -44.37 30.79 -1.98
N PHE C 807 -44.04 31.90 -2.64
CA PHE C 807 -42.65 32.16 -3.02
C PHE C 807 -41.76 32.35 -1.80
N ASN C 808 -42.24 33.07 -0.79
CA ASN C 808 -41.47 33.31 0.42
C ASN C 808 -41.37 32.08 1.31
N LYS C 809 -42.09 31.01 0.98
CA LYS C 809 -42.05 29.82 1.81
C LYS C 809 -40.72 29.07 1.69
N VAL C 810 -40.07 29.14 0.53
CA VAL C 810 -38.83 28.39 0.34
C VAL C 810 -37.69 29.12 1.04
N THR C 811 -37.33 30.29 0.53
CA THR C 811 -36.33 31.20 1.12
C THR C 811 -35.17 30.45 1.79
N LEU C 812 -34.65 29.46 1.09
CA LEU C 812 -33.50 28.73 1.63
C LEU C 812 -32.34 28.66 0.66
N ALA C 813 -32.59 28.47 -0.64
CA ALA C 813 -31.52 28.48 -1.62
C ALA C 813 -31.02 29.89 -1.91
N ASP C 814 -31.86 30.89 -1.67
CA ASP C 814 -31.53 32.30 -1.94
C ASP C 814 -31.07 32.49 -3.38
N ALA C 815 -31.91 32.01 -4.30
CA ALA C 815 -31.65 32.09 -5.74
C ALA C 815 -30.32 31.44 -6.10
N GLY C 816 -29.26 32.24 -6.19
CA GLY C 816 -27.96 31.74 -6.56
C GLY C 816 -27.70 31.67 -8.04
N PHE C 817 -28.61 32.14 -8.88
CA PHE C 817 -28.45 32.10 -10.33
C PHE C 817 -27.61 33.29 -10.79
N ILE C 818 -26.33 33.25 -10.37
CA ILE C 818 -25.31 34.26 -10.63
C ILE C 818 -25.90 35.66 -10.78
N LYS C 819 -26.44 36.20 -9.69
CA LYS C 819 -26.99 37.55 -9.72
C LYS C 819 -25.86 38.56 -9.77
N GLN C 820 -25.16 38.61 -10.90
CA GLN C 820 -23.96 39.43 -11.07
C GLN C 820 -22.93 39.11 -9.98
N TYR C 821 -22.50 37.85 -9.98
CA TYR C 821 -21.47 37.44 -9.04
C TYR C 821 -20.11 37.98 -9.49
N GLY C 822 -19.09 37.67 -8.70
CA GLY C 822 -17.81 38.36 -8.78
C GLY C 822 -17.75 39.60 -7.93
N ASP C 823 -18.88 40.02 -7.34
CA ASP C 823 -18.88 41.14 -6.41
C ASP C 823 -18.14 40.81 -5.13
N CYS C 824 -17.90 39.53 -4.85
CA CYS C 824 -17.06 39.16 -3.72
C CYS C 824 -15.60 39.23 -4.13
N LEU C 825 -15.21 40.35 -4.75
CA LEU C 825 -13.81 40.58 -5.07
C LEU C 825 -13.01 40.94 -3.81
N GLY C 826 -13.60 41.77 -2.95
CA GLY C 826 -13.08 41.99 -1.62
C GLY C 826 -14.05 41.41 -0.61
N ASP C 827 -13.65 40.35 0.07
CA ASP C 827 -14.56 39.64 0.96
C ASP C 827 -14.79 40.46 2.22
N ILE C 828 -15.52 41.56 2.08
CA ILE C 828 -15.79 42.44 3.22
C ILE C 828 -16.90 41.89 4.10
N ALA C 829 -17.81 41.11 3.54
CA ALA C 829 -18.93 40.47 4.24
C ALA C 829 -18.52 39.06 4.68
N ALA C 830 -19.50 38.26 5.10
CA ALA C 830 -19.27 36.88 5.49
C ALA C 830 -19.13 35.93 4.31
N ARG C 831 -18.79 36.46 3.13
CA ARG C 831 -18.32 35.77 1.93
C ARG C 831 -19.23 34.64 1.46
N ASP C 832 -20.41 34.49 2.06
CA ASP C 832 -21.44 33.53 1.65
C ASP C 832 -20.79 32.15 1.49
N LEU C 833 -21.33 31.32 0.59
CA LEU C 833 -20.70 30.06 0.20
C LEU C 833 -20.68 29.83 -1.30
N ILE C 834 -21.54 30.50 -2.08
CA ILE C 834 -21.56 30.29 -3.53
C ILE C 834 -20.28 30.81 -4.18
N CYS C 835 -19.69 31.87 -3.61
CA CYS C 835 -18.46 32.40 -4.18
C CYS C 835 -17.35 31.36 -4.17
N ALA C 836 -17.21 30.62 -3.06
CA ALA C 836 -16.21 29.57 -3.00
C ALA C 836 -16.50 28.47 -4.01
N GLN C 837 -17.78 28.10 -4.17
CA GLN C 837 -18.14 27.07 -5.13
C GLN C 837 -17.76 27.49 -6.55
N LYS C 838 -18.04 28.75 -6.91
CA LYS C 838 -17.64 29.24 -8.22
C LYS C 838 -16.11 29.27 -8.36
N PHE C 839 -15.42 29.71 -7.31
CA PHE C 839 -13.97 29.85 -7.37
C PHE C 839 -13.25 28.51 -7.35
N LYS C 840 -13.94 27.43 -7.01
CA LYS C 840 -13.38 26.09 -7.17
C LYS C 840 -13.60 25.52 -8.56
N GLY C 841 -14.23 26.27 -9.46
CA GLY C 841 -14.48 25.82 -10.80
C GLY C 841 -15.87 25.30 -11.07
N LEU C 842 -16.76 25.37 -10.08
CA LEU C 842 -18.14 24.89 -10.23
C LEU C 842 -19.04 26.07 -10.57
N THR C 843 -19.44 26.16 -11.83
CA THR C 843 -20.28 27.25 -12.30
C THR C 843 -21.76 26.86 -12.28
N VAL C 844 -22.62 27.87 -12.29
CA VAL C 844 -24.06 27.69 -12.33
C VAL C 844 -24.64 28.65 -13.37
N LEU C 845 -25.58 28.16 -14.17
CA LEU C 845 -26.15 28.96 -15.24
C LEU C 845 -27.56 29.41 -14.89
N PRO C 846 -27.99 30.57 -15.38
CA PRO C 846 -29.36 31.02 -15.14
C PRO C 846 -30.33 30.35 -16.08
N PRO C 847 -31.59 30.20 -15.68
CA PRO C 847 -32.57 29.58 -16.57
C PRO C 847 -32.92 30.48 -17.76
N LEU C 848 -33.38 29.84 -18.83
CA LEU C 848 -33.77 30.59 -20.03
C LEU C 848 -34.95 31.50 -19.74
N LEU C 849 -35.98 30.98 -19.07
CA LEU C 849 -37.20 31.71 -18.80
C LEU C 849 -37.21 32.16 -17.34
N THR C 850 -37.30 33.47 -17.13
CA THR C 850 -37.40 33.99 -15.78
C THR C 850 -38.83 33.84 -15.27
N ASP C 851 -39.00 34.08 -13.97
CA ASP C 851 -40.30 33.90 -13.33
C ASP C 851 -41.35 34.87 -13.89
N GLU C 852 -40.93 35.99 -14.48
CA GLU C 852 -41.90 36.95 -14.99
C GLU C 852 -42.71 36.36 -16.14
N MET C 853 -42.03 35.74 -17.11
CA MET C 853 -42.75 35.12 -18.23
C MET C 853 -43.57 33.93 -17.76
N ILE C 854 -43.08 33.20 -16.75
CA ILE C 854 -43.87 32.10 -16.19
C ILE C 854 -45.16 32.61 -15.59
N ALA C 855 -45.08 33.72 -14.84
CA ALA C 855 -46.29 34.31 -14.28
C ALA C 855 -47.23 34.80 -15.38
N GLN C 856 -46.67 35.37 -16.44
CA GLN C 856 -47.48 35.79 -17.57
C GLN C 856 -48.22 34.61 -18.18
N TYR C 857 -47.52 33.49 -18.38
CA TYR C 857 -48.14 32.31 -18.96
C TYR C 857 -49.25 31.77 -18.07
N THR C 858 -49.00 31.70 -16.75
CA THR C 858 -50.02 31.22 -15.83
C THR C 858 -51.24 32.13 -15.83
N SER C 859 -51.03 33.44 -15.86
CA SER C 859 -52.14 34.37 -15.92
C SER C 859 -52.93 34.20 -17.22
N ALA C 860 -52.23 34.02 -18.34
CA ALA C 860 -52.92 33.80 -19.60
C ALA C 860 -53.76 32.53 -19.57
N LEU C 861 -53.20 31.44 -19.03
CA LEU C 861 -53.96 30.20 -18.95
C LEU C 861 -55.18 30.36 -18.05
N LEU C 862 -55.02 31.03 -16.90
CA LEU C 862 -56.15 31.22 -16.01
C LEU C 862 -57.23 32.08 -16.66
N ALA C 863 -56.82 33.13 -17.38
CA ALA C 863 -57.78 33.96 -18.09
C ALA C 863 -58.53 33.15 -19.15
N GLY C 864 -57.80 32.32 -19.89
CA GLY C 864 -58.45 31.50 -20.90
C GLY C 864 -59.46 30.53 -20.30
N THR C 865 -59.11 29.92 -19.17
CA THR C 865 -60.02 28.96 -18.55
C THR C 865 -61.12 29.61 -17.72
N ILE C 866 -61.03 30.91 -17.45
CA ILE C 866 -62.07 31.58 -16.67
C ILE C 866 -63.03 32.30 -17.60
N THR C 867 -62.57 32.69 -18.78
CA THR C 867 -63.37 33.50 -19.69
C THR C 867 -64.03 32.67 -20.79
N SER C 868 -63.24 31.94 -21.57
CA SER C 868 -63.74 31.23 -22.73
C SER C 868 -64.02 29.76 -22.46
N GLY C 869 -64.01 29.34 -21.19
CA GLY C 869 -64.27 27.95 -20.90
C GLY C 869 -63.12 27.06 -21.38
N TRP C 870 -63.46 25.81 -21.67
CA TRP C 870 -62.48 24.82 -22.11
C TRP C 870 -62.37 24.76 -23.63
N THR C 871 -63.11 25.59 -24.36
CA THR C 871 -63.10 25.50 -25.81
C THR C 871 -61.83 26.06 -26.44
N PHE C 872 -61.10 26.91 -25.72
CA PHE C 872 -59.91 27.52 -26.30
C PHE C 872 -58.75 26.54 -26.44
N GLY C 873 -58.85 25.35 -25.87
CA GLY C 873 -57.81 24.35 -26.07
C GLY C 873 -57.75 23.86 -27.50
N ALA C 874 -58.91 23.73 -28.15
CA ALA C 874 -58.95 23.21 -29.52
C ALA C 874 -58.61 24.30 -30.53
N GLY C 875 -59.41 25.35 -30.59
CA GLY C 875 -59.19 26.41 -31.56
C GLY C 875 -59.29 27.80 -30.96
N ALA C 876 -60.01 28.68 -31.64
CA ALA C 876 -60.15 30.05 -31.18
C ALA C 876 -61.01 30.10 -29.92
N ALA C 877 -60.62 30.97 -28.98
CA ALA C 877 -61.35 31.11 -27.73
C ALA C 877 -62.73 31.71 -28.00
N LEU C 878 -63.75 31.12 -27.40
CA LEU C 878 -65.13 31.58 -27.53
C LEU C 878 -65.67 31.91 -26.14
N GLN C 879 -66.08 33.16 -25.95
CA GLN C 879 -66.56 33.59 -24.65
C GLN C 879 -67.91 32.96 -24.34
N ILE C 880 -68.20 32.84 -23.05
CA ILE C 880 -69.41 32.19 -22.56
C ILE C 880 -69.63 32.59 -21.11
N PRO C 881 -70.87 32.87 -20.70
CA PRO C 881 -71.10 33.23 -19.29
C PRO C 881 -70.66 32.12 -18.35
N PHE C 882 -70.14 32.53 -17.19
CA PHE C 882 -69.58 31.57 -16.24
C PHE C 882 -70.65 30.63 -15.71
N ALA C 883 -71.87 31.12 -15.51
CA ALA C 883 -72.94 30.27 -15.01
C ALA C 883 -73.22 29.12 -15.96
N MET C 884 -73.23 29.39 -17.27
CA MET C 884 -73.47 28.33 -18.23
C MET C 884 -72.31 27.34 -18.27
N GLN C 885 -71.07 27.82 -18.09
CA GLN C 885 -69.95 26.89 -17.99
C GLN C 885 -70.09 25.98 -16.78
N MET C 886 -70.49 26.55 -15.63
CA MET C 886 -70.71 25.73 -14.45
C MET C 886 -71.84 24.73 -14.68
N ALA C 887 -72.90 25.15 -15.38
CA ALA C 887 -73.99 24.25 -15.69
C ALA C 887 -73.50 23.09 -16.56
N TYR C 888 -72.65 23.39 -17.54
CA TYR C 888 -72.07 22.32 -18.36
C TYR C 888 -71.24 21.37 -17.51
N ARG C 889 -70.42 21.90 -16.60
CA ARG C 889 -69.59 21.05 -15.77
C ARG C 889 -70.43 20.13 -14.89
N PHE C 890 -71.49 20.66 -14.28
CA PHE C 890 -72.40 19.80 -13.51
C PHE C 890 -73.13 18.81 -14.40
N ASN C 891 -73.47 19.19 -15.63
CA ASN C 891 -74.04 18.23 -16.56
C ASN C 891 -73.04 17.12 -16.88
N GLY C 892 -71.76 17.39 -16.73
CA GLY C 892 -70.74 16.38 -16.88
C GLY C 892 -70.92 15.19 -15.94
N ILE C 893 -70.87 15.45 -14.63
CA ILE C 893 -70.95 14.36 -13.64
C ILE C 893 -72.42 14.20 -13.27
N GLY C 894 -73.15 13.50 -14.14
CA GLY C 894 -74.49 12.98 -13.86
C GLY C 894 -75.44 13.83 -13.05
N VAL C 895 -75.41 15.15 -13.24
CA VAL C 895 -76.29 16.06 -12.51
C VAL C 895 -76.92 17.04 -13.50
N THR C 896 -78.23 17.19 -13.42
CA THR C 896 -78.94 18.07 -14.34
C THR C 896 -78.63 19.54 -14.03
N GLN C 897 -78.95 20.40 -14.99
CA GLN C 897 -78.59 21.81 -14.89
C GLN C 897 -79.33 22.50 -13.75
N ASN C 898 -80.58 22.11 -13.48
CA ASN C 898 -81.42 22.83 -12.52
C ASN C 898 -80.83 22.83 -11.12
N VAL C 899 -79.93 21.91 -10.80
CA VAL C 899 -79.31 21.89 -9.48
C VAL C 899 -78.50 23.16 -9.25
N LEU C 900 -77.72 23.57 -10.25
CA LEU C 900 -76.87 24.76 -10.10
C LEU C 900 -77.71 26.02 -9.93
N TYR C 901 -78.65 26.26 -10.83
CA TYR C 901 -79.39 27.52 -10.84
C TYR C 901 -80.28 27.70 -9.63
N GLU C 902 -80.56 26.64 -8.87
CA GLU C 902 -81.34 26.75 -7.65
C GLU C 902 -80.48 26.97 -6.40
N ASN C 903 -79.15 26.88 -6.52
CA ASN C 903 -78.27 26.97 -5.36
C ASN C 903 -77.01 27.77 -5.66
N GLN C 904 -77.12 28.79 -6.51
CA GLN C 904 -75.93 29.52 -6.96
C GLN C 904 -75.22 30.21 -5.81
N LYS C 905 -75.97 30.93 -4.98
CA LYS C 905 -75.36 31.72 -3.93
C LYS C 905 -74.65 30.84 -2.90
N LEU C 906 -75.26 29.70 -2.56
CA LEU C 906 -74.62 28.77 -1.64
C LEU C 906 -73.33 28.23 -2.22
N ILE C 907 -73.33 27.91 -3.51
CA ILE C 907 -72.11 27.44 -4.16
C ILE C 907 -71.02 28.50 -4.10
N ALA C 908 -71.38 29.76 -4.39
CA ALA C 908 -70.40 30.84 -4.33
C ALA C 908 -69.84 31.00 -2.92
N ASN C 909 -70.71 30.94 -1.92
CA ASN C 909 -70.26 31.07 -0.54
C ASN C 909 -69.31 29.94 -0.15
N GLN C 910 -69.65 28.70 -0.52
CA GLN C 910 -68.78 27.58 -0.20
C GLN C 910 -67.44 27.69 -0.91
N PHE C 911 -67.45 28.11 -2.18
CA PHE C 911 -66.19 28.27 -2.90
C PHE C 911 -65.31 29.34 -2.28
N ASN C 912 -65.91 30.48 -1.91
CA ASN C 912 -65.14 31.54 -1.27
C ASN C 912 -64.58 31.09 0.07
N SER C 913 -65.39 30.38 0.86
CA SER C 913 -64.91 29.87 2.14
C SER C 913 -63.76 28.89 1.95
N ALA C 914 -63.87 28.01 0.95
CA ALA C 914 -62.81 27.05 0.68
C ALA C 914 -61.52 27.74 0.26
N ILE C 915 -61.63 28.77 -0.59
CA ILE C 915 -60.42 29.46 -1.03
C ILE C 915 -59.78 30.23 0.13
N GLY C 916 -60.60 30.80 1.01
CA GLY C 916 -60.04 31.44 2.19
C GLY C 916 -59.34 30.44 3.10
N LYS C 917 -59.95 29.26 3.28
CA LYS C 917 -59.34 28.24 4.12
C LYS C 917 -58.02 27.75 3.54
N ILE C 918 -57.96 27.57 2.22
CA ILE C 918 -56.71 27.09 1.62
C ILE C 918 -55.64 28.18 1.71
N GLN C 919 -56.03 29.45 1.55
CA GLN C 919 -55.08 30.54 1.74
C GLN C 919 -54.51 30.52 3.16
N ASP C 920 -55.39 30.38 4.16
CA ASP C 920 -54.93 30.37 5.55
C ASP C 920 -54.06 29.16 5.83
N SER C 921 -54.42 28.00 5.29
CA SER C 921 -53.63 26.79 5.50
C SER C 921 -52.24 26.94 4.91
N LEU C 922 -52.15 27.50 3.70
CA LEU C 922 -50.84 27.72 3.09
C LEU C 922 -50.03 28.72 3.90
N SER C 923 -50.67 29.80 4.37
CA SER C 923 -49.94 30.82 5.12
C SER C 923 -49.44 30.30 6.45
N SER C 924 -50.24 29.48 7.14
CA SER C 924 -49.93 29.12 8.51
C SER C 924 -48.69 28.23 8.62
N THR C 925 -48.63 27.19 7.80
CA THR C 925 -47.59 26.17 7.91
C THR C 925 -46.64 26.25 6.73
N ALA C 926 -45.34 26.27 7.01
CA ALA C 926 -44.30 26.33 6.00
C ALA C 926 -43.68 24.97 5.70
N SER C 927 -44.20 23.89 6.28
CA SER C 927 -43.63 22.56 6.12
C SER C 927 -44.49 21.67 5.21
N ALA C 928 -45.34 22.27 4.38
CA ALA C 928 -46.21 21.51 3.49
C ALA C 928 -45.66 21.40 2.07
N LEU C 929 -44.47 21.91 1.80
CA LEU C 929 -43.95 21.89 0.44
C LEU C 929 -43.33 20.54 0.09
N GLY C 930 -42.26 20.16 0.78
CA GLY C 930 -41.69 18.85 0.61
C GLY C 930 -40.71 18.70 -0.54
N LYS C 931 -41.19 18.17 -1.67
CA LYS C 931 -40.31 17.77 -2.76
C LYS C 931 -39.50 18.94 -3.31
N LEU C 932 -40.08 20.14 -3.33
CA LEU C 932 -39.35 21.30 -3.82
C LEU C 932 -38.13 21.58 -2.96
N GLN C 933 -38.27 21.48 -1.65
CA GLN C 933 -37.11 21.60 -0.77
C GLN C 933 -36.17 20.42 -0.95
N ASP C 934 -36.73 19.22 -1.15
CA ASP C 934 -35.91 18.01 -1.22
C ASP C 934 -34.95 18.05 -2.41
N VAL C 935 -35.44 18.51 -3.57
CA VAL C 935 -34.59 18.53 -4.76
C VAL C 935 -33.41 19.48 -4.56
N VAL C 936 -33.69 20.67 -4.05
CA VAL C 936 -32.63 21.66 -3.83
C VAL C 936 -31.65 21.16 -2.79
N ASN C 937 -32.16 20.53 -1.72
CA ASN C 937 -31.28 19.99 -0.70
C ASN C 937 -30.38 18.90 -1.26
N HIS C 938 -30.92 18.04 -2.11
CA HIS C 938 -30.12 16.98 -2.72
C HIS C 938 -29.03 17.56 -3.61
N ASN C 939 -29.38 18.57 -4.42
CA ASN C 939 -28.37 19.19 -5.28
C ASN C 939 -27.27 19.86 -4.46
N ALA C 940 -27.67 20.59 -3.40
CA ALA C 940 -26.69 21.25 -2.55
C ALA C 940 -25.79 20.23 -1.86
N GLN C 941 -26.36 19.13 -1.38
CA GLN C 941 -25.56 18.10 -0.74
C GLN C 941 -24.58 17.48 -1.72
N ALA C 942 -25.01 17.21 -2.95
CA ALA C 942 -24.11 16.64 -3.94
C ALA C 942 -22.96 17.59 -4.24
N LEU C 943 -23.27 18.88 -4.42
CA LEU C 943 -22.21 19.84 -4.70
C LEU C 943 -21.25 19.98 -3.53
N ASN C 944 -21.79 19.98 -2.30
CA ASN C 944 -20.95 20.09 -1.12
C ASN C 944 -20.04 18.89 -0.97
N THR C 945 -20.57 17.68 -1.23
CA THR C 945 -19.73 16.49 -1.17
C THR C 945 -18.64 16.55 -2.24
N LEU C 946 -19.00 16.99 -3.45
CA LEU C 946 -18.00 17.07 -4.52
C LEU C 946 -16.89 18.03 -4.16
N VAL C 947 -17.23 19.21 -3.61
CA VAL C 947 -16.17 20.16 -3.27
C VAL C 947 -15.39 19.70 -2.05
N LYS C 948 -16.04 18.99 -1.12
CA LYS C 948 -15.35 18.54 0.08
C LYS C 948 -14.34 17.44 -0.24
N GLN C 949 -14.67 16.57 -1.19
CA GLN C 949 -13.76 15.48 -1.52
C GLN C 949 -12.45 15.94 -2.13
N LEU C 950 -12.30 17.24 -2.41
CA LEU C 950 -11.05 17.74 -2.94
C LEU C 950 -9.91 17.57 -1.95
N SER C 951 -10.17 17.80 -0.66
CA SER C 951 -9.12 17.76 0.36
C SER C 951 -8.57 16.37 0.59
N SER C 952 -9.22 15.32 0.10
CA SER C 952 -8.73 13.97 0.32
C SER C 952 -7.37 13.76 -0.36
N LYS C 953 -6.46 13.09 0.34
CA LYS C 953 -5.12 12.85 -0.17
C LYS C 953 -5.02 11.58 -1.00
N PHE C 954 -5.99 10.68 -0.88
CA PHE C 954 -5.99 9.41 -1.62
C PHE C 954 -4.72 8.60 -1.34
N GLY C 955 -4.23 8.68 -0.12
CA GLY C 955 -3.02 7.99 0.25
C GLY C 955 -1.77 8.47 -0.47
N ALA C 956 -1.62 9.78 -0.61
CA ALA C 956 -0.47 10.38 -1.27
C ALA C 956 0.35 11.17 -0.26
N ILE C 957 1.39 11.84 -0.76
CA ILE C 957 2.29 12.59 0.13
C ILE C 957 1.57 13.81 0.69
N SER C 958 0.86 14.55 -0.16
CA SER C 958 0.17 15.76 0.27
C SER C 958 -1.08 15.93 -0.57
N SER C 959 -1.85 16.98 -0.25
CA SER C 959 -3.12 17.25 -0.93
C SER C 959 -3.03 18.45 -1.88
N VAL C 960 -1.85 19.03 -2.05
CA VAL C 960 -1.67 20.15 -2.97
C VAL C 960 -0.51 19.83 -3.90
N LEU C 961 -0.56 20.43 -5.10
CA LEU C 961 0.40 20.08 -6.15
C LEU C 961 1.77 20.71 -5.89
N ASN C 962 1.80 21.91 -5.34
CA ASN C 962 3.07 22.61 -5.16
C ASN C 962 4.00 21.86 -4.22
N ASP C 963 3.46 21.34 -3.11
CA ASP C 963 4.28 20.57 -2.18
C ASP C 963 4.83 19.32 -2.84
N ILE C 964 4.01 18.62 -3.61
CA ILE C 964 4.47 17.42 -4.31
C ILE C 964 5.59 17.76 -5.28
N PHE C 965 5.42 18.86 -6.01
CA PHE C 965 6.38 19.21 -7.05
C PHE C 965 7.68 19.77 -6.50
N SER C 966 7.64 20.41 -5.33
CA SER C 966 8.83 21.03 -4.77
C SER C 966 9.56 20.16 -3.75
N ARG C 967 8.86 19.25 -3.09
CA ARG C 967 9.42 18.49 -1.98
C ARG C 967 9.86 17.08 -2.38
N LEU C 968 9.82 16.74 -3.66
CA LEU C 968 10.15 15.39 -4.08
C LEU C 968 10.78 15.43 -5.47
N ASP C 969 11.46 14.34 -5.81
CA ASP C 969 11.98 14.17 -7.16
C ASP C 969 10.83 13.89 -8.12
N PRO C 970 10.79 14.54 -9.29
CA PRO C 970 9.67 14.35 -10.22
C PRO C 970 9.50 12.90 -10.64
N PRO C 971 10.59 12.12 -10.86
CA PRO C 971 10.38 10.71 -11.25
C PRO C 971 9.50 9.92 -10.29
N GLU C 972 9.62 10.14 -8.99
CA GLU C 972 8.79 9.45 -8.00
C GLU C 972 7.62 10.30 -7.53
N ALA C 973 7.49 11.53 -8.03
CA ALA C 973 6.29 12.32 -7.79
C ALA C 973 5.25 12.12 -8.89
N GLU C 974 5.64 11.56 -10.03
CA GLU C 974 4.69 11.26 -11.09
C GLU C 974 3.63 10.28 -10.62
N VAL C 975 4.03 9.25 -9.86
CA VAL C 975 3.06 8.28 -9.38
C VAL C 975 2.05 8.94 -8.44
N GLN C 976 2.53 9.81 -7.55
CA GLN C 976 1.62 10.47 -6.61
C GLN C 976 0.65 11.40 -7.34
N ILE C 977 1.15 12.18 -8.30
CA ILE C 977 0.25 13.08 -9.01
C ILE C 977 -0.75 12.29 -9.85
N ASP C 978 -0.32 11.17 -10.45
CA ASP C 978 -1.24 10.34 -11.22
C ASP C 978 -2.32 9.75 -10.31
N ARG C 979 -1.94 9.32 -9.11
CA ARG C 979 -2.93 8.82 -8.16
C ARG C 979 -3.95 9.89 -7.81
N LEU C 980 -3.47 11.11 -7.54
CA LEU C 980 -4.40 12.20 -7.23
C LEU C 980 -5.34 12.48 -8.40
N ILE C 981 -4.78 12.51 -9.62
CA ILE C 981 -5.58 12.82 -10.80
C ILE C 981 -6.65 11.74 -11.01
N THR C 982 -6.26 10.48 -10.90
CA THR C 982 -7.24 9.42 -11.14
C THR C 982 -8.33 9.42 -10.07
N GLY C 983 -7.96 9.72 -8.82
CA GLY C 983 -8.99 9.85 -7.79
C GLY C 983 -9.97 10.95 -8.08
N ARG C 984 -9.47 12.12 -8.50
CA ARG C 984 -10.36 13.24 -8.81
C ARG C 984 -11.26 12.91 -9.98
N LEU C 985 -10.73 12.26 -11.03
CA LEU C 985 -11.57 11.85 -12.14
C LEU C 985 -12.65 10.87 -11.72
N GLN C 986 -12.31 9.90 -10.85
CA GLN C 986 -13.33 8.97 -10.39
C GLN C 986 -14.44 9.70 -9.63
N SER C 987 -14.05 10.63 -8.75
CA SER C 987 -15.06 11.39 -7.99
C SER C 987 -15.97 12.18 -8.92
N LEU C 988 -15.38 12.87 -9.90
CA LEU C 988 -16.17 13.68 -10.82
C LEU C 988 -17.08 12.82 -11.67
N GLN C 989 -16.59 11.65 -12.09
CA GLN C 989 -17.42 10.72 -12.86
C GLN C 989 -18.61 10.24 -12.06
N THR C 990 -18.39 9.90 -10.78
CA THR C 990 -19.52 9.49 -9.95
C THR C 990 -20.53 10.62 -9.78
N TYR C 991 -20.05 11.86 -9.61
CA TYR C 991 -20.98 12.98 -9.49
C TYR C 991 -21.81 13.14 -10.77
N VAL C 992 -21.16 13.06 -11.93
CA VAL C 992 -21.88 13.19 -13.19
C VAL C 992 -22.91 12.09 -13.34
N THR C 993 -22.54 10.85 -12.97
CA THR C 993 -23.47 9.74 -13.09
C THR C 993 -24.68 9.94 -12.20
N GLN C 994 -24.48 10.40 -10.96
CA GLN C 994 -25.60 10.64 -10.06
C GLN C 994 -26.51 11.75 -10.61
N GLN C 995 -25.91 12.81 -11.16
CA GLN C 995 -26.72 13.87 -11.75
C GLN C 995 -27.57 13.34 -12.90
N LEU C 996 -26.97 12.51 -13.75
CA LEU C 996 -27.72 11.91 -14.85
C LEU C 996 -28.84 11.00 -14.34
N ILE C 997 -28.61 10.30 -13.23
CA ILE C 997 -29.66 9.50 -12.63
C ILE C 997 -30.85 10.38 -12.25
N ARG C 998 -30.57 11.49 -11.55
CA ARG C 998 -31.66 12.34 -11.09
C ARG C 998 -32.41 13.00 -12.25
N ALA C 999 -31.70 13.30 -13.34
CA ALA C 999 -32.31 14.01 -14.46
C ALA C 999 -33.47 13.23 -15.06
N ALA C 1000 -33.34 11.91 -15.19
CA ALA C 1000 -34.39 11.11 -15.80
C ALA C 1000 -35.68 11.13 -14.99
N GLU C 1001 -35.55 11.00 -13.66
CA GLU C 1001 -36.74 11.05 -12.81
C GLU C 1001 -37.37 12.42 -12.84
N ILE C 1002 -36.55 13.48 -12.90
CA ILE C 1002 -37.10 14.82 -13.05
C ILE C 1002 -37.88 14.93 -14.36
N ARG C 1003 -37.34 14.34 -15.43
CA ARG C 1003 -38.04 14.34 -16.71
C ARG C 1003 -39.38 13.63 -16.62
N ALA C 1004 -39.42 12.48 -15.94
CA ALA C 1004 -40.67 11.75 -15.78
C ALA C 1004 -41.70 12.60 -15.01
N SER C 1005 -41.26 13.25 -13.94
CA SER C 1005 -42.17 14.10 -13.18
C SER C 1005 -42.68 15.26 -14.04
N ALA C 1006 -41.80 15.84 -14.86
CA ALA C 1006 -42.22 16.92 -15.74
C ALA C 1006 -43.26 16.45 -16.76
N ASN C 1007 -43.06 15.25 -17.32
CA ASN C 1007 -44.04 14.70 -18.25
C ASN C 1007 -45.38 14.49 -17.58
N LEU C 1008 -45.37 13.96 -16.36
CA LEU C 1008 -46.64 13.80 -15.63
C LEU C 1008 -47.30 15.15 -15.38
N ALA C 1009 -46.51 16.16 -15.03
CA ALA C 1009 -47.06 17.50 -14.80
C ALA C 1009 -47.68 18.07 -16.06
N ALA C 1010 -47.03 17.88 -17.20
CA ALA C 1010 -47.58 18.36 -18.47
C ALA C 1010 -48.88 17.63 -18.82
N THR C 1011 -48.92 16.32 -18.57
CA THR C 1011 -50.15 15.58 -18.77
C THR C 1011 -51.28 16.13 -17.90
N LYS C 1012 -50.96 16.44 -16.64
CA LYS C 1012 -51.97 17.01 -15.75
C LYS C 1012 -52.43 18.39 -16.24
N MET C 1013 -51.49 19.22 -16.67
CA MET C 1013 -51.83 20.45 -17.39
C MET C 1013 -52.93 20.19 -18.41
N SER C 1014 -52.61 19.37 -19.40
CA SER C 1014 -53.51 19.19 -20.54
C SER C 1014 -54.85 18.61 -20.11
N GLU C 1015 -54.83 17.61 -19.22
CA GLU C 1015 -56.02 16.85 -18.93
C GLU C 1015 -56.87 17.41 -17.79
N CYS C 1016 -56.41 18.44 -17.07
CA CYS C 1016 -57.19 18.99 -15.99
C CYS C 1016 -57.29 20.51 -16.00
N VAL C 1017 -56.61 21.20 -16.91
CA VAL C 1017 -56.77 22.63 -17.06
C VAL C 1017 -57.53 23.00 -18.33
N LEU C 1018 -57.34 22.26 -19.41
CA LEU C 1018 -57.99 22.56 -20.68
C LEU C 1018 -59.34 21.89 -20.84
N GLY C 1019 -59.80 21.15 -19.83
CA GLY C 1019 -61.09 20.49 -19.92
C GLY C 1019 -61.35 19.68 -18.68
N GLN C 1020 -62.51 19.03 -18.66
CA GLN C 1020 -62.92 18.18 -17.55
C GLN C 1020 -62.44 16.76 -17.78
N SER C 1021 -61.93 16.14 -16.72
CA SER C 1021 -61.40 14.78 -16.77
C SER C 1021 -62.34 13.83 -16.03
N LYS C 1022 -62.69 12.73 -16.69
CA LYS C 1022 -63.53 11.71 -16.08
C LYS C 1022 -62.73 10.61 -15.39
N ARG C 1023 -61.41 10.74 -15.35
CA ARG C 1023 -60.57 9.77 -14.65
C ARG C 1023 -60.67 10.00 -13.15
N VAL C 1024 -60.99 8.92 -12.42
CA VAL C 1024 -61.22 9.03 -10.98
C VAL C 1024 -59.88 9.19 -10.27
N ASP C 1025 -59.82 10.16 -9.35
CA ASP C 1025 -58.65 10.43 -8.52
C ASP C 1025 -57.42 10.81 -9.34
N PHE C 1026 -57.61 11.20 -10.60
CA PHE C 1026 -56.51 11.74 -11.39
C PHE C 1026 -56.19 13.17 -10.99
N CYS C 1027 -57.19 13.91 -10.52
CA CYS C 1027 -57.03 15.30 -10.09
C CYS C 1027 -57.89 15.51 -8.85
N GLY C 1028 -57.28 15.36 -7.67
CA GLY C 1028 -57.99 15.53 -6.43
C GLY C 1028 -58.81 14.30 -6.07
N LYS C 1029 -59.55 14.43 -4.97
CA LYS C 1029 -60.40 13.37 -4.47
C LYS C 1029 -61.85 13.71 -4.75
N GLY C 1030 -62.59 12.74 -5.31
CA GLY C 1030 -63.98 12.94 -5.66
C GLY C 1030 -64.15 13.35 -7.12
N TYR C 1031 -65.40 13.61 -7.48
CA TYR C 1031 -65.71 14.03 -8.84
C TYR C 1031 -65.05 15.37 -9.14
N HIS C 1032 -64.51 15.47 -10.36
CA HIS C 1032 -63.71 16.63 -10.74
C HIS C 1032 -64.54 17.67 -11.46
N LEU C 1033 -64.25 18.94 -11.19
CA LEU C 1033 -64.96 20.06 -11.81
C LEU C 1033 -64.04 20.89 -12.70
N MET C 1034 -62.95 21.42 -12.15
CA MET C 1034 -61.99 22.21 -12.90
C MET C 1034 -60.75 22.37 -12.03
N SER C 1035 -59.80 23.15 -12.51
CA SER C 1035 -58.57 23.40 -11.75
C SER C 1035 -57.93 24.68 -12.25
N PHE C 1036 -57.04 25.23 -11.44
CA PHE C 1036 -56.25 26.39 -11.81
C PHE C 1036 -54.79 26.14 -11.49
N PRO C 1037 -53.87 26.60 -12.33
CA PRO C 1037 -52.44 26.46 -12.05
C PRO C 1037 -51.87 27.68 -11.34
N GLN C 1038 -50.77 27.43 -10.64
CA GLN C 1038 -50.02 28.48 -9.96
C GLN C 1038 -48.54 28.20 -10.09
N SER C 1039 -47.75 29.27 -10.12
CA SER C 1039 -46.32 29.15 -10.35
C SER C 1039 -45.57 28.93 -9.03
N ALA C 1040 -44.44 28.26 -9.14
CA ALA C 1040 -43.56 27.97 -8.02
C ALA C 1040 -42.13 28.22 -8.46
N PRO C 1041 -41.20 28.41 -7.52
CA PRO C 1041 -39.80 28.68 -7.92
C PRO C 1041 -39.21 27.61 -8.82
N HIS C 1042 -39.56 26.34 -8.61
CA HIS C 1042 -39.05 25.27 -9.45
C HIS C 1042 -40.12 24.23 -9.76
N GLY C 1043 -41.39 24.62 -9.68
CA GLY C 1043 -42.47 23.68 -9.93
C GLY C 1043 -43.75 24.39 -10.27
N VAL C 1044 -44.84 23.62 -10.24
CA VAL C 1044 -46.18 24.14 -10.48
C VAL C 1044 -47.08 23.65 -9.36
N VAL C 1045 -48.14 24.41 -9.09
CA VAL C 1045 -49.07 24.11 -7.99
C VAL C 1045 -50.48 24.17 -8.53
N PHE C 1046 -51.28 23.16 -8.21
CA PHE C 1046 -52.68 23.08 -8.60
C PHE C 1046 -53.60 23.56 -7.48
N LEU C 1047 -54.79 23.97 -7.88
CA LEU C 1047 -55.91 24.19 -6.95
C LEU C 1047 -57.10 23.44 -7.54
N HIS C 1048 -57.18 22.14 -7.25
CA HIS C 1048 -58.27 21.35 -7.78
C HIS C 1048 -59.58 21.72 -7.09
N VAL C 1049 -60.66 21.69 -7.86
CA VAL C 1049 -62.00 21.94 -7.35
C VAL C 1049 -62.81 20.66 -7.54
N THR C 1050 -63.26 20.09 -6.43
CA THR C 1050 -63.97 18.81 -6.43
C THR C 1050 -65.37 18.99 -5.88
N TYR C 1051 -66.21 18.00 -6.17
CA TYR C 1051 -67.61 18.00 -5.73
C TYR C 1051 -67.85 16.69 -4.99
N VAL C 1052 -68.17 16.81 -3.70
CA VAL C 1052 -68.30 15.65 -2.82
C VAL C 1052 -69.69 15.69 -2.19
N PRO C 1053 -70.50 14.64 -2.33
CA PRO C 1053 -71.82 14.63 -1.69
C PRO C 1053 -71.73 14.27 -0.22
N ALA C 1054 -72.82 14.54 0.49
CA ALA C 1054 -72.92 14.25 1.92
C ALA C 1054 -74.39 14.27 2.31
N GLN C 1055 -74.65 13.97 3.59
CA GLN C 1055 -76.00 13.96 4.15
C GLN C 1055 -76.91 12.99 3.40
N GLU C 1056 -76.56 11.71 3.48
CA GLU C 1056 -77.34 10.67 2.82
C GLU C 1056 -78.53 10.27 3.69
N LYS C 1057 -79.42 9.48 3.10
CA LYS C 1057 -80.53 8.90 3.85
C LYS C 1057 -81.00 7.63 3.16
N ASN C 1058 -81.18 6.58 3.96
CA ASN C 1058 -81.46 5.24 3.47
C ASN C 1058 -82.89 5.13 2.92
N PHE C 1059 -83.07 4.20 1.98
CA PHE C 1059 -84.34 4.07 1.27
C PHE C 1059 -84.51 2.64 0.77
N THR C 1060 -85.74 2.32 0.40
CA THR C 1060 -86.09 1.03 -0.20
C THR C 1060 -86.32 1.20 -1.70
N THR C 1061 -86.03 0.15 -2.46
CA THR C 1061 -86.06 0.22 -3.91
C THR C 1061 -86.52 -1.11 -4.49
N ALA C 1062 -86.57 -1.16 -5.82
CA ALA C 1062 -86.96 -2.35 -6.56
C ALA C 1062 -86.34 -2.27 -7.96
N PRO C 1063 -86.07 -3.41 -8.60
CA PRO C 1063 -85.44 -3.37 -9.94
C PRO C 1063 -86.34 -2.79 -11.01
N ALA C 1064 -87.57 -3.28 -11.13
CA ALA C 1064 -88.45 -2.87 -12.21
C ALA C 1064 -89.90 -2.97 -11.75
N ILE C 1065 -90.77 -2.29 -12.49
CA ILE C 1065 -92.20 -2.22 -12.18
C ILE C 1065 -92.96 -2.86 -13.33
N CYS C 1066 -93.99 -3.64 -13.00
CA CYS C 1066 -94.87 -4.25 -13.99
C CYS C 1066 -96.28 -3.71 -13.80
N HIS C 1067 -96.77 -3.00 -14.80
CA HIS C 1067 -98.16 -2.55 -14.85
C HIS C 1067 -98.80 -3.07 -16.12
N ASP C 1068 -100.05 -3.52 -16.00
CA ASP C 1068 -100.79 -4.11 -17.11
C ASP C 1068 -100.06 -5.31 -17.70
N GLY C 1069 -99.36 -6.05 -16.85
CA GLY C 1069 -98.66 -7.25 -17.30
C GLY C 1069 -97.44 -6.99 -18.14
N LYS C 1070 -96.86 -5.80 -18.08
CA LYS C 1070 -95.68 -5.45 -18.86
C LYS C 1070 -94.66 -4.78 -17.96
N ALA C 1071 -93.40 -5.22 -18.07
CA ALA C 1071 -92.33 -4.65 -17.26
C ALA C 1071 -92.03 -3.21 -17.68
N HIS C 1072 -91.57 -2.42 -16.72
CA HIS C 1072 -91.16 -1.04 -16.96
C HIS C 1072 -89.82 -0.79 -16.31
N PHE C 1073 -88.97 -0.03 -16.99
CA PHE C 1073 -87.62 0.25 -16.57
C PHE C 1073 -87.39 1.74 -16.52
N PRO C 1074 -86.44 2.21 -15.70
CA PRO C 1074 -86.16 3.65 -15.66
C PRO C 1074 -85.29 4.07 -16.84
N ARG C 1075 -85.74 5.11 -17.56
CA ARG C 1075 -84.91 5.68 -18.61
C ARG C 1075 -83.61 6.23 -18.04
N GLU C 1076 -83.69 6.90 -16.89
CA GLU C 1076 -82.54 7.27 -16.09
C GLU C 1076 -83.00 7.43 -14.66
N GLY C 1077 -82.09 7.22 -13.72
CA GLY C 1077 -82.43 7.27 -12.32
C GLY C 1077 -82.76 5.91 -11.76
N VAL C 1078 -83.28 5.92 -10.53
CA VAL C 1078 -83.56 4.70 -9.78
C VAL C 1078 -84.99 4.75 -9.29
N PHE C 1079 -85.62 3.58 -9.20
CA PHE C 1079 -86.97 3.45 -8.67
C PHE C 1079 -86.87 3.36 -7.15
N VAL C 1080 -87.20 4.45 -6.46
CA VAL C 1080 -87.12 4.51 -5.01
C VAL C 1080 -88.49 4.84 -4.45
N SER C 1081 -88.63 4.66 -3.15
CA SER C 1081 -89.87 4.97 -2.44
C SER C 1081 -89.57 5.11 -0.96
N ASN C 1082 -90.38 5.93 -0.29
CA ASN C 1082 -90.26 6.10 1.15
C ASN C 1082 -91.19 5.20 1.95
N GLY C 1083 -91.90 4.29 1.28
CA GLY C 1083 -92.80 3.37 1.94
C GLY C 1083 -94.25 3.48 1.52
N THR C 1084 -94.65 4.59 0.91
CA THR C 1084 -96.03 4.79 0.50
C THR C 1084 -96.20 5.04 -0.98
N HIS C 1085 -95.32 5.84 -1.59
CA HIS C 1085 -95.38 6.13 -3.02
C HIS C 1085 -93.99 5.95 -3.63
N TRP C 1086 -93.96 5.39 -4.84
CA TRP C 1086 -92.71 5.17 -5.55
C TRP C 1086 -92.38 6.38 -6.42
N PHE C 1087 -91.08 6.63 -6.59
CA PHE C 1087 -90.61 7.78 -7.35
C PHE C 1087 -89.32 7.42 -8.07
N VAL C 1088 -88.99 8.22 -9.08
CA VAL C 1088 -87.73 8.10 -9.81
C VAL C 1088 -86.88 9.32 -9.48
N THR C 1089 -85.65 9.08 -9.04
CA THR C 1089 -84.70 10.13 -8.73
C THR C 1089 -83.36 9.82 -9.37
N GLN C 1090 -82.61 10.87 -9.68
CA GLN C 1090 -81.33 10.72 -10.36
C GLN C 1090 -80.29 10.11 -9.42
N ARG C 1091 -79.11 9.83 -9.99
CA ARG C 1091 -78.11 9.02 -9.30
C ARG C 1091 -77.62 9.68 -8.01
N ASN C 1092 -77.17 10.94 -8.09
CA ASN C 1092 -76.41 11.54 -7.02
C ASN C 1092 -77.11 12.74 -6.39
N PHE C 1093 -78.45 12.71 -6.34
CA PHE C 1093 -79.21 13.78 -5.71
C PHE C 1093 -80.65 13.32 -5.55
N TYR C 1094 -81.23 13.60 -4.38
CA TYR C 1094 -82.62 13.25 -4.13
C TYR C 1094 -83.51 14.28 -4.81
N GLU C 1095 -84.29 13.82 -5.79
CA GLU C 1095 -85.17 14.70 -6.56
C GLU C 1095 -86.36 13.88 -7.04
N PRO C 1096 -87.35 13.67 -6.17
CA PRO C 1096 -88.46 12.77 -6.52
C PRO C 1096 -89.32 13.31 -7.64
N GLN C 1097 -89.87 12.38 -8.43
CA GLN C 1097 -90.78 12.72 -9.51
C GLN C 1097 -91.79 11.59 -9.66
N ILE C 1098 -92.92 11.91 -10.26
CA ILE C 1098 -94.01 10.95 -10.44
C ILE C 1098 -93.71 10.08 -11.65
N ILE C 1099 -94.04 8.79 -11.55
CA ILE C 1099 -93.81 7.85 -12.64
C ILE C 1099 -94.64 8.29 -13.85
N THR C 1100 -94.03 8.20 -15.03
CA THR C 1100 -94.73 8.54 -16.27
C THR C 1100 -94.06 7.82 -17.42
N THR C 1101 -94.78 7.78 -18.55
CA THR C 1101 -94.26 7.13 -19.75
C THR C 1101 -93.02 7.85 -20.30
N ASP C 1102 -92.86 9.13 -19.98
CA ASP C 1102 -91.78 9.91 -20.57
C ASP C 1102 -90.41 9.39 -20.15
N ASN C 1103 -90.25 9.02 -18.88
CA ASN C 1103 -88.98 8.59 -18.33
C ASN C 1103 -88.95 7.08 -18.08
N THR C 1104 -89.60 6.31 -18.95
CA THR C 1104 -89.60 4.86 -18.84
C THR C 1104 -89.80 4.24 -20.21
N PHE C 1105 -89.45 2.96 -20.31
CA PHE C 1105 -89.62 2.23 -21.57
C PHE C 1105 -89.89 0.77 -21.24
N VAL C 1106 -90.80 0.17 -22.01
CA VAL C 1106 -91.20 -1.21 -21.79
C VAL C 1106 -90.22 -2.15 -22.48
N SER C 1107 -90.07 -3.35 -21.92
CA SER C 1107 -89.19 -4.36 -22.51
C SER C 1107 -89.62 -5.74 -22.02
N GLY C 1108 -90.08 -6.58 -22.94
CA GLY C 1108 -90.40 -7.95 -22.61
C GLY C 1108 -91.61 -8.06 -21.68
N ASN C 1109 -91.61 -9.11 -20.87
CA ASN C 1109 -92.68 -9.40 -19.93
C ASN C 1109 -92.15 -9.29 -18.51
N CYS C 1110 -93.07 -9.22 -17.55
CA CYS C 1110 -92.73 -9.04 -16.14
C CYS C 1110 -92.86 -10.33 -15.34
N ASP C 1111 -92.46 -11.46 -15.93
CA ASP C 1111 -92.44 -12.73 -15.23
C ASP C 1111 -91.07 -13.38 -15.21
N VAL C 1112 -90.03 -12.69 -15.68
CA VAL C 1112 -88.69 -13.26 -15.76
C VAL C 1112 -87.73 -12.43 -14.92
N VAL C 1113 -88.02 -11.15 -14.74
CA VAL C 1113 -87.19 -10.30 -13.90
C VAL C 1113 -87.39 -10.71 -12.43
N ILE C 1114 -86.43 -10.34 -11.59
CA ILE C 1114 -86.35 -10.90 -10.24
C ILE C 1114 -87.33 -10.21 -9.30
N GLY C 1115 -87.20 -8.89 -9.13
CA GLY C 1115 -87.83 -8.21 -8.01
C GLY C 1115 -88.96 -7.24 -8.32
N ILE C 1116 -89.89 -7.63 -9.19
CA ILE C 1116 -90.97 -6.73 -9.57
C ILE C 1116 -91.83 -6.39 -8.35
N VAL C 1117 -92.32 -5.15 -8.31
CA VAL C 1117 -93.32 -4.72 -7.34
C VAL C 1117 -94.46 -4.06 -8.10
N ASN C 1118 -95.65 -4.12 -7.50
CA ASN C 1118 -96.83 -3.56 -8.15
C ASN C 1118 -96.95 -2.06 -7.90
N ASN C 1119 -97.34 -1.34 -8.94
CA ASN C 1119 -97.58 0.10 -8.91
C ASN C 1119 -98.41 0.45 -10.13
N THR C 1120 -98.56 1.75 -10.40
CA THR C 1120 -99.29 2.20 -11.56
C THR C 1120 -98.51 3.29 -12.28
N VAL C 1121 -98.74 3.40 -13.58
CA VAL C 1121 -98.08 4.40 -14.40
C VAL C 1121 -99.12 5.43 -14.83
N TYR C 1122 -98.64 6.61 -15.18
CA TYR C 1122 -99.51 7.73 -15.51
C TYR C 1122 -99.19 8.22 -16.91
N ASP C 1123 -100.21 8.26 -17.77
CA ASP C 1123 -100.07 8.77 -19.13
C ASP C 1123 -100.50 10.22 -19.16
N PRO C 1124 -99.61 11.15 -19.50
CA PRO C 1124 -100.01 12.58 -19.48
C PRO C 1124 -101.14 12.91 -20.44
N LEU C 1125 -101.27 12.18 -21.55
CA LEU C 1125 -102.31 12.49 -22.51
C LEU C 1125 -103.68 11.94 -22.12
N GLN C 1126 -103.74 11.03 -21.15
CA GLN C 1126 -105.03 10.47 -20.75
C GLN C 1126 -105.95 11.51 -20.10
N PRO C 1127 -105.54 12.29 -19.10
CA PRO C 1127 -106.51 13.19 -18.44
C PRO C 1127 -107.13 14.22 -19.37
N GLU C 1128 -106.39 14.74 -20.35
CA GLU C 1128 -106.94 15.79 -21.20
C GLU C 1128 -108.02 15.27 -22.13
N LEU C 1129 -108.07 13.96 -22.38
CA LEU C 1129 -109.10 13.39 -23.24
C LEU C 1129 -110.42 13.27 -22.48
N GLN D 1 26.74 -70.31 22.76
CA GLN D 1 28.13 -70.10 23.12
C GLN D 1 28.98 -69.81 21.88
N VAL D 2 29.92 -68.88 22.01
CA VAL D 2 30.78 -68.51 20.90
C VAL D 2 31.75 -69.66 20.64
N GLN D 3 31.50 -70.42 19.58
CA GLN D 3 32.34 -71.56 19.23
C GLN D 3 32.59 -71.55 17.73
N LEU D 4 33.80 -71.92 17.34
CA LEU D 4 34.22 -71.90 15.94
C LEU D 4 34.72 -73.28 15.55
N VAL D 5 34.19 -73.82 14.45
CA VAL D 5 34.56 -75.13 13.94
C VAL D 5 35.41 -74.93 12.69
N GLU D 6 36.62 -75.48 12.72
CA GLU D 6 37.52 -75.45 11.57
C GLU D 6 37.48 -76.83 10.91
N SER D 7 37.02 -76.87 9.67
CA SER D 7 36.82 -78.11 8.94
C SER D 7 37.45 -78.01 7.56
N GLY D 8 37.54 -79.16 6.89
CA GLY D 8 38.14 -79.24 5.58
C GLY D 8 39.63 -79.46 5.57
N GLY D 9 40.26 -79.57 6.74
CA GLY D 9 41.70 -79.76 6.78
C GLY D 9 42.12 -81.08 6.18
N GLY D 10 43.31 -81.08 5.59
CA GLY D 10 43.83 -82.28 4.97
C GLY D 10 45.15 -82.00 4.29
N VAL D 11 45.68 -83.04 3.66
CA VAL D 11 46.96 -83.00 2.95
C VAL D 11 46.70 -83.36 1.50
N VAL D 12 47.12 -82.48 0.59
CA VAL D 12 46.81 -82.61 -0.83
C VAL D 12 48.11 -82.52 -1.62
N GLN D 13 48.07 -83.03 -2.84
CA GLN D 13 49.18 -82.91 -3.77
C GLN D 13 49.52 -81.43 -3.94
N PRO D 14 50.79 -81.03 -3.83
CA PRO D 14 51.13 -79.61 -4.01
C PRO D 14 50.76 -79.10 -5.40
N GLY D 15 50.35 -77.84 -5.45
CA GLY D 15 49.84 -77.24 -6.66
C GLY D 15 48.36 -77.47 -6.92
N ARG D 16 47.68 -78.21 -6.06
CA ARG D 16 46.26 -78.45 -6.20
C ARG D 16 45.48 -77.38 -5.44
N SER D 17 44.16 -77.57 -5.31
CA SER D 17 43.29 -76.59 -4.67
C SER D 17 42.36 -77.29 -3.69
N LEU D 18 42.02 -76.57 -2.62
CA LEU D 18 41.06 -77.05 -1.63
C LEU D 18 40.43 -75.85 -0.94
N ARG D 19 39.20 -76.04 -0.46
CA ARG D 19 38.44 -74.99 0.19
C ARG D 19 38.28 -75.32 1.66
N LEU D 20 38.80 -74.46 2.53
CA LEU D 20 38.62 -74.60 3.96
C LEU D 20 37.34 -73.92 4.41
N SER D 21 36.65 -74.54 5.37
CA SER D 21 35.36 -74.05 5.84
C SER D 21 35.44 -73.75 7.33
N CYS D 22 34.71 -72.73 7.76
CA CYS D 22 34.61 -72.33 9.16
C CYS D 22 33.15 -72.16 9.52
N ALA D 23 32.77 -72.68 10.69
CA ALA D 23 31.41 -72.56 11.20
C ALA D 23 31.41 -71.70 12.46
N ALA D 24 30.55 -70.67 12.46
CA ALA D 24 30.43 -69.76 13.59
C ALA D 24 29.08 -69.98 14.27
N SER D 25 29.12 -70.21 15.58
CA SER D 25 27.92 -70.44 16.37
C SER D 25 27.92 -69.52 17.57
N GLY D 26 26.73 -69.02 17.93
CA GLY D 26 26.55 -68.13 19.06
C GLY D 26 26.47 -66.66 18.67
N PHE D 27 26.95 -66.31 17.49
CA PHE D 27 26.93 -64.93 17.01
C PHE D 27 26.76 -64.93 15.50
N THR D 28 26.79 -63.75 14.91
CA THR D 28 26.67 -63.57 13.47
C THR D 28 27.96 -62.97 12.92
N LEU D 29 28.45 -63.55 11.82
CA LEU D 29 29.71 -63.09 11.23
C LEU D 29 29.57 -61.71 10.60
N SER D 30 28.35 -61.30 10.22
CA SER D 30 28.18 -60.05 9.50
C SER D 30 28.57 -58.83 10.33
N SER D 31 28.54 -58.94 11.66
CA SER D 31 28.85 -57.81 12.52
C SER D 31 30.27 -57.82 13.06
N TYR D 32 31.07 -58.83 12.69
CA TYR D 32 32.42 -58.96 13.23
C TYR D 32 33.41 -59.24 12.11
N GLY D 33 34.69 -59.12 12.43
CA GLY D 33 35.77 -59.49 11.53
C GLY D 33 36.42 -60.79 11.95
N MET D 34 36.97 -61.51 10.96
CA MET D 34 37.63 -62.78 11.19
C MET D 34 39.11 -62.70 10.82
N HIS D 35 39.90 -63.49 11.53
CA HIS D 35 41.33 -63.63 11.26
C HIS D 35 41.65 -65.11 11.04
N TRP D 36 42.48 -65.39 10.04
CA TRP D 36 42.99 -66.73 9.80
C TRP D 36 44.47 -66.74 10.15
N VAL D 37 44.84 -67.59 11.11
CA VAL D 37 46.22 -67.65 11.61
C VAL D 37 46.71 -69.08 11.46
N ARG D 38 47.87 -69.22 10.82
CA ARG D 38 48.52 -70.52 10.66
C ARG D 38 49.73 -70.62 11.58
N GLN D 39 49.98 -71.83 12.07
CA GLN D 39 51.08 -72.08 13.00
C GLN D 39 51.71 -73.42 12.66
N ALA D 40 52.99 -73.40 12.30
CA ALA D 40 53.68 -74.62 11.94
C ALA D 40 54.41 -75.20 13.15
N PRO D 41 54.46 -76.53 13.28
CA PRO D 41 55.21 -77.13 14.37
C PRO D 41 56.68 -76.73 14.33
N GLY D 42 57.23 -76.41 15.50
CA GLY D 42 58.59 -75.94 15.60
C GLY D 42 58.81 -74.51 15.17
N LYS D 43 57.74 -73.78 14.86
CA LYS D 43 57.82 -72.39 14.39
C LYS D 43 56.89 -71.52 15.21
N GLY D 44 56.80 -70.24 14.83
CA GLY D 44 55.86 -69.33 15.43
C GLY D 44 54.64 -69.12 14.54
N LEU D 45 53.63 -68.48 15.11
CA LEU D 45 52.40 -68.23 14.39
C LEU D 45 52.64 -67.24 13.26
N GLU D 46 51.95 -67.45 12.14
CA GLU D 46 52.13 -66.64 10.94
C GLU D 46 50.76 -66.15 10.48
N TRP D 47 50.56 -64.83 10.53
CA TRP D 47 49.31 -64.25 10.09
C TRP D 47 49.11 -64.46 8.59
N VAL D 48 47.90 -64.82 8.19
CA VAL D 48 47.60 -65.20 6.81
C VAL D 48 46.69 -64.18 6.14
N ALA D 49 45.47 -64.02 6.64
CA ALA D 49 44.50 -63.14 6.00
C ALA D 49 43.42 -62.75 7.00
N VAL D 50 42.69 -61.69 6.66
CA VAL D 50 41.57 -61.20 7.46
C VAL D 50 40.42 -60.82 6.54
N ILE D 51 39.24 -60.70 7.14
CA ILE D 51 38.05 -60.19 6.46
C ILE D 51 37.38 -59.17 7.38
N SER D 52 36.97 -58.04 6.81
CA SER D 52 36.33 -57.00 7.61
C SER D 52 34.87 -57.36 7.85
N TYR D 53 34.26 -56.64 8.80
CA TYR D 53 32.85 -56.89 9.12
C TYR D 53 31.95 -56.57 7.94
N ASP D 54 32.30 -55.56 7.14
CA ASP D 54 31.49 -55.15 6.00
C ASP D 54 31.93 -55.77 4.69
N GLY D 55 33.11 -56.39 4.65
CA GLY D 55 33.59 -57.01 3.42
C GLY D 55 33.95 -56.02 2.34
N SER D 56 34.22 -54.76 2.69
CA SER D 56 34.56 -53.75 1.68
C SER D 56 35.98 -53.94 1.15
N ASN D 57 36.90 -54.35 2.01
CA ASN D 57 38.30 -54.51 1.64
C ASN D 57 38.85 -55.82 2.19
N LYS D 58 39.86 -56.34 1.51
CA LYS D 58 40.51 -57.59 1.91
C LYS D 58 42.02 -57.41 1.90
N TYR D 59 42.69 -57.91 2.92
CA TYR D 59 44.13 -57.83 3.04
C TYR D 59 44.72 -59.21 3.25
N TYR D 60 45.86 -59.47 2.60
CA TYR D 60 46.62 -60.69 2.74
C TYR D 60 48.05 -60.35 3.15
N VAL D 61 48.84 -61.37 3.43
CA VAL D 61 50.26 -61.21 3.68
C VAL D 61 50.99 -61.41 2.36
N ASP D 62 52.19 -60.84 2.26
CA ASP D 62 52.91 -60.82 0.98
C ASP D 62 53.23 -62.23 0.49
N SER D 63 53.34 -63.20 1.39
CA SER D 63 53.67 -64.56 0.99
C SER D 63 52.49 -65.30 0.38
N VAL D 64 51.27 -64.78 0.49
CA VAL D 64 50.07 -65.46 0.02
C VAL D 64 49.31 -64.63 -1.02
N LYS D 65 49.91 -63.58 -1.55
CA LYS D 65 49.21 -62.72 -2.50
C LYS D 65 48.94 -63.44 -3.80
N GLY D 66 47.70 -63.36 -4.28
CA GLY D 66 47.34 -63.86 -5.59
C GLY D 66 47.29 -65.37 -5.72
N ARG D 67 47.19 -66.10 -4.62
CA ARG D 67 47.15 -67.56 -4.69
C ARG D 67 45.98 -68.14 -3.90
N PHE D 68 45.59 -67.48 -2.82
CA PHE D 68 44.47 -67.92 -2.00
C PHE D 68 43.37 -66.86 -2.00
N THR D 69 42.16 -67.29 -1.73
CA THR D 69 40.98 -66.42 -1.71
C THR D 69 40.19 -66.68 -0.44
N ILE D 70 39.62 -65.62 0.13
CA ILE D 70 38.79 -65.70 1.32
C ILE D 70 37.40 -65.21 0.97
N SER D 71 36.38 -65.89 1.48
CA SER D 71 35.00 -65.55 1.19
C SER D 71 34.14 -65.83 2.41
N ARG D 72 32.98 -65.17 2.46
CA ARG D 72 32.07 -65.28 3.59
C ARG D 72 30.64 -65.41 3.08
N ASP D 73 29.79 -66.03 3.89
CA ASP D 73 28.38 -66.19 3.58
C ASP D 73 27.58 -65.81 4.82
N ASN D 74 26.81 -64.72 4.72
CA ASN D 74 26.03 -64.26 5.87
C ASN D 74 24.77 -65.08 6.09
N SER D 75 24.23 -65.70 5.04
CA SER D 75 22.97 -66.42 5.16
C SER D 75 23.11 -67.63 6.07
N LYS D 76 24.10 -68.47 5.81
CA LYS D 76 24.30 -69.70 6.58
C LYS D 76 25.31 -69.54 7.70
N ASN D 77 25.89 -68.35 7.88
CA ASN D 77 26.90 -68.08 8.89
C ASN D 77 28.08 -69.04 8.76
N THR D 78 28.65 -69.06 7.56
CA THR D 78 29.76 -69.95 7.24
C THR D 78 30.87 -69.14 6.58
N LEU D 79 32.12 -69.49 6.93
CA LEU D 79 33.30 -68.79 6.44
C LEU D 79 34.14 -69.75 5.62
N TYR D 80 34.54 -69.33 4.43
CA TYR D 80 35.27 -70.17 3.49
C TYR D 80 36.62 -69.55 3.14
N LEU D 81 37.67 -70.38 3.17
CA LEU D 81 38.98 -70.01 2.68
C LEU D 81 39.32 -70.89 1.49
N GLN D 82 39.69 -70.26 0.37
CA GLN D 82 40.04 -70.99 -0.85
C GLN D 82 41.55 -71.10 -0.95
N MET D 83 42.08 -72.30 -0.75
CA MET D 83 43.51 -72.57 -0.85
C MET D 83 43.81 -73.16 -2.21
N ASN D 84 44.64 -72.47 -3.00
CA ASN D 84 45.01 -72.90 -4.33
C ASN D 84 46.51 -72.80 -4.52
N SER D 85 47.05 -73.70 -5.35
CA SER D 85 48.48 -73.78 -5.63
C SER D 85 49.29 -73.94 -4.33
N LEU D 86 49.02 -75.03 -3.64
CA LEU D 86 49.66 -75.29 -2.36
C LEU D 86 51.16 -75.57 -2.55
N ARG D 87 51.96 -75.10 -1.60
CA ARG D 87 53.39 -75.33 -1.59
C ARG D 87 53.79 -75.95 -0.27
N ALA D 88 54.95 -76.62 -0.26
CA ALA D 88 55.36 -77.42 0.88
C ALA D 88 55.52 -76.57 2.14
N GLU D 89 55.84 -75.29 2.00
CA GLU D 89 56.01 -74.43 3.17
C GLU D 89 54.70 -74.08 3.85
N ASP D 90 53.56 -74.41 3.24
CA ASP D 90 52.25 -74.11 3.82
C ASP D 90 51.85 -75.09 4.92
N THR D 91 52.73 -75.99 5.33
CA THR D 91 52.43 -76.93 6.40
C THR D 91 52.33 -76.19 7.72
N ALA D 92 51.10 -76.08 8.24
CA ALA D 92 50.85 -75.36 9.49
C ALA D 92 49.47 -75.75 9.99
N VAL D 93 49.11 -75.24 11.15
CA VAL D 93 47.79 -75.44 11.75
C VAL D 93 47.05 -74.12 11.66
N TYR D 94 45.92 -74.10 10.95
CA TYR D 94 45.17 -72.89 10.69
C TYR D 94 44.05 -72.72 11.71
N TYR D 95 43.93 -71.51 12.24
CA TYR D 95 42.92 -71.16 13.22
C TYR D 95 42.04 -70.04 12.67
N CYS D 96 40.73 -70.16 12.90
CA CYS D 96 39.78 -69.13 12.51
C CYS D 96 39.43 -68.29 13.73
N ALA D 97 39.60 -66.98 13.61
CA ALA D 97 39.46 -66.08 14.75
C ALA D 97 38.31 -65.11 14.53
N ARG D 98 37.95 -64.42 15.60
CA ARG D 98 36.88 -63.44 15.59
C ARG D 98 37.41 -62.12 16.14
N GLY D 99 37.24 -61.04 15.37
CA GLY D 99 37.71 -59.73 15.74
C GLY D 99 36.61 -58.86 16.33
N TRP D 100 36.97 -57.61 16.61
CA TRP D 100 36.00 -56.68 17.16
C TRP D 100 34.95 -56.32 16.11
N ALA D 101 33.97 -55.54 16.55
CA ALA D 101 32.77 -55.27 15.77
C ALA D 101 32.64 -53.79 15.46
N TYR D 102 31.89 -53.49 14.41
CA TYR D 102 31.41 -52.13 14.19
C TYR D 102 30.42 -51.70 15.27
N TRP D 103 29.86 -52.67 16.01
CA TRP D 103 29.04 -52.36 17.17
C TRP D 103 29.81 -51.51 18.17
N GLU D 104 31.12 -51.69 18.25
CA GLU D 104 32.00 -50.90 19.10
C GLU D 104 32.91 -50.11 18.16
N LEU D 105 32.60 -48.83 17.95
CA LEU D 105 33.32 -48.02 16.97
C LEU D 105 34.72 -47.70 17.48
N LEU D 106 35.72 -48.15 16.74
CA LEU D 106 37.13 -47.98 17.05
C LEU D 106 37.84 -47.40 15.83
N PRO D 107 39.03 -46.78 16.02
CA PRO D 107 39.73 -46.16 14.88
C PRO D 107 40.20 -47.16 13.83
N ASP D 108 40.85 -46.65 12.78
CA ASP D 108 41.24 -47.48 11.65
C ASP D 108 42.34 -48.47 12.07
N TYR D 109 42.77 -49.29 11.11
CA TYR D 109 43.59 -50.47 11.35
C TYR D 109 43.10 -51.22 12.60
N TYR D 110 41.86 -51.71 12.47
CA TYR D 110 41.08 -52.21 13.59
C TYR D 110 41.84 -53.25 14.41
N TYR D 111 41.53 -53.29 15.70
CA TYR D 111 42.07 -54.30 16.60
C TYR D 111 41.11 -55.49 16.64
N GLY D 112 41.66 -56.70 16.58
CA GLY D 112 40.81 -57.87 16.54
C GLY D 112 41.40 -59.14 17.12
N MET D 113 40.76 -60.28 16.81
CA MET D 113 41.26 -61.61 17.13
C MET D 113 41.43 -61.75 18.64
N ASP D 114 40.31 -61.78 19.36
CA ASP D 114 40.30 -61.94 20.81
C ASP D 114 40.00 -63.38 21.25
N VAL D 115 39.20 -64.12 20.47
CA VAL D 115 38.89 -65.51 20.78
C VAL D 115 38.72 -66.25 19.47
N TRP D 116 39.07 -67.54 19.47
CA TRP D 116 39.05 -68.35 18.26
C TRP D 116 38.83 -69.80 18.62
N GLY D 117 38.72 -70.64 17.58
CA GLY D 117 38.45 -72.06 17.75
C GLY D 117 39.72 -72.87 17.95
N GLN D 118 39.53 -74.19 17.95
CA GLN D 118 40.63 -75.11 18.19
C GLN D 118 41.58 -75.23 17.00
N GLY D 119 41.08 -75.00 15.79
CA GLY D 119 41.91 -75.05 14.60
C GLY D 119 41.98 -76.43 13.98
N THR D 120 42.59 -76.48 12.80
CA THR D 120 42.77 -77.72 12.05
C THR D 120 44.10 -77.66 11.31
N THR D 121 44.81 -78.78 11.29
CA THR D 121 46.14 -78.85 10.71
C THR D 121 46.08 -79.25 9.25
N VAL D 122 47.00 -78.68 8.46
CA VAL D 122 47.17 -79.03 7.05
C VAL D 122 48.65 -79.12 6.74
N THR D 123 49.00 -80.06 5.86
CA THR D 123 50.37 -80.27 5.43
C THR D 123 50.39 -80.38 3.91
N VAL D 124 51.46 -79.91 3.29
CA VAL D 124 51.65 -80.01 1.86
C VAL D 124 52.92 -80.81 1.60
N SER D 125 52.77 -82.01 1.05
CA SER D 125 53.90 -82.86 0.69
C SER D 125 53.66 -83.48 -0.67
N SER D 126 54.75 -83.68 -1.41
CA SER D 126 54.69 -84.17 -2.79
C SER D 126 54.43 -85.67 -2.77
N ALA D 127 53.15 -86.03 -2.59
CA ALA D 127 52.74 -87.43 -2.57
C ALA D 127 51.23 -87.48 -2.70
N SER D 128 50.72 -88.69 -2.95
CA SER D 128 49.30 -88.98 -2.95
C SER D 128 48.98 -89.95 -1.83
N THR D 129 47.69 -90.09 -1.53
CA THR D 129 47.26 -90.97 -0.46
C THR D 129 47.82 -92.38 -0.67
N LYS D 130 48.71 -92.78 0.23
CA LYS D 130 49.49 -94.00 0.09
C LYS D 130 49.38 -94.83 1.36
N GLY D 131 49.30 -96.15 1.19
CA GLY D 131 49.23 -97.06 2.31
C GLY D 131 50.40 -96.89 3.26
N PRO D 132 50.11 -96.75 4.55
CA PRO D 132 51.16 -96.54 5.53
C PRO D 132 51.96 -97.80 5.78
N SER D 133 53.18 -97.61 6.29
CA SER D 133 54.07 -98.69 6.67
C SER D 133 54.10 -98.79 8.18
N VAL D 134 53.72 -99.95 8.72
CA VAL D 134 53.66 -100.19 10.14
C VAL D 134 54.69 -101.25 10.49
N PHE D 135 55.55 -100.95 11.46
CA PHE D 135 56.60 -101.86 11.87
C PHE D 135 56.58 -102.04 13.39
N PRO D 136 56.95 -103.21 13.88
CA PRO D 136 57.08 -103.42 15.32
C PRO D 136 58.49 -103.16 15.81
N LEU D 137 58.60 -103.00 17.13
CA LEU D 137 59.89 -102.80 17.78
C LEU D 137 59.94 -103.68 19.02
N ALA D 138 60.86 -104.64 19.03
CA ALA D 138 61.02 -105.56 20.15
C ALA D 138 62.38 -105.36 20.80
N PRO D 139 62.47 -104.68 21.93
CA PRO D 139 63.77 -104.47 22.57
C PRO D 139 64.36 -105.78 23.07
N SER D 140 65.69 -105.83 23.09
CA SER D 140 66.39 -107.00 23.59
C SER D 140 66.27 -107.07 25.11
N SER D 141 66.80 -108.16 25.68
CA SER D 141 66.72 -108.36 27.12
C SER D 141 67.51 -107.32 27.89
N LYS D 142 68.48 -106.66 27.26
CA LYS D 142 69.26 -105.65 27.95
C LYS D 142 68.40 -104.46 28.37
N SER D 143 67.48 -104.03 27.50
CA SER D 143 66.62 -102.90 27.80
C SER D 143 65.46 -103.28 28.71
N THR D 144 65.03 -104.55 28.68
CA THR D 144 63.92 -105.01 29.50
C THR D 144 64.35 -105.50 30.87
N SER D 145 65.66 -105.46 31.17
CA SER D 145 66.18 -105.89 32.47
C SER D 145 66.08 -104.73 33.46
N GLY D 146 64.84 -104.41 33.84
CA GLY D 146 64.59 -103.32 34.76
C GLY D 146 63.19 -103.44 35.33
N GLY D 147 62.84 -102.45 36.16
CA GLY D 147 61.51 -102.42 36.75
C GLY D 147 60.42 -102.27 35.71
N THR D 148 60.65 -101.43 34.71
CA THR D 148 59.68 -101.20 33.63
C THR D 148 60.37 -101.39 32.28
N ALA D 149 59.62 -101.93 31.32
CA ALA D 149 60.12 -102.15 29.97
C ALA D 149 59.20 -101.43 28.98
N ALA D 150 59.81 -100.93 27.91
CA ALA D 150 59.10 -100.13 26.91
C ALA D 150 59.11 -100.83 25.57
N LEU D 151 57.92 -101.02 24.99
CA LEU D 151 57.77 -101.53 23.64
C LEU D 151 57.46 -100.36 22.70
N GLY D 152 57.23 -100.68 21.43
CA GLY D 152 56.90 -99.64 20.48
C GLY D 152 56.54 -100.23 19.13
N CYS D 153 55.82 -99.42 18.35
CA CYS D 153 55.48 -99.76 16.97
C CYS D 153 55.80 -98.57 16.08
N LEU D 154 56.44 -98.84 14.95
CA LEU D 154 56.91 -97.80 14.04
C LEU D 154 55.92 -97.62 12.90
N VAL D 155 55.54 -96.37 12.64
CA VAL D 155 54.68 -96.01 11.52
C VAL D 155 55.51 -95.14 10.58
N LYS D 156 55.62 -95.56 9.32
CA LYS D 156 56.52 -94.92 8.37
C LYS D 156 55.77 -94.60 7.08
N ASP D 157 56.27 -93.56 6.40
CA ASP D 157 55.82 -93.12 5.07
C ASP D 157 54.31 -93.21 4.90
N TYR D 158 53.58 -92.72 5.90
CA TYR D 158 52.13 -92.66 5.83
C TYR D 158 51.70 -91.39 5.14
N PHE D 159 50.61 -91.49 4.38
CA PHE D 159 50.11 -90.34 3.62
C PHE D 159 48.63 -90.54 3.34
N PRO D 160 47.78 -89.52 3.56
CA PRO D 160 48.15 -88.18 4.03
C PRO D 160 48.19 -88.02 5.55
N GLU D 161 48.84 -86.95 6.00
CA GLU D 161 48.87 -86.61 7.41
C GLU D 161 47.45 -86.27 7.89
N PRO D 162 47.07 -86.69 9.12
CA PRO D 162 47.83 -87.52 10.05
C PRO D 162 47.34 -88.97 10.13
N VAL D 163 47.93 -89.73 11.04
CA VAL D 163 47.52 -91.10 11.34
C VAL D 163 47.36 -91.22 12.85
N THR D 164 46.31 -91.90 13.29
CA THR D 164 46.04 -92.10 14.70
C THR D 164 46.62 -93.43 15.14
N VAL D 165 47.45 -93.41 16.17
CA VAL D 165 48.09 -94.60 16.72
C VAL D 165 47.56 -94.84 18.13
N SER D 166 47.16 -96.08 18.39
CA SER D 166 46.65 -96.45 19.71
C SER D 166 47.02 -97.91 19.98
N TRP D 167 46.99 -98.26 21.26
CA TRP D 167 47.35 -99.61 21.71
C TRP D 167 46.11 -100.30 22.26
N ASN D 168 45.82 -101.49 21.73
CA ASN D 168 44.67 -102.30 22.15
C ASN D 168 43.35 -101.56 21.96
N SER D 169 43.30 -100.65 21.00
CA SER D 169 42.11 -99.85 20.71
C SER D 169 41.63 -99.11 21.96
N GLY D 170 42.59 -98.60 22.73
CA GLY D 170 42.28 -97.86 23.93
C GLY D 170 42.03 -98.69 25.17
N ALA D 171 42.21 -100.01 25.09
CA ALA D 171 42.00 -100.85 26.27
C ALA D 171 43.00 -100.54 27.36
N LEU D 172 44.26 -100.29 27.00
CA LEU D 172 45.30 -99.94 27.95
C LEU D 172 45.63 -98.46 27.83
N THR D 173 45.69 -97.78 28.97
CA THR D 173 45.95 -96.35 29.01
C THR D 173 47.16 -95.97 29.87
N SER D 174 47.90 -96.95 30.39
CA SER D 174 49.04 -96.68 31.25
C SER D 174 50.34 -96.73 30.44
N GLY D 175 51.17 -95.72 30.60
CA GLY D 175 52.44 -95.68 29.92
C GLY D 175 52.38 -95.41 28.44
N VAL D 176 51.28 -94.83 27.96
CA VAL D 176 51.12 -94.54 26.53
C VAL D 176 51.54 -93.09 26.29
N HIS D 177 52.43 -92.89 25.31
CA HIS D 177 52.90 -91.55 24.97
C HIS D 177 53.26 -91.53 23.49
N THR D 178 52.68 -90.60 22.75
CA THR D 178 52.93 -90.44 21.33
C THR D 178 53.89 -89.27 21.11
N PHE D 179 54.90 -89.47 20.26
CA PHE D 179 55.91 -88.46 20.03
C PHE D 179 55.66 -87.74 18.71
N PRO D 180 55.99 -86.45 18.63
CA PRO D 180 55.74 -85.70 17.39
C PRO D 180 56.58 -86.22 16.23
N ALA D 181 56.03 -86.09 15.03
CA ALA D 181 56.68 -86.53 13.81
C ALA D 181 57.43 -85.37 13.15
N VAL D 182 58.32 -85.72 12.22
CA VAL D 182 59.13 -84.76 11.50
C VAL D 182 59.17 -85.16 10.02
N LEU D 183 59.63 -84.23 9.19
CA LEU D 183 59.69 -84.46 7.75
C LEU D 183 60.72 -85.53 7.42
N GLN D 184 60.37 -86.40 6.46
CA GLN D 184 61.28 -87.44 6.01
C GLN D 184 62.22 -86.90 4.93
N SER D 185 63.10 -87.77 4.44
CA SER D 185 63.98 -87.39 3.35
C SER D 185 63.19 -87.11 2.07
N SER D 186 62.18 -87.93 1.79
CA SER D 186 61.36 -87.78 0.60
C SER D 186 60.20 -86.81 0.79
N GLY D 187 60.06 -86.21 1.98
CA GLY D 187 59.00 -85.26 2.23
C GLY D 187 57.79 -85.79 2.95
N LEU D 188 57.84 -87.03 3.45
CA LEU D 188 56.71 -87.60 4.18
C LEU D 188 56.97 -87.49 5.68
N TYR D 189 56.10 -88.10 6.48
CA TYR D 189 56.18 -88.05 7.92
C TYR D 189 56.32 -89.45 8.50
N SER D 190 56.92 -89.52 9.69
CA SER D 190 57.10 -90.79 10.39
C SER D 190 56.99 -90.56 11.89
N LEU D 191 56.16 -91.36 12.55
CA LEU D 191 56.02 -91.30 14.00
C LEU D 191 55.89 -92.72 14.54
N SER D 192 56.16 -92.87 15.84
CA SER D 192 56.08 -94.15 16.51
C SER D 192 55.31 -94.01 17.82
N SER D 193 54.69 -95.10 18.24
CA SER D 193 53.92 -95.16 19.47
C SER D 193 54.69 -96.02 20.47
N VAL D 194 55.38 -95.36 21.41
CA VAL D 194 56.19 -96.03 22.41
C VAL D 194 55.37 -96.15 23.68
N VAL D 195 55.22 -97.37 24.18
CA VAL D 195 54.45 -97.66 25.39
C VAL D 195 55.33 -98.41 26.35
N THR D 196 55.39 -97.94 27.59
CA THR D 196 56.20 -98.55 28.64
C THR D 196 55.29 -99.25 29.64
N VAL D 197 55.63 -100.50 29.97
CA VAL D 197 54.84 -101.31 30.88
C VAL D 197 55.76 -101.92 31.93
N PRO D 198 55.26 -102.26 33.12
CA PRO D 198 56.12 -102.91 34.12
C PRO D 198 56.56 -104.30 33.67
N SER D 199 57.70 -104.71 34.21
CA SER D 199 58.30 -105.99 33.84
C SER D 199 57.50 -107.19 34.32
N SER D 200 56.50 -106.99 35.19
CA SER D 200 55.66 -108.08 35.69
C SER D 200 54.44 -108.32 34.82
N SER D 201 54.51 -107.97 33.53
CA SER D 201 53.39 -108.15 32.63
C SER D 201 53.77 -108.79 31.30
N LEU D 202 55.05 -109.06 31.07
CA LEU D 202 55.47 -109.64 29.80
C LEU D 202 54.97 -111.08 29.67
N GLY D 203 54.40 -111.40 28.53
CA GLY D 203 53.89 -112.74 28.25
C GLY D 203 52.46 -112.99 28.66
N THR D 204 52.08 -112.56 29.88
CA THR D 204 50.72 -112.78 30.35
C THR D 204 49.73 -111.89 29.63
N GLN D 205 50.13 -110.67 29.28
CA GLN D 205 49.26 -109.70 28.63
C GLN D 205 49.65 -109.54 27.18
N THR D 206 48.66 -109.42 26.30
CA THR D 206 48.87 -109.28 24.87
C THR D 206 48.84 -107.82 24.48
N TYR D 207 49.84 -107.38 23.72
CA TYR D 207 49.96 -106.00 23.27
C TYR D 207 49.80 -105.95 21.76
N ILE D 208 48.96 -105.03 21.28
CA ILE D 208 48.76 -104.81 19.85
C ILE D 208 48.83 -103.31 19.58
N CYS D 209 49.30 -102.95 18.38
CA CYS D 209 49.39 -101.57 17.95
C CYS D 209 48.37 -101.36 16.84
N ASN D 210 47.35 -100.55 17.10
CA ASN D 210 46.27 -100.31 16.16
C ASN D 210 46.44 -98.92 15.56
N VAL D 211 46.43 -98.85 14.23
CA VAL D 211 46.58 -97.60 13.49
C VAL D 211 45.34 -97.40 12.63
N ASN D 212 44.78 -96.20 12.67
CA ASN D 212 43.63 -95.84 11.85
C ASN D 212 44.04 -94.81 10.82
N HIS D 213 43.79 -95.12 9.55
CA HIS D 213 44.15 -94.25 8.43
C HIS D 213 42.91 -94.11 7.56
N LYS D 214 42.06 -93.13 7.90
CA LYS D 214 40.78 -92.99 7.20
C LYS D 214 40.89 -92.72 5.69
N PRO D 215 41.82 -91.88 5.19
CA PRO D 215 41.82 -91.66 3.73
C PRO D 215 42.08 -92.92 2.92
N SER D 216 42.93 -93.81 3.43
CA SER D 216 43.21 -95.07 2.76
C SER D 216 42.34 -96.21 3.27
N ASN D 217 41.72 -96.05 4.44
CA ASN D 217 40.81 -97.04 5.03
C ASN D 217 41.48 -98.40 5.16
N THR D 218 42.63 -98.40 5.82
CA THR D 218 43.40 -99.61 6.07
C THR D 218 43.44 -99.92 7.56
N LYS D 219 43.27 -101.20 7.89
CA LYS D 219 43.30 -101.67 9.27
C LYS D 219 44.54 -102.56 9.43
N VAL D 220 45.51 -102.07 10.19
CA VAL D 220 46.76 -102.81 10.45
C VAL D 220 46.88 -103.01 11.94
N ASP D 221 46.97 -104.27 12.37
CA ASP D 221 47.13 -104.64 13.77
C ASP D 221 48.49 -105.33 13.89
N LYS D 222 49.51 -104.55 14.27
CA LYS D 222 50.88 -105.06 14.36
C LYS D 222 51.11 -105.67 15.73
N LYS D 223 51.55 -106.92 15.75
CA LYS D 223 51.82 -107.61 17.00
C LYS D 223 53.12 -107.09 17.61
N VAL D 224 53.01 -106.46 18.77
CA VAL D 224 54.14 -105.83 19.44
C VAL D 224 54.43 -106.64 20.70
N GLU D 225 55.43 -107.51 20.64
CA GLU D 225 55.87 -108.30 21.76
C GLU D 225 57.39 -108.42 21.71
N PRO D 226 58.04 -108.62 22.86
CA PRO D 226 59.49 -108.82 22.86
C PRO D 226 59.88 -110.07 22.07
N LYS D 227 61.03 -109.98 21.40
CA LYS D 227 61.51 -111.10 20.61
C LYS D 227 61.85 -112.28 21.50
N SER D 228 61.42 -113.47 21.10
CA SER D 228 61.71 -114.70 21.84
C SER D 228 62.98 -115.36 21.33
N CYS D 229 64.07 -114.60 21.30
CA CYS D 229 65.36 -115.07 20.79
C CYS D 229 66.11 -115.74 21.93
N ASP D 230 66.05 -117.06 21.99
CA ASP D 230 66.81 -117.84 22.97
C ASP D 230 68.15 -118.29 22.40
N LYS D 231 68.91 -117.33 21.88
CA LYS D 231 70.20 -117.62 21.26
C LYS D 231 71.19 -116.50 21.49
N GLN E 1 61.43 -55.00 5.35
CA GLN E 1 60.28 -55.39 6.17
C GLN E 1 60.61 -55.32 7.66
N THR E 2 59.63 -54.90 8.46
CA THR E 2 59.86 -54.68 9.88
C THR E 2 60.02 -56.02 10.61
N VAL E 3 60.83 -55.99 11.67
CA VAL E 3 61.12 -57.16 12.49
C VAL E 3 60.92 -56.78 13.95
N VAL E 4 60.14 -57.59 14.66
CA VAL E 4 59.91 -57.42 16.09
C VAL E 4 60.79 -58.41 16.83
N THR E 5 61.57 -57.91 17.80
CA THR E 5 62.53 -58.71 18.53
C THR E 5 61.98 -59.11 19.89
N GLN E 6 62.11 -60.39 20.22
CA GLN E 6 61.69 -60.91 21.52
C GLN E 6 62.80 -61.77 22.11
N GLU E 7 62.88 -61.76 23.43
CA GLU E 7 63.86 -62.60 24.12
C GLU E 7 63.48 -64.07 24.00
N PRO E 8 64.46 -64.97 23.81
CA PRO E 8 64.13 -66.39 23.65
C PRO E 8 63.42 -67.03 24.84
N SER E 9 64.00 -66.98 26.03
CA SER E 9 63.42 -67.68 27.16
C SER E 9 63.94 -67.12 28.47
N PHE E 10 63.07 -67.08 29.47
CA PHE E 10 63.42 -66.72 30.84
C PHE E 10 63.16 -67.89 31.78
N SER E 11 63.91 -67.91 32.88
CA SER E 11 63.72 -68.88 33.95
C SER E 11 63.60 -68.12 35.26
N VAL E 12 62.46 -68.26 35.93
CA VAL E 12 62.15 -67.48 37.13
C VAL E 12 61.65 -68.41 38.21
N SER E 13 62.14 -68.20 39.44
CA SER E 13 61.69 -68.99 40.57
C SER E 13 60.21 -68.71 40.86
N PRO E 14 59.49 -69.70 41.37
CA PRO E 14 58.06 -69.49 41.66
C PRO E 14 57.86 -68.39 42.70
N GLY E 15 56.80 -67.60 42.50
CA GLY E 15 56.50 -66.50 43.39
C GLY E 15 57.29 -65.24 43.12
N GLY E 16 58.21 -65.25 42.16
CA GLY E 16 59.02 -64.10 41.86
C GLY E 16 58.35 -63.15 40.87
N THR E 17 59.01 -62.03 40.64
CA THR E 17 58.54 -61.01 39.71
C THR E 17 59.58 -60.79 38.62
N VAL E 18 59.14 -60.88 37.37
CA VAL E 18 60.02 -60.68 36.22
C VAL E 18 59.27 -59.81 35.21
N THR E 19 60.03 -59.12 34.38
CA THR E 19 59.49 -58.29 33.32
C THR E 19 59.84 -58.88 31.96
N LEU E 20 58.85 -58.91 31.06
CA LEU E 20 59.03 -59.39 29.70
C LEU E 20 58.99 -58.21 28.75
N THR E 21 59.93 -58.18 27.81
CA THR E 21 60.09 -57.05 26.91
C THR E 21 59.96 -57.49 25.46
N CYS E 22 59.28 -56.67 24.66
CA CYS E 22 59.17 -56.83 23.22
C CYS E 22 59.58 -55.52 22.56
N GLY E 23 60.50 -55.59 21.60
CA GLY E 23 61.07 -54.40 21.01
C GLY E 23 60.97 -54.41 19.49
N LEU E 24 61.22 -53.24 18.91
CA LEU E 24 61.21 -53.05 17.47
C LEU E 24 62.59 -52.62 17.01
N SER E 25 63.11 -53.31 15.99
CA SER E 25 64.42 -52.99 15.45
C SER E 25 64.38 -51.87 14.43
N SER E 26 63.20 -51.44 14.01
CA SER E 26 63.06 -50.37 13.02
C SER E 26 62.77 -49.01 13.64
N GLY E 27 62.42 -48.95 14.91
CA GLY E 27 62.13 -47.68 15.55
C GLY E 27 61.48 -47.88 16.90
N SER E 28 60.92 -46.79 17.43
CA SER E 28 60.27 -46.82 18.72
C SER E 28 58.89 -47.47 18.61
N VAL E 29 58.44 -48.04 19.73
CA VAL E 29 57.12 -48.65 19.83
C VAL E 29 56.22 -47.69 20.61
N SER E 30 55.14 -47.27 19.98
CA SER E 30 54.15 -46.40 20.61
C SER E 30 52.85 -47.17 20.81
N THR E 31 51.97 -46.59 21.63
CA THR E 31 50.67 -47.22 21.88
C THR E 31 49.77 -47.23 20.65
N ALA E 32 50.09 -46.43 19.63
CA ALA E 32 49.31 -46.46 18.40
C ALA E 32 49.43 -47.80 17.68
N TYR E 33 50.58 -48.47 17.83
CA TYR E 33 50.76 -49.79 17.23
C TYR E 33 50.07 -50.89 18.01
N PHE E 34 49.49 -50.58 19.17
CA PHE E 34 48.63 -51.48 19.94
C PHE E 34 49.35 -52.76 20.33
N PRO E 35 50.29 -52.70 21.27
CA PRO E 35 50.89 -53.94 21.79
C PRO E 35 49.86 -54.82 22.47
N SER E 36 50.02 -56.13 22.30
CA SER E 36 49.13 -57.12 22.90
C SER E 36 49.94 -58.36 23.25
N TRP E 37 49.71 -58.90 24.43
CA TRP E 37 50.49 -60.03 24.95
C TRP E 37 49.61 -61.27 25.02
N TYR E 38 50.05 -62.34 24.36
CA TYR E 38 49.31 -63.59 24.28
C TYR E 38 50.21 -64.72 24.74
N GLN E 39 49.59 -65.80 25.22
CA GLN E 39 50.33 -66.96 25.70
C GLN E 39 49.93 -68.20 24.91
N GLN E 40 50.92 -68.98 24.50
CA GLN E 40 50.72 -70.17 23.68
C GLN E 40 51.20 -71.40 24.43
N THR E 41 50.31 -72.39 24.59
CA THR E 41 50.67 -73.69 25.14
C THR E 41 50.73 -74.72 24.04
N PRO E 42 51.82 -75.48 23.92
CA PRO E 42 51.93 -76.44 22.81
C PRO E 42 50.81 -77.46 22.83
N GLY E 43 50.31 -77.78 21.64
CA GLY E 43 49.21 -78.72 21.49
C GLY E 43 47.83 -78.13 21.67
N GLN E 44 47.73 -76.86 22.03
CA GLN E 44 46.43 -76.23 22.26
C GLN E 44 46.36 -74.88 21.55
N ALA E 45 45.29 -74.11 21.82
CA ALA E 45 45.10 -72.78 21.27
C ALA E 45 45.54 -71.72 22.27
N PRO E 46 46.05 -70.59 21.80
CA PRO E 46 46.48 -69.53 22.72
C PRO E 46 45.30 -68.89 23.43
N ARG E 47 45.64 -68.04 24.40
CA ARG E 47 44.65 -67.31 25.20
C ARG E 47 45.02 -65.84 25.26
N THR E 48 44.02 -64.98 25.12
CA THR E 48 44.24 -63.53 25.16
C THR E 48 44.52 -63.10 26.60
N LEU E 49 45.69 -62.50 26.82
CA LEU E 49 46.07 -62.00 28.14
C LEU E 49 45.90 -60.49 28.25
N ILE E 50 46.54 -59.72 27.37
CA ILE E 50 46.56 -58.28 27.45
C ILE E 50 46.21 -57.69 26.09
N TYR E 51 45.22 -56.81 26.06
CA TYR E 51 44.93 -55.98 24.90
C TYR E 51 44.62 -54.56 25.38
N GLY E 52 45.05 -53.58 24.60
CA GLY E 52 44.98 -52.20 25.01
C GLY E 52 46.18 -51.69 25.79
N THR E 53 47.15 -52.55 26.06
CA THR E 53 48.44 -52.22 26.69
C THR E 53 48.25 -51.91 28.16
N ASN E 54 46.99 -51.82 28.62
CA ASN E 54 46.71 -51.63 30.03
C ASN E 54 45.48 -52.37 30.53
N THR E 55 44.83 -53.17 29.67
CA THR E 55 43.58 -53.83 30.02
C THR E 55 43.76 -55.33 29.91
N ARG E 56 43.32 -56.06 30.95
CA ARG E 56 43.35 -57.50 30.95
C ARG E 56 42.08 -58.06 30.31
N SER E 57 42.20 -59.22 29.69
CA SER E 57 41.03 -59.88 29.11
C SER E 57 40.13 -60.40 30.22
N SER E 58 38.89 -60.75 29.83
CA SER E 58 37.93 -61.25 30.80
C SER E 58 38.43 -62.57 31.39
N GLY E 59 38.39 -62.66 32.72
CA GLY E 59 38.87 -63.83 33.42
C GLY E 59 40.36 -63.87 33.68
N VAL E 60 41.10 -62.88 33.20
CA VAL E 60 42.55 -62.86 33.41
C VAL E 60 42.83 -62.38 34.84
N PRO E 61 43.58 -63.14 35.64
CA PRO E 61 43.92 -62.68 36.99
C PRO E 61 44.75 -61.41 36.95
N ASP E 62 44.59 -60.59 38.00
CA ASP E 62 45.26 -59.29 38.08
C ASP E 62 46.76 -59.39 38.26
N ARG E 63 47.32 -60.60 38.34
CA ARG E 63 48.76 -60.77 38.55
C ARG E 63 49.58 -60.34 37.34
N PHE E 64 48.96 -60.16 36.18
CA PHE E 64 49.65 -59.74 34.97
C PHE E 64 49.28 -58.29 34.66
N SER E 65 50.29 -57.44 34.49
CA SER E 65 50.09 -56.03 34.17
C SER E 65 50.93 -55.65 32.96
N GLY E 66 50.37 -54.82 32.09
CA GLY E 66 51.05 -54.37 30.90
C GLY E 66 51.36 -52.89 30.98
N SER E 67 52.47 -52.51 30.35
CA SER E 67 52.92 -51.11 30.34
C SER E 67 53.92 -50.94 29.21
N ILE E 68 54.49 -49.75 29.09
CA ILE E 68 55.48 -49.42 28.08
C ILE E 68 56.73 -48.90 28.78
N LEU E 69 57.89 -49.42 28.36
CA LEU E 69 59.18 -48.98 28.89
C LEU E 69 60.02 -48.48 27.73
N GLY E 70 60.23 -47.17 27.68
CA GLY E 70 60.99 -46.56 26.60
C GLY E 70 60.39 -46.83 25.24
N ASN E 71 61.07 -47.66 24.45
CA ASN E 71 60.57 -48.07 23.14
C ASN E 71 60.20 -49.56 23.12
N LYS E 72 60.06 -50.17 24.30
CA LYS E 72 59.80 -51.60 24.42
C LYS E 72 58.55 -51.83 25.25
N ALA E 73 57.64 -52.64 24.72
CA ALA E 73 56.46 -53.03 25.48
C ALA E 73 56.86 -53.98 26.61
N ALA E 74 56.31 -53.76 27.80
CA ALA E 74 56.68 -54.51 28.99
C ALA E 74 55.47 -55.17 29.61
N LEU E 75 55.62 -56.45 29.95
CA LEU E 75 54.61 -57.20 30.69
C LEU E 75 55.21 -57.64 32.02
N THR E 76 54.53 -57.30 33.10
CA THR E 76 55.00 -57.61 34.45
C THR E 76 54.17 -58.74 35.03
N ILE E 77 54.85 -59.75 35.56
CA ILE E 77 54.21 -60.90 36.20
C ILE E 77 54.65 -60.95 37.66
N THR E 78 53.67 -61.01 38.55
CA THR E 78 53.92 -61.04 39.99
C THR E 78 53.46 -62.39 40.55
N GLY E 79 54.32 -63.03 41.32
CA GLY E 79 53.99 -64.32 41.89
C GLY E 79 54.01 -65.44 40.88
N ALA E 80 55.19 -65.77 40.38
CA ALA E 80 55.32 -66.80 39.36
C ALA E 80 54.73 -68.13 39.84
N GLN E 81 53.98 -68.78 38.97
CA GLN E 81 53.23 -69.98 39.31
C GLN E 81 53.50 -71.05 38.26
N ALA E 82 53.26 -72.30 38.63
CA ALA E 82 53.66 -73.44 37.80
C ALA E 82 52.98 -73.39 36.43
N ASP E 83 51.68 -73.09 36.39
CA ASP E 83 50.97 -73.08 35.12
C ASP E 83 51.35 -71.90 34.23
N ASP E 84 52.11 -70.94 34.75
CA ASP E 84 52.51 -69.77 33.96
C ASP E 84 53.55 -70.10 32.91
N GLU E 85 54.20 -71.25 32.98
CA GLU E 85 55.20 -71.61 31.98
C GLU E 85 54.51 -71.86 30.64
N SER E 86 54.93 -71.12 29.61
CA SER E 86 54.29 -71.15 28.31
C SER E 86 55.09 -70.23 27.38
N ASP E 87 54.73 -70.28 26.10
CA ASP E 87 55.27 -69.36 25.11
C ASP E 87 54.45 -68.08 25.10
N TYR E 88 55.13 -66.95 24.95
CA TYR E 88 54.50 -65.64 24.97
C TYR E 88 54.73 -64.93 23.64
N TYR E 89 53.70 -64.22 23.18
CA TYR E 89 53.72 -63.56 21.88
C TYR E 89 53.26 -62.12 22.04
N CYS E 90 53.93 -61.22 21.32
CA CYS E 90 53.57 -59.81 21.28
C CYS E 90 53.01 -59.47 19.91
N VAL E 91 51.98 -58.63 19.88
CA VAL E 91 51.29 -58.26 18.66
C VAL E 91 51.42 -56.75 18.46
N LEU E 92 51.97 -56.36 17.32
CA LEU E 92 52.12 -54.95 16.96
C LEU E 92 51.41 -54.70 15.64
N TYR E 93 50.70 -53.58 15.56
CA TYR E 93 49.83 -53.28 14.43
C TYR E 93 50.44 -52.17 13.58
N MET E 94 50.46 -52.37 12.27
CA MET E 94 50.82 -51.33 11.31
C MET E 94 49.59 -50.95 10.49
N GLY E 95 49.73 -49.87 9.73
CA GLY E 95 48.60 -49.28 9.04
C GLY E 95 47.90 -50.13 8.01
N ARG E 96 46.63 -50.46 8.28
CA ARG E 96 45.72 -51.06 7.31
C ARG E 96 46.23 -52.41 6.78
N GLY E 97 46.25 -53.40 7.67
CA GLY E 97 46.40 -54.78 7.26
C GLY E 97 47.79 -55.37 7.35
N ILE E 98 48.72 -54.76 8.06
CA ILE E 98 50.06 -55.29 8.24
C ILE E 98 50.28 -55.49 9.73
N VAL E 99 50.21 -56.74 10.18
CA VAL E 99 50.45 -57.12 11.56
C VAL E 99 51.54 -58.19 11.59
N VAL E 100 52.53 -58.00 12.47
CA VAL E 100 53.66 -58.91 12.59
C VAL E 100 53.83 -59.32 14.03
N PHE E 101 54.01 -60.61 14.26
CA PHE E 101 54.24 -61.15 15.59
C PHE E 101 55.74 -61.21 15.87
N GLY E 102 56.08 -61.33 17.15
CA GLY E 102 57.46 -61.36 17.57
C GLY E 102 58.09 -62.73 17.41
N GLY E 103 59.32 -62.84 17.90
CA GLY E 103 60.07 -64.07 17.78
C GLY E 103 59.70 -65.15 18.76
N GLY E 104 58.84 -64.85 19.73
CA GLY E 104 58.44 -65.85 20.71
C GLY E 104 59.32 -65.84 21.94
N THR E 105 58.70 -66.16 23.08
CA THR E 105 59.40 -66.20 24.36
C THR E 105 58.85 -67.36 25.18
N LYS E 106 59.65 -68.39 25.39
CA LYS E 106 59.25 -69.56 26.16
C LYS E 106 59.56 -69.30 27.63
N LEU E 107 58.55 -68.83 28.37
CA LEU E 107 58.72 -68.57 29.80
C LEU E 107 58.70 -69.90 30.55
N THR E 108 59.68 -70.08 31.42
CA THR E 108 59.79 -71.28 32.23
C THR E 108 59.95 -70.89 33.70
N VAL E 109 59.34 -71.68 34.58
CA VAL E 109 59.41 -71.46 36.02
C VAL E 109 60.42 -72.43 36.61
N LEU E 110 61.23 -71.93 37.55
CA LEU E 110 62.26 -72.74 38.19
C LEU E 110 61.69 -73.74 39.20
N GLY E 111 60.36 -73.88 39.29
CA GLY E 111 59.77 -74.79 40.24
C GLY E 111 59.44 -76.16 39.67
N GLN E 112 59.35 -76.26 38.35
CA GLN E 112 59.10 -77.55 37.73
C GLN E 112 60.32 -78.46 37.93
N PRO E 113 60.11 -79.75 38.14
CA PRO E 113 61.25 -80.65 38.36
C PRO E 113 62.22 -80.63 37.19
N LYS E 114 63.51 -80.63 37.51
CA LYS E 114 64.58 -80.62 36.52
C LYS E 114 65.39 -81.90 36.63
N ALA E 115 65.64 -82.55 35.50
CA ALA E 115 66.38 -83.81 35.50
C ALA E 115 67.02 -84.01 34.14
N ALA E 116 67.98 -84.93 34.10
CA ALA E 116 68.66 -85.28 32.86
C ALA E 116 67.79 -86.20 32.00
N PRO E 117 67.90 -86.10 30.68
CA PRO E 117 67.09 -86.97 29.81
C PRO E 117 67.55 -88.42 29.86
N SER E 118 66.60 -89.33 29.96
CA SER E 118 66.89 -90.76 29.86
C SER E 118 66.92 -91.16 28.39
N VAL E 119 67.99 -91.83 27.98
CA VAL E 119 68.24 -92.14 26.57
C VAL E 119 68.03 -93.63 26.36
N THR E 120 67.16 -93.98 25.41
CA THR E 120 66.95 -95.35 24.99
C THR E 120 67.07 -95.41 23.47
N LEU E 121 67.98 -96.24 22.97
CA LEU E 121 68.24 -96.35 21.54
C LEU E 121 67.84 -97.73 21.05
N PHE E 122 67.06 -97.76 19.97
CA PHE E 122 66.56 -99.00 19.41
C PHE E 122 67.15 -99.23 18.02
N PRO E 123 67.94 -100.28 17.80
CA PRO E 123 68.43 -100.56 16.46
C PRO E 123 67.30 -101.00 15.55
N PRO E 124 67.43 -100.79 14.23
CA PRO E 124 66.36 -101.20 13.32
C PRO E 124 66.10 -102.70 13.37
N SER E 125 64.84 -103.07 13.18
CA SER E 125 64.45 -104.47 13.17
C SER E 125 64.87 -105.15 11.87
N SER E 126 64.99 -106.48 11.94
CA SER E 126 65.38 -107.25 10.76
C SER E 126 64.33 -107.17 9.65
N GLU E 127 63.05 -107.06 10.02
CA GLU E 127 62.01 -106.91 9.01
C GLU E 127 62.18 -105.61 8.23
N GLU E 128 62.61 -104.55 8.91
CA GLU E 128 62.93 -103.31 8.20
C GLU E 128 64.12 -103.50 7.27
N LEU E 129 65.13 -104.25 7.72
CA LEU E 129 66.27 -104.55 6.85
C LEU E 129 65.85 -105.36 5.63
N GLN E 130 64.80 -106.16 5.76
CA GLN E 130 64.29 -106.91 4.62
C GLN E 130 63.70 -106.00 3.55
N ALA E 131 63.41 -104.74 3.88
CA ALA E 131 62.91 -103.76 2.92
C ALA E 131 63.97 -102.73 2.54
N ASN E 132 65.25 -103.03 2.78
CA ASN E 132 66.36 -102.12 2.50
C ASN E 132 66.17 -100.79 3.21
N LYS E 133 65.71 -100.85 4.47
CA LYS E 133 65.51 -99.67 5.29
C LYS E 133 66.11 -99.91 6.67
N ALA E 134 66.80 -98.89 7.19
CA ALA E 134 67.41 -98.96 8.51
C ALA E 134 67.24 -97.60 9.18
N THR E 135 66.18 -97.46 9.96
CA THR E 135 65.87 -96.21 10.66
C THR E 135 66.18 -96.38 12.14
N LEU E 136 67.01 -95.48 12.67
CA LEU E 136 67.36 -95.48 14.08
C LEU E 136 66.58 -94.39 14.79
N VAL E 137 65.89 -94.76 15.86
CA VAL E 137 65.11 -93.83 16.67
C VAL E 137 65.76 -93.73 18.06
N CYS E 138 66.00 -92.50 18.50
CA CYS E 138 66.56 -92.23 19.82
C CYS E 138 65.57 -91.37 20.57
N LEU E 139 64.84 -91.98 21.50
CA LEU E 139 63.83 -91.27 22.28
C LEU E 139 64.42 -90.82 23.61
N ILE E 140 64.18 -89.57 23.97
CA ILE E 140 64.63 -89.00 25.23
C ILE E 140 63.43 -88.38 25.94
N SER E 141 63.39 -88.55 27.26
CA SER E 141 62.27 -88.06 28.05
C SER E 141 62.77 -87.76 29.47
N ASP E 142 61.84 -87.34 30.32
CA ASP E 142 62.10 -87.13 31.74
C ASP E 142 63.16 -86.04 31.95
N PHE E 143 63.08 -84.99 31.14
CA PHE E 143 64.04 -83.89 31.22
C PHE E 143 63.32 -82.55 31.20
N TYR E 144 63.96 -81.56 31.83
CA TYR E 144 63.47 -80.20 31.90
C TYR E 144 64.66 -79.29 32.17
N PRO E 145 64.81 -78.17 31.45
CA PRO E 145 63.91 -77.73 30.37
C PRO E 145 64.15 -78.45 29.05
N GLY E 146 63.63 -77.88 27.96
CA GLY E 146 63.72 -78.48 26.64
C GLY E 146 64.99 -78.23 25.88
N ALA E 147 65.97 -77.54 26.47
CA ALA E 147 67.23 -77.25 25.79
C ALA E 147 68.06 -78.51 25.75
N VAL E 148 67.85 -79.31 24.70
CA VAL E 148 68.58 -80.55 24.48
C VAL E 148 69.28 -80.49 23.13
N THR E 149 70.54 -80.88 23.11
CA THR E 149 71.35 -80.91 21.89
C THR E 149 71.63 -82.36 21.53
N VAL E 150 70.98 -82.83 20.46
CA VAL E 150 71.10 -84.22 20.03
C VAL E 150 72.07 -84.29 18.86
N ALA E 151 73.10 -85.13 18.99
CA ALA E 151 74.09 -85.32 17.94
C ALA E 151 74.32 -86.82 17.75
N TRP E 152 74.52 -87.21 16.49
CA TRP E 152 74.73 -88.61 16.12
C TRP E 152 76.14 -88.77 15.57
N LYS E 153 76.89 -89.72 16.12
CA LYS E 153 78.23 -90.04 15.66
C LYS E 153 78.26 -91.51 15.25
N ALA E 154 78.67 -91.77 14.01
CA ALA E 154 78.90 -93.12 13.53
C ALA E 154 80.36 -93.48 13.78
N ASP E 155 80.59 -94.52 14.59
CA ASP E 155 81.92 -94.87 15.06
C ASP E 155 82.54 -93.67 15.78
N SER E 156 83.34 -92.88 15.07
CA SER E 156 83.92 -91.67 15.61
C SER E 156 83.68 -90.45 14.71
N SER E 157 82.93 -90.61 13.62
CA SER E 157 82.69 -89.52 12.68
C SER E 157 81.27 -89.00 12.83
N PRO E 158 81.08 -87.75 13.25
CA PRO E 158 79.73 -87.21 13.35
C PRO E 158 79.08 -87.06 11.98
N VAL E 159 77.75 -87.19 11.97
CA VAL E 159 76.96 -87.08 10.75
C VAL E 159 75.92 -85.98 10.94
N LYS E 160 75.88 -85.04 10.01
CA LYS E 160 74.92 -83.94 10.07
C LYS E 160 73.75 -84.12 9.09
N ALA E 161 73.84 -85.05 8.17
CA ALA E 161 72.79 -85.30 7.19
C ALA E 161 71.98 -86.53 7.59
N GLY E 162 70.68 -86.47 7.32
CA GLY E 162 69.79 -87.56 7.64
C GLY E 162 69.39 -87.65 9.10
N VAL E 163 69.70 -86.63 9.90
CA VAL E 163 69.35 -86.60 11.32
C VAL E 163 68.21 -85.62 11.51
N GLU E 164 67.21 -86.03 12.28
CA GLU E 164 66.02 -85.23 12.53
C GLU E 164 65.89 -84.93 14.02
N THR E 165 65.29 -83.77 14.32
CA THR E 165 65.09 -83.33 15.68
C THR E 165 63.62 -83.04 15.92
N THR E 166 63.11 -83.48 17.07
CA THR E 166 61.72 -83.25 17.48
C THR E 166 61.70 -82.29 18.66
N THR E 167 60.86 -81.28 18.58
CA THR E 167 60.77 -80.28 19.65
C THR E 167 60.23 -80.93 20.91
N PRO E 168 60.86 -80.71 22.08
CA PRO E 168 60.34 -81.28 23.32
C PRO E 168 58.94 -80.78 23.63
N SER E 169 58.11 -81.67 24.16
CA SER E 169 56.74 -81.35 24.52
C SER E 169 56.46 -81.83 25.94
N LYS E 170 55.54 -81.14 26.60
CA LYS E 170 55.22 -81.47 27.98
C LYS E 170 54.61 -82.86 28.10
N GLN E 171 54.96 -83.57 29.16
CA GLN E 171 54.44 -84.90 29.43
C GLN E 171 53.25 -84.80 30.37
N SER E 172 52.77 -85.96 30.83
CA SER E 172 51.65 -85.97 31.77
C SER E 172 52.06 -85.46 33.14
N ASN E 173 53.31 -85.68 33.54
CA ASN E 173 53.80 -85.32 34.87
C ASN E 173 54.83 -84.19 34.83
N ASN E 174 54.59 -83.18 33.99
CA ASN E 174 55.31 -81.92 34.00
C ASN E 174 56.81 -82.10 33.72
N LYS E 175 57.10 -82.67 32.54
CA LYS E 175 58.45 -82.68 32.01
C LYS E 175 58.36 -82.88 30.50
N TYR E 176 59.51 -82.81 29.84
CA TYR E 176 59.57 -82.78 28.39
C TYR E 176 60.12 -84.07 27.82
N ALA E 177 59.69 -84.40 26.60
CA ALA E 177 60.15 -85.58 25.88
C ALA E 177 60.43 -85.21 24.44
N ALA E 178 61.52 -85.77 23.89
CA ALA E 178 61.92 -85.51 22.52
C ALA E 178 62.42 -86.80 21.89
N SER E 179 62.71 -86.74 20.58
CA SER E 179 63.20 -87.91 19.86
C SER E 179 64.00 -87.44 18.65
N SER E 180 64.79 -88.37 18.11
CA SER E 180 65.58 -88.11 16.92
C SER E 180 65.49 -89.30 15.98
N TYR E 181 65.41 -89.02 14.69
CA TYR E 181 65.30 -90.05 13.66
C TYR E 181 66.53 -90.03 12.77
N LEU E 182 67.08 -91.21 12.50
CA LEU E 182 68.22 -91.37 11.59
C LEU E 182 67.86 -92.44 10.57
N SER E 183 67.58 -92.02 9.34
CA SER E 183 67.22 -92.93 8.26
C SER E 183 68.42 -93.03 7.32
N LEU E 184 69.07 -94.19 7.32
CA LEU E 184 70.24 -94.44 6.49
C LEU E 184 70.15 -95.85 5.92
N THR E 185 70.96 -96.11 4.89
CA THR E 185 70.95 -97.40 4.24
C THR E 185 71.42 -98.50 5.19
N PRO E 186 70.86 -99.70 5.10
CA PRO E 186 71.30 -100.79 5.98
C PRO E 186 72.77 -101.15 5.80
N GLU E 187 73.33 -100.95 4.60
CA GLU E 187 74.74 -101.26 4.40
C GLU E 187 75.64 -100.35 5.22
N GLN E 188 75.28 -99.07 5.36
CA GLN E 188 76.00 -98.19 6.28
C GLN E 188 75.85 -98.65 7.71
N TRP E 189 74.64 -99.10 8.09
CA TRP E 189 74.41 -99.56 9.45
C TRP E 189 75.27 -100.78 9.77
N LYS E 190 75.40 -101.70 8.83
CA LYS E 190 76.19 -102.91 9.04
C LYS E 190 77.67 -102.73 8.75
N SER E 191 78.07 -101.60 8.16
CA SER E 191 79.46 -101.36 7.81
C SER E 191 80.27 -100.73 8.95
N HIS E 192 79.64 -100.42 10.08
CA HIS E 192 80.31 -99.80 11.21
C HIS E 192 80.13 -100.66 12.45
N ARG E 193 81.11 -100.56 13.37
CA ARG E 193 81.09 -101.40 14.57
C ARG E 193 79.89 -101.09 15.44
N SER E 194 79.62 -99.80 15.69
CA SER E 194 78.53 -99.42 16.57
C SER E 194 78.12 -97.98 16.30
N TYR E 195 76.87 -97.67 16.62
CA TYR E 195 76.34 -96.33 16.58
C TYR E 195 75.95 -95.87 17.97
N SER E 196 76.10 -94.57 18.20
CA SER E 196 75.82 -93.97 19.50
C SER E 196 74.93 -92.75 19.34
N CYS E 197 74.11 -92.49 20.37
CA CYS E 197 73.22 -91.35 20.40
C CYS E 197 73.54 -90.52 21.64
N GLN E 198 73.82 -89.23 21.44
CA GLN E 198 74.21 -88.33 22.50
C GLN E 198 73.24 -87.16 22.58
N VAL E 199 72.89 -86.78 23.80
CA VAL E 199 72.02 -85.63 24.06
C VAL E 199 72.68 -84.75 25.11
N THR E 200 72.85 -83.47 24.79
CA THR E 200 73.43 -82.50 25.70
C THR E 200 72.31 -81.60 26.21
N HIS E 201 72.05 -81.66 27.51
CA HIS E 201 70.95 -80.93 28.13
C HIS E 201 71.47 -80.19 29.35
N GLU E 202 71.49 -78.84 29.28
CA GLU E 202 71.90 -77.99 30.38
C GLU E 202 73.31 -78.33 30.86
N GLY E 203 74.19 -78.68 29.92
CA GLY E 203 75.55 -79.03 30.24
C GLY E 203 75.74 -80.45 30.73
N SER E 204 74.69 -81.27 30.77
CA SER E 204 74.77 -82.65 31.21
C SER E 204 74.95 -83.55 30.00
N THR E 205 75.93 -84.45 30.07
CA THR E 205 76.27 -85.33 28.96
C THR E 205 75.81 -86.74 29.27
N VAL E 206 75.03 -87.33 28.35
CA VAL E 206 74.55 -88.70 28.46
C VAL E 206 74.82 -89.41 27.14
N GLU E 207 75.28 -90.65 27.22
CA GLU E 207 75.69 -91.42 26.05
C GLU E 207 75.17 -92.84 26.12
N LYS E 208 74.72 -93.35 24.99
CA LYS E 208 74.30 -94.75 24.86
C LYS E 208 74.83 -95.30 23.55
N THR E 209 75.32 -96.54 23.58
CA THR E 209 75.90 -97.19 22.42
C THR E 209 75.29 -98.55 22.21
N VAL E 210 74.91 -98.86 20.96
CA VAL E 210 74.39 -100.15 20.58
C VAL E 210 75.20 -100.67 19.40
N ALA E 211 75.26 -102.00 19.27
CA ALA E 211 76.06 -102.63 18.23
C ALA E 211 75.17 -103.27 17.18
N PRO E 212 75.24 -102.84 15.93
CA PRO E 212 74.45 -103.51 14.87
C PRO E 212 74.78 -104.98 14.71
N THR E 213 76.03 -105.37 14.94
CA THR E 213 76.41 -106.78 14.81
C THR E 213 75.78 -107.65 15.88
N GLU E 214 75.37 -107.06 17.01
CA GLU E 214 74.72 -107.83 18.06
C GLU E 214 73.36 -108.35 17.61
N CYS E 215 72.64 -107.58 16.78
CA CYS E 215 71.34 -108.01 16.31
C CYS E 215 71.42 -109.22 15.39
N SER E 216 72.57 -109.46 14.78
CA SER E 216 72.73 -110.60 13.88
C SER E 216 72.80 -111.91 14.66
N GLN F 1 37.52 52.36 45.24
CA GLN F 1 38.95 52.08 45.12
C GLN F 1 39.27 50.65 45.56
N VAL F 2 40.26 50.05 44.92
CA VAL F 2 40.65 48.67 45.20
C VAL F 2 41.49 48.65 46.46
N GLN F 3 41.04 47.90 47.47
CA GLN F 3 41.78 47.79 48.73
C GLN F 3 41.42 46.48 49.40
N LEU F 4 42.40 45.90 50.10
CA LEU F 4 42.22 44.66 50.83
C LEU F 4 42.53 44.91 52.31
N VAL F 5 41.59 44.54 53.18
CA VAL F 5 41.73 44.74 54.62
C VAL F 5 42.00 43.39 55.26
N GLU F 6 43.15 43.28 55.92
CA GLU F 6 43.55 42.06 56.59
C GLU F 6 43.39 42.22 58.10
N SER F 7 42.62 41.34 58.72
CA SER F 7 42.36 41.40 60.15
C SER F 7 42.43 39.99 60.73
N GLY F 8 42.46 39.92 62.06
CA GLY F 8 42.58 38.67 62.77
C GLY F 8 43.98 38.30 63.19
N GLY F 9 44.98 39.07 62.77
CA GLY F 9 46.35 38.76 63.16
C GLY F 9 46.58 38.96 64.64
N GLY F 10 47.59 38.26 65.16
CA GLY F 10 47.90 38.34 66.58
C GLY F 10 48.94 37.29 66.93
N VAL F 11 49.05 37.05 68.24
CA VAL F 11 49.98 36.07 68.78
C VAL F 11 49.19 34.97 69.46
N VAL F 12 49.45 33.73 69.06
CA VAL F 12 48.64 32.58 69.46
C VAL F 12 49.54 31.49 70.02
N GLN F 13 49.05 30.81 71.05
CA GLN F 13 49.71 29.62 71.57
C GLN F 13 49.79 28.56 70.48
N PRO F 14 50.89 27.81 70.41
CA PRO F 14 50.97 26.71 69.44
C PRO F 14 49.89 25.67 69.70
N GLY F 15 49.35 25.12 68.62
CA GLY F 15 48.34 24.09 68.68
C GLY F 15 46.91 24.59 68.64
N ARG F 16 46.68 25.90 68.70
CA ARG F 16 45.34 26.44 68.63
C ARG F 16 44.97 26.71 67.17
N SER F 17 43.82 27.35 66.95
CA SER F 17 43.33 27.66 65.62
C SER F 17 42.86 29.11 65.57
N LEU F 18 42.91 29.68 64.36
CA LEU F 18 42.48 31.06 64.15
C LEU F 18 42.06 31.21 62.70
N ARG F 19 41.13 32.14 62.47
CA ARG F 19 40.60 32.42 61.14
C ARG F 19 41.07 33.80 60.71
N LEU F 20 41.98 33.84 59.73
CA LEU F 20 42.42 35.09 59.14
C LEU F 20 41.29 35.66 58.28
N SER F 21 41.00 36.94 58.44
CA SER F 21 39.91 37.59 57.72
C SER F 21 40.47 38.60 56.73
N CYS F 22 39.93 38.58 55.51
CA CYS F 22 40.34 39.49 54.45
C CYS F 22 39.10 40.02 53.77
N ALA F 23 38.95 41.35 53.75
CA ALA F 23 37.81 42.00 53.12
C ALA F 23 38.28 42.81 51.91
N ALA F 24 37.54 42.67 50.80
CA ALA F 24 37.87 43.33 49.55
C ALA F 24 36.86 44.44 49.28
N SER F 25 37.36 45.61 48.91
CA SER F 25 36.52 46.77 48.60
C SER F 25 36.90 47.29 47.22
N GLY F 26 35.88 47.64 46.42
CA GLY F 26 36.07 48.17 45.09
C GLY F 26 35.80 47.16 43.99
N PHE F 27 35.94 45.87 44.28
CA PHE F 27 35.71 44.81 43.31
C PHE F 27 35.05 43.64 44.02
N THR F 28 34.85 42.56 43.27
CA THR F 28 34.30 41.32 43.79
C THR F 28 35.36 40.23 43.70
N LEU F 29 35.56 39.51 44.80
CA LEU F 29 36.57 38.45 44.83
C LEU F 29 36.22 37.29 43.90
N SER F 30 34.95 37.18 43.50
CA SER F 30 34.54 36.09 42.61
C SER F 30 35.13 36.24 41.21
N SER F 31 35.58 37.44 40.85
CA SER F 31 36.07 37.69 39.50
C SER F 31 37.59 37.53 39.38
N TYR F 32 38.32 37.45 40.49
CA TYR F 32 39.77 37.43 40.45
C TYR F 32 40.30 36.30 41.32
N GLY F 33 41.51 35.85 41.00
CA GLY F 33 42.21 34.95 41.88
C GLY F 33 42.75 35.67 43.10
N MET F 34 42.95 34.91 44.18
CA MET F 34 43.41 35.46 45.44
C MET F 34 44.59 34.63 45.95
N HIS F 35 45.57 35.32 46.54
CA HIS F 35 46.80 34.69 46.99
C HIS F 35 47.06 35.05 48.45
N TRP F 36 47.70 34.14 49.17
CA TRP F 36 48.17 34.38 50.53
C TRP F 36 49.67 34.13 50.57
N VAL F 37 50.43 35.16 50.88
CA VAL F 37 51.89 35.10 50.91
C VAL F 37 52.37 35.64 52.25
N ARG F 38 53.25 34.89 52.92
CA ARG F 38 53.80 35.30 54.20
C ARG F 38 55.25 35.71 54.03
N GLN F 39 55.71 36.57 54.95
CA GLN F 39 57.08 37.05 54.95
C GLN F 39 57.56 37.18 56.39
N ALA F 40 58.74 36.59 56.69
CA ALA F 40 59.29 36.61 58.03
C ALA F 40 60.46 37.58 58.13
N PRO F 41 60.67 38.20 59.30
CA PRO F 41 61.82 39.10 59.46
C PRO F 41 63.13 38.36 59.22
N GLY F 42 64.05 39.03 58.55
CA GLY F 42 65.34 38.43 58.23
C GLY F 42 65.29 37.36 57.16
N LYS F 43 64.18 37.24 56.44
CA LYS F 43 63.98 36.19 55.44
C LYS F 43 63.29 36.80 54.22
N GLY F 44 63.17 36.01 53.16
CA GLY F 44 62.42 36.39 51.98
C GLY F 44 60.98 35.93 52.06
N LEU F 45 60.19 36.38 51.08
CA LEU F 45 58.78 36.01 51.04
C LEU F 45 58.63 34.53 50.77
N GLU F 46 57.56 33.95 51.34
CA GLU F 46 57.31 32.51 51.25
C GLU F 46 55.86 32.29 50.84
N TRP F 47 55.67 31.61 49.71
CA TRP F 47 54.34 31.34 49.21
C TRP F 47 53.64 30.32 50.10
N VAL F 48 52.35 30.56 50.37
CA VAL F 48 51.58 29.75 51.31
C VAL F 48 50.42 29.03 50.61
N ALA F 49 49.46 29.80 50.08
CA ALA F 49 48.26 29.20 49.51
C ALA F 49 47.56 30.23 48.63
N VAL F 50 46.77 29.73 47.68
CA VAL F 50 46.02 30.56 46.74
C VAL F 50 44.63 29.95 46.55
N ILE F 51 43.73 30.77 46.02
CA ILE F 51 42.40 30.33 45.59
C ILE F 51 42.12 30.92 44.22
N SER F 52 41.54 30.11 43.34
CA SER F 52 41.26 30.55 41.98
C SER F 52 40.04 31.47 41.97
N TYR F 53 39.79 32.07 40.81
CA TYR F 53 38.63 32.95 40.67
C TYR F 53 37.32 32.17 40.76
N ASP F 54 37.30 30.93 40.27
CA ASP F 54 36.12 30.09 40.30
C ASP F 54 36.07 29.15 41.51
N GLY F 55 37.22 28.85 42.11
CA GLY F 55 37.25 27.95 43.24
C GLY F 55 37.14 26.48 42.90
N SER F 56 37.25 26.13 41.62
CA SER F 56 37.14 24.72 41.24
C SER F 56 38.34 23.91 41.74
N ASN F 57 39.50 24.54 41.86
CA ASN F 57 40.71 23.87 42.31
C ASN F 57 41.35 24.68 43.43
N LYS F 58 42.05 23.97 44.32
CA LYS F 58 42.73 24.59 45.44
C LYS F 58 44.13 24.00 45.57
N TYR F 59 45.11 24.87 45.83
CA TYR F 59 46.50 24.44 45.93
C TYR F 59 47.14 25.02 47.18
N TYR F 60 48.06 24.24 47.75
CA TYR F 60 48.82 24.64 48.93
C TYR F 60 50.26 24.20 48.75
N VAL F 61 51.15 24.79 49.55
CA VAL F 61 52.55 24.39 49.55
C VAL F 61 52.69 23.16 50.44
N ASP F 62 53.77 22.40 50.23
CA ASP F 62 53.94 21.13 50.91
C ASP F 62 54.01 21.29 52.42
N SER F 63 54.63 22.37 52.89
CA SER F 63 54.79 22.59 54.33
C SER F 63 53.47 22.85 55.05
N VAL F 64 52.40 23.19 54.32
CA VAL F 64 51.12 23.52 54.93
C VAL F 64 50.02 22.52 54.57
N LYS F 65 50.39 21.38 54.00
CA LYS F 65 49.39 20.39 53.59
C LYS F 65 48.72 19.77 54.82
N GLY F 66 47.40 19.68 54.77
CA GLY F 66 46.63 19.01 55.80
C GLY F 66 46.47 19.75 57.10
N ARG F 67 46.79 21.04 57.15
CA ARG F 67 46.66 21.79 58.39
C ARG F 67 45.83 23.06 58.21
N PHE F 68 45.95 23.72 57.06
CA PHE F 68 45.25 24.98 56.82
C PHE F 68 44.24 24.82 55.70
N THR F 69 43.17 25.61 55.79
CA THR F 69 42.09 25.62 54.80
C THR F 69 41.77 27.06 54.42
N ILE F 70 41.46 27.26 53.14
CA ILE F 70 41.12 28.58 52.62
C ILE F 70 39.65 28.57 52.19
N SER F 71 38.94 29.65 52.51
CA SER F 71 37.54 29.76 52.17
C SER F 71 37.25 31.18 51.70
N ARG F 72 36.22 31.30 50.85
CA ARG F 72 35.87 32.58 50.26
C ARG F 72 34.36 32.78 50.38
N ASP F 73 33.96 34.04 50.48
CA ASP F 73 32.55 34.40 50.62
C ASP F 73 32.21 35.47 49.59
N ASN F 74 31.47 35.07 48.55
CA ASN F 74 31.07 36.03 47.51
C ASN F 74 29.91 36.91 47.95
N SER F 75 29.12 36.47 48.93
CA SER F 75 27.93 37.21 49.31
C SER F 75 28.30 38.55 49.96
N LYS F 76 29.20 38.51 50.95
CA LYS F 76 29.61 39.71 51.65
C LYS F 76 30.97 40.23 51.22
N ASN F 77 31.56 39.66 50.16
CA ASN F 77 32.86 40.06 49.64
C ASN F 77 33.93 40.00 50.73
N THR F 78 34.04 38.83 51.35
CA THR F 78 34.97 38.60 52.45
C THR F 78 35.73 37.30 52.22
N LEU F 79 36.97 37.28 52.67
CA LEU F 79 37.87 36.15 52.48
C LEU F 79 38.36 35.65 53.84
N TYR F 80 38.36 34.34 54.03
CA TYR F 80 38.74 33.72 55.29
C TYR F 80 39.83 32.68 55.06
N LEU F 81 40.79 32.61 55.99
CA LEU F 81 41.83 31.58 55.98
C LEU F 81 41.79 30.87 57.32
N GLN F 82 41.73 29.55 57.28
CA GLN F 82 41.70 28.73 58.50
C GLN F 82 43.12 28.26 58.82
N MET F 83 43.57 28.58 60.03
CA MET F 83 44.87 28.14 60.52
C MET F 83 44.66 27.12 61.64
N ASN F 84 45.35 25.99 61.55
CA ASN F 84 45.27 24.96 62.56
C ASN F 84 46.66 24.40 62.84
N SER F 85 46.86 23.93 64.07
CA SER F 85 48.12 23.34 64.52
C SER F 85 49.29 24.29 64.27
N LEU F 86 49.18 25.47 64.86
CA LEU F 86 50.20 26.50 64.69
C LEU F 86 51.51 26.10 65.36
N ARG F 87 52.62 26.50 64.75
CA ARG F 87 53.94 26.22 65.28
C ARG F 87 54.80 27.48 65.15
N ALA F 88 55.92 27.48 65.88
CA ALA F 88 56.71 28.70 66.05
C ALA F 88 57.24 29.22 64.72
N GLU F 89 57.42 28.35 63.73
CA GLU F 89 57.93 28.80 62.43
C GLU F 89 56.92 29.62 61.64
N ASP F 90 55.66 29.66 62.08
CA ASP F 90 54.63 30.42 61.40
C ASP F 90 54.65 31.91 61.73
N THR F 91 55.58 32.35 62.59
CA THR F 91 55.70 33.76 62.91
C THR F 91 56.19 34.53 61.69
N ALA F 92 55.30 35.27 61.04
CA ALA F 92 55.62 36.00 59.83
C ALA F 92 54.50 37.01 59.59
N VAL F 93 54.65 37.78 58.51
CA VAL F 93 53.65 38.75 58.08
C VAL F 93 53.02 38.26 56.79
N TYR F 94 51.71 38.06 56.81
CA TYR F 94 50.98 37.53 55.67
C TYR F 94 50.39 38.65 54.84
N TYR F 95 50.50 38.52 53.52
CA TYR F 95 49.93 39.47 52.57
C TYR F 95 48.88 38.75 51.74
N CYS F 96 47.67 39.32 51.68
CA CYS F 96 46.59 38.79 50.86
C CYS F 96 46.66 39.44 49.48
N ALA F 97 46.94 38.64 48.46
CA ALA F 97 47.27 39.14 47.15
C ALA F 97 46.17 38.83 46.14
N ARG F 98 46.01 39.73 45.18
CA ARG F 98 44.99 39.62 44.14
C ARG F 98 45.66 39.38 42.80
N GLY F 99 45.26 38.31 42.11
CA GLY F 99 45.84 37.93 40.84
C GLY F 99 44.99 38.35 39.66
N TRP F 100 45.36 37.82 38.48
CA TRP F 100 44.62 38.12 37.27
C TRP F 100 43.24 37.45 37.31
N ALA F 101 42.45 37.68 36.27
CA ALA F 101 41.04 37.35 36.24
C ALA F 101 40.68 36.56 35.00
N TYR F 102 39.49 35.95 35.03
CA TYR F 102 38.88 35.40 33.84
C TYR F 102 38.45 36.49 32.87
N TRP F 103 38.35 37.73 33.34
CA TRP F 103 38.02 38.86 32.48
C TRP F 103 39.09 39.08 31.42
N GLU F 104 40.28 38.52 31.61
CA GLU F 104 41.34 38.52 30.62
C GLU F 104 41.79 37.07 30.48
N LEU F 105 41.42 36.43 29.36
CA LEU F 105 41.74 35.01 29.17
C LEU F 105 43.24 34.79 29.05
N LEU F 106 43.81 34.10 30.04
CA LEU F 106 45.21 33.74 30.09
C LEU F 106 45.34 32.22 30.07
N PRO F 107 46.49 31.69 29.65
CA PRO F 107 46.66 30.23 29.66
C PRO F 107 46.68 29.64 31.06
N ASP F 108 46.91 28.34 31.17
CA ASP F 108 46.85 27.64 32.44
C ASP F 108 48.03 28.07 33.31
N TYR F 109 48.16 27.45 34.49
CA TYR F 109 49.04 27.88 35.56
C TYR F 109 48.99 29.40 35.71
N TYR F 110 47.79 29.87 36.06
CA TYR F 110 47.43 31.28 35.98
C TYR F 110 48.50 32.17 36.61
N TYR F 111 48.80 33.27 35.93
CA TYR F 111 49.75 34.24 36.45
C TYR F 111 49.10 34.98 37.60
N GLY F 112 49.84 35.15 38.69
CA GLY F 112 49.28 35.58 39.96
C GLY F 112 49.86 36.88 40.47
N MET F 113 49.05 37.60 41.26
CA MET F 113 49.48 38.71 42.10
C MET F 113 50.15 39.88 41.38
N ASP F 114 49.51 41.05 41.48
CA ASP F 114 50.00 42.35 41.04
C ASP F 114 49.82 43.44 42.10
N VAL F 115 48.71 43.43 42.83
CA VAL F 115 48.42 44.43 43.86
C VAL F 115 47.83 43.71 45.07
N TRP F 116 48.07 44.26 46.26
CA TRP F 116 47.62 43.62 47.49
C TRP F 116 47.54 44.67 48.58
N GLY F 117 46.98 44.26 49.72
CA GLY F 117 46.82 45.15 50.87
C GLY F 117 48.06 45.21 51.72
N GLN F 118 47.93 45.90 52.86
CA GLN F 118 49.06 46.10 53.75
C GLN F 118 49.46 44.82 54.47
N GLY F 119 48.53 43.90 54.66
CA GLY F 119 48.81 42.67 55.36
C GLY F 119 48.78 42.84 56.87
N THR F 120 48.98 41.73 57.56
CA THR F 120 48.99 41.72 59.02
C THR F 120 49.99 40.66 59.49
N THR F 121 50.66 40.95 60.60
CA THR F 121 51.68 40.07 61.15
C THR F 121 51.04 39.09 62.13
N VAL F 122 51.58 37.88 62.18
CA VAL F 122 51.14 36.84 63.10
C VAL F 122 52.36 36.20 63.74
N THR F 123 52.24 35.85 65.02
CA THR F 123 53.32 35.24 65.78
C THR F 123 52.77 34.05 66.55
N VAL F 124 53.55 32.98 66.60
CA VAL F 124 53.17 31.78 67.37
C VAL F 124 54.15 31.68 68.54
N SER F 125 53.71 32.09 69.72
CA SER F 125 54.52 32.07 70.92
C SER F 125 53.80 31.33 72.03
N SER F 126 54.59 30.70 72.90
CA SER F 126 54.06 29.89 73.99
C SER F 126 53.98 30.75 75.24
N ALA F 127 52.91 31.55 75.35
CA ALA F 127 52.66 32.37 76.52
C ALA F 127 51.18 32.75 76.53
N SER F 128 50.78 33.43 77.59
CA SER F 128 49.41 33.93 77.75
C SER F 128 49.46 35.39 78.15
N THR F 129 48.29 36.00 78.30
CA THR F 129 48.20 37.42 78.61
C THR F 129 48.97 37.74 79.89
N LYS F 130 50.06 38.48 79.76
CA LYS F 130 50.99 38.75 80.85
C LYS F 130 51.16 40.24 81.02
N GLY F 131 51.15 40.69 82.28
CA GLY F 131 51.35 42.09 82.59
C GLY F 131 52.70 42.59 82.12
N PRO F 132 52.71 43.73 81.42
CA PRO F 132 53.97 44.27 80.90
C PRO F 132 54.80 44.92 82.00
N SER F 133 56.11 44.72 81.92
CA SER F 133 57.06 45.32 82.84
C SER F 133 57.78 46.45 82.13
N VAL F 134 57.70 47.65 82.69
CA VAL F 134 58.27 48.85 82.10
C VAL F 134 59.34 49.40 83.04
N PHE F 135 60.53 49.64 82.51
CA PHE F 135 61.65 50.13 83.31
C PHE F 135 62.19 51.40 82.68
N PRO F 136 62.16 52.53 83.38
CA PRO F 136 62.72 53.77 82.82
C PRO F 136 64.22 53.69 82.69
N LEU F 137 64.75 54.45 81.73
CA LEU F 137 66.19 54.54 81.49
C LEU F 137 66.64 55.95 81.86
N ALA F 138 67.33 56.07 82.99
CA ALA F 138 67.83 57.36 83.46
C ALA F 138 69.35 57.38 83.36
N PRO F 139 69.91 58.01 82.34
CA PRO F 139 71.38 58.00 82.17
C PRO F 139 72.07 58.84 83.24
N SER F 140 73.32 58.50 83.49
CA SER F 140 74.13 59.24 84.44
C SER F 140 74.47 60.62 83.87
N SER F 141 74.98 61.49 84.74
CA SER F 141 75.37 62.83 84.33
C SER F 141 76.50 62.81 83.31
N LYS F 142 77.29 61.74 83.28
CA LYS F 142 78.36 61.63 82.28
C LYS F 142 77.79 61.57 80.87
N SER F 143 76.72 60.80 80.68
CA SER F 143 76.10 60.71 79.37
C SER F 143 75.37 61.99 78.98
N THR F 144 75.03 62.85 79.94
CA THR F 144 74.40 64.12 79.67
C THR F 144 75.40 65.25 79.46
N SER F 145 76.70 64.95 79.47
CA SER F 145 77.74 65.96 79.27
C SER F 145 77.91 66.26 77.79
N GLY F 146 76.85 66.79 77.19
CA GLY F 146 76.85 67.12 75.78
C GLY F 146 75.63 67.93 75.43
N GLY F 147 75.53 68.26 74.15
CA GLY F 147 74.40 69.05 73.68
C GLY F 147 73.08 68.31 73.78
N THR F 148 73.10 67.00 73.52
CA THR F 148 71.89 66.19 73.53
C THR F 148 72.04 65.04 74.52
N ALA F 149 70.96 64.76 75.25
CA ALA F 149 70.90 63.66 76.20
C ALA F 149 69.78 62.71 75.80
N ALA F 150 70.06 61.42 75.87
CA ALA F 150 69.12 60.38 75.44
C ALA F 150 68.57 59.65 76.65
N LEU F 151 67.24 59.59 76.73
CA LEU F 151 66.55 58.85 77.79
C LEU F 151 65.52 57.92 77.15
N GLY F 152 65.27 56.80 77.82
CA GLY F 152 64.37 55.80 77.29
C GLY F 152 63.60 55.10 78.39
N CYS F 153 62.80 54.12 77.99
CA CYS F 153 62.07 53.29 78.93
C CYS F 153 62.05 51.86 78.41
N LEU F 154 62.66 50.95 79.14
CA LEU F 154 62.71 49.54 78.76
C LEU F 154 61.39 48.87 79.10
N VAL F 155 60.83 48.15 78.14
CA VAL F 155 59.62 47.35 78.33
C VAL F 155 60.00 45.90 78.14
N LYS F 156 59.68 45.06 79.13
CA LYS F 156 60.12 43.68 79.15
C LYS F 156 58.93 42.76 79.35
N ASP F 157 59.13 41.50 78.93
CA ASP F 157 58.21 40.37 79.13
C ASP F 157 56.75 40.77 79.03
N TYR F 158 56.42 41.50 77.97
CA TYR F 158 55.04 41.87 77.68
C TYR F 158 54.44 40.85 76.72
N PHE F 159 53.18 40.49 76.97
CA PHE F 159 52.53 39.49 76.14
C PHE F 159 51.02 39.67 76.24
N PRO F 160 50.27 39.60 75.13
CA PRO F 160 50.81 39.42 73.77
C PRO F 160 51.29 40.72 73.13
N GLU F 161 52.29 40.61 72.28
CA GLU F 161 52.80 41.74 71.51
C GLU F 161 51.87 42.05 70.35
N PRO F 162 51.93 43.29 69.81
CA PRO F 162 52.74 44.43 70.21
C PRO F 162 52.15 45.22 71.37
N VAL F 163 52.97 46.07 71.99
CA VAL F 163 52.52 46.99 73.03
C VAL F 163 52.77 48.41 72.54
N THR F 164 51.75 49.26 72.69
CA THR F 164 51.84 50.64 72.22
C THR F 164 52.62 51.47 73.24
N VAL F 165 53.83 51.87 72.87
CA VAL F 165 54.70 52.66 73.74
C VAL F 165 54.75 54.09 73.20
N SER F 166 54.66 55.06 74.11
CA SER F 166 54.63 56.45 73.72
C SER F 166 55.19 57.30 74.85
N TRP F 167 55.52 58.54 74.52
CA TRP F 167 56.06 59.51 75.47
C TRP F 167 55.18 60.75 75.49
N ASN F 168 54.76 61.15 76.69
CA ASN F 168 53.91 62.33 76.88
C ASN F 168 52.58 62.19 76.12
N SER F 169 52.14 60.96 75.91
CA SER F 169 50.89 60.67 75.20
C SER F 169 50.86 61.33 73.82
N GLY F 170 52.00 61.29 73.12
CA GLY F 170 52.10 61.86 71.80
C GLY F 170 52.42 63.33 71.73
N ALA F 171 52.58 63.99 72.89
CA ALA F 171 52.92 65.42 72.87
C ALA F 171 54.29 65.66 72.26
N LEU F 172 55.25 64.81 72.57
CA LEU F 172 56.61 64.92 72.04
C LEU F 172 56.79 63.96 70.87
N THR F 173 57.18 64.50 69.72
CA THR F 173 57.40 63.72 68.51
C THR F 173 58.83 63.77 68.01
N SER F 174 59.46 64.94 68.02
CA SER F 174 60.84 65.06 67.58
C SER F 174 61.78 64.40 68.59
N GLY F 175 62.72 63.61 68.08
CA GLY F 175 63.68 62.93 68.92
C GLY F 175 63.17 61.66 69.58
N VAL F 176 61.95 61.23 69.28
CA VAL F 176 61.36 60.03 69.86
C VAL F 176 61.48 58.90 68.84
N HIS F 177 62.06 57.77 69.26
CA HIS F 177 62.26 56.64 68.37
C HIS F 177 62.20 55.36 69.19
N THR F 178 61.42 54.39 68.71
CA THR F 178 61.27 53.09 69.35
C THR F 178 62.05 52.04 68.58
N PHE F 179 62.22 50.87 69.22
CA PHE F 179 63.00 49.81 68.62
C PHE F 179 62.18 48.53 68.51
N PRO F 180 62.42 47.72 67.48
CA PRO F 180 61.69 46.47 67.34
C PRO F 180 62.02 45.50 68.46
N ALA F 181 61.05 44.65 68.77
CA ALA F 181 61.22 43.65 69.82
C ALA F 181 62.14 42.53 69.36
N VAL F 182 62.72 41.82 70.33
CA VAL F 182 63.62 40.70 70.07
C VAL F 182 63.15 39.49 70.85
N LEU F 183 63.47 38.31 70.33
CA LEU F 183 63.10 37.06 70.98
C LEU F 183 64.10 36.74 72.09
N GLN F 184 63.58 36.33 73.24
CA GLN F 184 64.41 35.98 74.39
C GLN F 184 64.48 34.47 74.54
N SER F 185 65.17 34.03 75.60
CA SER F 185 65.30 32.59 75.86
C SER F 185 63.95 31.97 76.18
N SER F 186 63.12 32.66 76.96
CA SER F 186 61.81 32.13 77.34
C SER F 186 60.75 32.37 76.27
N GLY F 187 61.07 33.10 75.22
CA GLY F 187 60.13 33.34 74.13
C GLY F 187 59.36 34.64 74.21
N LEU F 188 59.65 35.50 75.19
CA LEU F 188 58.96 36.77 75.33
C LEU F 188 59.82 37.90 74.77
N TYR F 189 59.18 39.03 74.50
CA TYR F 189 59.80 40.14 73.81
C TYR F 189 60.26 41.23 74.77
N SER F 190 61.07 42.14 74.23
CA SER F 190 61.58 43.27 74.99
C SER F 190 61.88 44.41 74.02
N LEU F 191 61.50 45.63 74.39
CA LEU F 191 61.73 46.80 73.55
C LEU F 191 62.08 47.99 74.42
N SER F 192 62.67 49.00 73.77
CA SER F 192 62.99 50.27 74.41
C SER F 192 62.55 51.42 73.50
N SER F 193 62.12 52.52 74.11
CA SER F 193 61.74 53.72 73.40
C SER F 193 62.66 54.85 73.88
N VAL F 194 63.82 54.96 73.25
CA VAL F 194 64.81 55.97 73.63
C VAL F 194 64.46 57.28 72.96
N VAL F 195 64.37 58.34 73.75
CA VAL F 195 64.03 59.68 73.27
C VAL F 195 65.26 60.56 73.39
N THR F 196 65.63 61.21 72.28
CA THR F 196 66.79 62.09 72.24
C THR F 196 66.31 63.54 72.35
N VAL F 197 66.73 64.22 73.41
CA VAL F 197 66.35 65.61 73.64
C VAL F 197 67.58 66.41 74.05
N PRO F 198 67.63 67.71 73.78
CA PRO F 198 68.74 68.53 74.28
C PRO F 198 68.74 68.59 75.79
N SER F 199 69.94 68.74 76.35
CA SER F 199 70.10 68.78 77.81
C SER F 199 69.52 70.05 78.44
N SER F 200 69.20 71.07 77.63
CA SER F 200 68.65 72.31 78.17
C SER F 200 67.17 72.21 78.52
N SER F 201 66.49 71.16 78.08
CA SER F 201 65.07 70.99 78.38
C SER F 201 64.81 70.17 79.64
N LEU F 202 65.86 69.72 80.33
CA LEU F 202 65.68 68.93 81.53
C LEU F 202 65.19 69.81 82.68
N GLY F 203 64.48 69.18 83.62
CA GLY F 203 63.98 69.87 84.78
C GLY F 203 62.66 70.57 84.56
N THR F 204 62.64 71.55 83.64
CA THR F 204 61.42 72.29 83.37
C THR F 204 60.35 71.39 82.77
N GLN F 205 60.72 70.50 81.85
CA GLN F 205 59.79 69.60 81.19
C GLN F 205 59.96 68.19 81.74
N THR F 206 58.87 67.45 81.80
CA THR F 206 58.85 66.08 82.31
C THR F 206 58.53 65.12 81.17
N TYR F 207 59.37 64.10 81.01
CA TYR F 207 59.17 63.06 80.01
C TYR F 207 58.62 61.83 80.70
N ILE F 208 57.42 61.40 80.30
CA ILE F 208 56.73 60.26 80.90
C ILE F 208 56.53 59.21 79.81
N CYS F 209 56.97 57.99 80.09
CA CYS F 209 56.81 56.88 79.16
C CYS F 209 55.41 56.30 79.32
N ASN F 210 54.54 56.57 78.36
CA ASN F 210 53.16 56.10 78.41
C ASN F 210 53.04 54.83 77.58
N VAL F 211 52.66 53.73 78.22
CA VAL F 211 52.53 52.43 77.58
C VAL F 211 51.11 51.92 77.81
N ASN F 212 50.54 51.29 76.79
CA ASN F 212 49.22 50.70 76.86
C ASN F 212 49.27 49.27 76.38
N HIS F 213 48.80 48.34 77.21
CA HIS F 213 48.69 46.93 76.85
C HIS F 213 47.20 46.62 76.76
N LYS F 214 46.65 46.76 75.56
CA LYS F 214 45.21 46.60 75.36
C LYS F 214 44.70 45.21 75.74
N PRO F 215 45.32 44.09 75.33
CA PRO F 215 44.79 42.79 75.75
C PRO F 215 44.74 42.59 77.26
N SER F 216 45.71 43.12 77.99
CA SER F 216 45.68 43.04 79.45
C SER F 216 44.98 44.21 80.09
N ASN F 217 44.71 45.28 79.34
CA ASN F 217 43.97 46.45 79.82
C ASN F 217 44.65 47.06 81.04
N THR F 218 45.89 47.49 80.86
CA THR F 218 46.65 48.18 81.89
C THR F 218 47.22 49.47 81.33
N LYS F 219 47.37 50.47 82.20
CA LYS F 219 47.88 51.79 81.82
C LYS F 219 48.99 52.16 82.79
N VAL F 220 50.23 52.17 82.29
CA VAL F 220 51.40 52.55 83.08
C VAL F 220 52.00 53.80 82.45
N ASP F 221 52.13 54.86 83.24
CA ASP F 221 52.73 56.11 82.82
C ASP F 221 54.03 56.27 83.60
N LYS F 222 55.11 55.71 83.08
CA LYS F 222 56.39 55.71 83.77
C LYS F 222 57.10 57.04 83.55
N LYS F 223 57.31 57.79 84.63
CA LYS F 223 58.04 59.04 84.56
C LYS F 223 59.53 58.75 84.39
N VAL F 224 60.13 59.31 83.35
CA VAL F 224 61.53 59.07 83.04
C VAL F 224 62.25 60.41 83.10
N GLU F 225 63.14 60.56 84.07
CA GLU F 225 63.96 61.75 84.25
C GLU F 225 65.34 61.30 84.74
N PRO F 226 66.37 62.12 84.53
CA PRO F 226 67.71 61.74 85.00
C PRO F 226 67.73 61.54 86.50
N LYS F 227 68.53 60.57 86.94
CA LYS F 227 68.58 60.21 88.35
C LYS F 227 69.12 61.36 89.19
N SER F 228 68.51 61.57 90.35
CA SER F 228 68.97 62.55 91.32
C SER F 228 69.94 61.93 92.32
N CYS F 229 70.98 61.27 91.80
CA CYS F 229 71.97 60.59 92.63
C CYS F 229 72.96 61.62 93.13
N ASP F 230 72.64 62.24 94.27
CA ASP F 230 73.50 63.26 94.88
C ASP F 230 74.59 62.59 95.72
N LYS F 231 75.48 61.89 95.02
CA LYS F 231 76.58 61.18 95.68
C LYS F 231 77.77 61.06 94.75
N GLN G 1 64.12 19.39 44.89
CA GLN G 1 63.26 20.54 44.65
C GLN G 1 64.01 21.65 43.94
N THR G 2 63.28 22.48 43.20
CA THR G 2 63.87 23.56 42.44
C THR G 2 64.20 24.75 43.35
N VAL G 3 65.32 25.40 43.07
CA VAL G 3 65.77 26.56 43.83
C VAL G 3 66.19 27.65 42.85
N VAL G 4 65.76 28.88 43.09
CA VAL G 4 66.12 30.03 42.28
C VAL G 4 67.33 30.70 42.92
N THR G 5 68.36 30.94 42.11
CA THR G 5 69.61 31.51 42.59
C THR G 5 69.66 32.99 42.27
N GLN G 6 70.02 33.79 43.28
CA GLN G 6 70.13 35.24 43.11
C GLN G 6 71.40 35.74 43.79
N GLU G 7 71.92 36.85 43.27
CA GLU G 7 73.08 37.48 43.88
C GLU G 7 72.64 38.24 45.14
N PRO G 8 73.45 38.22 46.20
CA PRO G 8 73.05 38.90 47.44
C PRO G 8 72.85 40.41 47.32
N SER G 9 73.85 41.16 46.87
CA SER G 9 73.74 42.61 46.87
C SER G 9 74.71 43.22 45.87
N PHE G 10 74.30 44.35 45.28
CA PHE G 10 75.12 45.15 44.39
C PHE G 10 75.35 46.53 44.98
N SER G 11 76.36 47.21 44.45
CA SER G 11 76.67 48.58 44.83
C SER G 11 77.10 49.34 43.59
N VAL G 12 76.27 50.28 43.14
CA VAL G 12 76.49 50.99 41.88
C VAL G 12 76.31 52.49 42.11
N SER G 13 77.23 53.28 41.57
CA SER G 13 77.18 54.72 41.72
C SER G 13 75.94 55.30 41.05
N PRO G 14 75.46 56.45 41.52
CA PRO G 14 74.28 57.05 40.91
C PRO G 14 74.53 57.42 39.45
N GLY G 15 73.48 57.27 38.64
CA GLY G 15 73.57 57.56 37.23
C GLY G 15 74.17 56.47 36.37
N GLY G 16 74.58 55.35 36.98
CA GLY G 16 75.20 54.27 36.24
C GLY G 16 74.19 53.24 35.75
N THR G 17 74.71 52.23 35.05
CA THR G 17 73.90 51.17 34.48
C THR G 17 74.28 49.84 35.13
N VAL G 18 73.30 49.17 35.72
CA VAL G 18 73.49 47.86 36.34
C VAL G 18 72.37 46.95 35.89
N THR G 19 72.65 45.64 35.92
CA THR G 19 71.65 44.63 35.63
C THR G 19 71.63 43.60 36.75
N LEU G 20 70.45 43.05 37.02
CA LEU G 20 70.27 42.00 38.00
C LEU G 20 69.95 40.70 37.30
N THR G 21 70.43 39.58 37.84
CA THR G 21 70.29 38.28 37.23
C THR G 21 69.53 37.34 38.15
N CYS G 22 68.64 36.53 37.56
CA CYS G 22 67.87 35.53 38.28
C CYS G 22 67.73 34.32 37.37
N GLY G 23 68.21 33.17 37.82
CA GLY G 23 68.22 31.97 37.00
C GLY G 23 67.83 30.74 37.79
N LEU G 24 67.99 29.59 37.14
CA LEU G 24 67.68 28.29 37.72
C LEU G 24 68.95 27.44 37.73
N SER G 25 69.25 26.86 38.89
CA SER G 25 70.40 25.96 39.00
C SER G 25 70.07 24.54 38.55
N SER G 26 68.80 24.20 38.42
CA SER G 26 68.38 22.87 37.98
C SER G 26 68.10 22.79 36.49
N GLY G 27 68.31 23.87 35.75
CA GLY G 27 68.08 23.86 34.32
C GLY G 27 67.99 25.27 33.78
N SER G 28 67.48 25.37 32.56
CA SER G 28 67.34 26.65 31.90
C SER G 28 66.01 27.31 32.30
N VAL G 29 65.94 28.62 32.08
CA VAL G 29 64.74 29.41 32.35
C VAL G 29 64.18 29.88 31.01
N SER G 30 62.92 29.56 30.76
CA SER G 30 62.23 29.98 29.55
C SER G 30 61.19 31.04 29.89
N THR G 31 60.72 31.74 28.86
CA THR G 31 59.68 32.75 29.05
C THR G 31 58.37 32.14 29.51
N ALA G 32 58.17 30.84 29.31
CA ALA G 32 56.97 30.19 29.81
C ALA G 32 56.90 30.24 31.34
N TYR G 33 58.07 30.23 31.99
CA TYR G 33 58.11 30.35 33.45
C TYR G 33 57.76 31.74 33.94
N PHE G 34 57.63 32.72 33.02
CA PHE G 34 57.11 34.04 33.30
C PHE G 34 57.93 34.77 34.36
N PRO G 35 59.13 35.23 34.03
CA PRO G 35 59.90 36.03 34.99
C PRO G 35 59.16 37.31 35.34
N SER G 36 59.22 37.68 36.63
CA SER G 36 58.63 38.92 37.12
C SER G 36 59.54 39.50 38.19
N TRP G 37 59.62 40.83 38.23
CA TRP G 37 60.55 41.53 39.10
C TRP G 37 59.79 42.44 40.05
N TYR G 38 59.92 42.18 41.35
CA TYR G 38 59.21 42.90 42.38
C TYR G 38 60.19 43.44 43.39
N GLN G 39 59.90 44.62 43.93
CA GLN G 39 60.79 45.29 44.87
C GLN G 39 60.12 45.42 46.22
N GLN G 40 60.88 45.14 47.28
CA GLN G 40 60.38 45.19 48.65
C GLN G 40 61.18 46.22 49.45
N THR G 41 60.48 47.15 50.09
CA THR G 41 61.09 48.06 51.04
C THR G 41 60.80 47.56 52.44
N PRO G 42 61.81 47.31 53.27
CA PRO G 42 61.57 46.73 54.60
C PRO G 42 60.64 47.63 55.42
N GLY G 43 59.73 46.99 56.15
CA GLY G 43 58.72 47.68 56.91
C GLY G 43 57.46 48.01 56.13
N GLN G 44 57.44 47.75 54.83
CA GLN G 44 56.26 48.00 54.00
C GLN G 44 55.94 46.82 53.12
N ALA G 45 55.00 46.99 52.19
CA ALA G 45 54.62 45.97 51.22
C ALA G 45 55.37 46.18 49.91
N PRO G 46 55.61 45.11 49.15
CA PRO G 46 56.32 45.27 47.88
C PRO G 46 55.48 45.99 46.84
N ARG G 47 56.13 46.33 45.73
CA ARG G 47 55.47 46.94 44.58
C ARG G 47 55.74 46.11 43.34
N THR G 48 54.78 46.12 42.42
CA THR G 48 54.91 45.42 41.15
C THR G 48 55.65 46.31 40.15
N LEU G 49 56.75 45.79 39.59
CA LEU G 49 57.56 46.56 38.65
C LEU G 49 57.54 45.98 37.24
N ILE G 50 57.93 44.71 37.10
CA ILE G 50 58.13 44.09 35.80
C ILE G 50 57.32 42.81 35.73
N TYR G 51 56.52 42.66 34.68
CA TYR G 51 55.80 41.43 34.39
C TYR G 51 55.70 41.28 32.88
N GLY G 52 55.54 40.03 32.44
CA GLY G 52 55.55 39.72 31.03
C GLY G 52 56.92 39.66 30.40
N THR G 53 57.98 39.83 31.20
CA THR G 53 59.38 39.72 30.80
C THR G 53 59.80 40.92 29.95
N ASN G 54 58.83 41.76 29.57
CA ASN G 54 59.15 42.98 28.82
C ASN G 54 58.24 44.16 29.14
N THR G 55 57.29 44.03 30.07
CA THR G 55 56.26 45.03 30.28
C THR G 55 56.35 45.58 31.71
N ARG G 56 56.11 46.88 31.83
CA ARG G 56 56.12 47.57 33.12
C ARG G 56 54.70 47.69 33.66
N SER G 57 54.60 47.81 34.99
CA SER G 57 53.30 47.98 35.62
C SER G 57 52.79 49.40 35.39
N SER G 58 51.52 49.61 35.71
CA SER G 58 50.90 50.92 35.55
C SER G 58 51.58 51.93 36.47
N GLY G 59 52.12 52.99 35.87
CA GLY G 59 52.83 54.02 36.60
C GLY G 59 54.32 53.77 36.78
N VAL G 60 54.80 52.59 36.41
CA VAL G 60 56.24 52.30 36.52
C VAL G 60 56.97 53.07 35.44
N PRO G 61 58.02 53.82 35.77
CA PRO G 61 58.74 54.59 34.74
C PRO G 61 59.39 53.68 33.72
N ASP G 62 59.51 54.20 32.49
CA ASP G 62 60.12 53.46 31.40
C ASP G 62 61.61 53.23 31.60
N ARG G 63 62.21 53.88 32.60
CA ARG G 63 63.62 53.70 32.91
C ARG G 63 63.95 52.27 33.31
N PHE G 64 62.96 51.52 33.81
CA PHE G 64 63.14 50.11 34.17
C PHE G 64 62.76 49.25 32.98
N SER G 65 63.65 48.33 32.60
CA SER G 65 63.40 47.43 31.48
C SER G 65 63.96 46.05 31.80
N GLY G 66 63.18 45.02 31.49
CA GLY G 66 63.59 43.66 31.73
C GLY G 66 63.56 42.80 30.48
N SER G 67 64.27 41.68 30.51
CA SER G 67 64.34 40.76 29.37
C SER G 67 64.91 39.44 29.86
N ILE G 68 65.24 38.55 28.92
CA ILE G 68 65.85 37.27 29.23
C ILE G 68 67.27 37.28 28.68
N LEU G 69 68.22 36.81 29.50
CA LEU G 69 69.64 36.76 29.13
C LEU G 69 70.11 35.32 29.27
N GLY G 70 70.18 34.62 28.15
CA GLY G 70 70.56 33.22 28.16
C GLY G 70 69.55 32.36 28.90
N ASN G 71 69.97 31.80 30.03
CA ASN G 71 69.06 31.04 30.90
C ASN G 71 68.77 31.77 32.20
N LYS G 72 69.12 33.06 32.27
CA LYS G 72 68.96 33.86 33.47
C LYS G 72 68.04 35.03 33.16
N ALA G 73 67.06 35.28 34.02
CA ALA G 73 66.22 36.45 33.88
C ALA G 73 67.01 37.71 34.22
N ALA G 74 66.89 38.72 33.37
CA ALA G 74 67.69 39.94 33.51
C ALA G 74 66.79 41.17 33.54
N LEU G 75 67.13 42.12 34.42
CA LEU G 75 66.48 43.41 34.49
C LEU G 75 67.53 44.49 34.28
N THR G 76 67.22 45.47 33.44
CA THR G 76 68.16 46.53 33.10
C THR G 76 67.84 47.77 33.92
N ILE G 77 68.84 48.28 34.64
CA ILE G 77 68.68 49.41 35.55
C ILE G 77 69.73 50.45 35.16
N THR G 78 69.28 51.56 34.59
CA THR G 78 70.16 52.62 34.10
C THR G 78 69.81 53.94 34.76
N GLY G 79 70.83 54.70 35.15
CA GLY G 79 70.61 55.99 35.78
C GLY G 79 70.13 55.88 37.20
N ALA G 80 70.99 55.37 38.09
CA ALA G 80 70.58 55.11 39.47
C ALA G 80 70.25 56.39 40.21
N GLN G 81 69.19 56.34 41.01
CA GLN G 81 68.82 57.41 41.91
C GLN G 81 68.77 56.88 43.35
N ALA G 82 68.48 57.80 44.28
CA ALA G 82 68.57 57.47 45.69
C ALA G 82 67.52 56.45 46.11
N ASP G 83 66.31 56.55 45.57
CA ASP G 83 65.20 55.74 46.06
C ASP G 83 65.15 54.34 45.47
N ASP G 84 65.98 54.03 44.46
CA ASP G 84 65.93 52.70 43.85
C ASP G 84 66.50 51.62 44.75
N GLU G 85 67.31 51.98 45.75
CA GLU G 85 67.93 50.98 46.60
C GLU G 85 66.88 50.35 47.52
N SER G 86 66.73 49.04 47.42
CA SER G 86 65.74 48.28 48.19
C SER G 86 65.96 46.79 47.89
N ASP G 87 65.16 45.96 48.54
CA ASP G 87 65.14 44.53 48.23
C ASP G 87 64.40 44.29 46.93
N TYR G 88 64.89 43.33 46.14
CA TYR G 88 64.26 42.97 44.88
C TYR G 88 64.07 41.47 44.81
N TYR G 89 63.03 41.05 44.11
CA TYR G 89 62.64 39.65 44.04
C TYR G 89 62.34 39.26 42.61
N CYS G 90 62.64 38.00 42.26
CA CYS G 90 62.31 37.44 40.97
C CYS G 90 61.32 36.30 41.15
N VAL G 91 60.36 36.20 40.24
CA VAL G 91 59.26 35.26 40.34
C VAL G 91 59.29 34.33 39.15
N LEU G 92 59.28 33.02 39.42
CA LEU G 92 59.21 32.00 38.39
C LEU G 92 58.05 31.07 38.67
N TYR G 93 57.41 30.59 37.60
CA TYR G 93 56.19 29.80 37.70
C TYR G 93 56.43 28.38 37.20
N MET G 94 56.11 27.40 38.03
CA MET G 94 56.06 26.01 37.62
C MET G 94 54.62 25.62 37.27
N GLY G 95 54.43 24.36 36.93
CA GLY G 95 53.12 23.88 36.56
C GLY G 95 52.12 23.77 37.69
N ARG G 96 51.02 24.52 37.58
CA ARG G 96 49.84 24.38 38.45
C ARG G 96 50.17 24.59 39.92
N GLY G 97 50.53 25.83 40.24
CA GLY G 97 50.55 26.29 41.62
C GLY G 97 51.90 26.36 42.27
N ILE G 98 52.95 25.82 41.66
CA ILE G 98 54.29 25.88 42.22
C ILE G 98 54.94 27.16 41.67
N VAL G 99 55.14 28.13 42.56
CA VAL G 99 55.88 29.34 42.24
C VAL G 99 57.01 29.48 43.25
N VAL G 100 58.22 29.70 42.75
CA VAL G 100 59.42 29.77 43.57
C VAL G 100 60.05 31.14 43.41
N PHE G 101 60.30 31.81 44.52
CA PHE G 101 60.98 33.09 44.52
C PHE G 101 62.47 32.91 44.80
N GLY G 102 63.25 33.90 44.40
CA GLY G 102 64.68 33.86 44.57
C GLY G 102 65.10 34.21 45.99
N GLY G 103 66.42 34.32 46.16
CA GLY G 103 66.98 34.63 47.46
C GLY G 103 66.90 36.08 47.87
N GLY G 104 66.41 36.95 46.99
CA GLY G 104 66.32 38.37 47.31
C GLY G 104 67.64 39.09 47.14
N THR G 105 67.60 40.29 46.57
CA THR G 105 68.81 41.07 46.35
C THR G 105 68.60 42.48 46.89
N LYS G 106 69.53 42.93 47.73
CA LYS G 106 69.48 44.27 48.29
C LYS G 106 70.31 45.19 47.41
N LEU G 107 69.65 45.98 46.58
CA LEU G 107 70.31 46.94 45.72
C LEU G 107 70.69 48.17 46.54
N THR G 108 71.83 48.78 46.20
CA THR G 108 72.31 49.97 46.89
C THR G 108 72.76 51.00 45.88
N VAL G 109 72.98 52.23 46.35
CA VAL G 109 73.41 53.33 45.51
C VAL G 109 74.91 53.50 45.74
N LEU G 110 75.56 52.40 46.12
CA LEU G 110 77.00 52.30 46.34
C LEU G 110 77.43 53.04 47.60
N GLY G 111 77.54 54.36 47.53
CA GLY G 111 78.01 55.09 48.70
C GLY G 111 77.07 56.10 49.30
N GLN G 112 76.29 56.79 48.46
CA GLN G 112 75.41 57.87 48.91
C GLN G 112 76.23 58.88 49.72
N PRO G 113 75.62 59.74 50.55
CA PRO G 113 76.40 60.33 51.64
C PRO G 113 76.55 59.36 52.79
N LYS G 114 77.75 58.78 52.92
CA LYS G 114 77.98 57.76 53.94
C LYS G 114 78.05 58.38 55.32
N ALA G 115 77.43 57.72 56.29
CA ALA G 115 77.43 58.17 57.68
C ALA G 115 77.87 57.03 58.59
N ALA G 116 78.70 57.36 59.58
CA ALA G 116 79.20 56.37 60.53
C ALA G 116 78.08 55.97 61.50
N PRO G 117 77.97 54.67 61.80
CA PRO G 117 76.94 54.23 62.76
C PRO G 117 77.16 54.86 64.13
N SER G 118 76.05 55.18 64.78
CA SER G 118 76.06 55.77 66.12
C SER G 118 75.62 54.73 67.14
N VAL G 119 76.43 54.55 68.18
CA VAL G 119 76.20 53.54 69.20
C VAL G 119 75.89 54.22 70.53
N THR G 120 74.93 53.66 71.25
CA THR G 120 74.55 54.17 72.58
C THR G 120 74.25 52.96 73.45
N LEU G 121 75.19 52.63 74.35
CA LEU G 121 75.06 51.49 75.23
C LEU G 121 74.76 51.97 76.64
N PHE G 122 73.68 51.45 77.23
CA PHE G 122 73.24 51.87 78.56
C PHE G 122 72.98 50.64 79.41
N PRO G 123 73.72 50.44 80.50
CA PRO G 123 73.42 49.34 81.42
C PRO G 123 72.11 49.58 82.15
N PRO G 124 71.52 48.56 82.75
CA PRO G 124 70.23 48.73 83.42
C PRO G 124 70.31 49.70 84.59
N SER G 125 69.20 50.39 84.83
CA SER G 125 69.12 51.39 85.90
C SER G 125 68.84 50.72 87.24
N SER G 126 68.87 51.52 88.30
CA SER G 126 68.65 51.00 89.65
C SER G 126 67.24 50.45 89.82
N GLU G 127 66.25 51.10 89.20
CA GLU G 127 64.87 50.62 89.32
C GLU G 127 64.69 49.25 88.69
N GLU G 128 65.39 48.97 87.59
CA GLU G 128 65.35 47.63 87.01
C GLU G 128 65.96 46.60 87.95
N LEU G 129 67.07 46.96 88.61
CA LEU G 129 67.68 46.05 89.56
C LEU G 129 66.76 45.79 90.75
N GLN G 130 66.02 46.82 91.17
CA GLN G 130 65.09 46.66 92.28
C GLN G 130 63.98 45.66 91.95
N ALA G 131 63.69 45.47 90.66
CA ALA G 131 62.68 44.53 90.21
C ALA G 131 63.27 43.18 89.81
N ASN G 132 64.55 42.94 90.11
CA ASN G 132 65.21 41.67 89.83
C ASN G 132 65.19 41.35 88.33
N LYS G 133 65.41 42.38 87.50
CA LYS G 133 65.50 42.21 86.07
C LYS G 133 66.61 43.10 85.53
N ALA G 134 67.16 42.70 84.38
CA ALA G 134 68.25 43.45 83.77
C ALA G 134 68.13 43.37 82.25
N THR G 135 68.42 44.49 81.59
CA THR G 135 68.38 44.55 80.13
C THR G 135 69.27 45.70 79.67
N LEU G 136 70.19 45.41 78.76
CA LEU G 136 71.07 46.41 78.19
C LEU G 136 70.64 46.74 76.76
N VAL G 137 70.66 48.02 76.42
CA VAL G 137 70.28 48.50 75.10
C VAL G 137 71.50 49.09 74.42
N CYS G 138 71.75 48.67 73.17
CA CYS G 138 72.84 49.18 72.36
C CYS G 138 72.28 49.49 70.98
N LEU G 139 71.80 50.71 70.80
CA LEU G 139 71.19 51.11 69.54
C LEU G 139 72.26 51.47 68.51
N ILE G 140 71.98 51.15 67.25
CA ILE G 140 72.83 51.55 66.13
C ILE G 140 71.98 52.33 65.15
N SER G 141 72.47 53.50 64.74
CA SER G 141 71.74 54.35 63.81
C SER G 141 72.74 55.05 62.91
N ASP G 142 72.23 55.58 61.80
CA ASP G 142 73.04 56.32 60.82
C ASP G 142 74.09 55.42 60.19
N PHE G 143 73.67 54.27 59.68
CA PHE G 143 74.54 53.36 58.96
C PHE G 143 73.85 52.87 57.69
N TYR G 144 74.66 52.52 56.69
CA TYR G 144 74.13 52.02 55.43
C TYR G 144 75.22 51.25 54.72
N PRO G 145 74.92 50.07 54.14
CA PRO G 145 73.61 49.41 54.17
C PRO G 145 73.39 48.61 55.44
N GLY G 146 72.47 47.65 55.40
CA GLY G 146 72.07 46.90 56.57
C GLY G 146 72.96 45.72 56.94
N ALA G 147 74.11 45.55 56.28
CA ALA G 147 75.03 44.48 56.61
C ALA G 147 75.77 44.86 57.89
N VAL G 148 75.10 44.63 59.02
CA VAL G 148 75.64 44.94 60.35
C VAL G 148 75.64 43.66 61.18
N THR G 149 76.76 43.42 61.87
CA THR G 149 76.92 42.27 62.74
C THR G 149 77.11 42.77 64.16
N VAL G 150 76.09 42.61 64.99
CA VAL G 150 76.11 43.07 66.37
C VAL G 150 76.36 41.87 67.28
N ALA G 151 77.40 41.96 68.11
CA ALA G 151 77.74 40.91 69.05
C ALA G 151 78.04 41.52 70.41
N TRP G 152 77.86 40.71 71.45
CA TRP G 152 78.09 41.14 72.82
C TRP G 152 79.06 40.19 73.50
N LYS G 153 79.89 40.75 74.38
CA LYS G 153 80.83 39.97 75.17
C LYS G 153 80.70 40.39 76.63
N ALA G 154 80.57 39.41 77.52
CA ALA G 154 80.58 39.66 78.95
C ALA G 154 82.01 39.53 79.46
N ASP G 155 82.54 40.62 80.01
CA ASP G 155 83.94 40.69 80.41
C ASP G 155 84.84 40.41 79.20
N SER G 156 85.28 39.15 79.05
CA SER G 156 86.09 38.76 77.91
C SER G 156 85.55 37.50 77.23
N SER G 157 84.26 37.20 77.40
CA SER G 157 83.64 36.01 76.82
C SER G 157 82.44 36.44 76.00
N PRO G 158 82.43 36.21 74.69
CA PRO G 158 81.24 36.57 73.88
C PRO G 158 80.02 35.79 74.32
N VAL G 159 78.87 36.46 74.27
CA VAL G 159 77.59 35.88 74.67
C VAL G 159 76.64 35.90 73.48
N LYS G 160 76.07 34.74 73.17
CA LYS G 160 75.12 34.62 72.07
C LYS G 160 73.70 34.29 72.51
N ALA G 161 73.54 33.60 73.64
CA ALA G 161 72.21 33.25 74.14
C ALA G 161 71.61 34.42 74.91
N GLY G 162 70.32 34.65 74.69
CA GLY G 162 69.62 35.74 75.33
C GLY G 162 69.81 37.09 74.68
N VAL G 163 70.55 37.17 73.59
CA VAL G 163 70.81 38.42 72.88
C VAL G 163 70.39 38.24 71.43
N GLU G 164 69.72 39.25 70.89
CA GLU G 164 69.24 39.23 69.52
C GLU G 164 69.44 40.59 68.88
N THR G 165 69.43 40.61 67.55
CA THR G 165 69.62 41.82 66.77
C THR G 165 68.36 42.14 65.99
N THR G 166 68.15 43.44 65.75
CA THR G 166 66.99 43.93 65.03
C THR G 166 67.37 44.28 63.60
N THR G 167 66.45 44.03 62.68
CA THR G 167 66.68 44.36 61.28
C THR G 167 66.77 45.87 61.13
N PRO G 168 67.78 46.39 60.42
CA PRO G 168 67.86 47.84 60.21
C PRO G 168 66.63 48.37 59.49
N SER G 169 66.19 49.56 59.91
CA SER G 169 64.97 50.16 59.40
C SER G 169 65.28 51.50 58.75
N LYS G 170 64.40 51.91 57.84
CA LYS G 170 64.57 53.17 57.12
C LYS G 170 64.45 54.35 58.08
N GLN G 171 65.29 55.36 57.86
CA GLN G 171 65.20 56.63 58.57
C GLN G 171 64.56 57.67 57.66
N SER G 172 64.41 58.88 58.20
CA SER G 172 63.86 59.99 57.42
C SER G 172 64.90 60.69 56.56
N ASN G 173 66.18 60.32 56.69
CA ASN G 173 67.26 60.94 55.93
C ASN G 173 68.03 59.91 55.12
N ASN G 174 67.32 58.89 54.62
CA ASN G 174 67.88 57.87 53.74
C ASN G 174 69.08 57.17 54.40
N LYS G 175 68.79 56.44 55.47
CA LYS G 175 69.86 55.83 56.25
C LYS G 175 69.20 54.72 57.04
N TYR G 176 70.01 53.84 57.62
CA TYR G 176 69.49 52.71 58.38
C TYR G 176 69.77 52.86 59.87
N ALA G 177 68.87 52.30 60.67
CA ALA G 177 68.98 52.30 62.12
C ALA G 177 68.46 50.98 62.67
N ALA G 178 69.11 50.48 63.73
CA ALA G 178 68.70 49.24 64.37
C ALA G 178 68.98 49.35 65.86
N SER G 179 68.93 48.23 66.57
CA SER G 179 69.18 48.21 68.01
C SER G 179 69.57 46.80 68.43
N SER G 180 70.13 46.70 69.63
CA SER G 180 70.54 45.43 70.23
C SER G 180 70.05 45.37 71.66
N TYR G 181 69.60 44.18 72.07
CA TYR G 181 69.06 43.98 73.42
C TYR G 181 69.78 42.81 74.09
N LEU G 182 70.21 43.03 75.33
CA LEU G 182 70.89 42.01 76.12
C LEU G 182 70.08 41.79 77.40
N SER G 183 69.21 40.79 77.38
CA SER G 183 68.30 40.50 78.50
C SER G 183 68.90 39.39 79.35
N LEU G 184 69.55 39.76 80.46
CA LEU G 184 70.09 38.80 81.41
C LEU G 184 69.60 39.10 82.81
N THR G 185 70.15 38.38 83.82
CA THR G 185 69.80 38.56 85.22
C THR G 185 70.65 39.66 85.85
N PRO G 186 70.11 40.36 86.85
CA PRO G 186 70.92 41.39 87.54
C PRO G 186 72.16 40.84 88.21
N GLU G 187 72.12 39.59 88.69
CA GLU G 187 73.29 39.00 89.33
C GLU G 187 74.46 38.90 88.36
N GLN G 188 74.19 38.52 87.12
CA GLN G 188 75.23 38.50 86.10
C GLN G 188 75.76 39.90 85.85
N TRP G 189 74.88 40.90 85.85
CA TRP G 189 75.30 42.28 85.61
C TRP G 189 76.23 42.77 86.72
N LYS G 190 75.90 42.48 87.98
CA LYS G 190 76.74 42.93 89.08
C LYS G 190 77.96 42.03 89.32
N SER G 191 77.98 40.84 88.73
CA SER G 191 79.12 39.94 88.88
C SER G 191 80.15 40.09 87.77
N HIS G 192 79.92 40.99 86.82
CA HIS G 192 80.82 41.21 85.70
C HIS G 192 81.42 42.60 85.79
N ARG G 193 82.71 42.72 85.45
CA ARG G 193 83.40 44.00 85.58
C ARG G 193 82.90 45.02 84.56
N SER G 194 82.57 44.58 83.35
CA SER G 194 82.10 45.50 82.32
C SER G 194 81.36 44.71 81.25
N TYR G 195 80.58 45.45 80.46
CA TYR G 195 79.87 44.90 79.31
C TYR G 195 80.21 45.71 78.07
N SER G 196 80.41 45.03 76.95
CA SER G 196 80.81 45.66 75.70
C SER G 196 79.83 45.30 74.59
N CYS G 197 79.67 46.24 73.66
CA CYS G 197 78.80 46.06 72.50
C CYS G 197 79.58 46.41 71.25
N GLN G 198 79.81 45.40 70.40
CA GLN G 198 80.56 45.58 69.16
C GLN G 198 79.65 45.39 67.96
N VAL G 199 79.82 46.25 66.96
CA VAL G 199 79.04 46.20 65.72
C VAL G 199 80.00 46.31 64.54
N THR G 200 79.91 45.35 63.62
CA THR G 200 80.70 45.36 62.40
C THR G 200 79.81 45.75 61.23
N HIS G 201 80.23 46.75 60.47
CA HIS G 201 79.41 47.28 59.39
C HIS G 201 80.32 47.74 58.25
N GLU G 202 80.28 47.00 57.14
CA GLU G 202 81.02 47.36 55.92
C GLU G 202 82.52 47.53 56.19
N GLY G 203 83.08 46.65 57.02
CA GLY G 203 84.49 46.69 57.34
C GLY G 203 84.88 47.70 58.39
N SER G 204 83.94 48.45 58.93
CA SER G 204 84.20 49.42 59.99
C SER G 204 83.62 48.89 61.29
N THR G 205 84.47 48.70 62.28
CA THR G 205 84.08 48.14 63.58
C THR G 205 83.99 49.25 64.61
N VAL G 206 82.89 49.27 65.35
CA VAL G 206 82.68 50.26 66.41
C VAL G 206 82.54 49.53 67.74
N GLU G 207 83.22 50.05 68.77
CA GLU G 207 83.24 49.42 70.08
C GLU G 207 82.74 50.42 71.12
N LYS G 208 81.89 49.92 72.03
CA LYS G 208 81.39 50.71 73.14
C LYS G 208 81.35 49.83 74.39
N THR G 209 81.82 50.37 75.51
CA THR G 209 81.91 49.62 76.75
C THR G 209 81.28 50.40 77.88
N VAL G 210 80.55 49.70 78.75
CA VAL G 210 79.96 50.29 79.94
C VAL G 210 80.38 49.47 81.15
N ALA G 211 80.41 50.13 82.31
CA ALA G 211 80.87 49.51 83.55
C ALA G 211 79.73 49.50 84.56
N PRO G 212 79.32 48.32 85.06
CA PRO G 212 78.29 48.31 86.11
C PRO G 212 78.70 49.04 87.38
N THR G 213 79.99 49.06 87.71
CA THR G 213 80.44 49.74 88.92
C THR G 213 80.20 51.24 88.86
N GLU G 214 80.17 51.82 87.66
CA GLU G 214 79.90 53.25 87.53
C GLU G 214 78.49 53.60 87.99
N CYS G 215 77.51 52.75 87.68
CA CYS G 215 76.14 53.04 88.09
C CYS G 215 75.97 53.03 89.60
N SER G 216 76.78 52.25 90.31
CA SER G 216 76.70 52.19 91.77
C SER G 216 77.31 53.43 92.41
C1 NAG H . -76.42 -17.25 -25.90
C2 NAG H . -77.32 -18.14 -26.76
C3 NAG H . -77.91 -19.26 -25.91
C4 NAG H . -76.85 -19.99 -25.10
C5 NAG H . -75.95 -19.00 -24.35
C6 NAG H . -74.75 -19.64 -23.70
C7 NAG H . -79.11 -17.76 -28.41
C8 NAG H . -80.15 -16.79 -28.89
N2 NAG H . -78.38 -17.34 -27.37
O3 NAG H . -78.56 -20.20 -26.77
O4 NAG H . -77.48 -20.81 -24.10
O5 NAG H . -75.44 -18.05 -25.28
O6 NAG H . -73.56 -19.32 -24.39
O7 NAG H . -78.95 -18.86 -28.92
C1 NAG H . -77.24 -22.23 -24.27
C2 NAG H . -76.84 -22.86 -22.93
C3 NAG H . -76.69 -24.37 -23.08
C4 NAG H . -77.95 -24.97 -23.67
C5 NAG H . -78.31 -24.27 -24.99
C6 NAG H . -79.61 -24.74 -25.58
C7 NAG H . -75.24 -22.33 -21.13
C8 NAG H . -73.93 -21.67 -20.79
N2 NAG H . -75.60 -22.27 -22.42
O3 NAG H . -76.43 -24.96 -21.81
O4 NAG H . -77.76 -26.36 -23.92
O5 NAG H . -78.43 -22.86 -24.76
O6 NAG H . -80.72 -24.25 -24.85
O7 NAG H . -75.93 -22.87 -20.28
C1 NAG I . -69.18 -20.79 -3.93
C2 NAG I . -70.24 -21.90 -3.94
C3 NAG I . -69.89 -22.99 -2.92
C4 NAG I . -68.47 -23.50 -3.15
C5 NAG I . -67.50 -22.33 -3.16
C6 NAG I . -66.08 -22.73 -3.51
C7 NAG I . -72.60 -21.51 -4.47
C8 NAG I . -73.89 -20.88 -4.04
N2 NAG I . -71.56 -21.35 -3.66
O3 NAG I . -70.81 -24.07 -3.06
O4 NAG I . -68.11 -24.40 -2.11
O5 NAG I . -67.89 -21.36 -4.14
O6 NAG I . -66.05 -23.67 -4.58
O7 NAG I . -72.52 -22.15 -5.52
C1 NAG I . -67.90 -25.73 -2.64
C2 NAG I . -66.72 -26.38 -1.94
C3 NAG I . -66.53 -27.82 -2.42
C4 NAG I . -67.83 -28.59 -2.28
C5 NAG I . -68.96 -27.85 -3.00
C6 NAG I . -70.31 -28.52 -2.83
C7 NAG I . -64.79 -25.06 -1.13
C8 NAG I . -63.55 -24.32 -1.54
N2 NAG I . -65.50 -25.62 -2.13
O3 NAG I . -65.51 -28.45 -1.66
O4 NAG I . -67.68 -29.89 -2.85
O5 NAG I . -69.07 -26.53 -2.46
O6 NAG I . -71.02 -27.98 -1.72
O7 NAG I . -65.14 -25.16 0.03
C1 NAG J . -87.90 -10.53 -40.70
C2 NAG J . -88.47 -11.80 -41.30
C3 NAG J . -89.99 -11.69 -41.40
C4 NAG J . -90.58 -11.39 -40.03
C5 NAG J . -89.91 -10.16 -39.42
C6 NAG J . -90.35 -9.90 -37.99
C7 NAG J . -86.97 -13.01 -42.81
C8 NAG J . -86.46 -13.14 -44.21
N2 NAG J . -87.88 -12.06 -42.61
O3 NAG J . -90.52 -12.90 -41.90
O4 NAG J . -91.98 -11.14 -40.18
O5 NAG J . -88.48 -10.32 -39.40
O6 NAG J . -90.28 -11.10 -37.21
O7 NAG J . -86.58 -13.75 -41.90
C1 NAG J . -92.75 -12.08 -39.41
C2 NAG J . -94.23 -11.71 -39.56
C3 NAG J . -95.09 -12.68 -38.76
C4 NAG J . -94.80 -14.11 -39.18
C5 NAG J . -93.31 -14.40 -39.07
C6 NAG J . -92.94 -15.77 -39.60
C7 NAG J . -95.42 -9.56 -39.66
C8 NAG J . -95.54 -8.17 -39.09
N2 NAG J . -94.47 -10.34 -39.13
O3 NAG J . -96.47 -12.37 -38.98
O4 NAG J . -95.52 -15.02 -38.35
O5 NAG J . -92.56 -13.44 -39.83
O6 NAG J . -94.09 -16.49 -40.00
O7 NAG J . -96.16 -9.96 -40.56
C1 NAG K . -89.02 6.21 -52.67
C2 NAG K . -88.43 5.94 -54.05
C3 NAG K . -88.60 7.18 -54.93
C4 NAG K . -90.06 7.61 -54.99
C5 NAG K . -90.62 7.75 -53.57
C6 NAG K . -92.12 8.01 -53.55
C7 NAG K . -86.54 4.44 -54.48
C8 NAG K . -85.07 4.21 -54.30
N2 NAG K . -87.03 5.58 -53.95
O3 NAG K . -88.13 6.88 -56.25
O4 NAG K . -90.16 8.87 -55.64
O5 NAG K . -90.40 6.56 -52.82
O6 NAG K . -92.85 6.84 -53.90
O7 NAG K . -87.25 3.64 -55.08
C1 NAG K . -90.73 8.74 -56.95
C2 NAG K . -90.77 10.14 -57.58
C3 NAG K . -91.33 10.06 -59.00
C4 NAG K . -90.53 9.07 -59.82
C5 NAG K . -90.50 7.71 -59.11
C6 NAG K . -89.64 6.70 -59.83
C7 NAG K . -91.07 12.17 -56.23
C8 NAG K . -92.03 12.99 -55.41
N2 NAG K . -91.57 11.04 -56.76
O3 NAG K . -91.27 11.35 -59.59
O4 NAG K . -91.13 8.92 -61.11
O5 NAG K . -89.96 7.87 -57.79
O6 NAG K . -89.33 7.11 -61.15
O7 NAG K . -89.90 12.50 -56.38
C1 NAG L . -68.56 26.63 -44.99
C2 NAG L . -68.92 27.91 -45.76
C3 NAG L . -69.09 27.61 -47.25
C4 NAG L . -67.87 26.89 -47.80
C5 NAG L . -67.61 25.63 -46.99
C6 NAG L . -66.32 24.94 -47.38
C7 NAG L . -70.17 29.61 -44.49
C8 NAG L . -71.51 30.06 -44.03
N2 NAG L . -70.14 28.50 -45.22
O3 NAG L . -69.32 28.81 -47.96
O4 NAG L . -68.06 26.50 -49.15
O5 NAG L . -67.47 25.99 -45.61
O6 NAG L . -65.21 25.81 -47.26
O7 NAG L . -69.14 30.23 -44.21
C1 NAG L . -67.35 27.37 -50.06
C2 NAG L . -66.43 26.57 -50.98
C3 NAG L . -65.76 27.49 -51.99
C4 NAG L . -66.82 28.32 -52.73
C5 NAG L . -67.72 29.05 -51.75
C6 NAG L . -68.86 29.77 -52.41
C7 NAG L . -64.75 24.80 -50.71
C8 NAG L . -63.74 24.17 -49.79
N2 NAG L . -65.42 25.85 -50.22
O3 NAG L . -65.02 26.72 -52.93
O4 NAG L . -66.18 29.27 -53.57
O5 NAG L . -68.30 28.10 -50.84
O6 NAG L . -69.13 29.25 -53.70
O7 NAG L . -64.95 24.37 -51.84
C1 NAG M . -83.99 35.82 -36.53
C2 NAG M . -84.22 36.96 -37.52
C3 NAG M . -85.68 37.00 -37.95
C4 NAG M . -86.12 35.63 -38.47
C5 NAG M . -85.78 34.53 -37.47
C6 NAG M . -86.05 33.15 -37.98
C7 NAG M . -82.59 38.74 -37.05
C8 NAG M . -82.36 40.06 -36.41
N2 NAG M . -83.83 38.24 -36.95
O3 NAG M . -85.84 37.97 -38.97
O4 NAG M . -87.52 35.64 -38.69
O5 NAG M . -84.39 34.59 -37.11
O6 NAG M . -85.77 33.05 -39.37
O7 NAG M . -81.70 38.15 -37.66
C1 NAG M . -87.81 35.53 -40.09
C2 NAG M . -89.33 35.48 -40.26
C3 NAG M . -89.70 35.42 -41.74
C4 NAG M . -89.05 36.57 -42.50
C5 NAG M . -87.54 36.58 -42.25
C6 NAG M . -86.85 37.76 -42.88
C7 NAG M . -90.65 34.49 -38.44
C8 NAG M . -91.15 33.22 -37.82
N2 NAG M . -89.89 34.36 -39.54
O3 NAG M . -91.12 35.49 -41.88
O4 NAG M . -89.30 36.42 -43.89
O5 NAG M . -87.28 36.65 -40.83
O6 NAG M . -86.37 37.44 -44.18
O7 NAG M . -90.91 35.59 -37.97
C1 NAG N . -92.20 37.77 -17.63
C2 NAG N . -91.55 39.06 -17.09
C3 NAG N . -92.03 39.37 -15.68
C4 NAG N . -93.55 39.37 -15.62
C5 NAG N . -94.09 38.04 -16.13
C6 NAG N . -95.60 37.95 -16.14
C7 NAG N . -89.29 39.99 -17.41
C8 NAG N . -87.83 39.70 -17.40
N2 NAG N . -90.10 38.96 -17.12
O3 NAG N . -91.51 40.63 -15.28
O4 NAG N . -94.02 39.59 -14.29
O5 NAG N . -93.65 37.85 -17.48
O6 NAG N . -96.21 39.19 -16.48
O7 NAG N . -89.73 41.11 -17.66
C1 NAG N . -94.53 40.94 -14.22
C2 NAG N . -95.80 40.96 -13.37
C3 NAG N . -96.34 42.39 -13.26
C4 NAG N . -95.24 43.33 -12.75
C5 NAG N . -94.00 43.21 -13.61
C6 NAG N . -92.84 44.03 -13.10
C7 NAG N . -97.71 39.43 -13.20
C8 NAG N . -98.69 38.58 -13.96
N2 NAG N . -96.82 40.09 -13.93
O3 NAG N . -97.45 42.42 -12.37
O4 NAG N . -95.72 44.67 -12.79
O5 NAG N . -93.56 41.84 -13.64
O6 NAG N . -92.96 44.29 -11.71
O7 NAG N . -97.74 39.53 -11.97
C1 NAG O . 9.98 45.23 12.13
C2 NAG O . 8.89 45.69 13.11
C3 NAG O . 8.65 47.18 12.98
C4 NAG O . 9.95 47.95 13.11
C5 NAG O . 10.98 47.43 12.12
C6 NAG O . 12.33 48.08 12.25
C7 NAG O . 7.41 43.77 13.52
C8 NAG O . 6.09 43.14 13.20
N2 NAG O . 7.67 44.94 12.92
O3 NAG O . 7.72 47.60 13.97
O4 NAG O . 9.72 49.35 12.97
O5 NAG O . 11.18 46.01 12.32
O6 NAG O . 12.84 48.48 10.99
O7 NAG O . 8.21 43.24 14.28
C1 NAG O . 9.29 49.79 11.67
C2 NAG O . 7.96 50.55 11.76
C3 NAG O . 7.57 51.13 10.40
C4 NAG O . 8.72 51.96 9.83
C5 NAG O . 9.99 51.13 9.79
C6 NAG O . 11.18 51.92 9.33
C7 NAG O . 5.79 50.17 12.86
C8 NAG O . 4.81 49.14 13.32
N2 NAG O . 6.91 49.70 12.28
O3 NAG O . 6.41 51.92 10.53
O4 NAG O . 8.38 52.40 8.53
O5 NAG O . 10.29 50.63 11.09
O6 NAG O . 12.13 52.10 10.38
O7 NAG O . 5.58 51.38 12.98
C1 NAG P . -56.02 9.47 -54.71
C2 NAG P . -56.74 9.67 -56.05
C3 NAG P . -55.86 9.18 -57.19
C4 NAG P . -54.49 9.85 -57.14
C5 NAG P . -53.87 9.65 -55.76
C6 NAG P . -52.56 10.39 -55.60
C7 NAG P . -59.07 9.44 -56.76
C8 NAG P . -60.32 8.60 -56.65
N2 NAG P . -58.02 8.99 -56.05
O3 NAG P . -56.50 9.48 -58.44
O4 NAG P . -53.63 9.27 -58.13
O5 NAG P . -54.76 10.14 -54.74
O6 NAG P . -51.46 9.51 -55.66
O7 NAG P . -59.02 10.45 -57.44
C1 NAG P . -53.45 10.22 -59.19
C2 NAG P . -52.06 10.05 -59.78
C3 NAG P . -51.86 11.01 -60.96
C4 NAG P . -52.99 10.85 -61.97
C5 NAG P . -54.34 10.98 -61.28
C6 NAG P . -55.51 10.70 -62.22
C7 NAG P . -49.82 9.69 -58.83
C8 NAG P . -48.89 10.02 -57.71
N2 NAG P . -51.03 10.26 -58.77
O3 NAG P . -50.61 10.75 -61.58
O4 NAG P . -52.87 11.83 -62.99
O5 NAG P . -54.44 10.03 -60.21
O6 NAG P . -55.77 9.30 -62.31
O7 NAG P . -49.50 8.94 -59.75
C1 NAG Q . -77.64 21.88 3.12
C2 NAG Q . -78.71 22.03 4.20
C3 NAG Q . -79.01 23.52 4.44
C4 NAG Q . -77.74 24.30 4.72
C5 NAG Q . -76.75 24.07 3.59
C6 NAG Q . -75.40 24.72 3.83
C7 NAG Q . -80.06 20.01 3.88
C8 NAG Q . -81.40 19.46 3.44
N2 NAG Q . -79.93 21.33 3.81
O3 NAG Q . -79.91 23.65 5.53
O4 NAG Q . -78.01 25.69 4.82
O5 NAG Q . -76.50 22.67 3.45
O6 NAG Q . -74.81 24.23 5.03
O7 NAG Q . -79.16 19.27 4.27
C1 NAG Q . -77.84 26.12 6.18
C2 NAG Q . -77.07 27.46 6.21
C3 NAG Q . -76.94 27.97 7.63
C4 NAG Q . -78.32 28.05 8.29
C5 NAG Q . -79.03 26.70 8.20
C6 NAG Q . -80.44 26.73 8.73
C7 NAG Q . -75.08 28.32 5.05
C8 NAG Q . -73.74 27.99 4.48
N2 NAG Q . -75.76 27.31 5.60
O3 NAG Q . -76.34 29.26 7.63
O4 NAG Q . -78.18 28.41 9.66
O5 NAG Q . -79.12 26.30 6.82
O6 NAG Q . -80.57 27.69 9.77
O7 NAG Q . -75.53 29.46 5.03
C1 NAG R . -93.50 9.83 1.11
C2 NAG R . -94.28 10.12 2.38
C3 NAG R . -95.71 10.50 2.04
C4 NAG R . -95.73 11.64 1.03
C5 NAG R . -94.82 11.36 -0.16
C6 NAG R . -94.65 12.54 -1.08
C7 NAG R . -93.59 8.95 4.43
C8 NAG R . -93.67 7.68 5.22
N2 NAG R . -94.25 8.96 3.28
O3 NAG R . -96.40 10.87 3.23
O4 NAG R . -97.06 11.80 0.54
O5 NAG R . -93.50 11.00 0.29
O6 NAG R . -94.55 13.76 -0.33
O7 NAG R . -92.94 9.92 4.82
C1 NAG R . -97.62 13.06 0.94
C2 NAG R . -99.05 13.12 0.42
C3 NAG R . -99.72 14.43 0.84
C4 NAG R . -99.62 14.61 2.35
C5 NAG R . -98.16 14.48 2.80
C6 NAG R . -98.01 14.52 4.31
C7 NAG R . -99.68 11.95 -1.65
C8 NAG R . -99.62 11.95 -3.14
N2 NAG R . -99.09 12.97 -1.03
O3 NAG R . -101.08 14.42 0.44
O4 NAG R . -100.11 15.90 2.71
O5 NAG R . -97.62 13.22 2.37
O6 NAG R . -96.98 15.43 4.70
O7 NAG R . -100.25 11.05 -1.02
C1 NAG S . -98.65 -7.89 -8.58
C2 NAG S . -98.20 -9.18 -7.89
C3 NAG S . -98.51 -10.38 -8.79
C4 NAG S . -99.98 -10.40 -9.18
C5 NAG S . -100.39 -9.06 -9.79
C6 NAG S . -101.88 -8.95 -10.04
C7 NAG S . -96.33 -9.33 -6.31
C8 NAG S . -94.85 -9.25 -6.13
N2 NAG S . -96.79 -9.14 -7.55
O3 NAG S . -98.16 -11.58 -8.11
O4 NAG S . -100.22 -11.44 -10.13
O5 NAG S . -100.05 -7.98 -8.90
O6 NAG S . -102.60 -8.73 -8.83
O7 NAG S . -97.09 -9.58 -5.38
C1 NAG S . -101.11 -12.40 -9.51
C2 NAG S . -101.81 -13.21 -10.62
C3 NAG S . -102.74 -14.24 -9.99
C4 NAG S . -101.98 -15.10 -8.99
C5 NAG S . -101.25 -14.22 -7.97
C6 NAG S . -100.35 -15.03 -7.05
C7 NAG S . -102.57 -12.52 -12.85
C8 NAG S . -103.38 -11.54 -13.63
N2 NAG S . -102.54 -12.34 -11.52
O3 NAG S . -103.29 -15.05 -11.01
O4 NAG S . -102.88 -15.95 -8.30
O5 NAG S . -100.40 -13.28 -8.65
O6 NAG S . -101.09 -15.58 -5.96
O7 NAG S . -101.96 -13.44 -13.38
C1 NAG T . -1.85 -37.30 21.18
C2 NAG T . -2.98 -38.15 20.59
C3 NAG T . -3.80 -38.78 21.71
C4 NAG T . -2.91 -39.50 22.71
C5 NAG T . -1.71 -38.65 23.13
C6 NAG T . -0.70 -39.42 23.95
C7 NAG T . -3.95 -37.55 18.42
C8 NAG T . -3.14 -38.67 17.85
N2 NAG T . -3.83 -37.34 19.74
O3 NAG T . -4.74 -39.70 21.14
O4 NAG T . -3.67 -39.79 23.88
O5 NAG T . -1.02 -38.13 21.98
O6 NAG T . -1.34 -40.24 24.92
O7 NAG T . -4.68 -36.86 17.71
C1 NAG T . -4.37 -38.59 24.30
C2 NAG T . -5.85 -38.88 24.58
C3 NAG T . -6.55 -37.61 25.07
C4 NAG T . -5.79 -37.01 26.25
C5 NAG T . -4.32 -36.82 25.89
C6 NAG T . -3.48 -36.34 27.05
C7 NAG T . -7.48 -40.33 23.44
C8 NAG T . -8.06 -40.73 22.12
N2 NAG T . -6.52 -39.39 23.40
O3 NAG T . -7.88 -37.91 25.46
O4 NAG T . -6.34 -35.73 26.57
O5 NAG T . -3.75 -38.07 25.47
O6 NAG T . -3.13 -37.41 27.92
O7 NAG T . -7.86 -40.82 24.50
C1 NAG U . -62.95 38.81 -2.62
C2 NAG U . -63.89 39.92 -2.15
C3 NAG U . -63.10 41.15 -1.74
C4 NAG U . -62.03 40.78 -0.72
C5 NAG U . -61.18 39.62 -1.25
C6 NAG U . -60.18 39.12 -0.23
C7 NAG U . -66.11 40.66 -2.90
C8 NAG U . -66.99 40.94 -4.08
N2 NAG U . -64.87 40.25 -3.18
O3 NAG U . -63.98 42.12 -1.19
O4 NAG U . -61.19 41.89 -0.45
O5 NAG U . -62.01 38.51 -1.59
O6 NAG U . -58.91 39.75 -0.39
O7 NAG U . -66.51 40.77 -1.75
C1 NAG U . -61.53 42.43 0.84
C2 NAG U . -60.27 43.03 1.47
C3 NAG U . -60.60 43.67 2.81
C4 NAG U . -61.74 44.66 2.66
C5 NAG U . -62.94 43.99 2.00
C6 NAG U . -64.07 44.96 1.71
C7 NAG U . -57.93 42.32 1.69
C8 NAG U . -57.01 41.15 1.86
N2 NAG U . -59.24 42.02 1.62
O3 NAG U . -59.45 44.32 3.33
O4 NAG U . -62.14 45.15 3.94
O5 NAG U . -62.55 43.43 0.73
O6 NAG U . -64.24 45.16 0.31
O7 NAG U . -57.52 43.47 1.63
C1 NAG V . -25.31 -39.79 3.96
C2 NAG V . -26.12 -40.73 3.06
C3 NAG V . -27.29 -41.33 3.83
C4 NAG V . -26.80 -41.98 5.12
C5 NAG V . -25.98 -40.99 5.93
C6 NAG V . -25.37 -41.61 7.17
C7 NAG V . -26.93 -40.64 0.73
C8 NAG V . -27.40 -39.76 -0.38
N2 NAG V . -26.60 -40.03 1.87
O3 NAG V . -27.95 -42.29 3.02
O4 NAG V . -27.91 -42.42 5.90
O5 NAG V . -24.89 -40.49 5.14
O6 NAG V . -24.88 -40.61 8.05
O7 NAG V . -26.85 -41.86 0.61
C1 NAG W . -71.55 0.48 -53.31
C2 NAG W . -71.42 1.68 -54.25
C3 NAG W . -71.73 1.26 -55.69
C4 NAG W . -70.88 0.08 -56.10
C5 NAG W . -71.06 -1.06 -55.11
C6 NAG W . -70.17 -2.24 -55.39
C7 NAG W . -72.13 4.03 -54.22
C8 NAG W . -73.12 5.02 -53.69
N2 NAG W . -72.28 2.76 -53.82
O3 NAG W . -71.49 2.36 -56.56
O4 NAG W . -71.25 -0.36 -57.40
O5 NAG W . -70.73 -0.61 -53.79
O6 NAG W . -69.13 -2.36 -54.42
O7 NAG W . -71.23 4.37 -54.99
C1 NAG X . -71.68 -12.27 -43.34
C2 NAG X . -71.38 -13.67 -42.82
C3 NAG X . -70.01 -14.14 -43.31
C4 NAG X . -69.88 -13.99 -44.81
C5 NAG X . -70.20 -12.57 -45.22
C6 NAG X . -70.22 -12.35 -46.71
C7 NAG X . -71.81 -14.82 -40.70
C8 NAG X . -71.81 -14.70 -39.22
N2 NAG X . -71.45 -13.72 -41.38
O3 NAG X . -69.83 -15.51 -42.95
O4 NAG X . -68.54 -14.28 -45.21
O5 NAG X . -71.52 -12.23 -44.76
O6 NAG X . -70.46 -13.57 -47.41
O7 NAG X . -72.09 -15.86 -41.29
C1 NAG Y . -8.26 -43.22 -31.37
C2 NAG Y . -9.40 -43.70 -32.28
C3 NAG Y . -9.34 -45.21 -32.46
C4 NAG Y . -7.96 -45.63 -32.94
C5 NAG Y . -6.87 -45.07 -32.01
C6 NAG Y . -5.47 -45.33 -32.52
C7 NAG Y . -11.47 -42.36 -32.31
C8 NAG Y . -10.93 -41.72 -33.55
N2 NAG Y . -10.70 -43.30 -31.75
O3 NAG Y . -10.33 -45.62 -33.40
O4 NAG Y . -7.85 -47.05 -32.96
O5 NAG Y . -7.02 -43.64 -31.92
O6 NAG Y . -5.43 -45.46 -33.93
O7 NAG Y . -12.55 -42.06 -31.84
C1 NAG Z . 20.08 -5.59 -48.96
C2 NAG Z . 19.96 -6.29 -50.32
C3 NAG Z . 19.71 -5.27 -51.42
C4 NAG Z . 18.53 -4.37 -51.09
C5 NAG Z . 18.72 -3.76 -49.70
C6 NAG Z . 17.52 -2.95 -49.25
C7 NAG Z . 21.31 -8.34 -50.17
C8 NAG Z . 22.59 -9.00 -50.56
N2 NAG Z . 21.14 -7.08 -50.61
O3 NAG Z . 19.48 -5.94 -52.66
O4 NAG Z . 18.41 -3.34 -52.04
O5 NAG Z . 18.90 -4.80 -48.73
O6 NAG Z . 16.47 -2.99 -50.20
O7 NAG Z . 20.46 -8.91 -49.49
C1 NAG AA . 39.04 -3.68 -23.95
C2 NAG AA . 39.00 -4.76 -25.03
C3 NAG AA . 38.77 -6.13 -24.38
C4 NAG AA . 39.81 -6.41 -23.31
C5 NAG AA . 39.80 -5.29 -22.27
C6 NAG AA . 40.86 -5.44 -21.22
C7 NAG AA . 38.17 -4.58 -27.34
C8 NAG AA . 39.54 -4.97 -27.79
N2 NAG AA . 37.98 -4.49 -26.02
O3 NAG AA . 38.82 -7.14 -25.39
O4 NAG AA . 39.52 -7.64 -22.66
O5 NAG AA . 40.02 -4.03 -22.93
O6 NAG AA . 40.29 -5.45 -19.92
O7 NAG AA . 37.26 -4.35 -28.14
C1 NAG BA . -20.24 -15.97 -48.27
C2 NAG BA . -21.31 -15.23 -49.08
C3 NAG BA . -21.36 -15.77 -50.50
C4 NAG BA . -19.98 -15.70 -51.15
C5 NAG BA . -18.97 -16.44 -50.28
C6 NAG BA . -17.55 -16.32 -50.80
C7 NAG BA . -23.55 -14.40 -48.55
C8 NAG BA . -24.84 -14.68 -47.83
N2 NAG BA . -22.62 -15.35 -48.44
O3 NAG BA . -22.29 -14.99 -51.27
O4 NAG BA . -20.01 -16.28 -52.45
O5 NAG BA . -18.97 -15.90 -48.96
O6 NAG BA . -17.44 -15.31 -51.79
O7 NAG BA . -23.38 -13.38 -49.20
C1 NAG CA . -39.41 -24.62 -51.37
C2 NAG CA . -40.71 -24.85 -52.15
C3 NAG CA . -40.59 -24.23 -53.55
C4 NAG CA . -40.20 -22.76 -53.44
C5 NAG CA . -38.94 -22.61 -52.59
C6 NAG CA . -38.56 -21.16 -52.35
C7 NAG CA . -41.72 -26.93 -51.34
C8 NAG CA . -41.93 -28.39 -51.61
N2 NAG CA . -41.00 -26.27 -52.26
O3 NAG CA . -41.84 -24.35 -54.23
O4 NAG CA . -39.97 -22.22 -54.74
O5 NAG CA . -39.13 -23.20 -51.31
O6 NAG CA . -38.20 -20.95 -51.00
O7 NAG CA . -42.17 -26.38 -50.34
C1 NAG DA . -38.88 -30.44 -19.55
C2 NAG DA . -40.27 -31.07 -19.48
C3 NAG DA . -41.30 -30.14 -20.12
C4 NAG DA . -41.22 -28.76 -19.49
C5 NAG DA . -39.80 -28.22 -19.54
C6 NAG DA . -39.63 -26.92 -18.81
C7 NAG DA . -40.76 -33.48 -19.54
C8 NAG DA . -41.28 -33.32 -18.14
N2 NAG DA . -40.30 -32.38 -20.13
O3 NAG DA . -42.60 -30.69 -19.94
O4 NAG DA . -42.09 -27.86 -20.17
O5 NAG DA . -38.90 -29.16 -18.92
O6 NAG DA . -40.64 -26.73 -17.83
O7 NAG DA . -40.77 -34.57 -20.11
C1 NAG EA . 16.07 -34.07 -20.21
C2 NAG EA . 17.28 -33.44 -20.90
C3 NAG EA . 16.95 -33.10 -22.36
C4 NAG EA . 16.39 -34.31 -23.08
C5 NAG EA . 15.22 -34.90 -22.29
C6 NAG EA . 14.68 -36.18 -22.88
C7 NAG EA . 17.04 -31.16 -19.98
C8 NAG EA . 17.73 -30.06 -19.22
N2 NAG EA . 17.76 -32.26 -20.19
O3 NAG EA . 18.12 -32.63 -23.01
O4 NAG EA . 15.95 -33.95 -24.38
O5 NAG EA . 15.62 -35.21 -20.95
O6 NAG EA . 14.49 -36.06 -24.28
O7 NAG EA . 15.88 -31.04 -20.38
C1 NAG FA . -73.76 41.48 -15.88
C2 NAG FA . -75.07 41.50 -15.08
C3 NAG FA . -75.37 42.90 -14.57
C4 NAG FA . -74.18 43.45 -13.79
C5 NAG FA . -72.93 43.39 -14.65
C6 NAG FA . -71.69 43.83 -13.92
C7 NAG FA . -77.17 40.26 -15.38
C8 NAG FA . -78.23 39.84 -16.35
N2 NAG FA . -76.17 41.00 -15.88
O3 NAG FA . -76.53 42.86 -13.73
O4 NAG FA . -74.43 44.80 -13.41
O5 NAG FA . -72.70 42.04 -15.07
O6 NAG FA . -70.58 43.97 -14.80
O7 NAG FA . -77.23 39.97 -14.19
C1 NAG GA . -68.74 39.45 -30.70
C2 NAG GA . -67.83 39.81 -31.88
C3 NAG GA . -66.56 40.51 -31.38
C4 NAG GA . -66.91 41.68 -30.47
C5 NAG GA . -67.83 41.22 -29.35
C6 NAG GA . -68.30 42.34 -28.47
C7 NAG GA . -67.28 38.66 -33.97
C8 NAG GA . -66.93 37.35 -34.60
N2 NAG GA . -67.49 38.63 -32.65
O3 NAG GA . -65.83 40.99 -32.50
O4 NAG GA . -65.73 42.22 -29.91
O5 NAG GA . -69.01 40.63 -29.92
O6 NAG GA . -69.15 43.23 -29.18
O7 NAG GA . -67.38 39.70 -34.61
C1 NAG HA . 1.98 42.98 -39.47
C2 NAG HA . 2.26 44.50 -39.51
C3 NAG HA . 1.42 45.24 -38.46
C4 NAG HA . 0.08 44.57 -38.28
C5 NAG HA . 0.26 43.17 -37.72
C6 NAG HA . -0.84 42.21 -38.14
C7 NAG HA . 4.33 45.79 -39.91
C8 NAG HA . 5.78 45.90 -39.58
N2 NAG HA . 3.67 44.77 -39.32
O3 NAG HA . 1.24 46.59 -38.86
O4 NAG HA . -0.69 45.30 -37.33
O5 NAG HA . 1.51 42.61 -38.16
O6 NAG HA . -1.35 41.52 -37.01
O7 NAG HA . 3.76 46.57 -40.66
C1 NAG IA . -36.34 51.35 -26.48
C2 NAG IA . -36.98 52.72 -26.65
C3 NAG IA . -36.99 53.43 -25.31
C4 NAG IA . -37.66 52.56 -24.24
C5 NAG IA . -37.07 51.14 -24.23
C6 NAG IA . -37.84 50.18 -23.35
C7 NAG IA . -36.77 53.78 -28.85
C8 NAG IA . -35.90 54.58 -29.75
N2 NAG IA . -36.27 53.49 -27.65
O3 NAG IA . -37.66 54.69 -25.40
O4 NAG IA . -37.43 53.15 -22.96
O5 NAG IA . -37.09 50.59 -25.57
O6 NAG IA . -36.95 49.40 -22.57
O7 NAG IA . -37.90 53.43 -29.19
C1 NAG JA . -20.50 45.37 -13.73
C2 NAG JA . -19.67 46.22 -12.77
C3 NAG JA . -20.19 46.08 -11.35
C4 NAG JA . -21.67 46.39 -11.29
C5 NAG JA . -22.44 45.54 -12.30
C6 NAG JA . -23.90 45.88 -12.38
C7 NAG JA . -17.27 46.72 -12.64
C8 NAG JA . -15.88 46.18 -12.76
N2 NAG JA . -18.27 45.85 -12.85
O3 NAG JA . -19.47 46.95 -10.49
O4 NAG JA . -22.18 46.14 -9.99
O5 NAG JA . -21.89 45.73 -13.61
O6 NAG JA . -24.38 45.80 -13.72
O7 NAG JA . -17.49 47.90 -12.37
C1 NAG KA . -25.54 26.50 -46.77
C2 NAG KA . -25.43 24.99 -46.58
C3 NAG KA . -25.07 24.32 -47.91
C4 NAG KA . -26.06 24.72 -48.99
C5 NAG KA . -26.18 26.25 -49.07
C6 NAG KA . -27.24 26.71 -50.03
C7 NAG KA . -24.62 23.70 -44.65
C8 NAG KA . -23.51 23.50 -43.67
N2 NAG KA . -24.44 24.66 -45.56
O3 NAG KA . -25.08 22.90 -47.73
O4 NAG KA . -25.62 24.22 -50.24
O5 NAG KA . -26.51 26.78 -47.78
O6 NAG KA . -28.34 27.29 -49.35
O7 NAG KA . -25.64 23.03 -44.62
C1 NAG LA . -5.81 10.69 -55.47
C2 NAG LA . -6.85 11.45 -56.29
C3 NAG LA . -7.43 10.54 -57.38
C4 NAG LA . -6.32 9.97 -58.23
C5 NAG LA . -5.30 9.23 -57.36
C6 NAG LA . -4.10 8.76 -58.13
C7 NAG LA . -8.33 13.26 -55.57
C8 NAG LA . -9.43 13.66 -54.63
N2 NAG LA . -7.90 12.00 -55.46
O3 NAG LA . -8.31 11.31 -58.19
O4 NAG LA . -6.85 9.05 -59.19
O5 NAG LA . -4.81 10.12 -56.34
O6 NAG LA . -4.39 7.59 -58.88
O7 NAG LA . -7.85 14.04 -56.38
C1 NAG MA . 23.54 27.86 -29.77
C2 NAG MA . 24.73 26.93 -29.42
C3 NAG MA . 25.41 27.38 -28.14
C4 NAG MA . 25.74 28.86 -28.23
C5 NAG MA . 24.45 29.67 -28.27
C6 NAG MA . 24.51 30.85 -29.22
C7 NAG MA . 23.42 25.08 -28.41
C8 NAG MA . 23.12 23.62 -28.49
N2 NAG MA . 24.31 25.54 -29.32
O3 NAG MA . 26.61 26.63 -27.95
O4 NAG MA . 26.53 29.26 -27.11
O5 NAG MA . 23.33 28.85 -28.67
O6 NAG MA . 25.59 30.73 -30.14
O7 NAG MA . 22.90 25.82 -27.57
C1 NAG NA . 29.85 21.28 -58.45
C2 NAG NA . 30.89 22.07 -57.67
C3 NAG NA . 32.30 21.72 -58.16
C4 NAG NA . 32.52 20.21 -58.12
C5 NAG NA . 31.42 19.50 -58.87
C6 NAG NA . 31.50 18.00 -58.77
C7 NAG NA . 30.05 24.21 -56.81
C8 NAG NA . 29.88 25.67 -57.09
N2 NAG NA . 30.66 23.50 -57.77
O3 NAG NA . 33.26 22.38 -57.35
O4 NAG NA . 33.78 19.89 -58.69
O5 NAG NA . 30.13 19.88 -58.35
O6 NAG NA . 31.96 17.59 -57.48
O7 NAG NA . 29.65 23.70 -55.78
C1 NAG OA . -82.78 -10.80 -0.16
C2 NAG OA . -83.66 -11.57 -1.14
C3 NAG OA . -84.54 -12.57 -0.40
C4 NAG OA . -83.69 -13.47 0.49
C5 NAG OA . -82.83 -12.62 1.43
C6 NAG OA . -81.88 -13.45 2.26
C7 NAG OA . -85.04 -11.03 -3.09
C8 NAG OA . -85.85 -9.97 -3.79
N2 NAG OA . -84.47 -10.67 -1.94
O3 NAG OA . -85.26 -13.37 -1.33
O4 NAG OA . -84.52 -14.33 1.25
O5 NAG OA . -82.03 -11.71 0.66
O6 NAG OA . -80.89 -12.63 2.88
O7 NAG OA . -84.93 -12.17 -3.56
C1 NAG PA . -80.63 2.96 7.12
C2 NAG PA . -79.57 3.80 7.81
C3 NAG PA . -78.35 2.96 8.14
C4 NAG PA . -78.77 1.76 8.99
C5 NAG PA . -79.84 0.96 8.25
C6 NAG PA . -80.37 -0.19 9.07
C7 NAG PA . -78.81 6.13 7.55
C8 NAG PA . -78.46 7.20 6.56
N2 NAG PA . -79.18 4.96 7.01
O3 NAG PA . -77.41 3.75 8.86
O4 NAG PA . -77.64 0.94 9.27
O5 NAG PA . -80.96 1.81 7.94
O6 NAG PA . -79.70 -0.30 10.32
O7 NAG PA . -78.77 6.30 8.76
C1 NAG QA . -14.29 9.83 39.30
C2 NAG QA . -15.63 9.40 38.66
C3 NAG QA . -16.01 8.00 39.12
C4 NAG QA . -14.77 7.13 39.25
C5 NAG QA . -13.92 7.65 40.41
C6 NAG QA . -12.44 7.39 40.23
C7 NAG QA . -17.60 10.78 38.15
C8 NAG QA . -18.59 11.78 38.69
N2 NAG QA . -16.67 10.36 39.01
O3 NAG QA . -16.91 7.40 38.20
O4 NAG QA . -15.11 5.77 39.46
O5 NAG QA . -14.07 9.07 40.55
O6 NAG QA . -12.17 6.03 39.91
O7 NAG QA . -17.66 10.36 37.01
C1 NAG RA . -51.83 -4.25 27.19
C2 NAG RA . -53.33 -4.60 27.37
C3 NAG RA . -53.51 -6.08 27.66
C4 NAG RA . -52.55 -6.89 26.81
C5 NAG RA . -51.14 -6.66 27.32
C6 NAG RA . -50.10 -6.85 26.25
C7 NAG RA . -55.21 -3.52 28.55
C8 NAG RA . -55.62 -2.67 29.71
N2 NAG RA . -53.91 -3.79 28.44
O3 NAG RA . -54.85 -6.46 27.35
O4 NAG RA . -52.86 -8.28 26.90
O5 NAG RA . -50.99 -5.30 27.81
O6 NAG RA . -50.25 -8.11 25.59
O7 NAG RA . -56.03 -3.95 27.74
C1 NAG SA . -33.04 -14.22 20.90
C2 NAG SA . -32.55 -15.65 21.16
C3 NAG SA . -32.89 -16.56 19.98
C4 NAG SA . -34.37 -16.47 19.65
C5 NAG SA . -34.78 -15.02 19.43
C6 NAG SA . -36.27 -14.85 19.23
C7 NAG SA . -30.57 -16.51 22.32
C8 NAG SA . -29.09 -16.42 22.47
N2 NAG SA . -31.13 -15.68 21.44
O3 NAG SA . -32.54 -17.90 20.31
O4 NAG SA . -34.65 -17.22 18.47
O5 NAG SA . -34.42 -14.24 20.58
O6 NAG SA . -36.91 -14.43 20.44
O7 NAG SA . -31.24 -17.32 22.96
C1 NAG TA . -38.25 23.53 18.05
C2 NAG TA . -37.84 23.89 16.63
C3 NAG TA . -37.64 25.39 16.51
C4 NAG TA . -38.87 26.14 16.99
C5 NAG TA . -39.26 25.69 18.39
C6 NAG TA . -40.55 26.30 18.88
C7 NAG TA . -36.37 22.82 14.98
C8 NAG TA . -35.08 22.08 14.76
N2 NAG TA . -36.64 23.18 16.24
O3 NAG TA . -37.35 25.73 15.15
O4 NAG TA . -38.63 27.54 17.00
O5 NAG TA . -39.43 24.26 18.41
O6 NAG TA . -41.42 26.59 17.81
O7 NAG TA . -37.14 23.07 14.05
C1 NAG UA . -16.68 40.58 17.64
C2 NAG UA . -17.66 41.43 18.45
C3 NAG UA . -17.80 42.80 17.79
C4 NAG UA . -16.44 43.45 17.59
C5 NAG UA . -15.51 42.50 16.85
C6 NAG UA . -14.09 43.03 16.72
C7 NAG UA . -19.37 40.19 19.69
C8 NAG UA . -20.72 39.57 19.65
N2 NAG UA . -18.95 40.78 18.56
O3 NAG UA . -18.62 43.63 18.63
O4 NAG UA . -16.58 44.65 16.84
O5 NAG UA . -15.42 41.25 17.54
O6 NAG UA . -13.91 43.71 15.49
O7 NAG UA . -18.68 40.18 20.72
C1 NAG VA . 12.13 9.14 27.99
C2 NAG VA . 12.38 7.70 27.57
C3 NAG VA . 11.81 6.75 28.62
C4 NAG VA . 12.39 7.09 29.98
C5 NAG VA . 12.24 8.58 30.30
C6 NAG VA . 12.95 9.00 31.57
C7 NAG VA . 10.59 7.65 25.85
C8 NAG VA . 10.26 7.27 24.44
N2 NAG VA . 11.85 7.41 26.24
O3 NAG VA . 12.09 5.40 28.26
O4 NAG VA . 11.75 6.32 31.00
O5 NAG VA . 12.79 9.39 29.24
O6 NAG VA . 12.24 8.54 32.71
O7 NAG VA . 9.75 8.15 26.60
C1 NAG WA . 13.94 37.11 39.02
C2 NAG WA . 15.05 36.09 39.21
C3 NAG WA . 16.37 36.79 39.51
C4 NAG WA . 16.68 37.83 38.44
C5 NAG WA . 15.50 38.80 38.30
C6 NAG WA . 15.69 39.79 37.16
C7 NAG WA . 15.08 33.85 40.23
C8 NAG WA . 14.66 33.02 41.39
N2 NAG WA . 14.74 35.15 40.27
O3 NAG WA . 17.43 35.83 39.57
O4 NAG WA . 17.84 38.57 38.79
O5 NAG WA . 14.30 38.06 38.00
O6 NAG WA . 15.10 39.31 35.96
O7 NAG WA . 15.71 33.38 39.28
#